data_5MW1
#
_entry.id   5MW1
#
_cell.length_a   1.0
_cell.length_b   1.0
_cell.length_c   1.0
_cell.angle_alpha   90.0
_cell.angle_beta   90.0
_cell.angle_gamma   90.0
#
_symmetry.space_group_name_H-M   'P 1'
#
loop_
_entity.id
_entity.type
_entity.pdbx_description
1 polymer 'Actin/actin family protein'
2 non-polymer "ADENOSINE-5'-DIPHOSPHATE"
#
_entity_poly.entity_id   1
_entity_poly.type   'polypeptide(L)'
_entity_poly.pdbx_seq_one_letter_code
;MGVISDAYRLKYTFGVDFGTSYVKYGPITLNEPKMVQTRGLFLRDLPESVKMRIPPDVLARGLVVGDEEVRKYLSSVRDV
QRNLKYPLKDGVARRDDEEAWRVLKELARYTLAQFPVSDPEFAGWLVAVALSALAPDYMYKAIFDIYDELASEFKIYAVT
ILPQPLAVAIAENAVNCVIVEGGHGNIQVAPISFALIREGLVALNRGGAEANAITREILKDIGYSDIAREEYAVEVVKRA
VGLVPRRLKEAIRAAKSDPDRFVTKVRLSPVVEVEIPREYAWTRFLIGEIVFDPNHEEIKSYIEQSRLRIENAVIGDVTL
YGEMDVASAIITSLRNVSVEIQERVASQIILSGGAFSWRVPPGMEDVAADSVTRVKIALEEKSPALASKVEVRLVSEPQY
SVWRGAVIYGYALPLSLEWSDTTREGWRFPRR
;
_entity_poly.pdbx_strand_id   B,A,C,D,E,F
#
loop_
_chem_comp.id
_chem_comp.type
_chem_comp.name
_chem_comp.formula
ADP non-polymer ADENOSINE-5'-DIPHOSPHATE 'C10 H15 N5 O10 P2'
#
# COMPACT_ATOMS: atom_id res chain seq x y z
N SER A 5 2.48 -37.32 19.22
CA SER A 5 1.50 -38.39 19.04
C SER A 5 0.25 -37.91 18.27
N ASP A 6 -0.86 -38.61 18.46
CA ASP A 6 -2.04 -38.39 17.67
C ASP A 6 -3.26 -38.07 18.51
N ALA A 7 -3.80 -39.05 19.21
CA ALA A 7 -4.95 -38.76 20.09
C ALA A 7 -4.57 -37.73 21.14
N TYR A 8 -3.27 -37.64 21.42
CA TYR A 8 -2.69 -36.58 22.25
C TYR A 8 -3.06 -35.21 21.69
N ARG A 9 -3.25 -35.10 20.39
CA ARG A 9 -3.67 -33.84 19.80
C ARG A 9 -5.14 -33.55 20.13
N LEU A 10 -6.02 -34.52 20.01
CA LEU A 10 -7.44 -34.28 20.22
C LEU A 10 -7.74 -33.75 21.62
N LYS A 11 -6.77 -33.81 22.55
CA LYS A 11 -6.88 -33.18 23.85
C LYS A 11 -6.10 -31.89 23.93
N TYR A 12 -4.79 -31.98 23.75
CA TYR A 12 -3.86 -30.90 24.13
C TYR A 12 -3.51 -29.97 22.98
N THR A 13 -4.13 -30.13 21.81
CA THR A 13 -4.03 -29.11 20.77
C THR A 13 -4.73 -27.88 21.27
N PHE A 14 -4.01 -26.75 21.27
CA PHE A 14 -4.46 -25.54 21.94
C PHE A 14 -4.45 -24.37 20.99
N GLY A 15 -5.65 -23.88 20.66
CA GLY A 15 -5.79 -22.76 19.78
C GLY A 15 -5.73 -21.45 20.54
N VAL A 16 -5.14 -20.44 19.88
CA VAL A 16 -5.07 -19.07 20.39
C VAL A 16 -5.31 -18.17 19.19
N ASP A 17 -6.27 -17.27 19.34
CA ASP A 17 -6.43 -16.16 18.40
C ASP A 17 -6.01 -14.90 19.14
N PHE A 18 -5.49 -13.93 18.42
CA PHE A 18 -5.28 -12.63 19.00
C PHE A 18 -6.26 -11.61 18.47
N GLY A 19 -6.07 -11.17 17.22
CA GLY A 19 -6.90 -10.10 16.72
C GLY A 19 -6.75 -8.86 17.60
N THR A 20 -7.64 -7.88 17.45
CA THR A 20 -7.44 -6.68 18.21
C THR A 20 -8.19 -6.75 19.52
N SER A 21 -9.53 -6.85 19.46
CA SER A 21 -10.35 -6.73 20.65
C SER A 21 -10.24 -7.91 21.57
N TYR A 22 -10.76 -9.07 21.17
CA TYR A 22 -10.81 -10.23 22.05
C TYR A 22 -9.76 -11.23 21.63
N VAL A 23 -9.01 -11.72 22.60
CA VAL A 23 -8.12 -12.86 22.38
C VAL A 23 -8.88 -14.10 22.71
N LYS A 24 -9.19 -14.88 21.66
CA LYS A 24 -10.01 -16.07 21.79
C LYS A 24 -9.07 -17.25 21.92
N TYR A 25 -9.33 -18.14 22.86
CA TYR A 25 -8.33 -19.15 23.21
C TYR A 25 -9.04 -20.35 23.81
N GLY A 26 -8.35 -21.47 23.78
CA GLY A 26 -8.78 -22.67 24.48
C GLY A 26 -8.17 -23.90 23.85
N PRO A 27 -8.29 -25.04 24.51
CA PRO A 27 -7.88 -26.28 23.89
C PRO A 27 -8.93 -26.74 22.89
N ILE A 28 -8.51 -27.65 22.00
CA ILE A 28 -9.40 -28.12 20.98
C ILE A 28 -10.66 -28.79 21.58
N THR A 29 -10.58 -29.18 22.85
CA THR A 29 -11.67 -29.92 23.46
C THR A 29 -12.91 -29.04 23.64
N LEU A 30 -12.73 -27.72 23.78
CA LEU A 30 -13.87 -26.85 24.02
C LEU A 30 -14.85 -26.83 22.87
N ASN A 31 -16.10 -26.53 23.19
CA ASN A 31 -17.12 -26.32 22.16
C ASN A 31 -16.95 -24.94 21.50
N GLU A 32 -16.82 -23.90 22.32
CA GLU A 32 -16.48 -22.55 21.85
C GLU A 32 -15.41 -21.99 22.78
N PRO A 33 -14.54 -21.13 22.25
CA PRO A 33 -13.36 -20.71 23.01
C PRO A 33 -13.70 -19.70 24.10
N LYS A 34 -12.90 -19.70 25.15
CA LYS A 34 -12.96 -18.64 26.15
C LYS A 34 -12.33 -17.38 25.61
N MET A 35 -12.78 -16.23 26.11
CA MET A 35 -12.32 -14.94 25.59
C MET A 35 -11.58 -14.16 26.66
N VAL A 36 -10.65 -13.33 26.21
CA VAL A 36 -10.01 -12.36 27.03
C VAL A 36 -9.93 -11.08 26.24
N GLN A 37 -10.50 -10.02 26.79
CA GLN A 37 -10.37 -8.74 26.14
C GLN A 37 -8.91 -8.34 26.17
N THR A 38 -8.38 -7.97 25.01
CA THR A 38 -6.94 -7.87 24.79
C THR A 38 -6.27 -6.85 25.74
N ARG A 39 -7.04 -6.00 26.33
CA ARG A 39 -6.53 -4.92 27.15
C ARG A 39 -5.65 -5.55 28.22
N GLY A 40 -4.43 -5.03 28.33
CA GLY A 40 -3.61 -5.19 29.51
C GLY A 40 -3.82 -3.96 30.37
N LEU A 41 -3.72 -4.11 31.67
CA LEU A 41 -3.78 -2.99 32.61
C LEU A 41 -2.44 -2.87 33.34
N PHE A 42 -1.72 -1.82 33.07
CA PHE A 42 -0.50 -1.58 33.81
C PHE A 42 -0.82 -1.09 35.21
N LEU A 43 0.01 -1.51 36.14
CA LEU A 43 0.07 -0.86 37.43
C LEU A 43 1.48 -0.25 37.45
N ARG A 44 1.56 1.08 37.30
CA ARG A 44 2.84 1.66 37.07
C ARG A 44 3.12 2.80 38.05
N ASP A 45 2.32 3.86 38.02
CA ASP A 45 2.46 4.91 39.02
C ASP A 45 1.45 4.60 40.10
N LEU A 46 1.94 4.08 41.23
CA LEU A 46 1.09 3.71 42.32
C LEU A 46 1.50 4.46 43.58
N PRO A 47 0.62 5.31 44.12
CA PRO A 47 0.86 5.83 45.46
C PRO A 47 0.97 4.68 46.45
N GLU A 48 2.01 4.70 47.29
CA GLU A 48 2.25 3.59 48.19
C GLU A 48 1.00 3.21 49.00
N SER A 49 0.06 4.14 49.12
CA SER A 49 -1.25 3.84 49.66
C SER A 49 -1.89 2.66 48.94
N VAL A 50 -1.91 2.70 47.60
CA VAL A 50 -2.53 1.62 46.83
C VAL A 50 -1.69 0.35 46.72
N LYS A 51 -0.37 0.48 46.69
CA LYS A 51 0.47 -0.70 46.69
C LYS A 51 0.21 -1.55 47.94
N MET A 52 -0.15 -0.91 49.05
CA MET A 52 -0.53 -1.65 50.22
C MET A 52 -1.77 -2.51 49.94
N ARG A 53 -2.65 -2.03 49.04
CA ARG A 53 -3.89 -2.72 48.72
C ARG A 53 -3.74 -3.74 47.62
N ILE A 54 -2.61 -3.75 46.93
CA ILE A 54 -2.37 -4.70 45.84
C ILE A 54 -1.61 -5.92 46.40
N PRO A 55 -2.06 -7.14 46.09
CA PRO A 55 -1.25 -8.31 46.44
C PRO A 55 0.13 -8.22 45.80
N PRO A 56 1.18 -8.51 46.55
CA PRO A 56 2.53 -8.33 45.98
C PRO A 56 2.83 -9.28 44.83
N ASP A 57 2.06 -10.37 44.69
CA ASP A 57 2.21 -11.25 43.55
C ASP A 57 1.78 -10.55 42.25
N VAL A 58 0.61 -9.94 42.25
CA VAL A 58 0.10 -9.27 41.06
C VAL A 58 0.98 -8.08 40.66
N LEU A 59 1.32 -7.24 41.62
CA LEU A 59 2.13 -6.07 41.31
C LEU A 59 3.55 -6.49 40.90
N ALA A 60 3.96 -7.70 41.26
CA ALA A 60 5.30 -8.15 40.93
C ALA A 60 5.51 -8.14 39.41
N ARG A 61 4.66 -8.86 38.68
CA ARG A 61 4.79 -8.93 37.23
C ARG A 61 4.43 -7.60 36.55
N GLY A 62 3.85 -6.66 37.28
CA GLY A 62 3.66 -5.31 36.76
C GLY A 62 2.47 -5.06 35.89
N LEU A 63 1.75 -6.11 35.59
CA LEU A 63 0.51 -5.97 34.78
C LEU A 63 -0.60 -6.79 35.41
N VAL A 64 -1.76 -6.68 34.80
CA VAL A 64 -2.84 -7.59 35.03
C VAL A 64 -3.57 -7.64 33.72
N VAL A 65 -4.17 -8.80 33.42
CA VAL A 65 -4.85 -9.00 32.15
C VAL A 65 -5.97 -10.02 32.38
N GLY A 66 -6.99 -9.95 31.53
CA GLY A 66 -8.17 -10.78 31.68
C GLY A 66 -9.36 -9.98 32.07
N ASP A 67 -10.54 -10.49 31.77
CA ASP A 67 -11.77 -9.70 32.01
C ASP A 67 -11.93 -9.39 33.49
N GLU A 68 -12.01 -10.43 34.30
CA GLU A 68 -12.28 -10.26 35.73
C GLU A 68 -11.05 -9.75 36.46
N GLU A 69 -9.88 -10.18 36.07
CA GLU A 69 -8.65 -9.80 36.78
C GLU A 69 -8.39 -8.31 36.68
N VAL A 70 -8.75 -7.69 35.57
CA VAL A 70 -8.50 -6.25 35.40
C VAL A 70 -9.61 -5.45 36.08
N ARG A 71 -10.88 -5.88 35.94
CA ARG A 71 -11.97 -5.11 36.49
C ARG A 71 -11.70 -4.74 37.93
N LYS A 72 -11.18 -5.66 38.72
CA LYS A 72 -10.93 -5.43 40.13
C LYS A 72 -9.86 -4.40 40.36
N TYR A 73 -8.91 -4.26 39.46
CA TYR A 73 -7.80 -3.30 39.64
C TYR A 73 -8.00 -1.97 38.93
N LEU A 74 -9.18 -1.75 38.36
CA LEU A 74 -9.46 -0.49 37.64
C LEU A 74 -9.82 0.64 38.57
N SER A 75 -9.05 1.70 38.51
CA SER A 75 -9.31 3.01 39.18
C SER A 75 -10.06 3.91 38.20
N SER A 76 -9.92 5.22 38.33
CA SER A 76 -10.66 6.17 37.55
C SER A 76 -10.30 6.26 36.13
N VAL A 77 -11.04 7.09 35.38
CA VAL A 77 -10.90 7.13 33.92
C VAL A 77 -9.50 7.59 33.57
N ARG A 78 -8.95 8.54 34.33
CA ARG A 78 -7.60 8.95 34.10
C ARG A 78 -6.61 7.71 34.16
N ASP A 79 -6.81 6.79 35.06
CA ASP A 79 -6.06 5.61 35.11
C ASP A 79 -6.31 4.76 33.81
N VAL A 80 -7.57 4.67 33.40
CA VAL A 80 -7.87 3.85 32.28
C VAL A 80 -7.21 4.38 31.04
N GLN A 81 -7.30 5.68 30.73
CA GLN A 81 -6.70 6.15 29.51
C GLN A 81 -5.16 6.11 29.57
N ARG A 82 -4.61 5.92 30.76
CA ARG A 82 -3.17 5.72 30.87
C ARG A 82 -2.79 4.25 30.92
N ASN A 83 -3.08 3.62 32.04
CA ASN A 83 -2.45 2.35 32.35
C ASN A 83 -3.20 1.16 31.73
N LEU A 84 -4.27 1.41 31.01
CA LEU A 84 -4.99 0.35 30.30
C LEU A 84 -4.55 0.40 28.88
N LYS A 85 -3.72 -0.57 28.49
CA LYS A 85 -3.07 -0.58 27.18
C LYS A 85 -3.79 -1.56 26.27
N TYR A 86 -4.30 -1.07 25.16
CA TYR A 86 -4.79 -1.99 24.14
C TYR A 86 -3.66 -2.19 23.16
N PRO A 87 -2.98 -3.34 23.22
CA PRO A 87 -1.88 -3.58 22.24
C PRO A 87 -2.57 -4.01 20.97
N LEU A 88 -1.79 -4.40 19.97
CA LEU A 88 -2.39 -4.85 18.70
C LEU A 88 -3.32 -3.76 18.16
N LYS A 89 -2.82 -2.53 18.05
CA LYS A 89 -3.64 -1.39 17.72
C LYS A 89 -4.50 -1.66 16.51
N ASP A 90 -3.92 -2.03 15.38
CA ASP A 90 -4.68 -2.78 14.39
C ASP A 90 -3.93 -4.03 13.97
N GLY A 91 -4.36 -5.18 14.46
CA GLY A 91 -3.82 -6.46 14.01
C GLY A 91 -2.34 -6.68 14.40
N VAL A 92 -1.66 -5.64 14.85
CA VAL A 92 -0.22 -5.54 14.85
C VAL A 92 0.27 -4.72 16.01
N ALA A 93 1.36 -5.12 16.64
CA ALA A 93 2.02 -4.30 17.66
C ALA A 93 3.27 -3.68 17.07
N ARG A 94 3.38 -2.36 17.13
CA ARG A 94 4.59 -1.71 16.61
C ARG A 94 5.84 -2.23 17.32
N ARG A 95 6.89 -2.51 16.55
CA ARG A 95 8.09 -3.11 17.12
C ARG A 95 8.62 -2.29 18.31
N ASP A 96 8.73 -0.98 18.11
CA ASP A 96 9.35 -0.10 19.10
C ASP A 96 8.66 -0.10 20.45
N ASP A 97 7.45 -0.68 20.54
CA ASP A 97 6.66 -0.57 21.76
C ASP A 97 6.97 -1.77 22.66
N GLU A 98 7.66 -1.50 23.76
CA GLU A 98 7.93 -2.55 24.74
C GLU A 98 6.67 -2.89 25.50
N GLU A 99 5.84 -1.89 25.77
CA GLU A 99 4.58 -2.14 26.47
C GLU A 99 3.66 -3.02 25.61
N ALA A 100 3.89 -3.04 24.31
CA ALA A 100 3.00 -3.77 23.42
C ALA A 100 3.10 -5.25 23.64
N TRP A 101 4.28 -5.83 23.62
CA TRP A 101 4.39 -7.26 23.86
C TRP A 101 4.40 -7.58 25.34
N ARG A 102 4.82 -6.65 26.20
CA ARG A 102 4.84 -6.93 27.62
C ARG A 102 3.49 -7.36 28.06
N VAL A 103 2.45 -6.83 27.51
CA VAL A 103 1.09 -7.30 27.77
C VAL A 103 0.84 -8.63 27.04
N LEU A 104 1.16 -8.69 25.76
CA LEU A 104 0.95 -9.92 25.03
C LEU A 104 1.64 -11.10 25.73
N LYS A 105 2.83 -10.88 26.28
CA LYS A 105 3.49 -11.93 27.02
C LYS A 105 2.57 -12.42 28.12
N GLU A 106 2.17 -11.52 29.01
CA GLU A 106 1.35 -11.94 30.14
C GLU A 106 -0.08 -12.14 29.76
N LEU A 107 -0.47 -11.67 28.60
CA LEU A 107 -1.76 -12.06 28.08
C LEU A 107 -1.74 -13.50 27.59
N ALA A 108 -0.72 -13.84 26.82
CA ALA A 108 -0.55 -15.24 26.45
C ALA A 108 -0.26 -16.09 27.69
N ARG A 109 0.51 -15.56 28.64
CA ARG A 109 0.75 -16.29 29.87
C ARG A 109 -0.55 -16.54 30.61
N TYR A 110 -1.40 -15.53 30.69
CA TYR A 110 -2.71 -15.71 31.30
C TYR A 110 -3.49 -16.81 30.59
N THR A 111 -3.33 -16.88 29.26
CA THR A 111 -4.12 -17.81 28.48
C THR A 111 -3.83 -19.26 28.91
N LEU A 112 -2.57 -19.67 28.87
CA LEU A 112 -2.22 -21.05 29.19
C LEU A 112 -2.48 -21.37 30.68
N ALA A 113 -2.10 -20.45 31.56
CA ALA A 113 -2.31 -20.66 32.99
C ALA A 113 -3.77 -20.95 33.32
N GLN A 114 -4.70 -20.39 32.55
CA GLN A 114 -6.11 -20.67 32.74
C GLN A 114 -6.45 -22.16 32.62
N PHE A 115 -5.65 -22.94 31.91
CA PHE A 115 -5.96 -24.35 31.63
C PHE A 115 -4.83 -25.24 32.12
N PRO A 116 -4.89 -25.67 33.39
CA PRO A 116 -3.87 -26.61 33.87
C PRO A 116 -4.20 -28.02 33.38
N VAL A 117 -3.19 -28.88 33.36
CA VAL A 117 -3.40 -30.24 32.93
C VAL A 117 -2.90 -31.19 34.00
N SER A 118 -3.80 -32.03 34.51
CA SER A 118 -3.49 -32.98 35.57
C SER A 118 -2.77 -34.22 35.05
N ASP A 119 -3.14 -34.69 33.85
CA ASP A 119 -2.65 -35.94 33.29
C ASP A 119 -1.12 -35.96 33.21
N PRO A 120 -0.49 -36.96 33.82
CA PRO A 120 0.96 -37.13 33.64
C PRO A 120 1.37 -37.53 32.22
N GLU A 121 0.42 -37.97 31.40
CA GLU A 121 0.73 -38.25 29.99
C GLU A 121 0.93 -36.98 29.20
N PHE A 122 0.71 -35.82 29.83
CA PHE A 122 0.79 -34.54 29.14
C PHE A 122 2.24 -34.14 28.93
N ALA A 123 2.63 -34.02 27.66
CA ALA A 123 4.00 -33.73 27.28
C ALA A 123 4.21 -32.24 27.00
N GLY A 124 3.19 -31.44 27.24
CA GLY A 124 3.17 -30.06 26.81
C GLY A 124 2.15 -29.81 25.72
N TRP A 125 1.71 -28.56 25.62
CA TRP A 125 0.64 -28.19 24.73
C TRP A 125 1.10 -28.22 23.29
N LEU A 126 0.13 -28.03 22.41
CA LEU A 126 0.37 -27.70 21.01
C LEU A 126 -0.36 -26.39 20.79
N VAL A 127 0.40 -25.31 20.61
CA VAL A 127 -0.15 -23.95 20.61
C VAL A 127 -0.29 -23.48 19.18
N ALA A 128 -1.52 -23.40 18.69
CA ALA A 128 -1.82 -22.85 17.39
C ALA A 128 -2.25 -21.42 17.56
N VAL A 129 -1.42 -20.50 17.09
CA VAL A 129 -1.70 -19.06 17.19
C VAL A 129 -2.26 -18.62 15.86
N ALA A 130 -3.32 -17.82 15.91
CA ALA A 130 -3.84 -17.18 14.72
C ALA A 130 -3.61 -15.71 14.84
N LEU A 131 -2.70 -15.19 14.04
CA LEU A 131 -2.49 -13.74 13.97
C LEU A 131 -3.23 -13.16 12.85
N SER A 132 -3.19 -11.83 12.75
CA SER A 132 -3.83 -11.18 11.60
C SER A 132 -2.96 -11.31 10.35
N ALA A 133 -3.56 -11.25 9.19
CA ALA A 133 -2.84 -11.33 7.94
C ALA A 133 -1.82 -10.22 7.83
N LEU A 134 -2.10 -9.10 8.47
CA LEU A 134 -1.19 -7.94 8.41
C LEU A 134 0.05 -8.17 9.27
N ALA A 135 0.08 -9.24 10.07
CA ALA A 135 1.17 -9.46 10.99
C ALA A 135 2.47 -9.56 10.18
N PRO A 136 3.40 -8.61 10.46
CA PRO A 136 4.67 -8.63 9.77
C PRO A 136 5.55 -9.76 10.20
N ASP A 137 6.80 -9.75 9.71
CA ASP A 137 7.74 -10.81 10.07
C ASP A 137 8.06 -10.74 11.55
N TYR A 138 8.35 -9.54 12.06
CA TYR A 138 8.78 -9.42 13.45
C TYR A 138 7.69 -9.88 14.41
N MET A 139 6.43 -9.61 14.07
CA MET A 139 5.35 -10.01 14.95
C MET A 139 5.25 -11.53 15.06
N TYR A 140 5.61 -12.24 14.02
CA TYR A 140 5.84 -13.69 14.18
C TYR A 140 7.02 -13.97 15.10
N LYS A 141 8.17 -13.44 14.79
CA LYS A 141 9.36 -13.71 15.60
C LYS A 141 9.13 -13.29 17.02
N ALA A 142 8.42 -12.19 17.25
CA ALA A 142 8.21 -11.71 18.62
C ALA A 142 7.38 -12.70 19.39
N ILE A 143 6.33 -13.23 18.79
CA ILE A 143 5.43 -14.06 19.54
C ILE A 143 6.02 -15.49 19.77
N PHE A 144 6.80 -15.99 18.84
CA PHE A 144 7.53 -17.21 19.14
C PHE A 144 8.48 -16.98 20.32
N ASP A 145 9.10 -15.80 20.39
CA ASP A 145 9.92 -15.48 21.54
C ASP A 145 9.06 -15.52 22.80
N ILE A 146 7.83 -15.06 22.72
CA ILE A 146 6.92 -15.12 23.85
C ILE A 146 6.75 -16.56 24.32
N TYR A 147 6.33 -17.43 23.42
CA TYR A 147 6.09 -18.80 23.80
C TYR A 147 7.36 -19.56 24.13
N ASP A 148 8.51 -19.12 23.66
CA ASP A 148 9.77 -19.71 24.10
C ASP A 148 10.02 -19.42 25.58
N GLU A 149 9.54 -18.27 26.05
CA GLU A 149 9.72 -17.94 27.46
C GLU A 149 8.72 -18.68 28.33
N LEU A 150 7.50 -18.84 27.83
CA LEU A 150 6.51 -19.61 28.58
C LEU A 150 6.84 -21.10 28.61
N ALA A 151 7.71 -21.56 27.72
CA ALA A 151 8.18 -22.95 27.77
C ALA A 151 8.87 -23.27 29.09
N SER A 152 9.59 -22.31 29.66
CA SER A 152 10.22 -22.52 30.96
C SER A 152 9.18 -22.61 32.09
N GLU A 153 8.09 -21.86 31.99
CA GLU A 153 7.05 -21.91 33.01
C GLU A 153 6.11 -23.09 32.79
N PHE A 154 5.41 -23.09 31.66
CA PHE A 154 4.40 -24.11 31.36
C PHE A 154 5.02 -25.17 30.48
N LYS A 155 4.24 -26.20 30.20
CA LYS A 155 4.66 -27.25 29.27
C LYS A 155 4.05 -26.94 27.91
N ILE A 156 4.90 -26.61 26.97
CA ILE A 156 4.50 -26.35 25.58
C ILE A 156 5.38 -27.25 24.72
N TYR A 157 4.76 -28.19 24.03
CA TYR A 157 5.56 -29.09 23.20
C TYR A 157 5.93 -28.41 21.89
N ALA A 158 4.96 -27.73 21.28
CA ALA A 158 5.15 -27.13 19.98
C ALA A 158 4.27 -25.91 19.79
N VAL A 159 4.77 -24.98 18.98
CA VAL A 159 4.05 -23.70 18.71
C VAL A 159 4.00 -23.51 17.22
N THR A 160 2.83 -23.10 16.73
CA THR A 160 2.70 -22.74 15.32
C THR A 160 1.92 -21.47 15.22
N ILE A 161 1.99 -20.89 14.03
CA ILE A 161 1.22 -19.66 13.73
C ILE A 161 0.61 -19.73 12.36
N LEU A 162 -0.63 -19.35 12.27
CA LEU A 162 -1.35 -19.34 11.02
C LEU A 162 -1.92 -17.96 10.79
N PRO A 163 -1.98 -17.50 9.55
CA PRO A 163 -2.67 -16.23 9.30
C PRO A 163 -4.16 -16.40 9.51
N GLN A 164 -4.78 -15.41 10.16
CA GLN A 164 -6.17 -15.48 10.59
C GLN A 164 -7.12 -15.93 9.47
N PRO A 165 -7.04 -15.39 8.23
CA PRO A 165 -8.01 -15.87 7.23
C PRO A 165 -7.84 -17.34 6.90
N LEU A 166 -6.63 -17.88 7.05
CA LEU A 166 -6.42 -19.30 6.83
C LEU A 166 -7.27 -20.11 7.79
N ALA A 167 -7.42 -19.62 9.03
CA ALA A 167 -8.19 -20.33 10.02
C ALA A 167 -9.64 -20.42 9.58
N VAL A 168 -10.24 -19.27 9.19
CA VAL A 168 -11.64 -19.23 8.93
C VAL A 168 -12.01 -20.22 7.82
N ALA A 169 -11.25 -20.19 6.72
CA ALA A 169 -11.52 -21.09 5.63
C ALA A 169 -11.45 -22.56 6.11
N ILE A 170 -10.51 -22.84 7.01
CA ILE A 170 -10.42 -24.16 7.61
C ILE A 170 -11.60 -24.39 8.56
N ALA A 171 -11.95 -23.36 9.33
CA ALA A 171 -13.08 -23.48 10.25
C ALA A 171 -14.37 -23.76 9.48
N GLU A 172 -14.62 -22.99 8.43
CA GLU A 172 -15.80 -23.24 7.61
C GLU A 172 -15.65 -24.50 6.78
N ASN A 173 -14.41 -24.88 6.44
CA ASN A 173 -14.15 -25.99 5.52
C ASN A 173 -14.94 -25.78 4.24
N ALA A 174 -15.08 -24.50 3.85
CA ALA A 174 -15.84 -24.09 2.67
C ALA A 174 -14.97 -24.32 1.45
N VAL A 175 -15.53 -24.89 0.40
CA VAL A 175 -14.74 -25.18 -0.79
C VAL A 175 -14.58 -23.95 -1.68
N ASN A 176 -15.65 -23.27 -2.03
CA ASN A 176 -15.57 -22.13 -2.98
C ASN A 176 -16.34 -20.97 -2.42
N CYS A 177 -15.60 -19.89 -2.08
CA CYS A 177 -16.17 -18.66 -1.54
C CYS A 177 -15.10 -17.64 -1.29
N VAL A 178 -15.51 -16.43 -0.90
CA VAL A 178 -14.58 -15.40 -0.41
C VAL A 178 -14.86 -15.15 1.05
N ILE A 179 -13.94 -15.56 1.90
CA ILE A 179 -14.04 -15.30 3.32
C ILE A 179 -13.91 -13.81 3.53
N VAL A 180 -14.68 -13.26 4.46
CA VAL A 180 -14.52 -11.88 4.90
C VAL A 180 -14.54 -11.87 6.37
N GLU A 181 -13.44 -11.45 7.00
CA GLU A 181 -13.38 -11.38 8.47
C GLU A 181 -13.71 -9.93 8.90
N GLY A 182 -14.59 -9.84 9.89
CA GLY A 182 -14.96 -8.56 10.48
C GLY A 182 -14.10 -8.18 11.62
N GLY A 183 -12.88 -8.65 11.60
CA GLY A 183 -11.97 -8.50 12.74
C GLY A 183 -12.03 -7.09 13.27
N HIS A 184 -12.01 -6.97 14.59
CA HIS A 184 -12.21 -5.69 15.24
C HIS A 184 -11.31 -4.64 14.64
N GLY A 185 -10.01 -4.97 14.55
CA GLY A 185 -9.08 -4.03 13.96
C GLY A 185 -9.15 -3.97 12.46
N ASN A 186 -9.13 -5.13 11.82
CA ASN A 186 -8.95 -5.16 10.36
C ASN A 186 -9.93 -6.09 9.69
N ILE A 187 -10.30 -5.77 8.47
CA ILE A 187 -11.18 -6.60 7.67
C ILE A 187 -10.30 -7.35 6.70
N GLN A 188 -10.32 -8.68 6.77
CA GLN A 188 -9.43 -9.48 5.91
C GLN A 188 -10.33 -10.29 5.01
N VAL A 189 -10.34 -9.95 3.74
CA VAL A 189 -11.11 -10.70 2.78
C VAL A 189 -10.15 -11.59 1.94
N ALA A 190 -10.40 -12.89 1.93
CA ALA A 190 -9.62 -13.78 1.10
C ALA A 190 -10.54 -14.66 0.26
N PRO A 191 -10.23 -14.83 -1.02
CA PRO A 191 -10.93 -15.87 -1.78
C PRO A 191 -10.30 -17.22 -1.52
N ILE A 192 -11.11 -18.27 -1.62
CA ILE A 192 -10.65 -19.63 -1.42
C ILE A 192 -11.22 -20.51 -2.53
N SER A 193 -10.38 -21.26 -3.22
CA SER A 193 -10.79 -22.06 -4.36
C SER A 193 -10.86 -23.53 -3.97
N PHE A 194 -9.73 -24.17 -3.80
CA PHE A 194 -9.67 -25.36 -2.97
C PHE A 194 -9.07 -25.05 -1.61
N ALA A 195 -8.56 -23.80 -1.43
CA ALA A 195 -7.95 -23.36 -0.18
C ALA A 195 -7.69 -21.88 -0.32
N LEU A 196 -7.04 -21.26 0.65
CA LEU A 196 -6.71 -19.85 0.52
C LEU A 196 -5.94 -19.58 -0.74
N ILE A 197 -6.20 -18.39 -1.31
CA ILE A 197 -5.39 -17.84 -2.34
C ILE A 197 -4.56 -16.74 -1.65
N ARG A 198 -3.29 -17.03 -1.42
CA ARG A 198 -2.44 -16.09 -0.75
C ARG A 198 -2.26 -14.83 -1.57
N GLU A 199 -2.35 -14.92 -2.89
CA GLU A 199 -2.18 -13.74 -3.73
C GLU A 199 -3.44 -12.88 -3.72
N GLY A 200 -4.57 -13.54 -3.63
CA GLY A 200 -5.86 -12.86 -3.58
C GLY A 200 -6.27 -12.37 -2.24
N LEU A 201 -5.56 -12.79 -1.22
CA LEU A 201 -5.86 -12.32 0.16
C LEU A 201 -5.66 -10.79 0.23
N VAL A 202 -6.72 -10.11 0.67
CA VAL A 202 -6.73 -8.70 0.79
C VAL A 202 -7.26 -8.32 2.14
N ALA A 203 -6.47 -7.51 2.84
CA ALA A 203 -6.81 -7.20 4.21
C ALA A 203 -6.83 -5.71 4.36
N LEU A 204 -7.99 -5.17 4.66
CA LEU A 204 -8.15 -3.74 4.87
C LEU A 204 -7.59 -3.37 6.24
N ASN A 205 -7.25 -2.09 6.38
CA ASN A 205 -6.68 -1.59 7.63
C ASN A 205 -7.82 -1.08 8.52
N ARG A 206 -9.06 -1.31 8.11
CA ARG A 206 -10.24 -0.81 8.78
C ARG A 206 -10.96 -2.00 9.44
N GLY A 207 -11.68 -1.72 10.51
CA GLY A 207 -12.41 -2.75 11.20
C GLY A 207 -13.43 -2.21 12.17
N GLY A 208 -13.89 -3.07 13.07
CA GLY A 208 -14.81 -2.64 14.12
C GLY A 208 -14.26 -1.48 14.94
N ALA A 209 -12.97 -1.45 15.11
CA ALA A 209 -12.34 -0.39 15.89
C ALA A 209 -12.53 0.96 15.23
N GLU A 210 -12.89 0.97 13.96
CA GLU A 210 -13.24 2.24 13.30
C GLU A 210 -14.66 2.58 13.54
N ALA A 211 -15.46 1.64 13.98
CA ALA A 211 -16.83 1.94 14.40
C ALA A 211 -16.84 2.45 15.81
N ASN A 212 -15.88 2.03 16.66
CA ASN A 212 -15.71 2.67 17.95
C ASN A 212 -15.36 4.13 17.72
N ALA A 213 -14.31 4.39 16.97
CA ALA A 213 -13.82 5.74 16.83
C ALA A 213 -14.88 6.67 16.23
N ILE A 214 -15.81 6.15 15.46
CA ILE A 214 -16.88 6.98 14.97
C ILE A 214 -17.98 7.10 16.02
N THR A 215 -18.09 6.15 16.93
CA THR A 215 -18.92 6.34 18.11
C THR A 215 -18.21 7.21 19.11
N ARG A 216 -16.95 6.96 19.35
CA ARG A 216 -16.17 7.74 20.30
C ARG A 216 -16.22 9.20 19.96
N GLU A 217 -16.50 9.53 18.68
CA GLU A 217 -16.73 10.91 18.29
C GLU A 217 -18.13 11.33 18.68
N ILE A 218 -19.11 10.49 18.46
CA ILE A 218 -20.49 10.84 18.79
C ILE A 218 -20.60 11.12 20.28
N LEU A 219 -20.05 10.28 21.12
CA LEU A 219 -20.15 10.46 22.54
C LEU A 219 -19.43 11.71 23.00
N LYS A 220 -18.53 12.24 22.18
CA LYS A 220 -17.94 13.55 22.47
C LYS A 220 -18.85 14.64 22.06
N ASP A 221 -19.63 14.43 21.01
CA ASP A 221 -20.51 15.49 20.51
C ASP A 221 -21.77 15.58 21.33
N ILE A 222 -22.06 14.55 22.12
CA ILE A 222 -23.26 14.60 22.95
C ILE A 222 -22.90 15.15 24.33
N GLY A 223 -21.62 15.28 24.64
CA GLY A 223 -21.20 15.85 25.90
C GLY A 223 -20.91 14.80 26.95
N TYR A 224 -20.74 13.57 26.52
CA TYR A 224 -20.42 12.44 27.39
C TYR A 224 -18.93 12.23 27.47
N SER A 225 -18.14 13.19 27.02
CA SER A 225 -16.73 12.99 26.75
C SER A 225 -16.01 12.22 27.84
N ASP A 226 -16.44 12.36 29.09
CA ASP A 226 -15.92 11.48 30.15
C ASP A 226 -16.07 10.01 29.78
N ILE A 227 -17.12 9.69 29.06
CA ILE A 227 -17.42 8.29 28.70
C ILE A 227 -16.59 7.87 27.52
N ALA A 228 -16.26 8.80 26.62
CA ALA A 228 -15.53 8.46 25.42
C ALA A 228 -14.14 7.88 25.80
N ARG A 229 -13.45 8.49 26.74
CA ARG A 229 -12.11 8.09 27.08
C ARG A 229 -11.99 6.60 27.42
N GLU A 230 -13.06 6.00 27.93
CA GLU A 230 -13.04 4.64 28.40
C GLU A 230 -13.49 3.73 27.23
N GLU A 231 -12.57 2.92 26.73
CA GLU A 231 -12.85 2.17 25.52
C GLU A 231 -13.95 1.16 25.76
N TYR A 232 -14.04 0.58 26.94
CA TYR A 232 -15.14 -0.33 27.25
C TYR A 232 -16.47 0.38 27.10
N ALA A 233 -16.51 1.68 27.39
CA ALA A 233 -17.77 2.38 27.36
C ALA A 233 -18.29 2.51 25.95
N VAL A 234 -17.46 2.99 25.03
CA VAL A 234 -17.89 3.11 23.64
C VAL A 234 -18.20 1.76 23.07
N GLU A 235 -17.49 0.72 23.49
CA GLU A 235 -17.80 -0.62 23.09
C GLU A 235 -19.28 -0.92 23.36
N VAL A 236 -19.70 -0.88 24.61
CA VAL A 236 -21.07 -1.16 24.97
C VAL A 236 -22.03 -0.22 24.26
N VAL A 237 -21.63 1.03 24.09
CA VAL A 237 -22.49 1.96 23.37
C VAL A 237 -22.58 1.57 21.89
N LYS A 238 -21.45 1.39 21.24
CA LYS A 238 -21.43 1.01 19.83
C LYS A 238 -22.27 -0.23 19.60
N ARG A 239 -21.99 -1.30 20.35
CA ARG A 239 -22.71 -2.53 20.16
C ARG A 239 -24.20 -2.32 20.32
N ALA A 240 -24.62 -1.54 21.32
CA ALA A 240 -26.03 -1.30 21.55
C ALA A 240 -26.66 -0.30 20.59
N VAL A 241 -26.07 0.88 20.45
CA VAL A 241 -26.69 1.96 19.65
C VAL A 241 -26.26 1.96 18.22
N GLY A 242 -25.25 1.17 17.87
CA GLY A 242 -24.76 1.15 16.52
C GLY A 242 -25.77 0.50 15.59
N LEU A 243 -25.77 0.92 14.33
CA LEU A 243 -26.79 0.44 13.43
C LEU A 243 -26.24 0.52 12.01
N VAL A 244 -26.75 -0.33 11.12
CA VAL A 244 -26.18 -0.45 9.75
C VAL A 244 -27.26 -0.06 8.76
N PRO A 245 -27.03 0.96 7.94
CA PRO A 245 -28.08 1.43 7.04
C PRO A 245 -28.26 0.50 5.84
N ARG A 246 -29.48 0.51 5.31
CA ARG A 246 -29.71 -0.08 4.02
C ARG A 246 -28.96 0.72 2.95
N ARG A 247 -29.25 2.02 2.86
CA ARG A 247 -28.47 2.94 2.06
C ARG A 247 -28.28 4.19 2.90
N LEU A 248 -26.99 4.54 3.13
CA LEU A 248 -26.66 5.56 4.14
C LEU A 248 -27.45 6.87 3.91
N LYS A 249 -27.40 7.36 2.69
CA LYS A 249 -28.06 8.62 2.40
C LYS A 249 -29.56 8.52 2.62
N GLU A 250 -30.18 7.45 2.13
CA GLU A 250 -31.63 7.26 2.33
C GLU A 250 -31.95 7.10 3.81
N ALA A 251 -31.04 6.48 4.56
CA ALA A 251 -31.29 6.23 5.97
C ALA A 251 -31.21 7.52 6.79
N ILE A 252 -30.14 8.28 6.62
CA ILE A 252 -30.00 9.53 7.34
C ILE A 252 -31.20 10.45 7.05
N ARG A 253 -31.66 10.49 5.80
CA ARG A 253 -32.87 11.23 5.49
C ARG A 253 -34.04 10.73 6.33
N ALA A 254 -34.16 9.40 6.48
CA ALA A 254 -35.25 8.85 7.26
C ALA A 254 -35.14 9.25 8.72
N ALA A 255 -33.95 9.08 9.30
CA ALA A 255 -33.74 9.36 10.71
C ALA A 255 -33.84 10.84 11.06
N LYS A 256 -33.63 11.73 10.09
CA LYS A 256 -33.88 13.14 10.34
C LYS A 256 -35.36 13.50 10.17
N SER A 257 -36.13 12.66 9.49
CA SER A 257 -37.57 12.91 9.37
C SER A 257 -38.32 12.44 10.62
N ASP A 258 -38.00 11.24 11.12
CA ASP A 258 -38.73 10.64 12.24
C ASP A 258 -37.71 10.14 13.28
N PRO A 259 -37.05 11.06 13.99
CA PRO A 259 -36.00 10.61 14.90
C PRO A 259 -36.51 9.74 16.04
N ASP A 260 -37.78 9.88 16.41
CA ASP A 260 -38.32 9.15 17.55
C ASP A 260 -38.19 7.64 17.37
N ARG A 261 -38.13 7.17 16.12
CA ARG A 261 -37.80 5.77 15.86
C ARG A 261 -36.43 5.43 16.47
N PHE A 262 -35.45 6.28 16.23
CA PHE A 262 -34.05 5.95 16.48
C PHE A 262 -33.50 6.45 17.80
N VAL A 263 -34.28 7.19 18.59
CA VAL A 263 -33.73 7.69 19.85
C VAL A 263 -33.62 6.50 20.80
N THR A 264 -32.43 6.33 21.36
CA THR A 264 -32.16 5.19 22.20
C THR A 264 -31.49 5.63 23.50
N LYS A 265 -31.66 4.80 24.52
CA LYS A 265 -31.15 5.06 25.84
C LYS A 265 -30.42 3.81 26.32
N VAL A 266 -29.12 3.95 26.51
CA VAL A 266 -28.30 2.81 26.91
C VAL A 266 -27.78 3.01 28.35
N ARG A 267 -27.99 2.03 29.20
CA ARG A 267 -27.54 2.10 30.56
C ARG A 267 -26.18 1.42 30.65
N LEU A 268 -25.14 2.21 30.81
CA LEU A 268 -23.80 1.69 30.97
C LEU A 268 -23.55 1.27 32.41
N SER A 269 -23.85 2.18 33.33
CA SER A 269 -23.69 1.97 34.77
C SER A 269 -24.82 2.76 35.41
N PRO A 270 -25.23 2.42 36.64
CA PRO A 270 -26.38 3.11 37.23
C PRO A 270 -26.21 4.63 37.23
N VAL A 271 -24.99 5.14 37.39
CA VAL A 271 -24.75 6.57 37.35
C VAL A 271 -24.94 7.14 35.92
N VAL A 272 -24.22 6.55 34.97
CA VAL A 272 -24.11 7.09 33.61
C VAL A 272 -25.02 6.30 32.70
N GLU A 273 -26.02 7.00 32.13
CA GLU A 273 -26.91 6.36 31.15
C GLU A 273 -26.91 7.26 29.92
N VAL A 274 -26.39 6.74 28.81
CA VAL A 274 -26.22 7.50 27.59
C VAL A 274 -27.56 7.61 26.86
N GLU A 275 -28.03 8.83 26.65
CA GLU A 275 -29.18 9.15 25.85
C GLU A 275 -28.71 9.74 24.53
N ILE A 276 -28.84 8.98 23.46
CA ILE A 276 -28.59 9.52 22.11
C ILE A 276 -29.74 10.51 21.86
N PRO A 277 -29.44 11.79 21.74
CA PRO A 277 -30.50 12.78 21.66
C PRO A 277 -31.33 12.61 20.40
N ARG A 278 -32.35 13.44 20.27
CA ARG A 278 -33.24 13.33 19.13
C ARG A 278 -32.50 13.68 17.84
N GLU A 279 -31.70 14.76 17.87
CA GLU A 279 -30.99 15.20 16.69
C GLU A 279 -30.02 14.13 16.14
N TYR A 280 -29.04 13.73 16.93
CA TYR A 280 -27.99 12.86 16.43
C TYR A 280 -28.48 11.46 16.11
N ALA A 281 -29.76 11.17 16.32
CA ALA A 281 -30.28 9.83 16.09
C ALA A 281 -29.88 9.27 14.76
N TRP A 282 -29.69 10.14 13.77
CA TRP A 282 -29.23 9.65 12.47
C TRP A 282 -27.78 9.23 12.50
N THR A 283 -27.00 9.73 13.44
CA THR A 283 -25.60 9.34 13.51
C THR A 283 -25.46 7.92 13.97
N ARG A 284 -26.54 7.25 14.39
CA ARG A 284 -26.44 5.84 14.70
C ARG A 284 -26.00 5.06 13.49
N PHE A 285 -26.40 5.49 12.28
CA PHE A 285 -26.04 4.80 11.07
C PHE A 285 -24.55 4.87 10.81
N LEU A 286 -23.94 6.00 10.98
CA LEU A 286 -22.51 6.12 10.73
C LEU A 286 -21.73 5.16 11.60
N ILE A 287 -22.27 4.78 12.74
CA ILE A 287 -21.56 3.89 13.65
C ILE A 287 -21.32 2.57 12.97
N GLY A 288 -22.37 1.92 12.51
CA GLY A 288 -22.23 0.60 11.94
C GLY A 288 -21.83 0.62 10.49
N GLU A 289 -22.06 1.72 9.81
CA GLU A 289 -21.79 1.74 8.38
C GLU A 289 -20.32 1.91 8.09
N ILE A 290 -19.60 2.68 8.91
CA ILE A 290 -18.23 3.03 8.60
C ILE A 290 -17.35 1.77 8.50
N VAL A 291 -17.80 0.64 9.01
CA VAL A 291 -17.09 -0.60 8.81
C VAL A 291 -17.13 -0.99 7.34
N PHE A 292 -18.26 -0.81 6.69
CA PHE A 292 -18.43 -1.28 5.32
C PHE A 292 -17.85 -0.32 4.31
N ASP A 293 -18.48 0.82 4.10
CA ASP A 293 -18.13 1.75 3.01
C ASP A 293 -17.82 3.11 3.57
N PRO A 294 -16.62 3.30 4.10
CA PRO A 294 -16.33 4.61 4.67
C PRO A 294 -15.92 5.60 3.62
N ASN A 295 -16.65 5.64 2.52
CA ASN A 295 -16.52 6.75 1.60
C ASN A 295 -17.93 7.33 1.37
N HIS A 296 -18.21 8.46 2.01
CA HIS A 296 -19.41 9.20 1.79
C HIS A 296 -19.14 10.64 2.18
N GLU A 297 -19.81 11.56 1.46
CA GLU A 297 -19.69 12.95 1.81
C GLU A 297 -20.29 13.18 3.18
N GLU A 298 -21.16 12.28 3.65
CA GLU A 298 -21.78 12.38 4.96
C GLU A 298 -20.90 11.89 6.07
N ILE A 299 -20.24 10.78 5.89
CA ILE A 299 -19.28 10.33 6.93
C ILE A 299 -18.01 11.13 6.84
N LYS A 300 -17.44 11.21 5.66
CA LYS A 300 -16.12 11.80 5.51
C LYS A 300 -16.12 13.27 5.89
N SER A 301 -17.29 13.89 5.96
CA SER A 301 -17.38 15.20 6.61
C SER A 301 -17.42 15.03 8.11
N TYR A 302 -18.27 14.13 8.59
CA TYR A 302 -18.42 13.99 10.03
C TYR A 302 -17.14 13.50 10.69
N ILE A 303 -16.38 12.68 10.00
CA ILE A 303 -15.12 12.22 10.58
C ILE A 303 -14.10 13.34 10.53
N GLU A 304 -14.14 14.17 9.52
CA GLU A 304 -13.16 15.26 9.39
C GLU A 304 -13.35 16.25 10.51
N GLN A 305 -14.56 16.81 10.65
CA GLN A 305 -14.80 17.79 11.69
C GLN A 305 -14.66 17.16 13.10
N SER A 306 -14.66 15.83 13.21
CA SER A 306 -14.42 15.17 14.47
C SER A 306 -12.96 14.87 14.69
N ARG A 307 -12.15 15.00 13.67
CA ARG A 307 -10.70 14.86 13.83
C ARG A 307 -10.10 16.19 14.36
N LEU A 308 -10.79 17.31 14.24
CA LEU A 308 -10.25 18.55 14.70
C LEU A 308 -10.04 18.49 16.18
N ARG A 309 -11.06 18.21 16.99
CA ARG A 309 -10.90 18.26 18.43
C ARG A 309 -9.90 17.22 18.86
N ILE A 310 -8.82 17.66 19.55
CA ILE A 310 -7.85 16.73 20.08
C ILE A 310 -7.79 16.89 21.57
N GLU A 311 -8.23 15.87 22.30
CA GLU A 311 -8.45 16.00 23.74
C GLU A 311 -7.18 15.79 24.50
N ASN A 312 -6.76 14.53 24.64
CA ASN A 312 -5.58 14.21 25.46
C ASN A 312 -4.32 14.42 24.62
N ALA A 313 -4.03 13.46 23.76
CA ALA A 313 -2.88 13.52 22.90
C ALA A 313 -3.33 13.11 21.52
N VAL A 314 -3.80 11.87 21.39
CA VAL A 314 -4.16 11.30 20.11
C VAL A 314 -5.11 12.22 19.38
N ILE A 315 -4.96 12.22 18.04
CA ILE A 315 -5.84 13.00 17.20
C ILE A 315 -7.09 12.13 16.93
N GLY A 316 -7.12 10.94 17.53
CA GLY A 316 -8.19 10.02 17.14
C GLY A 316 -7.65 8.89 16.30
N ASP A 317 -8.11 7.65 16.50
CA ASP A 317 -7.61 6.51 15.73
C ASP A 317 -8.57 6.18 14.60
N VAL A 318 -8.23 6.61 13.40
CA VAL A 318 -9.11 6.54 12.24
C VAL A 318 -8.35 7.28 11.11
N THR A 319 -8.73 6.99 9.88
CA THR A 319 -8.02 7.51 8.74
C THR A 319 -8.93 8.43 7.95
N LEU A 320 -8.48 9.67 7.77
CA LEU A 320 -9.24 10.68 7.01
C LEU A 320 -9.11 10.48 5.52
N TYR A 321 -8.08 9.78 5.08
CA TYR A 321 -7.76 9.65 3.66
C TYR A 321 -8.73 8.74 2.93
N GLY A 322 -9.54 8.01 3.68
CA GLY A 322 -10.57 7.18 3.01
C GLY A 322 -10.02 5.78 2.69
N GLU A 323 -10.86 4.77 2.80
CA GLU A 323 -10.47 3.42 2.50
C GLU A 323 -11.33 2.80 1.44
N MET A 324 -11.06 1.53 1.16
CA MET A 324 -11.82 0.76 0.21
C MET A 324 -13.07 0.17 0.84
N ASP A 325 -14.17 0.20 0.10
CA ASP A 325 -15.41 -0.42 0.55
C ASP A 325 -15.26 -1.93 0.50
N VAL A 326 -15.86 -2.64 1.45
CA VAL A 326 -15.80 -4.10 1.47
C VAL A 326 -16.43 -4.70 0.23
N ALA A 327 -17.35 -3.96 -0.36
CA ALA A 327 -17.80 -4.32 -1.71
C ALA A 327 -16.61 -4.30 -2.68
N SER A 328 -15.90 -3.20 -2.74
CA SER A 328 -14.74 -3.10 -3.61
C SER A 328 -13.63 -3.96 -3.15
N ALA A 329 -13.62 -4.32 -1.88
CA ALA A 329 -12.55 -5.22 -1.35
C ALA A 329 -12.73 -6.59 -1.90
N ILE A 330 -13.94 -7.15 -1.81
CA ILE A 330 -14.22 -8.48 -2.34
C ILE A 330 -13.87 -8.51 -3.84
N ILE A 331 -14.29 -7.50 -4.57
CA ILE A 331 -14.03 -7.47 -5.99
C ILE A 331 -12.52 -7.50 -6.22
N THR A 332 -11.78 -6.65 -5.52
CA THR A 332 -10.34 -6.60 -5.72
C THR A 332 -9.69 -7.91 -5.32
N SER A 333 -10.27 -8.62 -4.37
CA SER A 333 -9.72 -9.91 -3.99
C SER A 333 -10.00 -10.96 -5.03
N LEU A 334 -11.07 -10.77 -5.80
CA LEU A 334 -11.38 -11.74 -6.84
C LEU A 334 -10.54 -11.52 -8.10
N ARG A 335 -10.20 -10.28 -8.42
CA ARG A 335 -9.41 -10.07 -9.63
C ARG A 335 -8.07 -10.73 -9.54
N ASN A 336 -7.66 -11.16 -8.32
CA ASN A 336 -6.41 -11.89 -8.17
C ASN A 336 -6.54 -13.36 -8.37
N VAL A 337 -7.74 -13.95 -8.37
CA VAL A 337 -7.87 -15.38 -8.72
C VAL A 337 -8.05 -15.52 -10.21
N SER A 338 -8.07 -16.73 -10.72
CA SER A 338 -8.05 -16.93 -12.18
C SER A 338 -9.43 -16.83 -12.78
N VAL A 339 -9.53 -16.14 -13.92
CA VAL A 339 -10.79 -15.96 -14.61
C VAL A 339 -11.50 -17.30 -14.84
N GLU A 340 -10.73 -18.39 -15.01
CA GLU A 340 -11.33 -19.69 -15.10
C GLU A 340 -12.29 -19.92 -13.88
N ILE A 341 -11.76 -19.74 -12.68
CA ILE A 341 -12.44 -20.17 -11.50
C ILE A 341 -13.32 -19.07 -10.86
N GLN A 342 -13.23 -17.83 -11.32
CA GLN A 342 -13.90 -16.74 -10.65
C GLN A 342 -15.42 -16.95 -10.57
N GLU A 343 -15.99 -17.57 -11.57
CA GLU A 343 -17.42 -17.87 -11.51
C GLU A 343 -17.73 -18.71 -10.27
N ARG A 344 -16.87 -19.70 -9.97
CA ARG A 344 -17.15 -20.58 -8.85
C ARG A 344 -16.82 -19.90 -7.52
N VAL A 345 -15.66 -19.26 -7.43
CA VAL A 345 -15.19 -18.76 -6.13
C VAL A 345 -16.00 -17.54 -5.69
N ALA A 346 -16.61 -16.84 -6.62
CA ALA A 346 -17.41 -15.68 -6.25
C ALA A 346 -18.85 -16.06 -5.87
N SER A 347 -19.20 -17.33 -5.89
CA SER A 347 -20.56 -17.75 -5.54
C SER A 347 -20.90 -17.36 -4.11
N GLN A 348 -20.27 -17.99 -3.14
CA GLN A 348 -20.58 -17.76 -1.72
C GLN A 348 -19.66 -16.65 -1.19
N ILE A 349 -20.19 -15.86 -0.27
CA ILE A 349 -19.38 -14.97 0.52
C ILE A 349 -19.67 -15.23 1.98
N ILE A 350 -18.66 -15.70 2.69
CA ILE A 350 -18.75 -15.93 4.12
C ILE A 350 -18.28 -14.68 4.85
N LEU A 351 -19.19 -14.04 5.53
CA LEU A 351 -18.87 -12.96 6.47
C LEU A 351 -18.56 -13.61 7.80
N SER A 352 -17.56 -13.07 8.47
CA SER A 352 -17.09 -13.67 9.73
C SER A 352 -16.44 -12.61 10.54
N GLY A 353 -16.20 -12.94 11.78
CA GLY A 353 -15.52 -11.98 12.65
C GLY A 353 -16.52 -11.02 13.27
N GLY A 354 -16.00 -10.19 14.15
CA GLY A 354 -16.87 -9.36 14.95
C GLY A 354 -17.63 -8.33 14.18
N ALA A 355 -16.92 -7.45 13.47
CA ALA A 355 -17.55 -6.27 12.88
C ALA A 355 -18.66 -6.60 11.90
N PHE A 356 -18.80 -7.84 11.48
CA PHE A 356 -20.04 -8.23 10.87
C PHE A 356 -20.83 -9.02 11.92
N SER A 357 -21.74 -8.31 12.53
CA SER A 357 -22.53 -8.81 13.63
C SER A 357 -23.93 -8.28 13.54
N TRP A 358 -24.05 -6.98 13.25
CA TRP A 358 -25.14 -6.13 13.62
C TRP A 358 -26.50 -6.73 13.37
N ARG A 359 -27.35 -6.67 14.40
CA ARG A 359 -28.72 -7.13 14.25
C ARG A 359 -29.65 -5.94 14.18
N VAL A 360 -30.50 -5.91 13.18
CA VAL A 360 -31.49 -4.85 13.10
C VAL A 360 -32.41 -4.95 14.33
N PRO A 361 -32.49 -3.87 15.13
CA PRO A 361 -33.47 -3.87 16.22
C PRO A 361 -34.88 -4.03 15.64
N PRO A 362 -35.75 -4.79 16.32
CA PRO A 362 -37.02 -5.17 15.73
C PRO A 362 -37.85 -4.00 15.24
N GLY A 363 -38.60 -4.23 14.16
CA GLY A 363 -39.47 -3.22 13.59
C GLY A 363 -38.77 -2.15 12.76
N MET A 364 -37.45 -2.10 12.79
CA MET A 364 -36.68 -1.08 12.09
C MET A 364 -36.13 -1.57 10.74
N GLU A 365 -36.53 -2.79 10.34
CA GLU A 365 -35.96 -3.41 9.14
C GLU A 365 -36.14 -2.57 7.88
N ASP A 366 -37.09 -1.65 7.86
CA ASP A 366 -37.37 -0.85 6.67
C ASP A 366 -36.20 0.08 6.33
N VAL A 367 -35.30 0.29 7.28
CA VAL A 367 -34.19 1.24 7.08
C VAL A 367 -32.88 0.56 7.39
N ALA A 368 -32.73 -0.02 8.57
CA ALA A 368 -31.48 -0.66 8.93
C ALA A 368 -31.30 -1.94 8.13
N ALA A 369 -30.17 -2.60 8.29
CA ALA A 369 -29.95 -3.86 7.57
C ALA A 369 -28.94 -4.68 8.33
N ASP A 370 -29.11 -5.99 8.27
CA ASP A 370 -28.12 -6.91 8.85
C ASP A 370 -26.85 -6.83 8.01
N SER A 371 -25.74 -7.23 8.60
CA SER A 371 -24.46 -7.20 7.89
C SER A 371 -24.57 -8.00 6.60
N VAL A 372 -25.28 -9.14 6.66
CA VAL A 372 -25.51 -9.93 5.45
C VAL A 372 -26.16 -9.06 4.40
N THR A 373 -27.37 -8.57 4.66
CA THR A 373 -28.10 -7.78 3.68
C THR A 373 -27.27 -6.58 3.24
N ARG A 374 -26.41 -6.06 4.11
CA ARG A 374 -25.60 -4.91 3.72
C ARG A 374 -24.60 -5.28 2.64
N VAL A 375 -23.84 -6.33 2.83
CA VAL A 375 -22.86 -6.73 1.83
C VAL A 375 -23.54 -7.05 0.50
N LYS A 376 -24.67 -7.77 0.56
CA LYS A 376 -25.36 -8.14 -0.66
C LYS A 376 -25.81 -6.90 -1.41
N ILE A 377 -26.29 -5.88 -0.71
CA ILE A 377 -26.72 -4.66 -1.39
C ILE A 377 -25.50 -3.80 -1.73
N ALA A 378 -24.39 -4.03 -1.06
CA ALA A 378 -23.16 -3.32 -1.39
C ALA A 378 -22.66 -3.76 -2.76
N LEU A 379 -22.74 -5.05 -3.04
CA LEU A 379 -22.25 -5.55 -4.33
C LEU A 379 -23.14 -5.07 -5.46
N GLU A 380 -24.44 -4.98 -5.23
CA GLU A 380 -25.36 -4.52 -6.28
C GLU A 380 -24.96 -3.12 -6.76
N GLU A 381 -24.44 -2.28 -5.88
CA GLU A 381 -24.07 -0.94 -6.29
C GLU A 381 -22.80 -0.96 -7.17
N LYS A 382 -21.82 -1.76 -6.83
CA LYS A 382 -20.57 -1.76 -7.57
C LYS A 382 -20.58 -2.70 -8.77
N SER A 383 -20.72 -4.00 -8.51
CA SER A 383 -20.61 -5.03 -9.54
C SER A 383 -21.96 -5.74 -9.68
N PRO A 384 -22.90 -5.16 -10.45
CA PRO A 384 -24.25 -5.71 -10.53
C PRO A 384 -24.28 -7.16 -10.96
N ALA A 385 -23.53 -7.47 -12.00
CA ALA A 385 -23.52 -8.82 -12.55
C ALA A 385 -23.05 -9.84 -11.53
N LEU A 386 -22.24 -9.42 -10.57
CA LEU A 386 -21.81 -10.31 -9.51
C LEU A 386 -22.93 -10.57 -8.53
N ALA A 387 -23.65 -9.52 -8.13
CA ALA A 387 -24.59 -9.65 -7.02
C ALA A 387 -25.77 -10.54 -7.41
N SER A 388 -25.92 -10.84 -8.70
CA SER A 388 -26.99 -11.73 -9.12
C SER A 388 -26.80 -13.14 -8.53
N LYS A 389 -25.62 -13.72 -8.73
CA LYS A 389 -25.35 -15.10 -8.36
C LYS A 389 -24.83 -15.24 -6.93
N VAL A 390 -24.49 -14.12 -6.29
CA VAL A 390 -23.89 -14.15 -4.97
C VAL A 390 -24.91 -14.61 -3.94
N GLU A 391 -24.53 -15.63 -3.20
CA GLU A 391 -25.24 -16.05 -1.99
C GLU A 391 -24.31 -15.79 -0.82
N VAL A 392 -24.63 -14.77 -0.04
CA VAL A 392 -23.76 -14.29 1.04
C VAL A 392 -24.30 -14.85 2.37
N ARG A 393 -23.40 -15.30 3.22
CA ARG A 393 -23.78 -15.95 4.45
C ARG A 393 -22.88 -15.46 5.59
N LEU A 394 -23.47 -15.39 6.76
CA LEU A 394 -22.75 -15.03 7.98
C LEU A 394 -22.51 -16.30 8.80
N VAL A 395 -21.32 -16.44 9.34
CA VAL A 395 -21.00 -17.60 10.14
C VAL A 395 -21.85 -17.56 11.44
N SER A 396 -22.35 -18.73 11.83
CA SER A 396 -22.92 -18.87 13.16
C SER A 396 -21.80 -18.71 14.21
N GLU A 397 -22.05 -17.87 15.19
CA GLU A 397 -21.06 -17.44 16.19
C GLU A 397 -19.88 -16.79 15.46
N PRO A 398 -20.09 -15.58 14.94
CA PRO A 398 -19.12 -14.99 14.00
C PRO A 398 -17.70 -14.90 14.53
N GLN A 399 -17.55 -14.37 15.74
CA GLN A 399 -16.25 -14.14 16.25
C GLN A 399 -15.55 -15.39 16.82
N TYR A 400 -16.30 -16.36 17.29
CA TYR A 400 -15.68 -17.60 17.72
C TYR A 400 -14.97 -18.33 16.56
N SER A 401 -15.26 -17.95 15.31
CA SER A 401 -14.82 -18.67 14.13
C SER A 401 -13.35 -18.95 14.05
N VAL A 402 -12.58 -17.88 14.08
CA VAL A 402 -11.13 -18.00 13.78
C VAL A 402 -10.50 -19.00 14.70
N TRP A 403 -10.90 -19.06 15.97
CA TRP A 403 -10.32 -20.05 16.86
C TRP A 403 -10.70 -21.45 16.43
N ARG A 404 -11.95 -21.67 16.05
CA ARG A 404 -12.36 -23.00 15.59
C ARG A 404 -11.47 -23.45 14.45
N GLY A 405 -11.05 -22.52 13.62
CA GLY A 405 -10.10 -22.86 12.54
C GLY A 405 -8.71 -23.03 13.07
N ALA A 406 -8.37 -22.35 14.14
CA ALA A 406 -7.00 -22.40 14.64
C ALA A 406 -6.69 -23.75 15.17
N VAL A 407 -7.65 -24.41 15.81
CA VAL A 407 -7.36 -25.71 16.39
C VAL A 407 -7.33 -26.76 15.27
N ILE A 408 -8.29 -26.73 14.34
CA ILE A 408 -8.33 -27.73 13.31
C ILE A 408 -7.05 -27.69 12.50
N TYR A 409 -6.62 -26.48 12.12
CA TYR A 409 -5.30 -26.30 11.51
C TYR A 409 -4.22 -26.83 12.45
N GLY A 410 -4.29 -26.43 13.69
CA GLY A 410 -3.30 -26.89 14.64
C GLY A 410 -3.40 -28.40 14.86
N TYR A 411 -4.59 -28.97 14.64
CA TYR A 411 -4.76 -30.40 14.84
C TYR A 411 -3.99 -31.18 13.80
N ALA A 412 -4.25 -30.94 12.50
CA ALA A 412 -3.47 -31.57 11.46
C ALA A 412 -2.51 -30.55 10.85
N LEU A 413 -1.28 -30.58 11.32
CA LEU A 413 -0.17 -29.88 10.71
C LEU A 413 1.04 -30.74 11.00
N PRO A 414 1.33 -31.72 10.13
CA PRO A 414 2.21 -32.82 10.54
C PRO A 414 3.43 -32.38 11.29
N LEU A 415 3.67 -33.00 12.45
CA LEU A 415 4.55 -32.41 13.45
C LEU A 415 6.03 -32.49 13.06
N SER A 416 6.33 -33.29 12.04
CA SER A 416 7.71 -33.37 11.55
C SER A 416 8.04 -32.19 10.63
N LEU A 417 7.08 -31.29 10.40
CA LEU A 417 7.26 -30.13 9.56
C LEU A 417 7.74 -29.00 10.42
N GLU A 418 9.00 -28.59 10.23
CA GLU A 418 9.57 -27.51 11.01
C GLU A 418 9.09 -26.16 10.47
N TRP A 419 9.03 -25.18 11.36
CA TRP A 419 8.82 -23.78 10.96
C TRP A 419 10.08 -23.36 10.23
N SER A 420 9.91 -22.86 9.02
CA SER A 420 11.01 -22.31 8.26
C SER A 420 10.62 -20.89 7.87
N ASP A 421 11.50 -19.95 8.20
CA ASP A 421 11.22 -18.52 8.07
C ASP A 421 10.70 -18.17 6.67
N THR A 422 11.30 -18.76 5.66
CA THR A 422 10.92 -18.48 4.27
C THR A 422 9.46 -18.81 3.96
N THR A 423 9.00 -19.99 4.32
CA THR A 423 7.63 -20.37 3.98
C THR A 423 6.60 -19.80 4.97
N ARG A 424 7.04 -19.37 6.15
CA ARG A 424 6.15 -18.82 7.16
C ARG A 424 5.02 -19.79 7.50
N GLU A 425 5.38 -21.05 7.70
CA GLU A 425 4.40 -22.07 8.03
C GLU A 425 5.08 -23.16 8.85
N GLY A 426 4.31 -23.82 9.70
CA GLY A 426 4.82 -24.99 10.42
C GLY A 426 5.19 -24.77 11.84
N TRP A 427 5.44 -25.86 12.53
CA TRP A 427 5.69 -25.84 13.98
C TRP A 427 7.10 -25.38 14.29
N ARG A 428 7.23 -24.72 15.43
CA ARG A 428 8.54 -24.47 16.05
C ARG A 428 8.54 -25.09 17.44
N PHE A 429 9.70 -25.56 17.85
CA PHE A 429 9.80 -26.27 19.12
C PHE A 429 10.68 -25.46 20.08
N PRO A 430 10.30 -25.44 21.37
CA PRO A 430 11.18 -24.87 22.42
C PRO A 430 12.00 -25.98 23.13
N SER B 5 -24.96 44.19 -4.49
CA SER B 5 -24.10 45.11 -5.25
C SER B 5 -22.63 44.98 -4.84
N ASP B 6 -21.86 46.06 -5.04
CA ASP B 6 -20.42 46.00 -4.82
C ASP B 6 -19.96 47.03 -3.80
N ALA B 7 -19.94 48.29 -4.16
CA ALA B 7 -19.57 49.33 -3.18
C ALA B 7 -20.50 49.30 -1.99
N TYR B 8 -21.70 48.78 -2.19
CA TYR B 8 -22.66 48.48 -1.12
C TYR B 8 -22.01 47.57 -0.06
N ARG B 9 -21.07 46.73 -0.47
CA ARG B 9 -20.38 45.89 0.48
C ARG B 9 -19.38 46.71 1.33
N LEU B 10 -18.62 47.59 0.72
CA LEU B 10 -17.61 48.34 1.43
C LEU B 10 -18.20 49.18 2.58
N LYS B 11 -19.54 49.32 2.62
CA LYS B 11 -20.21 49.94 3.75
C LYS B 11 -20.88 48.91 4.64
N TYR B 12 -21.83 48.16 4.09
CA TYR B 12 -22.78 47.38 4.88
C TYR B 12 -22.37 45.92 5.06
N THR B 13 -21.18 45.53 4.62
CA THR B 13 -20.63 44.25 5.03
C THR B 13 -20.36 44.29 6.49
N PHE B 14 -20.91 43.33 7.23
CA PHE B 14 -20.94 43.39 8.69
C PHE B 14 -20.37 42.12 9.28
N GLY B 15 -19.21 42.26 9.91
CA GLY B 15 -18.53 41.13 10.53
C GLY B 15 -19.03 40.92 11.95
N VAL B 16 -19.09 39.65 12.35
CA VAL B 16 -19.44 39.25 13.70
C VAL B 16 -18.55 38.08 14.05
N ASP B 17 -17.86 38.20 15.17
CA ASP B 17 -17.17 37.06 15.76
C ASP B 17 -17.94 36.68 17.03
N PHE B 18 -17.91 35.41 17.39
CA PHE B 18 -18.40 35.02 18.68
C PHE B 18 -17.27 34.65 19.62
N GLY B 19 -16.68 33.48 19.40
CA GLY B 19 -15.70 33.00 20.36
C GLY B 19 -16.34 32.88 21.75
N THR B 20 -15.54 32.72 22.79
CA THR B 20 -16.11 32.50 24.07
C THR B 20 -16.29 33.80 24.80
N SER B 21 -15.19 34.49 25.11
CA SER B 21 -15.24 35.66 25.98
C SER B 21 -15.90 36.84 25.32
N TYR B 22 -15.24 37.46 24.33
CA TYR B 22 -15.75 38.69 23.73
C TYR B 22 -16.34 38.40 22.37
N VAL B 23 -17.53 38.93 22.13
CA VAL B 23 -18.13 38.91 20.80
C VAL B 23 -17.73 40.17 20.11
N LYS B 24 -16.87 40.02 19.08
CA LYS B 24 -16.30 41.15 18.38
C LYS B 24 -17.15 41.39 17.15
N TYR B 25 -17.51 42.63 16.87
CA TYR B 25 -18.53 42.90 15.85
C TYR B 25 -18.33 44.29 15.31
N GLY B 26 -18.89 44.49 14.13
CA GLY B 26 -18.97 45.82 13.53
C GLY B 26 -19.09 45.72 12.03
N PRO B 27 -19.41 46.83 11.39
CA PRO B 27 -19.38 46.85 9.93
C PRO B 27 -17.95 46.96 9.44
N ILE B 28 -17.78 46.63 8.16
CA ILE B 28 -16.45 46.65 7.57
C ILE B 28 -15.81 48.05 7.66
N THR B 29 -16.63 49.07 7.86
CA THR B 29 -16.14 50.44 7.83
C THR B 29 -15.24 50.73 9.02
N LEU B 30 -15.44 50.03 10.14
CA LEU B 30 -14.67 50.32 11.35
C LEU B 30 -13.20 50.05 11.17
N ASN B 31 -12.39 50.75 11.94
CA ASN B 31 -10.95 50.47 11.99
C ASN B 31 -10.67 49.21 12.83
N GLU B 32 -11.25 49.14 14.03
CA GLU B 32 -11.22 47.95 14.86
C GLU B 32 -12.64 47.74 15.41
N PRO B 33 -13.02 46.47 15.63
CA PRO B 33 -14.40 46.15 15.96
C PRO B 33 -14.75 46.54 17.40
N LYS B 34 -16.02 46.84 17.62
CA LYS B 34 -16.54 46.99 18.97
C LYS B 34 -16.71 45.63 19.62
N MET B 35 -16.64 45.60 20.95
CA MET B 35 -16.70 44.33 21.69
C MET B 35 -17.93 44.27 22.57
N VAL B 36 -18.41 43.06 22.79
CA VAL B 36 -19.43 42.80 23.78
C VAL B 36 -18.99 41.53 24.51
N GLN B 37 -18.83 41.65 25.83
CA GLN B 37 -18.54 40.45 26.60
C GLN B 37 -19.73 39.51 26.51
N THR B 38 -19.44 38.26 26.16
CA THR B 38 -20.48 37.32 25.72
C THR B 38 -21.55 37.06 26.80
N ARG B 39 -21.26 37.43 28.02
CA ARG B 39 -22.16 37.19 29.12
C ARG B 39 -23.51 37.79 28.81
N GLY B 40 -24.55 36.98 28.88
CA GLY B 40 -25.91 37.46 28.97
C GLY B 40 -26.27 37.47 30.45
N LEU B 41 -27.16 38.36 30.84
CA LEU B 41 -27.66 38.44 32.20
C LEU B 41 -29.14 38.19 32.22
N PHE B 42 -29.55 37.09 32.79
CA PHE B 42 -30.97 36.83 32.94
C PHE B 42 -31.54 37.70 34.05
N LEU B 43 -32.78 38.13 33.84
CA LEU B 43 -33.59 38.65 34.91
C LEU B 43 -34.74 37.62 34.99
N ARG B 44 -34.71 36.77 36.02
CA ARG B 44 -35.62 35.66 36.04
C ARG B 44 -36.40 35.59 37.35
N ASP B 45 -35.72 35.41 38.48
CA ASP B 45 -36.42 35.46 39.75
C ASP B 45 -36.28 36.88 40.28
N LEU B 46 -37.35 37.67 40.17
CA LEU B 46 -37.31 39.05 40.58
C LEU B 46 -38.39 39.30 41.62
N PRO B 47 -38.00 39.66 42.84
CA PRO B 47 -38.98 40.18 43.79
C PRO B 47 -39.66 41.41 43.18
N GLU B 48 -40.99 41.45 43.27
CA GLU B 48 -41.75 42.53 42.65
C GLU B 48 -41.20 43.90 43.03
N SER B 49 -40.51 43.98 44.16
CA SER B 49 -39.77 45.18 44.52
C SER B 49 -38.84 45.62 43.40
N VAL B 50 -38.04 44.71 42.86
CA VAL B 50 -37.09 45.06 41.81
C VAL B 50 -37.72 45.23 40.43
N LYS B 51 -38.77 44.46 40.13
CA LYS B 51 -39.45 44.66 38.86
C LYS B 51 -39.97 46.09 38.76
N MET B 52 -40.34 46.69 39.88
CA MET B 52 -40.73 48.08 39.88
C MET B 52 -39.59 48.97 39.41
N ARG B 53 -38.35 48.56 39.68
CA ARG B 53 -37.18 49.34 39.34
C ARG B 53 -36.65 49.06 37.94
N ILE B 54 -37.14 48.01 37.30
CA ILE B 54 -36.69 47.65 35.95
C ILE B 54 -37.66 48.27 34.92
N PRO B 55 -37.12 48.91 33.88
CA PRO B 55 -37.99 49.36 32.78
C PRO B 55 -38.70 48.16 32.17
N PRO B 56 -40.00 48.27 31.91
CA PRO B 56 -40.73 47.09 31.44
C PRO B 56 -40.30 46.66 30.04
N ASP B 57 -39.62 47.52 29.29
CA ASP B 57 -39.06 47.13 28.00
C ASP B 57 -37.94 46.10 28.18
N VAL B 58 -36.99 46.39 29.06
CA VAL B 58 -35.86 45.49 29.27
C VAL B 58 -36.32 44.16 29.85
N LEU B 59 -37.14 44.20 30.88
CA LEU B 59 -37.61 42.96 31.50
C LEU B 59 -38.50 42.16 30.53
N ALA B 60 -39.07 42.82 29.53
CA ALA B 60 -39.94 42.14 28.58
C ALA B 60 -39.20 41.00 27.89
N ARG B 61 -38.08 41.32 27.23
CA ARG B 61 -37.31 40.30 26.53
C ARG B 61 -36.60 39.34 27.46
N GLY B 62 -36.58 39.63 28.76
CA GLY B 62 -36.11 38.68 29.75
C GLY B 62 -34.62 38.56 29.96
N LEU B 63 -33.87 39.28 29.17
CA LEU B 63 -32.40 39.29 29.31
C LEU B 63 -31.89 40.73 29.23
N VAL B 64 -30.60 40.84 29.40
CA VAL B 64 -29.87 42.04 29.05
C VAL B 64 -28.48 41.54 28.67
N VAL B 65 -27.82 42.23 27.77
CA VAL B 65 -26.51 41.83 27.27
C VAL B 65 -25.75 43.07 26.83
N GLY B 66 -24.45 42.98 26.84
CA GLY B 66 -23.60 44.14 26.55
C GLY B 66 -22.87 44.60 27.78
N ASP B 67 -21.75 45.28 27.58
CA ASP B 67 -20.91 45.66 28.72
C ASP B 67 -21.67 46.60 29.65
N GLU B 68 -22.11 47.74 29.11
CA GLU B 68 -22.74 48.77 29.93
C GLU B 68 -24.16 48.37 30.32
N GLU B 69 -24.87 47.70 29.43
CA GLU B 69 -26.27 47.36 29.69
C GLU B 69 -26.40 46.39 30.84
N VAL B 70 -25.44 45.49 31.01
CA VAL B 70 -25.51 44.49 32.09
C VAL B 70 -25.02 45.10 33.40
N ARG B 71 -23.94 45.89 33.36
CA ARG B 71 -23.38 46.41 34.59
C ARG B 71 -24.47 47.06 35.44
N LYS B 72 -25.36 47.81 34.83
CA LYS B 72 -26.40 48.51 35.55
C LYS B 72 -27.40 47.57 36.19
N TYR B 73 -27.62 46.40 35.62
CA TYR B 73 -28.61 45.47 36.15
C TYR B 73 -28.02 44.37 37.04
N LEU B 74 -26.74 44.43 37.34
CA LEU B 74 -26.12 43.39 38.17
C LEU B 74 -26.39 43.61 39.66
N SER B 75 -26.96 42.60 40.27
CA SER B 75 -27.16 42.50 41.73
C SER B 75 -25.99 41.77 42.36
N SER B 76 -26.18 41.13 43.51
CA SER B 76 -25.11 40.52 44.26
C SER B 76 -24.51 39.31 43.62
N VAL B 77 -23.45 38.75 44.23
CA VAL B 77 -22.69 37.67 43.62
C VAL B 77 -23.58 36.48 43.41
N ARG B 78 -24.47 36.22 44.37
CA ARG B 78 -25.40 35.12 44.18
C ARG B 78 -26.21 35.30 42.86
N ASP B 79 -26.60 36.50 42.53
CA ASP B 79 -27.25 36.76 41.27
C ASP B 79 -26.27 36.48 40.10
N VAL B 80 -25.01 36.90 40.25
CA VAL B 80 -24.08 36.74 39.18
C VAL B 80 -23.84 35.28 38.88
N GLN B 81 -23.60 34.43 39.88
CA GLN B 81 -23.34 33.05 39.57
C GLN B 81 -24.62 32.33 39.07
N ARG B 82 -25.77 32.94 39.26
CA ARG B 82 -26.99 32.38 38.70
C ARG B 82 -27.34 32.99 37.35
N ASN B 83 -27.80 34.23 37.38
CA ASN B 83 -28.49 34.80 36.24
C ASN B 83 -27.55 35.38 35.21
N LEU B 84 -26.25 35.31 35.44
CA LEU B 84 -25.27 35.76 34.44
C LEU B 84 -24.78 34.52 33.73
N LYS B 85 -25.21 34.36 32.50
CA LYS B 85 -24.98 33.15 31.71
C LYS B 85 -23.87 33.40 30.72
N TYR B 86 -22.77 32.65 30.84
CA TYR B 86 -21.77 32.69 29.78
C TYR B 86 -22.09 31.55 28.85
N PRO B 87 -22.68 31.84 27.67
CA PRO B 87 -22.97 30.75 26.72
C PRO B 87 -21.64 30.48 26.03
N LEU B 88 -21.66 29.60 25.04
CA LEU B 88 -20.43 29.27 24.32
C LEU B 88 -19.35 28.82 25.29
N LYS B 89 -19.67 27.85 26.13
CA LYS B 89 -18.80 27.45 27.23
C LYS B 89 -17.39 27.21 26.76
N ASP B 90 -17.19 26.34 25.77
CA ASP B 90 -16.00 26.44 24.95
C ASP B 90 -16.36 26.42 23.48
N GLY B 91 -16.32 27.56 22.83
CA GLY B 91 -16.51 27.63 21.40
C GLY B 91 -17.92 27.26 20.91
N VAL B 92 -18.74 26.67 21.79
CA VAL B 92 -19.88 25.90 21.44
C VAL B 92 -20.95 26.00 22.49
N ALA B 93 -22.21 26.07 22.10
CA ALA B 93 -23.33 25.97 23.03
C ALA B 93 -23.97 24.60 22.89
N ARG B 94 -24.11 23.90 24.00
CA ARG B 94 -24.77 22.59 23.95
C ARG B 94 -26.20 22.73 23.43
N ARG B 95 -26.59 21.82 22.53
CA ARG B 95 -27.89 21.90 21.91
C ARG B 95 -29.01 22.03 22.94
N ASP B 96 -28.99 21.15 23.93
CA ASP B 96 -30.07 21.03 24.90
C ASP B 96 -30.31 22.32 25.69
N ASP B 97 -29.41 23.30 25.62
CA ASP B 97 -29.51 24.48 26.46
C ASP B 97 -30.29 25.56 25.73
N GLU B 98 -31.51 25.82 26.20
CA GLU B 98 -32.32 26.89 25.64
C GLU B 98 -31.77 28.24 26.06
N GLU B 99 -31.26 28.33 27.29
CA GLU B 99 -30.66 29.58 27.76
C GLU B 99 -29.42 29.92 26.94
N ALA B 100 -28.82 28.93 26.30
CA ALA B 100 -27.58 29.17 25.58
C ALA B 100 -27.80 30.04 24.39
N TRP B 101 -28.75 29.72 23.51
CA TRP B 101 -28.99 30.57 22.37
C TRP B 101 -29.87 31.74 22.72
N ARG B 102 -30.73 31.62 23.73
CA ARG B 102 -31.60 32.73 24.09
C ARG B 102 -30.80 33.96 24.33
N VAL B 103 -29.60 33.82 24.87
CA VAL B 103 -28.68 34.94 25.00
C VAL B 103 -28.06 35.28 23.64
N LEU B 104 -27.54 34.29 22.94
CA LEU B 104 -26.95 34.54 21.64
C LEU B 104 -27.93 35.26 20.72
N LYS B 105 -29.21 34.90 20.77
CA LYS B 105 -30.18 35.63 19.99
C LYS B 105 -30.13 37.11 20.33
N GLU B 106 -30.32 37.44 21.59
CA GLU B 106 -30.36 38.85 21.96
C GLU B 106 -28.98 39.43 22.08
N LEU B 107 -27.96 38.59 22.11
CA LEU B 107 -26.62 39.10 21.95
C LEU B 107 -26.36 39.51 20.52
N ALA B 108 -26.71 38.65 19.57
CA ALA B 108 -26.64 39.04 18.18
C ALA B 108 -27.62 40.17 17.89
N ARG B 109 -28.81 40.16 18.52
CA ARG B 109 -29.75 41.25 18.35
C ARG B 109 -29.14 42.54 18.86
N TYR B 110 -28.49 42.51 20.01
CA TYR B 110 -27.81 43.69 20.52
C TYR B 110 -26.77 44.17 19.53
N THR B 111 -26.12 43.23 18.85
CA THR B 111 -25.01 43.61 17.96
C THR B 111 -25.53 44.51 16.83
N LEU B 112 -26.53 44.04 16.07
CA LEU B 112 -27.03 44.80 14.94
C LEU B 112 -27.72 46.10 15.38
N ALA B 113 -28.53 46.03 16.43
CA ALA B 113 -29.21 47.22 16.92
C ALA B 113 -28.24 48.35 17.27
N GLN B 114 -27.03 48.02 17.68
CA GLN B 114 -26.01 49.01 17.96
C GLN B 114 -25.70 49.89 16.74
N PHE B 115 -25.93 49.40 15.53
CA PHE B 115 -25.54 50.10 14.30
C PHE B 115 -26.76 50.31 13.41
N PRO B 116 -27.46 51.43 13.60
CA PRO B 116 -28.58 51.74 12.69
C PRO B 116 -28.00 52.33 11.40
N VAL B 117 -28.81 52.26 10.33
CA VAL B 117 -28.38 52.80 9.05
C VAL B 117 -29.45 53.76 8.56
N SER B 118 -29.04 55.02 8.35
CA SER B 118 -29.93 56.07 7.88
C SER B 118 -30.21 56.00 6.37
N ASP B 119 -29.21 55.62 5.59
CA ASP B 119 -29.27 55.65 4.14
C ASP B 119 -30.45 54.82 3.61
N PRO B 120 -31.34 55.43 2.82
CA PRO B 120 -32.39 54.64 2.17
C PRO B 120 -31.88 53.68 1.09
N GLU B 121 -30.62 53.83 0.66
CA GLU B 121 -30.03 52.87 -0.27
C GLU B 121 -29.72 51.56 0.42
N PHE B 122 -29.91 51.49 1.73
CA PHE B 122 -29.55 50.31 2.52
C PHE B 122 -30.58 49.21 2.33
N ALA B 123 -30.13 48.09 1.76
CA ALA B 123 -31.00 46.97 1.42
C ALA B 123 -30.99 45.90 2.49
N GLY B 124 -30.30 46.16 3.60
CA GLY B 124 -30.02 45.14 4.60
C GLY B 124 -28.56 44.81 4.65
N TRP B 125 -28.14 44.30 5.81
CA TRP B 125 -26.75 44.05 6.07
C TRP B 125 -26.25 42.86 5.29
N LEU B 126 -24.94 42.66 5.35
CA LEU B 126 -24.28 41.42 4.97
C LEU B 126 -23.55 40.95 6.22
N VAL B 127 -24.04 39.87 6.83
CA VAL B 127 -23.60 39.46 8.16
C VAL B 127 -22.62 38.30 7.98
N ALA B 128 -21.33 38.55 8.21
CA ALA B 128 -20.34 37.52 8.22
C ALA B 128 -20.09 37.10 9.65
N VAL B 129 -20.47 35.88 9.98
CA VAL B 129 -20.28 35.33 11.32
C VAL B 129 -19.02 34.48 11.31
N ALA B 130 -18.20 34.64 12.34
CA ALA B 130 -17.04 33.77 12.55
C ALA B 130 -17.30 32.95 13.78
N LEU B 131 -17.55 31.67 13.60
CA LEU B 131 -17.66 30.76 14.72
C LEU B 131 -16.38 30.08 14.98
N SER B 132 -16.33 29.32 16.07
CA SER B 132 -15.14 28.52 16.35
C SER B 132 -15.10 27.29 15.46
N ALA B 133 -13.92 26.78 15.16
CA ALA B 133 -13.78 25.62 14.32
C ALA B 133 -14.53 24.43 14.91
N LEU B 134 -14.66 24.41 16.24
CA LEU B 134 -15.31 23.29 16.91
C LEU B 134 -16.82 23.35 16.71
N ALA B 135 -17.35 24.45 16.15
CA ALA B 135 -18.79 24.62 16.04
C ALA B 135 -19.37 23.49 15.20
N PRO B 136 -20.23 22.65 15.83
CA PRO B 136 -20.81 21.54 15.11
C PRO B 136 -21.81 21.98 14.08
N ASP B 137 -22.51 21.00 13.49
CA ASP B 137 -23.50 21.31 12.46
C ASP B 137 -24.65 22.11 13.06
N TYR B 138 -25.17 21.68 14.21
CA TYR B 138 -26.34 22.35 14.78
C TYR B 138 -26.05 23.80 15.11
N MET B 139 -24.83 24.07 15.58
CA MET B 139 -24.49 25.42 15.95
C MET B 139 -24.50 26.35 14.74
N TYR B 140 -24.18 25.83 13.57
CA TYR B 140 -24.46 26.57 12.34
C TYR B 140 -25.97 26.75 12.13
N LYS B 141 -26.71 25.67 12.11
CA LYS B 141 -28.14 25.74 11.86
C LYS B 141 -28.80 26.63 12.90
N ALA B 142 -28.35 26.58 14.14
CA ALA B 142 -28.99 27.37 15.19
C ALA B 142 -28.80 28.84 14.92
N ILE B 143 -27.59 29.24 14.52
CA ILE B 143 -27.33 30.65 14.41
C ILE B 143 -27.96 31.25 13.12
N PHE B 144 -28.03 30.46 12.06
CA PHE B 144 -28.82 30.93 10.92
C PHE B 144 -30.29 31.13 11.33
N ASP B 145 -30.80 30.25 12.18
CA ASP B 145 -32.14 30.45 12.71
C ASP B 145 -32.21 31.77 13.47
N ILE B 146 -31.15 32.11 14.20
CA ILE B 146 -31.09 33.38 14.91
C ILE B 146 -31.26 34.54 13.92
N TYR B 147 -30.40 34.59 12.91
CA TYR B 147 -30.45 35.69 11.98
C TYR B 147 -31.69 35.66 11.08
N ASP B 148 -32.32 34.51 10.92
CA ASP B 148 -33.61 34.48 10.23
C ASP B 148 -34.67 35.21 11.04
N GLU B 149 -34.56 35.19 12.36
CA GLU B 149 -35.53 35.88 13.19
C GLU B 149 -35.25 37.36 13.23
N LEU B 150 -33.98 37.74 13.25
CA LEU B 150 -33.65 39.16 13.21
C LEU B 150 -33.97 39.78 11.85
N ALA B 151 -34.14 38.98 10.81
CA ALA B 151 -34.56 39.49 9.53
C ALA B 151 -35.90 40.21 9.61
N SER B 152 -36.81 39.72 10.45
CA SER B 152 -38.10 40.39 10.62
C SER B 152 -37.93 41.74 11.34
N GLU B 153 -36.99 41.83 12.27
CA GLU B 153 -36.76 43.09 12.98
C GLU B 153 -35.88 44.04 12.17
N PHE B 154 -34.65 43.63 11.92
CA PHE B 154 -33.66 44.46 11.24
C PHE B 154 -33.64 44.11 9.77
N LYS B 155 -32.85 44.87 9.02
CA LYS B 155 -32.65 44.58 7.60
C LYS B 155 -31.34 43.80 7.45
N ILE B 156 -31.47 42.54 7.06
CA ILE B 156 -30.34 41.67 6.81
C ILE B 156 -30.52 41.11 5.40
N TYR B 157 -29.63 41.45 4.49
CA TYR B 157 -29.78 40.96 3.14
C TYR B 157 -29.28 39.52 3.06
N ALA B 158 -28.14 39.24 3.67
CA ALA B 158 -27.51 37.95 3.56
C ALA B 158 -26.67 37.65 4.78
N VAL B 159 -26.56 36.35 5.08
CA VAL B 159 -25.82 35.86 6.26
C VAL B 159 -24.89 34.77 5.81
N THR B 160 -23.65 34.82 6.30
CA THR B 160 -22.68 33.75 6.06
C THR B 160 -22.00 33.39 7.32
N ILE B 161 -21.33 32.25 7.29
CA ILE B 161 -20.55 31.79 8.45
C ILE B 161 -19.23 31.21 7.99
N LEU B 162 -18.19 31.59 8.68
CA LEU B 162 -16.85 31.10 8.37
C LEU B 162 -16.26 30.52 9.64
N PRO B 163 -15.49 29.46 9.52
CA PRO B 163 -14.73 28.99 10.68
C PRO B 163 -13.67 29.98 11.08
N GLN B 164 -13.55 30.21 12.39
CA GLN B 164 -12.68 31.25 12.95
C GLN B 164 -11.25 31.24 12.38
N PRO B 165 -10.58 30.07 12.29
CA PRO B 165 -9.21 30.14 11.73
C PRO B 165 -9.17 30.60 10.30
N LEU B 166 -10.24 30.36 9.54
CA LEU B 166 -10.30 30.84 8.16
C LEU B 166 -10.21 32.38 8.15
N ALA B 167 -10.82 33.02 9.14
CA ALA B 167 -10.79 34.46 9.19
C ALA B 167 -9.37 34.95 9.38
N VAL B 168 -8.64 34.39 10.36
CA VAL B 168 -7.36 34.92 10.72
C VAL B 168 -6.41 34.86 9.51
N ALA B 169 -6.37 33.72 8.84
CA ALA B 169 -5.52 33.58 7.68
C ALA B 169 -5.88 34.64 6.61
N ILE B 170 -7.18 34.93 6.48
CA ILE B 170 -7.61 35.99 5.59
C ILE B 170 -7.22 37.35 6.15
N ALA B 171 -7.39 37.51 7.46
CA ALA B 171 -7.01 38.77 8.12
C ALA B 171 -5.54 39.07 7.94
N GLU B 172 -4.70 38.07 8.21
CA GLU B 172 -3.27 38.26 8.01
C GLU B 172 -2.91 38.28 6.54
N ASN B 173 -3.70 37.61 5.70
CA ASN B 173 -3.38 37.43 4.28
C ASN B 173 -1.97 36.85 4.15
N ALA B 174 -1.63 35.98 5.13
CA ALA B 174 -0.31 35.36 5.20
C ALA B 174 -0.27 34.21 4.22
N VAL B 175 0.80 34.08 3.46
CA VAL B 175 0.87 33.02 2.46
C VAL B 175 1.30 31.69 3.08
N ASN B 176 2.37 31.66 3.83
CA ASN B 176 2.88 30.37 4.37
C ASN B 176 3.17 30.53 5.84
N CYS B 177 2.40 29.82 6.67
CA CYS B 177 2.54 29.85 8.12
C CYS B 177 1.54 28.92 8.77
N VAL B 178 1.65 28.76 10.09
CA VAL B 178 0.64 28.09 10.88
C VAL B 178 0.00 29.11 11.80
N ILE B 179 -1.26 29.42 11.54
CA ILE B 179 -2.02 30.30 12.41
C ILE B 179 -2.23 29.58 13.73
N VAL B 180 -2.17 30.31 14.82
CA VAL B 180 -2.53 29.81 16.14
C VAL B 180 -3.40 30.82 16.80
N GLU B 181 -4.67 30.46 17.07
CA GLU B 181 -5.59 31.39 17.74
C GLU B 181 -5.57 31.09 19.25
N GLY B 182 -5.47 32.16 20.02
CA GLY B 182 -5.50 32.10 21.47
C GLY B 182 -6.87 32.22 22.02
N GLY B 183 -7.85 31.82 21.24
CA GLY B 183 -9.24 32.04 21.58
C GLY B 183 -9.49 31.68 23.03
N HIS B 184 -10.28 32.51 23.69
CA HIS B 184 -10.49 32.38 25.12
C HIS B 184 -10.84 30.97 25.48
N GLY B 185 -11.85 30.40 24.77
CA GLY B 185 -12.24 29.04 25.03
C GLY B 185 -11.28 28.02 24.48
N ASN B 186 -10.92 28.19 23.19
CA ASN B 186 -10.20 27.12 22.48
C ASN B 186 -9.04 27.66 21.71
N ILE B 187 -8.00 26.87 21.56
CA ILE B 187 -6.83 27.20 20.79
C ILE B 187 -6.95 26.49 19.47
N GLN B 188 -6.99 27.25 18.39
CA GLN B 188 -7.21 26.66 17.05
C GLN B 188 -5.97 26.93 16.25
N VAL B 189 -5.18 25.91 16.00
CA VAL B 189 -4.01 26.03 15.17
C VAL B 189 -4.29 25.43 13.78
N ALA B 190 -4.10 26.24 12.74
CA ALA B 190 -4.23 25.73 11.40
C ALA B 190 -2.99 26.09 10.59
N PRO B 191 -2.47 25.15 9.80
CA PRO B 191 -1.49 25.54 8.80
C PRO B 191 -2.16 26.08 7.57
N ILE B 192 -1.46 26.97 6.88
CA ILE B 192 -1.97 27.59 5.65
C ILE B 192 -0.85 27.61 4.61
N SER B 193 -1.11 27.08 3.44
CA SER B 193 -0.09 26.93 2.40
C SER B 193 -0.28 27.99 1.32
N PHE B 194 -1.31 27.87 0.51
CA PHE B 194 -1.87 29.03 -0.16
C PHE B 194 -3.14 29.50 0.53
N ALA B 195 -3.64 28.70 1.49
CA ALA B 195 -4.87 28.99 2.23
C ALA B 195 -5.00 27.98 3.31
N LEU B 196 -6.10 27.98 4.06
CA LEU B 196 -6.27 26.98 5.12
C LEU B 196 -6.13 25.60 4.55
N ILE B 197 -5.57 24.72 5.39
CA ILE B 197 -5.61 23.31 5.19
C ILE B 197 -6.66 22.78 6.16
N ARG B 198 -7.82 22.45 5.65
CA ARG B 198 -8.89 21.98 6.48
C ARG B 198 -8.55 20.69 7.13
N GLU B 199 -7.69 19.86 6.53
CA GLU B 199 -7.32 18.59 7.13
C GLU B 199 -6.31 18.80 8.24
N GLY B 200 -5.45 19.78 8.06
CA GLY B 200 -4.42 20.12 9.05
C GLY B 200 -4.90 20.98 10.17
N LEU B 201 -6.08 21.55 10.04
CA LEU B 201 -6.66 22.40 11.10
C LEU B 201 -6.83 21.55 12.37
N VAL B 202 -6.25 22.03 13.45
CA VAL B 202 -6.28 21.38 14.73
C VAL B 202 -6.66 22.39 15.77
N ALA B 203 -7.72 22.03 16.51
CA ALA B 203 -8.25 22.94 17.48
C ALA B 203 -8.32 22.27 18.82
N LEU B 204 -7.57 22.79 19.75
CA LEU B 204 -7.55 22.24 21.09
C LEU B 204 -8.83 22.69 21.84
N ASN B 205 -9.13 21.94 22.88
CA ASN B 205 -10.34 22.24 23.68
C ASN B 205 -9.94 23.14 24.84
N ARG B 206 -8.72 23.63 24.84
CA ARG B 206 -8.16 24.45 25.90
C ARG B 206 -7.97 25.88 25.40
N GLY B 207 -8.03 26.83 26.31
CA GLY B 207 -7.87 28.21 25.95
C GLY B 207 -7.63 29.12 27.14
N GLY B 208 -7.81 30.40 26.94
CA GLY B 208 -7.70 31.36 28.03
C GLY B 208 -8.64 31.03 29.19
N ALA B 209 -9.78 30.47 28.89
CA ALA B 209 -10.73 30.11 29.95
C ALA B 209 -10.17 29.06 30.87
N GLU B 210 -9.14 28.37 30.44
CA GLU B 210 -8.48 27.44 31.35
C GLU B 210 -7.45 28.16 32.19
N ALA B 211 -7.09 29.37 31.82
CA ALA B 211 -6.25 30.18 32.67
C ALA B 211 -7.08 30.89 33.71
N ASN B 212 -8.34 31.19 33.42
CA ASN B 212 -9.24 31.63 34.47
C ASN B 212 -9.37 30.54 35.50
N ALA B 213 -9.76 29.34 35.09
CA ALA B 213 -10.07 28.32 36.02
C ALA B 213 -8.85 27.96 36.88
N ILE B 214 -7.65 28.18 36.40
CA ILE B 214 -6.49 27.96 37.23
C ILE B 214 -6.23 29.18 38.13
N THR B 215 -6.69 30.35 37.73
CA THR B 215 -6.74 31.48 38.66
C THR B 215 -7.91 31.34 39.62
N ARG B 216 -9.06 30.99 39.10
CA ARG B 216 -10.25 30.83 39.93
C ARG B 216 -9.98 29.84 41.04
N GLU B 217 -9.00 28.94 40.86
CA GLU B 217 -8.57 28.07 41.93
C GLU B 217 -7.67 28.82 42.89
N ILE B 218 -6.76 29.61 42.39
CA ILE B 218 -5.85 30.35 43.27
C ILE B 218 -6.64 31.26 44.18
N LEU B 219 -7.60 32.00 43.64
CA LEU B 219 -8.37 32.94 44.44
C LEU B 219 -9.21 32.21 45.47
N LYS B 220 -9.44 30.91 45.29
CA LYS B 220 -10.08 30.12 46.35
C LYS B 220 -9.09 29.73 47.39
N ASP B 221 -7.84 29.53 47.00
CA ASP B 221 -6.83 29.08 47.96
C ASP B 221 -6.32 30.23 48.79
N ILE B 222 -6.54 31.46 48.34
CA ILE B 222 -6.07 32.61 49.10
C ILE B 222 -7.20 33.07 50.05
N GLY B 223 -8.41 32.56 49.89
CA GLY B 223 -9.49 32.91 50.78
C GLY B 223 -10.38 34.01 50.25
N TYR B 224 -10.25 34.28 48.95
CA TYR B 224 -11.03 35.31 48.28
C TYR B 224 -12.29 34.72 47.67
N SER B 225 -12.64 33.49 48.04
CA SER B 225 -13.62 32.69 47.31
C SER B 225 -14.85 33.48 46.90
N ASP B 226 -15.26 34.47 47.67
CA ASP B 226 -16.32 35.38 47.20
C ASP B 226 -15.96 36.00 45.87
N ILE B 227 -14.68 36.21 45.62
CA ILE B 227 -14.22 36.84 44.37
C ILE B 227 -14.20 35.84 43.25
N ALA B 228 -13.93 34.58 43.55
CA ALA B 228 -13.82 33.58 42.51
C ALA B 228 -15.15 33.44 41.75
N ARG B 229 -16.27 33.40 42.46
CA ARG B 229 -17.55 33.18 41.84
C ARG B 229 -17.87 34.15 40.73
N GLU B 230 -17.31 35.35 40.77
CA GLU B 230 -17.60 36.39 39.79
C GLU B 230 -16.59 36.29 38.66
N GLU B 231 -17.03 35.89 37.48
CA GLU B 231 -16.10 35.58 36.40
C GLU B 231 -15.34 36.83 35.97
N TYR B 232 -15.99 38.00 36.01
CA TYR B 232 -15.29 39.24 35.68
C TYR B 232 -14.13 39.46 36.65
N ALA B 233 -14.27 39.01 37.89
CA ALA B 233 -13.24 39.26 38.86
C ALA B 233 -11.96 38.49 38.52
N VAL B 234 -12.08 37.19 38.28
CA VAL B 234 -10.90 36.41 37.95
C VAL B 234 -10.32 36.88 36.64
N GLU B 235 -11.16 37.33 35.71
CA GLU B 235 -10.69 37.94 34.49
C GLU B 235 -9.67 39.03 34.80
N VAL B 236 -10.07 40.08 35.50
CA VAL B 236 -9.19 41.18 35.83
C VAL B 236 -7.97 40.69 36.62
N VAL B 237 -8.18 39.71 37.48
CA VAL B 237 -7.06 39.17 38.24
C VAL B 237 -6.11 38.43 37.31
N LYS B 238 -6.64 37.50 36.54
CA LYS B 238 -5.81 36.75 35.59
C LYS B 238 -5.01 37.65 34.72
N ARG B 239 -5.69 38.57 34.03
CA ARG B 239 -5.00 39.47 33.11
C ARG B 239 -3.90 40.25 33.82
N ALA B 240 -4.17 40.72 35.03
CA ALA B 240 -3.17 41.48 35.77
C ALA B 240 -2.08 40.62 36.42
N VAL B 241 -2.46 39.61 37.18
CA VAL B 241 -1.48 38.82 37.95
C VAL B 241 -0.96 37.63 37.21
N GLY B 242 -1.57 37.28 36.07
CA GLY B 242 -1.16 36.11 35.35
C GLY B 242 0.21 36.33 34.71
N LEU B 243 0.96 35.25 34.53
CA LEU B 243 2.32 35.43 34.06
C LEU B 243 2.74 34.13 33.35
N VAL B 244 3.66 34.23 32.41
CA VAL B 244 4.04 33.10 31.56
C VAL B 244 5.48 32.76 31.78
N PRO B 245 5.79 31.54 32.24
CA PRO B 245 7.17 31.21 32.58
C PRO B 245 8.03 30.97 31.33
N ARG B 246 9.33 31.23 31.49
CA ARG B 246 10.28 30.78 30.51
C ARG B 246 10.32 29.25 30.50
N ARG B 247 10.61 28.65 31.64
CA ARG B 247 10.45 27.21 31.84
C ARG B 247 9.81 27.04 33.21
N LEU B 248 8.66 26.37 33.23
CA LEU B 248 7.81 26.37 34.43
C LEU B 248 8.57 25.92 35.67
N LYS B 249 9.28 24.80 35.56
CA LYS B 249 9.99 24.27 36.73
C LYS B 249 11.06 25.24 37.19
N GLU B 250 11.83 25.80 36.25
CA GLU B 250 12.87 26.78 36.61
C GLU B 250 12.25 28.03 37.21
N ALA B 251 11.06 28.39 36.73
CA ALA B 251 10.41 29.61 37.20
C ALA B 251 9.88 29.45 38.63
N ILE B 252 9.13 28.38 38.88
CA ILE B 252 8.59 28.13 40.19
C ILE B 252 9.73 28.09 41.22
N ARG B 253 10.85 27.44 40.87
CA ARG B 253 12.01 27.46 41.74
C ARG B 253 12.45 28.89 42.04
N ALA B 254 12.45 29.75 41.00
CA ALA B 254 12.86 31.13 41.20
C ALA B 254 11.89 31.85 42.13
N ALA B 255 10.59 31.74 41.86
CA ALA B 255 9.58 32.46 42.62
C ALA B 255 9.47 31.98 44.06
N LYS B 256 9.88 30.74 44.34
CA LYS B 256 9.93 30.31 45.74
C LYS B 256 11.22 30.75 46.42
N SER B 257 12.25 31.11 45.66
CA SER B 257 13.48 31.64 46.26
C SER B 257 13.34 33.13 46.61
N ASP B 258 12.78 33.92 45.70
CA ASP B 258 12.70 35.37 45.89
C ASP B 258 11.25 35.83 45.60
N PRO B 259 10.30 35.50 46.48
CA PRO B 259 8.92 35.82 46.17
C PRO B 259 8.64 37.31 46.07
N ASP B 260 9.45 38.14 46.72
CA ASP B 260 9.18 39.57 46.75
C ASP B 260 9.17 40.18 45.35
N ARG B 261 9.86 39.54 44.41
CA ARG B 261 9.72 39.94 43.00
C ARG B 261 8.26 39.81 42.54
N PHE B 262 7.61 38.70 42.88
CA PHE B 262 6.35 38.33 42.27
C PHE B 262 5.13 38.67 43.09
N VAL B 263 5.29 39.22 44.29
CA VAL B 263 4.09 39.53 45.10
C VAL B 263 3.42 40.75 44.45
N THR B 264 2.14 40.61 44.16
CA THR B 264 1.41 41.64 43.47
C THR B 264 0.09 41.93 44.18
N LYS B 265 -0.39 43.15 43.97
CA LYS B 265 -1.58 43.65 44.59
C LYS B 265 -2.46 44.26 43.51
N VAL B 266 -3.63 43.64 43.32
CA VAL B 266 -4.53 44.11 42.28
C VAL B 266 -5.81 44.71 42.90
N ARG B 267 -6.15 45.91 42.48
CA ARG B 267 -7.33 46.58 42.99
C ARG B 267 -8.48 46.28 42.03
N LEU B 268 -9.40 45.44 42.46
CA LEU B 268 -10.59 45.14 41.67
C LEU B 268 -11.65 46.21 41.87
N SER B 269 -11.94 46.52 43.13
CA SER B 269 -12.91 47.53 43.51
C SER B 269 -12.38 48.12 44.79
N PRO B 270 -12.81 49.33 45.16
CA PRO B 270 -12.22 49.96 46.36
C PRO B 270 -12.33 49.08 47.60
N VAL B 271 -13.39 48.28 47.73
CA VAL B 271 -13.52 47.39 48.87
C VAL B 271 -12.53 46.22 48.79
N VAL B 272 -12.55 45.51 47.67
CA VAL B 272 -11.83 44.24 47.51
C VAL B 272 -10.56 44.50 46.71
N GLU B 273 -9.41 44.29 47.36
CA GLU B 273 -8.13 44.41 46.68
C GLU B 273 -7.38 43.10 46.92
N VAL B 274 -7.15 42.36 45.86
CA VAL B 274 -6.56 41.03 45.94
C VAL B 274 -5.04 41.16 46.12
N GLU B 275 -4.54 40.61 47.21
CA GLU B 275 -3.11 40.50 47.49
C GLU B 275 -2.70 39.04 47.28
N ILE B 276 -1.98 38.79 46.21
CA ILE B 276 -1.37 37.45 46.03
C ILE B 276 -0.28 37.35 47.11
N PRO B 277 -0.43 36.45 48.06
CA PRO B 277 0.48 36.43 49.19
C PRO B 277 1.89 36.10 48.77
N ARG B 278 2.79 36.11 49.75
CA ARG B 278 4.19 35.85 49.44
C ARG B 278 4.39 34.41 48.96
N GLU B 279 3.75 33.47 49.66
CA GLU B 279 3.89 32.07 49.32
C GLU B 279 3.43 31.75 47.88
N TYR B 280 2.17 31.98 47.57
CA TYR B 280 1.62 31.54 46.30
C TYR B 280 2.19 32.31 45.10
N ALA B 281 3.09 33.26 45.34
CA ALA B 281 3.61 34.07 44.27
C ALA B 281 4.08 33.26 43.10
N TRP B 282 4.52 32.04 43.35
CA TRP B 282 4.92 31.17 42.24
C TRP B 282 3.73 30.67 41.45
N THR B 283 2.54 30.65 42.04
CA THR B 283 1.38 30.21 41.32
C THR B 283 0.98 31.19 40.25
N ARG B 284 1.58 32.36 40.20
CA ARG B 284 1.29 33.26 39.10
C ARG B 284 1.67 32.62 37.77
N PHE B 285 2.71 31.79 37.75
CA PHE B 285 3.15 31.15 36.54
C PHE B 285 2.13 30.16 36.02
N LEU B 286 1.54 29.37 36.88
CA LEU B 286 0.55 28.39 36.43
C LEU B 286 -0.62 29.08 35.73
N ILE B 287 -0.87 30.36 36.05
CA ILE B 287 -1.97 31.08 35.47
C ILE B 287 -1.77 31.18 33.99
N GLY B 288 -0.67 31.74 33.58
CA GLY B 288 -0.45 31.99 32.16
C GLY B 288 0.09 30.80 31.43
N GLU B 289 0.69 29.87 32.14
CA GLU B 289 1.32 28.76 31.46
C GLU B 289 0.32 27.72 31.02
N ILE B 290 -0.73 27.50 31.81
CA ILE B 290 -1.63 26.39 31.55
C ILE B 290 -2.28 26.54 30.18
N VAL B 291 -2.24 27.72 29.56
CA VAL B 291 -2.70 27.87 28.20
C VAL B 291 -1.81 27.10 27.26
N PHE B 292 -0.51 27.13 27.49
CA PHE B 292 0.43 26.54 26.55
C PHE B 292 0.58 25.03 26.78
N ASP B 293 1.22 24.63 27.86
CA ASP B 293 1.61 23.22 28.08
C ASP B 293 1.03 22.74 29.39
N PRO B 294 -0.23 22.39 29.42
CA PRO B 294 -0.80 21.96 30.70
C PRO B 294 -0.49 20.51 30.99
N ASN B 295 0.74 20.09 30.76
CA ASN B 295 1.19 18.82 31.28
C ASN B 295 2.48 19.06 32.08
N HIS B 296 2.35 19.05 33.40
CA HIS B 296 3.47 19.14 34.30
C HIS B 296 3.02 18.50 35.61
N GLU B 297 3.98 17.88 36.30
CA GLU B 297 3.68 17.32 37.59
C GLU B 297 3.34 18.43 38.57
N GLU B 298 3.75 19.67 38.27
CA GLU B 298 3.47 20.80 39.12
C GLU B 298 2.10 21.38 38.90
N ILE B 299 1.67 21.51 37.67
CA ILE B 299 0.28 21.97 37.43
C ILE B 299 -0.68 20.84 37.68
N LYS B 300 -0.42 19.69 37.06
CA LYS B 300 -1.39 18.61 37.08
C LYS B 300 -1.61 18.10 38.50
N SER B 301 -0.71 18.40 39.42
CA SER B 301 -1.02 18.22 40.84
C SER B 301 -1.88 19.36 41.35
N TYR B 302 -1.50 20.58 41.04
CA TYR B 302 -2.24 21.71 41.59
C TYR B 302 -3.67 21.75 41.05
N ILE B 303 -3.88 21.34 39.83
CA ILE B 303 -5.23 21.32 39.30
C ILE B 303 -6.02 20.18 39.92
N GLU B 304 -5.35 19.05 40.21
CA GLU B 304 -6.05 17.91 40.79
C GLU B 304 -6.55 18.23 42.18
N GLN B 305 -5.66 18.67 43.08
CA GLN B 305 -6.09 19.02 44.43
C GLN B 305 -7.06 20.22 44.44
N SER B 306 -7.14 20.98 43.34
CA SER B 306 -8.10 22.05 43.24
C SER B 306 -9.39 21.60 42.64
N ARG B 307 -9.42 20.40 42.09
CA ARG B 307 -10.68 19.81 41.61
C ARG B 307 -11.47 19.21 42.78
N LEU B 308 -10.84 18.94 43.89
CA LEU B 308 -11.54 18.36 45.01
C LEU B 308 -12.62 19.25 45.50
N ARG B 309 -12.30 20.48 45.90
CA ARG B 309 -13.33 21.35 46.51
C ARG B 309 -14.38 21.66 45.49
N ILE B 310 -15.64 21.31 45.81
CA ILE B 310 -16.74 21.65 44.91
C ILE B 310 -17.71 22.55 45.63
N GLU B 311 -17.79 23.81 45.21
CA GLU B 311 -18.46 24.83 46.02
C GLU B 311 -19.94 24.83 45.77
N ASN B 312 -20.37 25.37 44.63
CA ASN B 312 -21.79 25.50 44.35
C ASN B 312 -22.32 24.17 43.79
N ALA B 313 -22.04 23.93 42.52
CA ALA B 313 -22.43 22.74 41.83
C ALA B 313 -21.24 22.24 41.05
N VAL B 314 -20.78 23.05 40.10
CA VAL B 314 -19.75 22.65 39.18
C VAL B 314 -18.53 22.15 39.95
N ILE B 315 -17.85 21.16 39.35
CA ILE B 315 -16.64 20.63 39.92
C ILE B 315 -15.47 21.56 39.45
N GLY B 316 -15.82 22.59 38.70
CA GLY B 316 -14.76 23.37 38.07
C GLY B 316 -14.69 23.10 36.58
N ASP B 317 -14.45 24.13 35.76
CA ASP B 317 -14.39 23.96 34.31
C ASP B 317 -12.94 23.86 33.85
N VAL B 318 -12.50 22.64 33.60
CA VAL B 318 -11.10 22.35 33.32
C VAL B 318 -11.03 20.80 33.25
N THR B 319 -9.99 20.31 32.59
CA THR B 319 -9.88 18.91 32.31
C THR B 319 -8.66 18.36 33.03
N LEU B 320 -8.89 17.35 33.86
CA LEU B 320 -7.82 16.69 34.62
C LEU B 320 -7.03 15.72 33.78
N TYR B 321 -7.63 15.27 32.67
CA TYR B 321 -7.03 14.21 31.86
C TYR B 321 -5.84 14.67 31.09
N GLY B 322 -5.62 15.99 31.02
CA GLY B 322 -4.39 16.46 30.33
C GLY B 322 -4.66 16.68 28.86
N GLU B 323 -4.07 17.72 28.28
CA GLU B 323 -4.23 18.03 26.89
C GLU B 323 -2.90 18.08 26.18
N MET B 324 -2.97 18.43 24.90
CA MET B 324 -1.80 18.58 24.08
C MET B 324 -1.18 19.95 24.24
N ASP B 325 0.15 19.99 24.29
CA ASP B 325 0.85 21.26 24.33
C ASP B 325 0.75 21.96 22.97
N VAL B 326 0.65 23.28 22.98
CA VAL B 326 0.57 24.03 21.72
C VAL B 326 1.83 23.83 20.88
N ALA B 327 2.92 23.51 21.53
CA ALA B 327 4.07 23.04 20.78
C ALA B 327 3.70 21.76 20.03
N SER B 328 3.18 20.76 20.72
CA SER B 328 2.78 19.53 20.08
C SER B 328 1.60 19.72 19.19
N ALA B 329 0.82 20.77 19.43
CA ALA B 329 -0.34 21.06 18.56
C ALA B 329 0.11 21.50 17.21
N ILE B 330 1.03 22.46 17.16
CA ILE B 330 1.56 22.95 15.88
C ILE B 330 2.18 21.78 15.10
N ILE B 331 2.96 20.96 15.78
CA ILE B 331 3.58 19.84 15.12
C ILE B 331 2.52 18.93 14.54
N THR B 332 1.51 18.58 15.33
CA THR B 332 0.45 17.70 14.84
C THR B 332 -0.31 18.32 13.70
N SER B 333 -0.40 19.65 13.68
CA SER B 333 -1.09 20.31 12.57
C SER B 333 -0.23 20.29 11.32
N LEU B 334 1.07 20.20 11.49
CA LEU B 334 1.96 20.16 10.32
C LEU B 334 2.04 18.75 9.72
N ARG B 335 1.95 17.72 10.54
CA ARG B 335 2.04 16.38 9.97
C ARG B 335 0.89 16.09 9.03
N ASN B 336 -0.15 16.95 9.05
CA ASN B 336 -1.26 16.78 8.11
C ASN B 336 -1.04 17.49 6.81
N VAL B 337 -0.08 18.40 6.67
CA VAL B 337 0.20 19.00 5.35
C VAL B 337 1.23 18.15 4.66
N SER B 338 1.51 18.47 3.39
CA SER B 338 2.35 17.57 2.59
C SER B 338 3.84 17.80 2.85
N VAL B 339 4.61 16.73 2.96
CA VAL B 339 6.01 16.79 3.20
C VAL B 339 6.72 17.69 2.17
N GLU B 340 6.18 17.76 0.95
CA GLU B 340 6.69 18.69 -0.02
C GLU B 340 6.75 20.14 0.59
N ILE B 341 5.61 20.58 1.11
CA ILE B 341 5.46 21.97 1.46
C ILE B 341 5.83 22.27 2.95
N GLN B 342 6.03 21.25 3.76
CA GLN B 342 6.18 21.48 5.19
C GLN B 342 7.34 22.43 5.51
N GLU B 343 8.40 22.37 4.74
CA GLU B 343 9.50 23.29 4.97
C GLU B 343 9.00 24.73 4.86
N ARG B 344 8.14 25.02 3.89
CA ARG B 344 7.67 26.38 3.71
C ARG B 344 6.62 26.76 4.75
N VAL B 345 5.64 25.89 4.98
CA VAL B 345 4.50 26.26 5.80
C VAL B 345 4.90 26.35 7.28
N ALA B 346 5.95 25.65 7.67
CA ALA B 346 6.40 25.70 9.05
C ALA B 346 7.31 26.90 9.34
N SER B 347 7.59 27.73 8.37
CA SER B 347 8.49 28.86 8.59
C SER B 347 7.90 29.82 9.62
N GLN B 348 6.79 30.49 9.29
CA GLN B 348 6.21 31.48 10.18
C GLN B 348 5.16 30.80 11.07
N ILE B 349 5.04 31.29 12.29
CA ILE B 349 3.95 30.92 13.15
C ILE B 349 3.30 32.20 13.65
N ILE B 350 2.05 32.41 13.24
CA ILE B 350 1.26 33.54 13.67
C ILE B 350 0.47 33.14 14.90
N LEU B 351 0.78 33.76 16.01
CA LEU B 351 -0.01 33.68 17.22
C LEU B 351 -1.07 34.76 17.13
N SER B 352 -2.28 34.43 17.57
CA SER B 352 -3.41 35.33 17.46
C SER B 352 -4.40 35.02 18.51
N GLY B 353 -5.34 35.91 18.69
CA GLY B 353 -6.41 35.65 19.66
C GLY B 353 -5.97 36.07 21.05
N GLY B 354 -6.88 35.97 21.97
CA GLY B 354 -6.65 36.51 23.29
C GLY B 354 -5.57 35.83 24.07
N ALA B 355 -5.70 34.53 24.29
CA ALA B 355 -4.80 33.82 25.24
C ALA B 355 -3.35 33.91 24.87
N PHE B 356 -3.02 34.35 23.67
CA PHE B 356 -1.65 34.78 23.46
C PHE B 356 -1.66 36.31 23.48
N SER B 357 -1.30 36.83 24.64
CA SER B 357 -1.33 38.24 24.92
C SER B 357 -0.13 38.58 25.76
N TRP B 358 0.16 37.75 26.79
CA TRP B 358 0.83 38.11 27.99
C TRP B 358 2.03 38.98 27.81
N ARG B 359 2.08 40.10 28.56
CA ARG B 359 3.26 40.94 28.54
C ARG B 359 4.06 40.74 29.81
N VAL B 360 5.34 40.46 29.68
CA VAL B 360 6.17 40.36 30.86
C VAL B 360 6.17 41.73 31.57
N PRO B 361 5.78 41.77 32.85
CA PRO B 361 5.91 43.00 33.61
C PRO B 361 7.39 43.41 33.65
N PRO B 362 7.67 44.71 33.58
CA PRO B 362 9.04 45.17 33.41
C PRO B 362 10.00 44.64 34.45
N GLY B 363 11.25 44.41 34.03
CA GLY B 363 12.31 43.95 34.91
C GLY B 363 12.25 42.46 35.24
N MET B 364 11.17 41.78 34.88
CA MET B 364 10.99 40.38 35.20
C MET B 364 11.35 39.45 34.04
N GLU B 365 11.89 40.01 32.96
CA GLU B 365 12.16 39.22 31.75
C GLU B 365 13.08 38.03 31.99
N ASP B 366 13.86 38.02 33.06
CA ASP B 366 14.80 36.93 33.30
C ASP B 366 14.08 35.62 33.60
N VAL B 367 12.80 35.69 33.91
CA VAL B 367 12.05 34.49 34.31
C VAL B 367 10.79 34.37 33.46
N ALA B 368 9.96 35.41 33.42
CA ALA B 368 8.74 35.35 32.63
C ALA B 368 9.07 35.39 31.15
N ALA B 369 8.06 35.27 30.31
CA ALA B 369 8.29 35.33 28.87
C ALA B 369 7.01 35.75 28.19
N ASP B 370 7.18 36.49 27.10
CA ASP B 370 6.05 36.86 26.26
C ASP B 370 5.53 35.60 25.59
N SER B 371 4.28 35.64 25.13
CA SER B 371 3.67 34.50 24.47
C SER B 371 4.54 34.09 23.27
N VAL B 372 5.06 35.08 22.53
CA VAL B 372 5.95 34.79 21.43
C VAL B 372 7.12 33.96 21.93
N THR B 373 7.93 34.51 22.83
CA THR B 373 9.10 33.81 23.31
C THR B 373 8.72 32.44 23.90
N ARG B 374 7.51 32.32 24.44
CA ARG B 374 7.08 31.05 25.00
C ARG B 374 6.93 29.98 23.92
N VAL B 375 6.21 30.28 22.87
CA VAL B 375 6.03 29.30 21.79
C VAL B 375 7.36 28.94 21.19
N LYS B 376 8.24 29.93 20.95
CA LYS B 376 9.53 29.65 20.34
C LYS B 376 10.32 28.70 21.21
N ILE B 377 10.27 28.88 22.53
CA ILE B 377 11.03 27.99 23.41
C ILE B 377 10.27 26.68 23.61
N ALA B 378 8.97 26.70 23.36
CA ALA B 378 8.19 25.47 23.42
C ALA B 378 8.61 24.52 22.31
N LEU B 379 8.84 25.05 21.11
CA LEU B 379 9.21 24.20 19.99
C LEU B 379 10.61 23.63 20.19
N GLU B 380 11.52 24.41 20.77
CA GLU B 380 12.87 23.92 21.02
C GLU B 380 12.86 22.64 21.87
N GLU B 381 11.91 22.53 22.78
CA GLU B 381 11.86 21.36 23.64
C GLU B 381 11.38 20.12 22.86
N LYS B 382 10.38 20.28 22.01
CA LYS B 382 9.80 19.14 21.32
C LYS B 382 10.54 18.83 20.01
N SER B 383 10.49 19.75 19.06
CA SER B 383 11.01 19.54 17.71
C SER B 383 12.18 20.50 17.46
N PRO B 384 13.39 20.16 17.92
CA PRO B 384 14.51 21.08 17.85
C PRO B 384 14.79 21.57 16.43
N ALA B 385 14.80 20.63 15.49
CA ALA B 385 15.12 20.99 14.11
C ALA B 385 14.13 21.96 13.53
N LEU B 386 12.89 21.96 14.05
CA LEU B 386 11.91 22.93 13.60
C LEU B 386 12.23 24.32 14.14
N ALA B 387 12.58 24.40 15.43
CA ALA B 387 12.70 25.71 16.07
C ALA B 387 13.86 26.50 15.51
N SER B 388 14.74 25.87 14.75
CA SER B 388 15.83 26.62 14.13
C SER B 388 15.33 27.65 13.13
N LYS B 389 14.48 27.21 12.20
CA LYS B 389 14.01 28.06 11.10
C LYS B 389 12.75 28.82 11.43
N VAL B 390 12.12 28.49 12.56
CA VAL B 390 10.84 29.10 12.92
C VAL B 390 11.04 30.56 13.27
N GLU B 391 10.27 31.41 12.58
CA GLU B 391 10.11 32.80 12.96
C GLU B 391 8.67 32.99 13.41
N VAL B 392 8.47 33.16 14.70
CA VAL B 392 7.13 33.17 15.30
C VAL B 392 6.76 34.64 15.57
N ARG B 393 5.53 34.99 15.27
CA ARG B 393 5.07 36.36 15.33
C ARG B 393 3.68 36.43 15.95
N LEU B 394 3.45 37.47 16.69
CA LEU B 394 2.15 37.76 17.29
C LEU B 394 1.47 38.86 16.48
N VAL B 395 0.18 38.70 16.24
CA VAL B 395 -0.57 39.69 15.49
C VAL B 395 -0.66 40.98 16.32
N SER B 396 -0.49 42.12 15.66
CA SER B 396 -0.82 43.39 16.27
C SER B 396 -2.35 43.45 16.52
N GLU B 397 -2.72 43.82 17.74
CA GLU B 397 -4.11 43.75 18.22
C GLU B 397 -4.62 42.33 18.12
N PRO B 398 -4.13 41.44 18.98
CA PRO B 398 -4.34 39.99 18.78
C PRO B 398 -5.79 39.59 18.66
N GLN B 399 -6.62 40.06 19.56
CA GLN B 399 -8.00 39.62 19.57
C GLN B 399 -8.89 40.29 18.53
N TYR B 400 -8.59 41.49 18.15
CA TYR B 400 -9.33 42.13 17.06
C TYR B 400 -9.20 41.37 15.74
N SER B 401 -8.22 40.47 15.62
CA SER B 401 -7.86 39.83 14.37
C SER B 401 -9.02 39.15 13.66
N VAL B 402 -9.66 38.22 14.36
CA VAL B 402 -10.64 37.35 13.72
C VAL B 402 -11.70 38.16 13.04
N TRP B 403 -12.13 39.25 13.65
CA TRP B 403 -13.14 40.08 13.00
C TRP B 403 -12.60 40.70 11.72
N ARG B 404 -11.38 41.22 11.76
CA ARG B 404 -10.79 41.81 10.55
C ARG B 404 -10.82 40.78 9.42
N GLY B 405 -10.65 39.51 9.74
CA GLY B 405 -10.77 38.49 8.71
C GLY B 405 -12.21 38.21 8.37
N ALA B 406 -13.11 38.42 9.29
CA ALA B 406 -14.51 38.08 9.05
C ALA B 406 -15.10 38.99 8.01
N VAL B 407 -14.70 40.26 8.01
CA VAL B 407 -15.26 41.19 7.06
C VAL B 407 -14.64 40.96 5.70
N ILE B 408 -13.32 40.79 5.63
CA ILE B 408 -12.67 40.62 4.34
C ILE B 408 -13.23 39.39 3.64
N TYR B 409 -13.35 38.29 4.37
CA TYR B 409 -14.05 37.12 3.86
C TYR B 409 -15.49 37.49 3.48
N GLY B 410 -16.16 38.16 4.36
CA GLY B 410 -17.52 38.56 4.08
C GLY B 410 -17.59 39.56 2.93
N TYR B 411 -16.50 40.30 2.71
CA TYR B 411 -16.48 41.27 1.62
C TYR B 411 -16.51 40.57 0.28
N ALA B 412 -15.54 39.70 0.03
CA ALA B 412 -15.54 38.91 -1.20
C ALA B 412 -15.93 37.47 -0.89
N LEU B 413 -17.21 37.18 -1.10
CA LEU B 413 -17.71 35.81 -1.10
C LEU B 413 -18.86 35.83 -2.08
N PRO B 414 -18.59 35.62 -3.38
CA PRO B 414 -19.54 36.06 -4.41
C PRO B 414 -20.98 35.68 -4.10
N LEU B 415 -21.86 36.68 -4.19
CA LEU B 415 -23.16 36.59 -3.54
C LEU B 415 -24.11 35.62 -4.25
N SER B 416 -23.75 35.19 -5.44
CA SER B 416 -24.54 34.18 -6.16
C SER B 416 -24.27 32.78 -5.63
N LEU B 417 -23.35 32.65 -4.67
CA LEU B 417 -22.97 31.36 -4.10
C LEU B 417 -23.87 31.10 -2.91
N GLU B 418 -24.76 30.12 -3.03
CA GLU B 418 -25.67 29.79 -1.95
C GLU B 418 -24.95 28.97 -0.88
N TRP B 419 -25.43 29.09 0.35
CA TRP B 419 -25.01 28.20 1.43
C TRP B 419 -25.58 26.83 1.10
N SER B 420 -24.71 25.82 1.06
CA SER B 420 -25.15 24.45 0.87
C SER B 420 -24.59 23.64 2.02
N ASP B 421 -25.48 22.91 2.69
CA ASP B 421 -25.17 22.22 3.94
C ASP B 421 -23.91 21.36 3.79
N THR B 422 -23.78 20.68 2.68
CA THR B 422 -22.65 19.78 2.45
C THR B 422 -21.30 20.49 2.49
N THR B 423 -21.15 21.59 1.76
CA THR B 423 -19.86 22.26 1.73
C THR B 423 -19.62 23.17 2.95
N ARG B 424 -20.68 23.51 3.67
CA ARG B 424 -20.56 24.36 4.85
C ARG B 424 -19.87 25.69 4.52
N GLU B 425 -20.30 26.30 3.42
CA GLU B 425 -19.73 27.57 2.99
C GLU B 425 -20.75 28.35 2.20
N GLY B 426 -20.64 29.67 2.25
CA GLY B 426 -21.46 30.52 1.37
C GLY B 426 -22.63 31.17 2.08
N TRP B 427 -23.26 32.07 1.36
CA TRP B 427 -24.32 32.91 1.93
C TRP B 427 -25.63 32.17 2.02
N ARG B 428 -26.43 32.54 3.03
CA ARG B 428 -27.83 32.15 3.09
C ARG B 428 -28.67 33.43 3.15
N PHE B 429 -29.86 33.36 2.58
CA PHE B 429 -30.70 34.54 2.49
C PHE B 429 -31.97 34.33 3.30
N PRO B 430 -32.46 35.38 3.98
CA PRO B 430 -33.76 35.32 4.68
C PRO B 430 -34.88 35.96 3.82
N SER C 5 -8.66 -59.51 -33.11
CA SER C 5 -9.90 -59.91 -33.78
C SER C 5 -10.46 -58.80 -34.67
N ASP C 6 -11.75 -58.84 -34.94
CA ASP C 6 -12.35 -57.96 -35.92
C ASP C 6 -13.47 -57.11 -35.32
N ALA C 7 -14.61 -57.71 -35.03
CA ALA C 7 -15.70 -56.93 -34.40
C ALA C 7 -15.25 -56.38 -33.08
N TYR C 8 -14.23 -57.01 -32.48
CA TYR C 8 -13.52 -56.48 -31.30
C TYR C 8 -13.00 -55.08 -31.58
N ARG C 9 -12.67 -54.76 -32.82
CA ARG C 9 -12.23 -53.43 -33.15
C ARG C 9 -13.41 -52.44 -33.14
N LEU C 10 -14.55 -52.80 -33.69
CA LEU C 10 -15.66 -51.88 -33.76
C LEU C 10 -16.12 -51.39 -32.39
N LYS C 11 -15.65 -52.03 -31.31
CA LYS C 11 -15.87 -51.55 -29.95
C LYS C 11 -14.65 -50.89 -29.39
N TYR C 12 -13.56 -51.63 -29.26
CA TYR C 12 -12.40 -51.24 -28.44
C TYR C 12 -11.30 -50.51 -29.23
N THR C 13 -11.51 -50.23 -30.50
CA THR C 13 -10.61 -49.33 -31.21
C THR C 13 -10.77 -47.95 -30.62
N PHE C 14 -9.66 -47.37 -30.18
CA PHE C 14 -9.67 -46.17 -29.34
C PHE C 14 -8.79 -45.10 -29.95
N GLY C 15 -9.44 -44.03 -30.43
CA GLY C 15 -8.74 -42.92 -31.02
C GLY C 15 -8.32 -41.92 -29.99
N VAL C 16 -7.15 -41.31 -30.22
CA VAL C 16 -6.61 -40.23 -29.38
C VAL C 16 -5.99 -39.24 -30.34
N ASP C 17 -6.41 -37.98 -30.23
CA ASP C 17 -5.70 -36.88 -30.88
C ASP C 17 -5.01 -36.09 -29.79
N PHE C 18 -3.89 -35.47 -30.12
CA PHE C 18 -3.30 -34.52 -29.20
C PHE C 18 -3.45 -33.10 -29.69
N GLY C 19 -2.69 -32.74 -30.72
CA GLY C 19 -2.71 -31.34 -31.15
C GLY C 19 -2.28 -30.43 -29.99
N THR C 20 -2.48 -29.14 -30.10
CA THR C 20 -2.02 -28.29 -29.06
C THR C 20 -3.07 -28.06 -28.02
N SER C 21 -4.21 -27.44 -28.40
CA SER C 21 -5.20 -27.00 -27.45
C SER C 21 -5.96 -28.14 -26.84
N TYR C 22 -6.81 -28.82 -27.60
CA TYR C 22 -7.68 -29.85 -27.06
C TYR C 22 -7.16 -31.21 -27.45
N VAL C 23 -7.10 -32.11 -26.48
CA VAL C 23 -6.85 -33.53 -26.74
C VAL C 23 -8.15 -34.21 -26.92
N LYS C 24 -8.44 -34.62 -28.17
CA LYS C 24 -9.72 -35.20 -28.53
C LYS C 24 -9.54 -36.72 -28.46
N TYR C 25 -10.48 -37.42 -27.84
CA TYR C 25 -10.25 -38.82 -27.52
C TYR C 25 -11.57 -39.53 -27.41
N GLY C 26 -11.52 -40.86 -27.52
CA GLY C 26 -12.66 -41.71 -27.27
C GLY C 26 -12.55 -43.01 -28.01
N PRO C 27 -13.40 -43.97 -27.68
CA PRO C 27 -13.45 -45.20 -28.48
C PRO C 27 -14.20 -44.94 -29.77
N ILE C 28 -13.99 -45.84 -30.73
CA ILE C 28 -14.62 -45.71 -32.03
C ILE C 28 -16.16 -45.64 -31.92
N THR C 29 -16.70 -46.13 -30.80
CA THR C 29 -18.13 -46.24 -30.65
C THR C 29 -18.79 -44.86 -30.56
N LEU C 30 -18.07 -43.85 -30.08
CA LEU C 30 -18.66 -42.54 -29.88
C LEU C 30 -19.10 -41.90 -31.18
N ASN C 31 -20.09 -41.03 -31.08
CA ASN C 31 -20.50 -40.21 -32.24
C ASN C 31 -19.51 -39.09 -32.51
N GLU C 32 -19.16 -38.33 -31.46
CA GLU C 32 -18.10 -37.34 -31.50
C GLU C 32 -17.25 -37.50 -30.24
N PRO C 33 -15.95 -37.20 -30.34
CA PRO C 33 -15.03 -37.53 -29.25
C PRO C 33 -15.20 -36.57 -28.06
N LYS C 34 -14.86 -37.07 -26.89
CA LYS C 34 -14.73 -36.23 -25.71
C LYS C 34 -13.46 -35.44 -25.75
N MET C 35 -13.45 -34.28 -25.11
CA MET C 35 -12.30 -33.37 -25.17
C MET C 35 -11.65 -33.20 -23.80
N VAL C 36 -10.36 -32.93 -23.82
CA VAL C 36 -9.62 -32.52 -22.66
C VAL C 36 -8.71 -31.40 -23.10
N GLN C 37 -8.86 -30.26 -22.46
CA GLN C 37 -7.92 -29.17 -22.74
C GLN C 37 -6.55 -29.59 -22.29
N THR C 38 -5.57 -29.46 -23.17
CA THR C 38 -4.28 -30.11 -23.01
C THR C 38 -3.55 -29.70 -21.73
N ARG C 39 -3.97 -28.59 -21.14
CA ARG C 39 -3.31 -28.04 -19.98
C ARG C 39 -3.24 -29.13 -18.90
N GLY C 40 -2.04 -29.35 -18.41
CA GLY C 40 -1.85 -30.05 -17.16
C GLY C 40 -1.66 -28.97 -16.09
N LEU C 41 -2.04 -29.29 -14.87
CA LEU C 41 -1.87 -28.38 -13.74
C LEU C 41 -0.99 -29.02 -12.71
N PHE C 42 0.20 -28.48 -12.53
CA PHE C 42 1.08 -28.95 -11.50
C PHE C 42 0.57 -28.50 -10.13
N LEU C 43 0.75 -29.38 -9.14
CA LEU C 43 0.70 -28.99 -7.77
C LEU C 43 2.12 -29.20 -7.27
N ARG C 44 2.87 -28.11 -7.09
CA ARG C 44 4.29 -28.26 -6.86
C ARG C 44 4.76 -27.53 -5.61
N ASP C 45 4.61 -26.23 -5.57
CA ASP C 45 4.90 -25.48 -4.34
C ASP C 45 3.56 -25.33 -3.64
N LEU C 46 3.36 -26.11 -2.58
CA LEU C 46 2.12 -26.07 -1.84
C LEU C 46 2.41 -25.75 -0.38
N PRO C 47 1.91 -24.61 0.11
CA PRO C 47 1.91 -24.39 1.54
C PRO C 47 1.15 -25.50 2.23
N GLU C 48 1.74 -26.08 3.28
CA GLU C 48 1.12 -27.21 3.95
C GLU C 48 -0.35 -26.96 4.31
N SER C 49 -0.72 -25.69 4.43
CA SER C 49 -2.12 -25.32 4.52
C SER C 49 -2.97 -25.92 3.42
N VAL C 50 -2.52 -25.78 2.18
CA VAL C 50 -3.29 -26.30 1.03
C VAL C 50 -3.15 -27.81 0.86
N LYS C 51 -2.01 -28.39 1.17
CA LYS C 51 -1.87 -29.83 1.10
C LYS C 51 -2.90 -30.51 2.01
N MET C 52 -3.25 -29.86 3.12
CA MET C 52 -4.30 -30.37 3.96
C MET C 52 -5.63 -30.43 3.21
N ARG C 53 -5.83 -29.52 2.25
CA ARG C 53 -7.07 -29.44 1.50
C ARG C 53 -7.08 -30.33 0.27
N ILE C 54 -5.93 -30.85 -0.13
CA ILE C 54 -5.84 -31.68 -1.33
C ILE C 54 -5.95 -33.16 -0.92
N PRO C 55 -6.79 -33.93 -1.63
CA PRO C 55 -6.80 -35.39 -1.39
C PRO C 55 -5.42 -35.96 -1.67
N PRO C 56 -4.93 -36.83 -0.78
CA PRO C 56 -3.55 -37.32 -0.95
C PRO C 56 -3.38 -38.18 -2.20
N ASP C 57 -4.46 -38.70 -2.77
CA ASP C 57 -4.40 -39.41 -4.03
C ASP C 57 -4.00 -38.48 -5.18
N VAL C 58 -4.68 -37.35 -5.30
CA VAL C 58 -4.41 -36.42 -6.38
C VAL C 58 -3.00 -35.84 -6.27
N LEU C 59 -2.64 -35.37 -5.08
CA LEU C 59 -1.31 -34.79 -4.90
C LEU C 59 -0.22 -35.84 -5.07
N ALA C 60 -0.56 -37.12 -4.93
CA ALA C 60 0.44 -38.17 -5.05
C ALA C 60 1.09 -38.14 -6.42
N ARG C 61 0.28 -38.24 -7.48
CA ARG C 61 0.82 -38.22 -8.84
C ARG C 61 1.37 -36.87 -9.24
N GLY C 62 1.12 -35.83 -8.46
CA GLY C 62 1.77 -34.53 -8.66
C GLY C 62 1.20 -33.61 -9.71
N LEU C 63 0.20 -34.10 -10.40
CA LEU C 63 -0.50 -33.28 -11.42
C LEU C 63 -1.99 -33.47 -11.27
N VAL C 64 -2.71 -32.73 -12.09
CA VAL C 64 -4.11 -32.97 -12.35
C VAL C 64 -4.31 -32.49 -13.77
N VAL C 65 -5.24 -33.12 -14.47
CA VAL C 65 -5.46 -32.81 -15.89
C VAL C 65 -6.94 -33.10 -16.21
N GLY C 66 -7.44 -32.43 -17.22
CA GLY C 66 -8.85 -32.51 -17.55
C GLY C 66 -9.58 -31.24 -17.24
N ASP C 67 -10.70 -31.02 -17.92
CA ASP C 67 -11.42 -29.74 -17.78
C ASP C 67 -11.90 -29.55 -16.34
N GLU C 68 -12.71 -30.48 -15.85
CA GLU C 68 -13.32 -30.31 -14.54
C GLU C 68 -12.30 -30.59 -13.43
N GLU C 69 -11.40 -31.53 -13.64
CA GLU C 69 -10.45 -31.91 -12.60
C GLU C 69 -9.51 -30.78 -12.27
N VAL C 70 -9.16 -29.96 -13.25
CA VAL C 70 -8.23 -28.85 -13.02
C VAL C 70 -8.97 -27.66 -12.44
N ARG C 71 -10.17 -27.35 -12.95
CA ARG C 71 -10.87 -26.16 -12.50
C ARG C 71 -10.93 -26.12 -10.99
N LYS C 72 -11.18 -27.24 -10.34
CA LYS C 72 -11.29 -27.29 -8.90
C LYS C 72 -10.00 -26.98 -8.21
N TYR C 73 -8.87 -27.29 -8.80
CA TYR C 73 -7.56 -27.08 -8.16
C TYR C 73 -6.87 -25.80 -8.58
N LEU C 74 -7.53 -24.96 -9.33
CA LEU C 74 -6.94 -23.67 -9.77
C LEU C 74 -7.02 -22.62 -8.69
N SER C 75 -5.88 -22.09 -8.31
CA SER C 75 -5.72 -20.91 -7.43
C SER C 75 -5.64 -19.64 -8.31
N SER C 76 -4.97 -18.62 -7.84
CA SER C 76 -4.91 -17.37 -8.53
C SER C 76 -4.08 -17.37 -9.76
N VAL C 77 -4.06 -16.22 -10.45
CA VAL C 77 -3.43 -16.14 -11.76
C VAL C 77 -1.93 -16.46 -11.62
N ARG C 78 -1.28 -16.01 -10.55
CA ARG C 78 0.07 -16.35 -10.36
C ARG C 78 0.25 -17.90 -10.38
N ASP C 79 -0.63 -18.66 -9.77
CA ASP C 79 -0.57 -20.08 -9.86
C ASP C 79 -0.76 -20.57 -11.32
N VAL C 80 -1.71 -19.94 -12.03
CA VAL C 80 -1.97 -20.38 -13.36
C VAL C 80 -0.77 -20.17 -14.27
N GLN C 81 -0.12 -19.00 -14.25
CA GLN C 81 0.99 -18.82 -15.15
C GLN C 81 2.20 -19.65 -14.73
N ARG C 82 2.18 -20.20 -13.53
CA ARG C 82 3.24 -21.10 -13.13
C ARG C 82 2.86 -22.56 -13.34
N ASN C 83 1.96 -23.06 -12.50
CA ASN C 83 1.78 -24.48 -12.38
C ASN C 83 0.82 -25.04 -13.41
N LEU C 84 0.29 -24.23 -14.28
CA LEU C 84 -0.57 -24.71 -15.38
C LEU C 84 0.30 -24.77 -16.60
N LYS C 85 0.65 -26.00 -17.01
CA LYS C 85 1.59 -26.22 -18.10
C LYS C 85 0.83 -26.59 -19.35
N TYR C 86 1.01 -25.80 -20.40
CA TYR C 86 0.50 -26.23 -21.70
C TYR C 86 1.66 -26.90 -22.41
N PRO C 87 1.64 -28.25 -22.48
CA PRO C 87 2.75 -28.93 -23.21
C PRO C 87 2.37 -28.82 -24.67
N LEU C 88 3.14 -29.45 -25.53
CA LEU C 88 2.84 -29.40 -26.97
C LEU C 88 2.73 -27.94 -27.43
N LYS C 89 3.76 -27.15 -27.12
CA LYS C 89 3.69 -25.70 -27.34
C LYS C 89 3.29 -25.40 -28.76
N ASP C 90 3.97 -25.92 -29.77
CA ASP C 90 3.32 -26.07 -31.06
C ASP C 90 3.48 -27.49 -31.58
N GLY C 91 2.44 -28.28 -31.50
CA GLY C 91 2.42 -29.61 -32.09
C GLY C 91 3.40 -30.61 -31.47
N VAL C 92 4.32 -30.12 -30.62
CA VAL C 92 5.52 -30.78 -30.25
C VAL C 92 5.94 -30.44 -28.85
N ALA C 93 6.45 -31.39 -28.10
CA ALA C 93 7.06 -31.14 -26.81
C ALA C 93 8.58 -31.22 -26.94
N ARG C 94 9.28 -30.17 -26.54
CA ARG C 94 10.73 -30.21 -26.59
C ARG C 94 11.27 -31.37 -25.75
N ARG C 95 12.25 -32.10 -26.29
CA ARG C 95 12.76 -33.28 -25.63
C ARG C 95 13.20 -32.96 -24.19
N ASP C 96 13.98 -31.90 -24.03
CA ASP C 96 14.58 -31.56 -22.75
C ASP C 96 13.57 -31.31 -21.62
N ASP C 97 12.29 -31.17 -21.95
CA ASP C 97 11.30 -30.78 -20.96
C ASP C 97 10.69 -32.03 -20.34
N GLU C 98 11.04 -32.27 -19.08
CA GLU C 98 10.45 -33.38 -18.34
C GLU C 98 9.00 -33.09 -17.99
N GLU C 99 8.71 -31.82 -17.68
CA GLU C 99 7.33 -31.44 -17.37
C GLU C 99 6.44 -31.63 -18.61
N ALA C 100 7.04 -31.65 -19.79
CA ALA C 100 6.24 -31.72 -21.00
C ALA C 100 5.55 -33.05 -21.12
N TRP C 101 6.27 -34.17 -21.01
CA TRP C 101 5.60 -35.45 -21.09
C TRP C 101 4.98 -35.87 -19.79
N ARG C 102 5.50 -35.38 -18.66
CA ARG C 102 4.92 -35.76 -17.38
C ARG C 102 3.45 -35.46 -17.38
N VAL C 103 3.04 -34.40 -18.02
CA VAL C 103 1.63 -34.11 -18.20
C VAL C 103 1.01 -35.04 -19.27
N LEU C 104 1.65 -35.15 -20.41
CA LEU C 104 1.13 -36.02 -21.44
C LEU C 104 0.92 -37.44 -20.92
N LYS C 105 1.83 -37.93 -20.07
CA LYS C 105 1.63 -39.23 -19.48
C LYS C 105 0.30 -39.26 -18.76
N GLU C 106 0.09 -38.36 -17.81
CA GLU C 106 -1.12 -38.40 -17.02
C GLU C 106 -2.27 -37.78 -17.76
N LEU C 107 -2.00 -37.07 -18.84
CA LEU C 107 -3.07 -36.68 -19.72
C LEU C 107 -3.57 -37.86 -20.52
N ALA C 108 -2.66 -38.62 -21.10
CA ALA C 108 -3.05 -39.87 -21.73
C ALA C 108 -3.61 -40.85 -20.72
N ARG C 109 -3.04 -40.89 -19.50
CA ARG C 109 -3.60 -41.74 -18.46
C ARG C 109 -5.00 -41.34 -18.13
N TYR C 110 -5.26 -40.04 -18.01
CA TYR C 110 -6.61 -39.55 -17.78
C TYR C 110 -7.53 -40.01 -18.90
N THR C 111 -7.01 -40.05 -20.12
CA THR C 111 -7.85 -40.35 -21.28
C THR C 111 -8.44 -41.77 -21.15
N LEU C 112 -7.57 -42.78 -20.98
CA LEU C 112 -8.04 -44.15 -20.93
C LEU C 112 -8.87 -44.41 -19.67
N ALA C 113 -8.42 -43.90 -18.52
CA ALA C 113 -9.15 -44.11 -17.27
C ALA C 113 -10.59 -43.62 -17.36
N GLN C 114 -10.84 -42.59 -18.18
CA GLN C 114 -12.19 -42.10 -18.39
C GLN C 114 -13.14 -43.20 -18.93
N PHE C 115 -12.61 -44.22 -19.60
CA PHE C 115 -13.44 -45.22 -20.28
C PHE C 115 -13.09 -46.62 -19.77
N PRO C 116 -13.76 -47.06 -18.70
CA PRO C 116 -13.53 -48.44 -18.23
C PRO C 116 -14.32 -49.40 -19.12
N VAL C 117 -13.88 -50.67 -19.12
CA VAL C 117 -14.57 -51.68 -19.90
C VAL C 117 -14.95 -52.83 -18.98
N SER C 118 -16.25 -53.12 -18.90
CA SER C 118 -16.78 -54.19 -18.07
C SER C 118 -16.61 -55.57 -18.70
N ASP C 119 -16.74 -55.66 -20.02
CA ASP C 119 -16.76 -56.93 -20.75
C ASP C 119 -15.49 -57.75 -20.47
N PRO C 120 -15.64 -58.98 -19.99
CA PRO C 120 -14.47 -59.87 -19.86
C PRO C 120 -13.86 -60.30 -21.20
N GLU C 121 -14.59 -60.10 -22.31
CA GLU C 121 -14.01 -60.37 -23.62
C GLU C 121 -12.97 -59.34 -24.01
N PHE C 122 -12.81 -58.30 -23.19
CA PHE C 122 -11.92 -57.20 -23.51
C PHE C 122 -10.47 -57.59 -23.27
N ALA C 123 -9.69 -57.59 -24.35
CA ALA C 123 -8.30 -58.03 -24.32
C ALA C 123 -7.34 -56.84 -24.19
N GLY C 124 -7.88 -55.65 -24.00
CA GLY C 124 -7.11 -54.43 -24.08
C GLY C 124 -7.48 -53.59 -25.28
N TRP C 125 -7.21 -52.30 -25.17
CA TRP C 125 -7.64 -51.35 -26.18
C TRP C 125 -6.79 -51.46 -27.43
N LEU C 126 -7.21 -50.73 -28.44
CA LEU C 126 -6.43 -50.44 -29.63
C LEU C 126 -6.34 -48.93 -29.71
N VAL C 127 -5.15 -48.40 -29.45
CA VAL C 127 -4.96 -46.97 -29.25
C VAL C 127 -4.38 -46.39 -30.51
N ALA C 128 -5.20 -45.62 -31.22
CA ALA C 128 -4.76 -44.87 -32.38
C ALA C 128 -4.48 -43.45 -31.96
N VAL C 129 -3.22 -43.07 -31.99
CA VAL C 129 -2.82 -41.73 -31.62
C VAL C 129 -2.64 -40.93 -32.91
N ALA C 130 -3.13 -39.69 -32.89
CA ALA C 130 -2.88 -38.77 -33.98
C ALA C 130 -2.04 -37.66 -33.47
N LEU C 131 -0.77 -37.63 -33.88
CA LEU C 131 0.10 -36.50 -33.56
C LEU C 131 0.12 -35.52 -34.67
N SER C 132 0.81 -34.40 -34.44
CA SER C 132 0.96 -33.40 -35.50
C SER C 132 2.01 -33.85 -36.51
N ALA C 133 1.92 -33.38 -37.73
CA ALA C 133 2.87 -33.72 -38.77
C ALA C 133 4.27 -33.32 -38.36
N LEU C 134 4.36 -32.27 -37.55
CA LEU C 134 5.68 -31.77 -37.13
C LEU C 134 6.31 -32.67 -36.10
N ALA C 135 5.58 -33.67 -35.59
CA ALA C 135 6.07 -34.49 -34.49
C ALA C 135 7.35 -35.19 -34.96
N PRO C 136 8.49 -34.89 -34.29
CA PRO C 136 9.72 -35.51 -34.68
C PRO C 136 9.79 -36.97 -34.32
N ASP C 137 10.98 -37.57 -34.49
CA ASP C 137 11.13 -38.98 -34.18
C ASP C 137 10.94 -39.22 -32.70
N TYR C 138 11.60 -38.41 -31.86
CA TYR C 138 11.54 -38.65 -30.42
C TYR C 138 10.13 -38.57 -29.88
N MET C 139 9.33 -37.66 -30.42
CA MET C 139 7.97 -37.51 -29.94
C MET C 139 7.14 -38.75 -30.21
N TYR C 140 7.43 -39.44 -31.28
CA TYR C 140 6.88 -40.80 -31.44
C TYR C 140 7.42 -41.75 -30.37
N LYS C 141 8.73 -41.87 -30.27
CA LYS C 141 9.30 -42.79 -29.30
C LYS C 141 8.84 -42.44 -27.90
N ALA C 142 8.71 -41.17 -27.60
CA ALA C 142 8.30 -40.75 -26.25
C ALA C 142 6.91 -41.23 -25.95
N ILE C 143 6.00 -41.10 -26.90
CA ILE C 143 4.63 -41.42 -26.60
C ILE C 143 4.38 -42.94 -26.59
N PHE C 144 5.09 -43.69 -27.40
CA PHE C 144 5.03 -45.14 -27.23
C PHE C 144 5.52 -45.54 -25.84
N ASP C 145 6.56 -44.86 -25.35
CA ASP C 145 7.01 -45.10 -23.99
C ASP C 145 5.87 -44.81 -23.02
N ILE C 146 5.10 -43.77 -23.27
CA ILE C 146 3.95 -43.45 -22.45
C ILE C 146 2.99 -44.62 -22.39
N TYR C 147 2.53 -45.07 -23.54
CA TYR C 147 1.57 -46.15 -23.56
C TYR C 147 2.14 -47.48 -23.12
N ASP C 148 3.45 -47.66 -23.20
CA ASP C 148 4.07 -48.85 -22.62
C ASP C 148 3.92 -48.85 -21.11
N GLU C 149 3.92 -47.67 -20.49
CA GLU C 149 3.76 -47.59 -19.05
C GLU C 149 2.32 -47.78 -18.65
N LEU C 150 1.39 -47.26 -19.45
CA LEU C 150 -0.03 -47.46 -19.15
C LEU C 150 -0.45 -48.90 -19.39
N ALA C 151 0.33 -49.67 -20.13
CA ALA C 151 0.05 -51.09 -20.31
C ALA C 151 0.04 -51.84 -18.98
N SER C 152 0.91 -51.45 -18.05
CA SER C 152 0.91 -52.07 -16.73
C SER C 152 -0.34 -51.70 -15.93
N GLU C 153 -0.86 -50.49 -16.10
CA GLU C 153 -2.05 -50.07 -15.39
C GLU C 153 -3.32 -50.56 -16.08
N PHE C 154 -3.54 -50.10 -17.30
CA PHE C 154 -4.75 -50.41 -18.06
C PHE C 154 -4.45 -51.57 -19.01
N LYS C 155 -5.49 -52.00 -19.71
CA LYS C 155 -5.33 -53.04 -20.73
C LYS C 155 -5.26 -52.35 -22.09
N ILE C 156 -4.10 -52.42 -22.71
CA ILE C 156 -3.86 -51.87 -24.05
C ILE C 156 -3.30 -53.02 -24.87
N TYR C 157 -4.02 -53.45 -25.89
CA TYR C 157 -3.53 -54.54 -26.70
C TYR C 157 -2.48 -54.03 -27.70
N ALA C 158 -2.76 -52.89 -28.32
CA ALA C 158 -1.90 -52.37 -29.36
C ALA C 158 -1.99 -50.87 -29.46
N VAL C 159 -0.89 -50.25 -29.88
CA VAL C 159 -0.80 -48.78 -30.00
C VAL C 159 -0.25 -48.47 -31.37
N THR C 160 -0.84 -47.47 -32.01
CA THR C 160 -0.33 -46.96 -33.28
C THR C 160 -0.33 -45.48 -33.26
N ILE C 161 0.35 -44.91 -34.22
CA ILE C 161 0.40 -43.44 -34.36
C ILE C 161 0.32 -43.06 -35.82
N LEU C 162 -0.49 -42.05 -36.08
CA LEU C 162 -0.67 -41.56 -37.43
C LEU C 162 -0.41 -40.08 -37.45
N PRO C 163 0.18 -39.56 -38.51
CA PRO C 163 0.28 -38.10 -38.62
C PRO C 163 -1.08 -37.49 -38.80
N GLN C 164 -1.32 -36.37 -38.11
CA GLN C 164 -2.64 -35.76 -38.04
C GLN C 164 -3.29 -35.54 -39.43
N PRO C 165 -2.57 -35.02 -40.45
CA PRO C 165 -3.26 -34.83 -41.73
C PRO C 165 -3.71 -36.15 -42.35
N LEU C 166 -3.02 -37.25 -42.07
CA LEU C 166 -3.45 -38.54 -42.56
C LEU C 166 -4.84 -38.87 -42.04
N ALA C 167 -5.12 -38.48 -40.80
CA ALA C 167 -6.42 -38.78 -40.22
C ALA C 167 -7.50 -38.04 -40.98
N VAL C 168 -7.32 -36.72 -41.23
CA VAL C 168 -8.36 -35.94 -41.77
C VAL C 168 -8.78 -36.49 -43.14
N ALA C 169 -7.80 -36.76 -43.99
CA ALA C 169 -8.10 -37.30 -45.30
C ALA C 169 -8.88 -38.62 -45.18
N ILE C 170 -8.53 -39.43 -44.18
CA ILE C 170 -9.28 -40.64 -43.90
C ILE C 170 -10.66 -40.29 -43.35
N ALA C 171 -10.71 -39.31 -42.46
CA ALA C 171 -11.99 -38.89 -41.89
C ALA C 171 -12.93 -38.37 -42.97
N GLU C 172 -12.43 -37.51 -43.84
CA GLU C 172 -13.25 -37.04 -44.94
C GLU C 172 -13.47 -38.13 -45.99
N ASN C 173 -12.53 -39.05 -46.11
CA ASN C 173 -12.54 -40.06 -47.19
C ASN C 173 -12.66 -39.35 -48.54
N ALA C 174 -12.05 -38.16 -48.63
CA ALA C 174 -12.10 -37.33 -49.81
C ALA C 174 -11.11 -37.86 -50.82
N VAL C 175 -11.51 -37.97 -52.07
CA VAL C 175 -10.61 -38.50 -53.08
C VAL C 175 -9.64 -37.46 -53.61
N ASN C 176 -10.08 -36.30 -54.01
CA ASN C 176 -9.16 -35.30 -54.62
C ASN C 176 -9.40 -33.95 -53.98
N CYS C 177 -8.40 -33.46 -53.23
CA CYS C 177 -8.46 -32.17 -52.54
C CYS C 177 -7.18 -31.90 -51.82
N VAL C 178 -7.06 -30.69 -51.26
CA VAL C 178 -5.97 -30.37 -50.33
C VAL C 178 -6.56 -30.13 -48.97
N ILE C 179 -6.28 -31.03 -48.06
CA ILE C 179 -6.72 -30.86 -46.69
C ILE C 179 -5.96 -29.68 -46.11
N VAL C 180 -6.63 -28.90 -45.28
CA VAL C 180 -5.99 -27.85 -44.50
C VAL C 180 -6.50 -27.98 -43.09
N GLU C 181 -5.60 -28.27 -42.14
CA GLU C 181 -6.00 -28.36 -40.75
C GLU C 181 -5.71 -26.98 -40.07
N GLY C 182 -6.68 -26.52 -39.32
CA GLY C 182 -6.58 -25.31 -38.54
C GLY C 182 -6.05 -25.52 -37.18
N GLY C 183 -5.27 -26.56 -37.01
CA GLY C 183 -4.80 -26.99 -35.71
C GLY C 183 -4.36 -25.80 -34.88
N HIS C 184 -4.72 -25.83 -33.60
CA HIS C 184 -4.49 -24.69 -32.74
C HIS C 184 -3.07 -24.22 -32.83
N GLY C 185 -2.12 -25.17 -32.71
CA GLY C 185 -0.73 -24.81 -32.81
C GLY C 185 -0.27 -24.59 -34.22
N ASN C 186 -0.60 -25.53 -35.10
CA ASN C 186 0.01 -25.53 -36.44
C ASN C 186 -1.03 -25.76 -37.52
N ILE C 187 -0.79 -25.18 -38.69
CA ILE C 187 -1.65 -25.36 -39.84
C ILE C 187 -0.97 -26.35 -40.75
N GLN C 188 -1.64 -27.48 -40.99
CA GLN C 188 -1.02 -28.55 -41.77
C GLN C 188 -1.85 -28.71 -43.03
N VAL C 189 -1.29 -28.31 -44.15
CA VAL C 189 -1.96 -28.48 -45.40
C VAL C 189 -1.31 -29.65 -46.17
N ALA C 190 -2.13 -30.64 -46.54
CA ALA C 190 -1.65 -31.74 -47.35
C ALA C 190 -2.53 -31.94 -48.56
N PRO C 191 -1.94 -32.15 -49.73
CA PRO C 191 -2.76 -32.56 -50.86
C PRO C 191 -2.97 -34.04 -50.82
N ILE C 192 -4.10 -34.48 -51.38
CA ILE C 192 -4.44 -35.90 -51.41
C ILE C 192 -4.98 -36.24 -52.80
N SER C 193 -4.41 -37.25 -53.44
CA SER C 193 -4.77 -37.60 -54.82
C SER C 193 -5.65 -38.84 -54.83
N PHE C 194 -5.08 -40.00 -54.55
CA PHE C 194 -5.85 -41.11 -54.04
C PHE C 194 -5.67 -41.27 -52.54
N ALA C 195 -4.72 -40.50 -51.96
CA ALA C 195 -4.41 -40.55 -50.53
C ALA C 195 -3.44 -39.44 -50.26
N LEU C 196 -2.92 -39.34 -49.03
CA LEU C 196 -1.94 -38.32 -48.73
C LEU C 196 -0.78 -38.38 -49.68
N ILE C 197 -0.25 -37.18 -49.99
CA ILE C 197 1.01 -37.03 -50.63
C ILE C 197 1.96 -36.59 -49.49
N ARG C 198 2.80 -37.52 -49.04
CA ARG C 198 3.70 -37.21 -47.99
C ARG C 198 4.73 -36.19 -48.42
N GLU C 199 5.05 -36.11 -49.71
CA GLU C 199 6.01 -35.13 -50.18
C GLU C 199 5.40 -33.74 -50.24
N GLY C 200 4.12 -33.70 -50.58
CA GLY C 200 3.38 -32.45 -50.67
C GLY C 200 2.85 -31.94 -49.40
N LEU C 201 2.89 -32.76 -48.35
CA LEU C 201 2.44 -32.32 -47.02
C LEU C 201 3.30 -31.12 -46.55
N VAL C 202 2.60 -30.03 -46.24
CA VAL C 202 3.21 -28.81 -45.79
C VAL C 202 2.51 -28.34 -44.56
N ALA C 203 3.30 -28.12 -43.52
CA ALA C 203 2.75 -27.80 -42.25
C ALA C 203 3.40 -26.56 -41.74
N LEU C 204 2.62 -25.52 -41.60
CA LEU C 204 3.13 -24.27 -41.09
C LEU C 204 3.31 -24.36 -39.59
N ASN C 205 4.14 -23.45 -39.08
CA ASN C 205 4.43 -23.44 -37.63
C ASN C 205 3.45 -22.49 -36.94
N ARG C 206 2.47 -22.01 -37.66
CA ARG C 206 1.51 -21.03 -37.19
C ARG C 206 0.14 -21.71 -37.03
N GLY C 207 -0.65 -21.19 -36.10
CA GLY C 207 -1.96 -21.74 -35.88
C GLY C 207 -2.85 -20.85 -35.06
N GLY C 208 -3.92 -21.39 -34.55
CA GLY C 208 -4.81 -20.64 -33.66
C GLY C 208 -4.08 -20.02 -32.49
N ALA C 209 -3.07 -20.69 -32.01
CA ALA C 209 -2.31 -20.17 -30.87
C ALA C 209 -1.62 -18.87 -31.21
N GLU C 210 -1.48 -18.58 -32.49
CA GLU C 210 -0.95 -17.25 -32.89
C GLU C 210 -2.04 -16.24 -32.92
N ALA C 211 -3.29 -16.66 -32.91
CA ALA C 211 -4.41 -15.73 -32.76
C ALA C 211 -4.63 -15.43 -31.30
N ASN C 212 -4.33 -16.34 -30.40
CA ASN C 212 -4.30 -16.00 -28.99
C ASN C 212 -3.26 -14.92 -28.78
N ALA C 213 -2.02 -15.19 -29.17
CA ALA C 213 -0.96 -14.30 -28.86
C ALA C 213 -1.18 -12.90 -29.44
N ILE C 214 -1.94 -12.79 -30.51
CA ILE C 214 -2.27 -11.47 -31.03
C ILE C 214 -3.45 -10.88 -30.25
N THR C 215 -4.28 -11.72 -29.65
CA THR C 215 -5.26 -11.23 -28.69
C THR C 215 -4.57 -10.94 -27.36
N ARG C 216 -3.74 -11.85 -26.92
CA ARG C 216 -3.02 -11.68 -25.64
C ARG C 216 -2.25 -10.39 -25.63
N GLU C 217 -1.91 -9.85 -26.82
CA GLU C 217 -1.33 -8.53 -26.91
C GLU C 217 -2.40 -7.47 -26.77
N ILE C 218 -3.54 -7.64 -27.40
CA ILE C 218 -4.59 -6.65 -27.32
C ILE C 218 -5.03 -6.47 -25.88
N LEU C 219 -5.25 -7.55 -25.16
CA LEU C 219 -5.73 -7.46 -23.80
C LEU C 219 -4.68 -6.81 -22.91
N LYS C 220 -3.42 -6.79 -23.34
CA LYS C 220 -2.40 -6.01 -22.62
C LYS C 220 -2.50 -4.57 -22.96
N ASP C 221 -2.90 -4.24 -24.18
CA ASP C 221 -2.96 -2.84 -24.60
C ASP C 221 -4.20 -2.16 -24.09
N ILE C 222 -5.20 -2.94 -23.67
CA ILE C 222 -6.42 -2.34 -23.14
C ILE C 222 -6.28 -2.16 -21.63
N GLY C 223 -5.28 -2.76 -21.01
CA GLY C 223 -5.06 -2.62 -19.59
C GLY C 223 -5.66 -3.75 -18.77
N TYR C 224 -5.96 -4.85 -19.46
CA TYR C 224 -6.54 -6.04 -18.82
C TYR C 224 -5.45 -7.01 -18.43
N SER C 225 -4.19 -6.57 -18.46
CA SER C 225 -3.04 -7.47 -18.44
C SER C 225 -3.18 -8.59 -17.43
N ASP C 226 -3.85 -8.36 -16.31
CA ASP C 226 -4.17 -9.46 -15.40
C ASP C 226 -4.90 -10.59 -16.13
N ILE C 227 -5.69 -10.24 -17.14
CA ILE C 227 -6.49 -11.23 -17.87
C ILE C 227 -5.62 -11.95 -18.88
N ALA C 228 -4.62 -11.25 -19.45
CA ALA C 228 -3.83 -11.82 -20.50
C ALA C 228 -3.08 -13.09 -19.95
N ARG C 229 -2.50 -13.02 -18.77
CA ARG C 229 -1.72 -14.06 -18.24
C ARG C 229 -2.42 -15.43 -18.24
N GLU C 230 -3.75 -15.42 -18.15
CA GLU C 230 -4.51 -16.64 -18.03
C GLU C 230 -4.94 -17.08 -19.43
N GLU C 231 -4.39 -18.20 -19.90
CA GLU C 231 -4.59 -18.58 -21.29
C GLU C 231 -6.06 -18.88 -21.57
N TYR C 232 -6.79 -19.43 -20.61
CA TYR C 232 -8.22 -19.63 -20.79
C TYR C 232 -8.92 -18.32 -21.07
N ALA C 233 -8.43 -17.23 -20.49
CA ALA C 233 -9.12 -15.97 -20.65
C ALA C 233 -9.03 -15.47 -22.08
N VAL C 234 -7.83 -15.42 -22.63
CA VAL C 234 -7.68 -14.95 -24.02
C VAL C 234 -8.40 -15.91 -24.97
N GLU C 235 -8.43 -17.20 -24.63
CA GLU C 235 -9.21 -18.15 -25.40
C GLU C 235 -10.64 -17.66 -25.56
N VAL C 236 -11.36 -17.49 -24.46
CA VAL C 236 -12.74 -17.04 -24.49
C VAL C 236 -12.86 -15.70 -25.20
N VAL C 237 -11.88 -14.83 -24.96
CA VAL C 237 -11.89 -13.51 -25.62
C VAL C 237 -11.70 -13.68 -27.13
N LYS C 238 -10.65 -14.37 -27.52
CA LYS C 238 -10.38 -14.59 -28.94
C LYS C 238 -11.57 -15.17 -29.64
N ARG C 239 -12.09 -16.30 -29.12
CA ARG C 239 -13.21 -16.96 -29.76
C ARG C 239 -14.40 -16.01 -29.91
N ALA C 240 -14.68 -15.23 -28.88
CA ALA C 240 -15.79 -14.30 -28.91
C ALA C 240 -15.54 -13.04 -29.71
N VAL C 241 -14.44 -12.34 -29.44
CA VAL C 241 -14.20 -11.03 -30.07
C VAL C 241 -13.39 -11.13 -31.34
N GLY C 242 -12.83 -12.30 -31.63
CA GLY C 242 -12.00 -12.44 -32.80
C GLY C 242 -12.83 -12.38 -34.07
N LEU C 243 -12.20 -11.92 -35.14
CA LEU C 243 -12.99 -11.71 -36.35
C LEU C 243 -12.03 -11.80 -37.54
N VAL C 244 -12.56 -12.18 -38.70
CA VAL C 244 -11.72 -12.46 -39.88
C VAL C 244 -12.10 -11.48 -40.98
N PRO C 245 -11.15 -10.66 -41.44
CA PRO C 245 -11.50 -9.63 -42.42
C PRO C 245 -11.71 -10.23 -43.82
N ARG C 246 -12.53 -9.52 -44.60
CA ARG C 246 -12.57 -9.80 -46.01
C ARG C 246 -11.24 -9.41 -46.64
N ARG C 247 -10.82 -8.17 -46.48
CA ARG C 247 -9.48 -7.72 -46.83
C ARG C 247 -9.02 -6.82 -45.70
N LEU C 248 -7.89 -7.19 -45.09
CA LEU C 248 -7.49 -6.58 -43.81
C LEU C 248 -7.42 -5.06 -43.92
N LYS C 249 -6.76 -4.55 -44.95
CA LYS C 249 -6.62 -3.10 -45.08
C LYS C 249 -7.97 -2.43 -45.24
N GLU C 250 -8.83 -3.00 -46.08
CA GLU C 250 -10.17 -2.42 -46.27
C GLU C 250 -10.98 -2.52 -45.00
N ALA C 251 -10.77 -3.59 -44.22
CA ALA C 251 -11.54 -3.79 -43.00
C ALA C 251 -11.13 -2.81 -41.90
N ILE C 252 -9.83 -2.70 -41.64
CA ILE C 252 -9.35 -1.76 -40.64
C ILE C 252 -9.82 -0.35 -40.96
N ARG C 253 -9.77 0.04 -42.24
CA ARG C 253 -10.32 1.32 -42.65
C ARG C 253 -11.79 1.44 -42.24
N ALA C 254 -12.57 0.35 -42.44
CA ALA C 254 -13.97 0.39 -42.08
C ALA C 254 -14.16 0.54 -40.59
N ALA C 255 -13.45 -0.28 -39.81
CA ALA C 255 -13.59 -0.27 -38.35
C ALA C 255 -13.10 1.00 -37.69
N LYS C 256 -12.19 1.74 -38.35
CA LYS C 256 -11.81 3.03 -37.81
C LYS C 256 -12.79 4.13 -38.24
N SER C 257 -13.61 3.88 -39.27
CA SER C 257 -14.63 4.85 -39.64
C SER C 257 -15.88 4.74 -38.76
N ASP C 258 -16.32 3.52 -38.50
CA ASP C 258 -17.57 3.29 -37.76
C ASP C 258 -17.31 2.24 -36.67
N PRO C 259 -16.57 2.63 -35.61
CA PRO C 259 -16.22 1.63 -34.61
C PRO C 259 -17.41 1.04 -33.86
N ASP C 260 -18.51 1.78 -33.80
CA ASP C 260 -19.66 1.34 -33.01
C ASP C 260 -20.21 0.02 -33.52
N ARG C 261 -19.97 -0.30 -34.79
CA ARG C 261 -20.29 -1.64 -35.28
C ARG C 261 -19.51 -2.71 -34.49
N PHE C 262 -18.22 -2.47 -34.27
CA PHE C 262 -17.31 -3.50 -33.81
C PHE C 262 -17.05 -3.48 -32.32
N VAL C 263 -17.60 -2.51 -31.58
CA VAL C 263 -17.30 -2.49 -30.13
C VAL C 263 -18.08 -3.64 -29.51
N THR C 264 -17.39 -4.47 -28.75
CA THR C 264 -17.99 -5.66 -28.17
C THR C 264 -17.64 -5.75 -26.70
N LYS C 265 -18.48 -6.45 -25.97
CA LYS C 265 -18.35 -6.63 -24.55
C LYS C 265 -18.49 -8.11 -24.23
N VAL C 266 -17.42 -8.69 -23.71
CA VAL C 266 -17.43 -10.11 -23.41
C VAL C 266 -17.36 -10.35 -21.89
N ARG C 267 -18.27 -11.15 -21.36
CA ARG C 267 -18.29 -11.44 -19.95
C ARG C 267 -17.51 -12.73 -19.71
N LEU C 268 -16.34 -12.59 -19.13
CA LEU C 268 -15.52 -13.74 -18.78
C LEU C 268 -15.95 -14.36 -17.46
N SER C 269 -16.08 -13.51 -16.45
CA SER C 269 -16.49 -13.91 -15.10
C SER C 269 -17.26 -12.71 -14.58
N PRO C 270 -18.14 -12.90 -13.58
CA PRO C 270 -18.96 -11.77 -13.13
C PRO C 270 -18.12 -10.55 -12.75
N VAL C 271 -16.92 -10.75 -12.20
CA VAL C 271 -16.06 -9.64 -11.85
C VAL C 271 -15.50 -8.95 -13.08
N VAL C 272 -14.87 -9.73 -13.96
CA VAL C 272 -14.10 -9.20 -15.09
C VAL C 272 -14.93 -9.32 -16.36
N GLU C 273 -15.26 -8.16 -16.95
CA GLU C 273 -15.97 -8.19 -18.23
C GLU C 273 -15.20 -7.32 -19.20
N VAL C 274 -14.63 -7.93 -20.23
CA VAL C 274 -13.74 -7.25 -21.16
C VAL C 274 -14.55 -6.42 -22.13
N GLU C 275 -14.27 -5.11 -22.14
CA GLU C 275 -14.82 -4.18 -23.10
C GLU C 275 -13.73 -3.81 -24.09
N ILE C 276 -13.85 -4.29 -25.31
CA ILE C 276 -12.97 -3.84 -26.40
C ILE C 276 -13.35 -2.37 -26.66
N PRO C 277 -12.47 -1.43 -26.38
CA PRO C 277 -12.86 -0.02 -26.44
C PRO C 277 -13.19 0.38 -27.86
N ARG C 278 -13.60 1.63 -28.01
CA ARG C 278 -14.01 2.11 -29.33
C ARG C 278 -12.84 2.12 -30.30
N GLU C 279 -11.70 2.63 -29.85
CA GLU C 279 -10.53 2.73 -30.70
C GLU C 279 -10.05 1.38 -31.24
N TYR C 280 -9.67 0.47 -30.36
CA TYR C 280 -9.05 -0.78 -30.81
C TYR C 280 -10.03 -1.69 -31.56
N ALA C 281 -11.28 -1.29 -31.71
CA ALA C 281 -12.27 -2.13 -32.37
C ALA C 281 -11.78 -2.71 -33.67
N TRP C 282 -10.89 -2.00 -34.34
CA TRP C 282 -10.32 -2.53 -35.58
C TRP C 282 -9.34 -3.65 -35.31
N THR C 283 -8.77 -3.71 -34.12
CA THR C 283 -7.85 -4.79 -33.82
C THR C 283 -8.55 -6.11 -33.68
N ARG C 284 -9.86 -6.14 -33.72
CA ARG C 284 -10.56 -7.41 -33.74
C ARG C 284 -10.18 -8.21 -34.98
N PHE C 285 -9.93 -7.52 -36.10
CA PHE C 285 -9.58 -8.19 -37.31
C PHE C 285 -8.21 -8.89 -37.22
N LEU C 286 -7.23 -8.25 -36.63
CA LEU C 286 -5.95 -8.87 -36.51
C LEU C 286 -6.02 -10.18 -35.75
N ILE C 287 -7.01 -10.34 -34.89
CA ILE C 287 -7.15 -11.54 -34.07
C ILE C 287 -7.36 -12.74 -34.99
N GLY C 288 -8.36 -12.69 -35.82
CA GLY C 288 -8.68 -13.82 -36.64
C GLY C 288 -7.89 -13.89 -37.91
N GLU C 289 -7.33 -12.78 -38.36
CA GLU C 289 -6.65 -12.78 -39.62
C GLU C 289 -5.26 -13.39 -39.52
N ILE C 290 -4.58 -13.18 -38.39
CA ILE C 290 -3.17 -13.56 -38.29
C ILE C 290 -3.02 -15.08 -38.48
N VAL C 291 -4.10 -15.85 -38.37
CA VAL C 291 -4.03 -17.26 -38.69
C VAL C 291 -3.77 -17.46 -40.18
N PHE C 292 -4.41 -16.64 -41.00
CA PHE C 292 -4.32 -16.84 -42.45
C PHE C 292 -3.05 -16.24 -43.03
N ASP C 293 -2.97 -14.92 -43.11
CA ASP C 293 -1.90 -14.23 -43.83
C ASP C 293 -1.18 -13.28 -42.90
N PRO C 294 -0.27 -13.81 -42.09
CA PRO C 294 0.43 -12.92 -41.18
C PRO C 294 1.55 -12.17 -41.82
N ASN C 295 1.33 -11.66 -43.01
CA ASN C 295 2.24 -10.68 -43.58
C ASN C 295 1.44 -9.44 -43.98
N HIS C 296 1.53 -8.39 -43.18
CA HIS C 296 0.95 -7.10 -43.51
C HIS C 296 1.72 -6.05 -42.74
N GLU C 297 1.84 -4.87 -43.34
CA GLU C 297 2.48 -3.77 -42.65
C GLU C 297 1.66 -3.38 -41.43
N GLU C 298 0.38 -3.73 -41.42
CA GLU C 298 -0.49 -3.41 -40.29
C GLU C 298 -0.36 -4.40 -39.16
N ILE C 299 -0.31 -5.68 -39.45
CA ILE C 299 -0.05 -6.65 -38.38
C ILE C 299 1.40 -6.64 -37.96
N LYS C 300 2.28 -6.76 -38.94
CA LYS C 300 3.68 -6.95 -38.62
C LYS C 300 4.26 -5.75 -37.91
N SER C 301 3.58 -4.60 -37.96
CA SER C 301 3.91 -3.51 -37.05
C SER C 301 3.32 -3.76 -35.68
N TYR C 302 2.05 -4.13 -35.64
CA TYR C 302 1.39 -4.29 -34.35
C TYR C 302 2.00 -5.43 -33.55
N ILE C 303 2.45 -6.48 -34.23
CA ILE C 303 3.09 -7.58 -33.50
C ILE C 303 4.48 -7.16 -33.02
N GLU C 304 5.17 -6.32 -33.79
CA GLU C 304 6.51 -5.92 -33.43
C GLU C 304 6.48 -5.05 -32.19
N GLN C 305 5.69 -3.96 -32.21
CA GLN C 305 5.63 -3.10 -31.03
C GLN C 305 4.98 -3.83 -29.82
N SER C 306 4.33 -4.98 -30.04
CA SER C 306 3.81 -5.77 -28.95
C SER C 306 4.81 -6.79 -28.47
N ARG C 307 5.88 -7.00 -29.22
CA ARG C 307 6.96 -7.87 -28.76
C ARG C 307 7.88 -7.11 -27.79
N LEU C 308 7.86 -5.80 -27.79
CA LEU C 308 8.74 -5.04 -26.92
C LEU C 308 8.44 -5.35 -25.47
N ARG C 309 7.20 -5.15 -25.02
CA ARG C 309 6.91 -5.33 -23.60
C ARG C 309 7.11 -6.80 -23.24
N ILE C 310 7.99 -7.07 -22.26
CA ILE C 310 8.17 -8.41 -21.78
C ILE C 310 7.83 -8.46 -20.31
N GLU C 311 6.74 -9.14 -19.96
CA GLU C 311 6.16 -9.02 -18.64
C GLU C 311 6.83 -9.95 -17.66
N ASN C 312 6.53 -11.25 -17.74
CA ASN C 312 7.05 -12.20 -16.77
C ASN C 312 8.47 -12.61 -17.20
N ALA C 313 8.53 -13.50 -18.18
CA ALA C 313 9.77 -13.98 -18.73
C ALA C 313 9.63 -13.93 -20.24
N VAL C 314 8.68 -14.72 -20.78
CA VAL C 314 8.53 -14.90 -22.20
C VAL C 314 8.44 -13.56 -22.89
N ILE C 315 8.98 -13.52 -24.12
CA ILE C 315 8.90 -12.32 -24.93
C ILE C 315 7.55 -12.36 -25.68
N GLY C 316 6.78 -13.41 -25.40
CA GLY C 316 5.59 -13.62 -26.23
C GLY C 316 5.79 -14.81 -27.16
N ASP C 317 4.77 -15.64 -27.37
CA ASP C 317 4.90 -16.80 -28.26
C ASP C 317 4.31 -16.46 -29.63
N VAL C 318 5.19 -16.17 -30.57
CA VAL C 318 4.81 -15.69 -31.89
C VAL C 318 6.15 -15.35 -32.59
N THR C 319 6.11 -15.31 -33.92
CA THR C 319 7.30 -15.13 -34.71
C THR C 319 7.21 -13.82 -35.44
N LEU C 320 8.22 -12.98 -35.22
CA LEU C 320 8.32 -11.65 -35.85
C LEU C 320 8.81 -11.76 -37.29
N TYR C 321 9.47 -12.86 -37.62
CA TYR C 321 10.14 -13.00 -38.91
C TYR C 321 9.15 -13.22 -40.05
N GLY C 322 7.90 -13.48 -39.72
CA GLY C 322 6.88 -13.59 -40.80
C GLY C 322 6.77 -15.02 -41.30
N GLU C 323 5.55 -15.46 -41.64
CA GLU C 323 5.34 -16.78 -42.15
C GLU C 323 4.69 -16.76 -43.50
N MET C 324 4.40 -17.95 -44.00
CA MET C 324 3.71 -18.11 -45.27
C MET C 324 2.21 -18.02 -45.09
N ASP C 325 1.56 -17.36 -46.03
CA ASP C 325 0.10 -17.30 -46.04
C ASP C 325 -0.48 -18.65 -46.41
N VAL C 326 -1.62 -19.00 -45.83
CA VAL C 326 -2.26 -20.29 -46.13
C VAL C 326 -2.67 -20.35 -47.58
N ALA C 327 -2.88 -19.19 -48.19
CA ALA C 327 -3.00 -19.16 -49.64
C ALA C 327 -1.71 -19.67 -50.28
N SER C 328 -0.58 -19.10 -49.92
CA SER C 328 0.71 -19.54 -50.45
C SER C 328 1.07 -20.89 -49.96
N ALA C 329 0.50 -21.32 -48.84
CA ALA C 329 0.78 -22.69 -48.33
C ALA C 329 0.17 -23.71 -49.22
N ILE C 330 -1.12 -23.55 -49.53
CA ILE C 330 -1.80 -24.50 -50.42
C ILE C 330 -1.07 -24.57 -51.77
N ILE C 331 -0.70 -23.42 -52.31
CA ILE C 331 -0.02 -23.42 -53.58
C ILE C 331 1.28 -24.22 -53.45
N THR C 332 2.07 -23.95 -52.41
CA THR C 332 3.34 -24.64 -52.24
C THR C 332 3.13 -26.12 -52.04
N SER C 333 2.01 -26.50 -51.45
CA SER C 333 1.72 -27.93 -51.27
C SER C 333 1.33 -28.58 -52.58
N LEU C 334 0.81 -27.79 -53.50
CA LEU C 334 0.43 -28.36 -54.79
C LEU C 334 1.61 -28.49 -55.72
N ARG C 335 2.60 -27.60 -55.64
CA ARG C 335 3.74 -27.71 -56.54
C ARG C 335 4.49 -29.01 -56.31
N ASN C 336 4.22 -29.68 -55.19
CA ASN C 336 4.85 -30.98 -54.93
C ASN C 336 4.10 -32.13 -55.53
N VAL C 337 2.85 -31.99 -55.94
CA VAL C 337 2.15 -33.10 -56.64
C VAL C 337 2.42 -32.98 -58.12
N SER C 338 1.97 -33.98 -58.89
CA SER C 338 2.37 -34.06 -60.29
C SER C 338 1.50 -33.20 -61.17
N VAL C 339 2.13 -32.49 -62.13
CA VAL C 339 1.42 -31.61 -63.02
C VAL C 339 0.27 -32.34 -63.71
N GLU C 340 0.42 -33.63 -63.94
CA GLU C 340 -0.67 -34.42 -64.49
C GLU C 340 -1.97 -34.22 -63.62
N ILE C 341 -1.83 -34.45 -62.33
CA ILE C 341 -2.99 -34.55 -61.47
C ILE C 341 -3.38 -33.21 -60.81
N GLN C 342 -2.55 -32.16 -60.93
CA GLN C 342 -2.78 -30.96 -60.16
C GLN C 342 -4.14 -30.34 -60.49
N GLU C 343 -4.60 -30.47 -61.72
CA GLU C 343 -5.92 -29.96 -62.05
C GLU C 343 -6.98 -30.61 -61.15
N ARG C 344 -6.86 -31.91 -60.92
CA ARG C 344 -7.86 -32.61 -60.13
C ARG C 344 -7.69 -32.34 -58.64
N VAL C 345 -6.46 -32.42 -58.13
CA VAL C 345 -6.25 -32.36 -56.70
C VAL C 345 -6.48 -30.93 -56.16
N ALA C 346 -6.33 -29.94 -57.01
CA ALA C 346 -6.56 -28.58 -56.57
C ALA C 346 -8.02 -28.16 -56.61
N SER C 347 -8.93 -29.05 -57.03
CA SER C 347 -10.33 -28.69 -57.13
C SER C 347 -10.89 -28.33 -55.76
N GLN C 348 -10.98 -29.29 -54.85
CA GLN C 348 -11.56 -29.06 -53.54
C GLN C 348 -10.47 -28.65 -52.56
N ILE C 349 -10.83 -27.79 -51.62
CA ILE C 349 -10.00 -27.52 -50.47
C ILE C 349 -10.83 -27.71 -49.23
N ILE C 350 -10.45 -28.70 -48.43
CA ILE C 350 -11.11 -28.98 -47.16
C ILE C 350 -10.38 -28.22 -46.07
N LEU C 351 -11.05 -27.26 -45.49
CA LEU C 351 -10.59 -26.61 -44.26
C LEU C 351 -11.07 -27.44 -43.10
N SER C 352 -10.23 -27.58 -42.09
CA SER C 352 -10.53 -28.41 -40.96
C SER C 352 -9.74 -27.93 -39.78
N GLY C 353 -10.08 -28.47 -38.63
CA GLY C 353 -9.33 -28.10 -37.43
C GLY C 353 -9.90 -26.81 -36.85
N GLY C 354 -9.37 -26.45 -35.70
CA GLY C 354 -9.94 -25.35 -34.96
C GLY C 354 -9.81 -24.01 -35.62
N ALA C 355 -8.61 -23.58 -35.92
CA ALA C 355 -8.37 -22.19 -36.35
C ALA C 355 -9.14 -21.80 -37.60
N PHE C 356 -9.70 -22.76 -38.33
CA PHE C 356 -10.72 -22.39 -39.28
C PHE C 356 -12.08 -22.73 -38.66
N SER C 357 -12.68 -21.71 -38.10
CA SER C 357 -13.93 -21.83 -37.38
C SER C 357 -14.79 -20.63 -37.66
N TRP C 358 -14.18 -19.44 -37.64
CA TRP C 358 -14.79 -18.18 -37.34
C TRP C 358 -16.11 -17.96 -38.04
N ARG C 359 -17.11 -17.55 -37.25
CA ARG C 359 -18.41 -17.21 -37.83
C ARG C 359 -18.59 -15.70 -37.82
N VAL C 360 -18.93 -15.14 -38.95
CA VAL C 360 -19.21 -13.71 -39.00
C VAL C 360 -20.41 -13.42 -38.07
N PRO C 361 -20.22 -12.54 -37.07
CA PRO C 361 -21.37 -12.14 -36.27
C PRO C 361 -22.41 -11.47 -37.18
N PRO C 362 -23.70 -11.71 -36.91
CA PRO C 362 -24.73 -11.34 -37.88
C PRO C 362 -24.70 -9.87 -38.26
N GLY C 363 -25.07 -9.58 -39.51
CA GLY C 363 -25.14 -8.22 -40.00
C GLY C 363 -23.81 -7.59 -40.35
N MET C 364 -22.70 -8.25 -40.00
CA MET C 364 -21.37 -7.72 -40.24
C MET C 364 -20.71 -8.31 -41.51
N GLU C 365 -21.48 -9.09 -42.28
CA GLU C 365 -20.93 -9.80 -43.42
C GLU C 365 -20.27 -8.89 -44.46
N ASP C 366 -20.61 -7.61 -44.47
CA ASP C 366 -20.07 -6.69 -45.48
C ASP C 366 -18.58 -6.48 -45.30
N VAL C 367 -18.04 -6.84 -44.14
CA VAL C 367 -16.62 -6.59 -43.85
C VAL C 367 -15.96 -7.88 -43.40
N ALA C 368 -16.49 -8.56 -42.40
CA ALA C 368 -15.90 -9.80 -41.93
C ALA C 368 -16.10 -10.90 -42.95
N ALA C 369 -15.53 -12.07 -42.71
CA ALA C 369 -15.71 -13.19 -43.63
C ALA C 369 -15.53 -14.48 -42.86
N ASP C 370 -16.27 -15.50 -43.27
CA ASP C 370 -16.08 -16.83 -42.70
C ASP C 370 -14.73 -17.36 -43.19
N SER C 371 -14.20 -18.34 -42.47
CA SER C 371 -12.92 -18.92 -42.84
C SER C 371 -12.96 -19.43 -44.28
N VAL C 372 -14.10 -20.04 -44.66
CA VAL C 372 -14.27 -20.49 -46.04
C VAL C 372 -14.06 -19.30 -46.99
N THR C 373 -14.90 -18.28 -46.89
CA THR C 373 -14.82 -17.16 -47.79
C THR C 373 -13.42 -16.52 -47.73
N ARG C 374 -12.75 -16.60 -46.59
CA ARG C 374 -11.42 -16.03 -46.49
C ARG C 374 -10.43 -16.77 -47.37
N VAL C 375 -10.36 -18.08 -47.27
CA VAL C 375 -9.42 -18.85 -48.08
C VAL C 375 -9.71 -18.64 -49.56
N LYS C 376 -10.99 -18.66 -49.94
CA LYS C 376 -11.34 -18.50 -51.34
C LYS C 376 -10.87 -17.14 -51.87
N ILE C 377 -11.01 -16.09 -51.05
CA ILE C 377 -10.56 -14.77 -51.50
C ILE C 377 -9.04 -14.66 -51.33
N ALA C 378 -8.46 -15.50 -50.49
CA ALA C 378 -7.01 -15.51 -50.36
C ALA C 378 -6.36 -16.02 -51.62
N LEU C 379 -6.95 -17.06 -52.22
CA LEU C 379 -6.37 -17.62 -53.45
C LEU C 379 -6.50 -16.66 -54.61
N GLU C 380 -7.60 -15.92 -54.68
CA GLU C 380 -7.79 -14.94 -55.76
C GLU C 380 -6.66 -13.92 -55.79
N GLU C 381 -6.11 -13.58 -54.63
CA GLU C 381 -5.04 -12.60 -54.60
C GLU C 381 -3.72 -13.19 -55.15
N LYS C 382 -3.41 -14.43 -54.78
CA LYS C 382 -2.15 -15.01 -55.19
C LYS C 382 -2.22 -15.68 -56.57
N SER C 383 -3.03 -16.74 -56.66
CA SER C 383 -3.11 -17.58 -57.86
C SER C 383 -4.50 -17.46 -58.47
N PRO C 384 -4.75 -16.40 -59.27
CA PRO C 384 -6.09 -16.16 -59.78
C PRO C 384 -6.67 -17.32 -60.55
N ALA C 385 -5.86 -17.89 -61.45
CA ALA C 385 -6.32 -18.98 -62.29
C ALA C 385 -6.75 -20.18 -61.46
N LEU C 386 -6.19 -20.33 -60.27
CA LEU C 386 -6.61 -21.42 -59.41
C LEU C 386 -7.97 -21.15 -58.81
N ALA C 387 -8.18 -19.92 -58.33
CA ALA C 387 -9.37 -19.62 -57.54
C ALA C 387 -10.63 -19.72 -58.39
N SER C 388 -10.48 -19.79 -59.71
CA SER C 388 -11.66 -19.95 -60.56
C SER C 388 -12.37 -21.29 -60.31
N LYS C 389 -11.60 -22.37 -60.35
CA LYS C 389 -12.17 -23.72 -60.27
C LYS C 389 -12.24 -24.23 -58.84
N VAL C 390 -11.64 -23.51 -57.90
CA VAL C 390 -11.57 -23.98 -56.51
C VAL C 390 -12.95 -23.93 -55.89
N GLU C 391 -13.36 -25.08 -55.34
CA GLU C 391 -14.53 -25.17 -54.47
C GLU C 391 -14.01 -25.52 -53.08
N VAL C 392 -14.04 -24.57 -52.17
CA VAL C 392 -13.45 -24.71 -50.85
C VAL C 392 -14.58 -25.01 -49.85
N ARG C 393 -14.33 -25.95 -48.95
CA ARG C 393 -15.35 -26.42 -48.05
C ARG C 393 -14.77 -26.55 -46.64
N LEU C 394 -15.61 -26.28 -45.67
CA LEU C 394 -15.25 -26.45 -44.26
C LEU C 394 -15.91 -27.72 -43.72
N VAL C 395 -15.17 -28.51 -42.97
CA VAL C 395 -15.70 -29.74 -42.43
C VAL C 395 -16.79 -29.38 -41.38
N SER C 396 -17.87 -30.14 -41.40
CA SER C 396 -18.82 -30.10 -40.31
C SER C 396 -18.16 -30.63 -39.04
N GLU C 397 -18.30 -29.89 -37.96
CA GLU C 397 -17.59 -30.15 -36.69
C GLU C 397 -16.09 -30.13 -36.93
N PRO C 398 -15.52 -28.94 -37.19
CA PRO C 398 -14.15 -28.85 -37.71
C PRO C 398 -13.11 -29.58 -36.85
N GLN C 399 -13.14 -29.31 -35.55
CA GLN C 399 -12.14 -29.84 -34.70
C GLN C 399 -12.31 -31.31 -34.33
N TYR C 400 -13.52 -31.79 -34.28
CA TYR C 400 -13.74 -33.21 -34.02
C TYR C 400 -13.13 -34.09 -35.12
N SER C 401 -12.81 -33.51 -36.29
CA SER C 401 -12.43 -34.26 -37.47
C SER C 401 -11.31 -35.26 -37.27
N VAL C 402 -10.18 -34.75 -36.81
CA VAL C 402 -8.95 -35.57 -36.76
C VAL C 402 -9.19 -36.84 -35.99
N TRP C 403 -9.94 -36.80 -34.90
CA TRP C 403 -10.24 -38.01 -34.17
C TRP C 403 -11.06 -38.97 -35.02
N ARG C 404 -12.09 -38.47 -35.70
CA ARG C 404 -12.90 -39.34 -36.55
C ARG C 404 -11.99 -40.08 -37.54
N GLY C 405 -10.94 -39.44 -38.00
CA GLY C 405 -9.99 -40.13 -38.86
C GLY C 405 -9.09 -41.04 -38.09
N ALA C 406 -8.84 -40.74 -36.85
CA ALA C 406 -7.90 -41.54 -36.05
C ALA C 406 -8.45 -42.91 -35.80
N VAL C 407 -9.77 -43.02 -35.60
CA VAL C 407 -10.32 -44.32 -35.30
C VAL C 407 -10.43 -45.11 -36.61
N ILE C 408 -10.90 -44.50 -37.70
CA ILE C 408 -11.06 -45.22 -38.93
C ILE C 408 -9.74 -45.78 -39.37
N TYR C 409 -8.70 -44.97 -39.34
CA TYR C 409 -7.34 -45.47 -39.56
C TYR C 409 -7.01 -46.56 -38.55
N GLY C 410 -7.28 -46.30 -37.30
CA GLY C 410 -7.01 -47.29 -36.29
C GLY C 410 -7.87 -48.53 -36.47
N TYR C 411 -9.03 -48.37 -37.10
CA TYR C 411 -9.91 -49.51 -37.31
C TYR C 411 -9.31 -50.48 -38.30
N ALA C 412 -9.00 -50.02 -39.51
CA ALA C 412 -8.32 -50.86 -40.49
C ALA C 412 -6.86 -50.44 -40.60
N LEU C 413 -6.01 -51.17 -39.88
CA LEU C 413 -4.57 -51.11 -40.02
C LEU C 413 -4.09 -52.49 -39.67
N PRO C 414 -4.04 -53.40 -40.66
CA PRO C 414 -4.00 -54.84 -40.34
C PRO C 414 -3.00 -55.19 -39.24
N LEU C 415 -3.47 -55.92 -38.24
CA LEU C 415 -2.79 -55.97 -36.97
C LEU C 415 -1.51 -56.79 -37.01
N SER C 416 -1.31 -57.52 -38.09
CA SER C 416 -0.05 -58.27 -38.28
C SER C 416 1.08 -57.36 -38.77
N LEU C 417 0.79 -56.08 -38.97
CA LEU C 417 1.75 -55.10 -39.45
C LEU C 417 2.41 -54.48 -38.26
N GLU C 418 3.69 -54.78 -38.05
CA GLU C 418 4.42 -54.22 -36.91
C GLU C 418 4.84 -52.79 -37.19
N TRP C 419 4.97 -52.01 -36.13
CA TRP C 419 5.59 -50.68 -36.23
C TRP C 419 7.06 -50.91 -36.52
N SER C 420 7.55 -50.30 -37.57
CA SER C 420 8.98 -50.34 -37.89
C SER C 420 9.46 -48.91 -38.01
N ASP C 421 10.51 -48.59 -37.27
CA ASP C 421 10.99 -47.22 -37.12
C ASP C 421 11.17 -46.52 -38.47
N THR C 422 11.71 -47.25 -39.43
CA THR C 422 11.99 -46.68 -40.76
C THR C 422 10.74 -46.19 -41.46
N THR C 423 9.68 -47.00 -41.53
CA THR C 423 8.49 -46.58 -42.25
C THR C 423 7.59 -45.64 -41.42
N ARG C 424 7.77 -45.61 -40.11
CA ARG C 424 6.98 -44.75 -39.25
C ARG C 424 5.47 -45.02 -39.42
N GLU C 425 5.11 -46.29 -39.45
CA GLU C 425 3.71 -46.68 -39.62
C GLU C 425 3.50 -48.03 -38.95
N GLY C 426 2.28 -48.25 -38.49
CA GLY C 426 1.92 -49.56 -37.97
C GLY C 426 1.86 -49.69 -36.48
N TRP C 427 1.34 -50.81 -36.03
CA TRP C 427 1.08 -51.04 -34.61
C TRP C 427 2.35 -51.41 -33.86
N ARG C 428 2.40 -51.02 -32.60
CA ARG C 428 3.38 -51.54 -31.66
C ARG C 428 2.66 -52.19 -30.49
N PHE C 429 3.26 -53.24 -29.94
CA PHE C 429 2.59 -53.99 -28.89
C PHE C 429 3.37 -53.87 -27.59
N PRO C 430 2.68 -53.76 -26.46
CA PRO C 430 3.32 -53.84 -25.13
C PRO C 430 3.22 -55.29 -24.55
N SER D 5 14.87 25.94 -42.38
CA SER D 5 16.25 26.36 -42.62
C SER D 5 17.26 25.46 -41.90
N ASP D 6 18.45 25.99 -41.65
CA ASP D 6 19.56 25.20 -41.14
C ASP D 6 20.10 25.73 -39.84
N ALA D 7 20.82 26.84 -39.89
CA ALA D 7 21.33 27.43 -38.62
C ALA D 7 20.17 27.78 -37.71
N TYR D 8 19.00 27.98 -38.29
CA TYR D 8 17.72 28.12 -37.56
C TYR D 8 17.49 26.92 -36.65
N ARG D 9 18.00 25.75 -37.02
CA ARG D 9 17.87 24.59 -36.17
C ARG D 9 18.79 24.71 -34.94
N LEU D 10 20.03 25.12 -35.13
CA LEU D 10 20.98 25.15 -34.04
C LEU D 10 20.51 26.05 -32.89
N LYS D 11 19.48 26.88 -33.13
CA LYS D 11 18.86 27.66 -32.08
C LYS D 11 17.55 27.06 -31.65
N TYR D 12 16.59 26.98 -32.56
CA TYR D 12 15.18 26.74 -32.22
C TYR D 12 14.77 25.26 -32.28
N THR D 13 15.70 24.36 -32.52
CA THR D 13 15.42 22.93 -32.32
C THR D 13 15.19 22.71 -30.87
N PHE D 14 14.06 22.12 -30.53
CA PHE D 14 13.57 22.07 -29.14
C PHE D 14 13.24 20.65 -28.76
N GLY D 15 14.07 20.09 -27.85
CA GLY D 15 13.90 18.74 -27.38
C GLY D 15 12.93 18.70 -26.21
N VAL D 16 12.15 17.62 -26.14
CA VAL D 16 11.25 17.32 -25.04
C VAL D 16 11.34 15.84 -24.79
N ASP D 17 11.59 15.48 -23.55
CA ASP D 17 11.44 14.10 -23.10
C ASP D 17 10.23 14.07 -22.17
N PHE D 18 9.53 12.94 -22.13
CA PHE D 18 8.53 12.75 -21.12
C PHE D 18 8.95 11.78 -20.06
N GLY D 19 8.97 10.49 -20.40
CA GLY D 19 9.24 9.49 -19.39
C GLY D 19 8.22 9.59 -18.26
N THR D 20 8.47 8.94 -17.14
CA THR D 20 7.48 8.95 -16.10
C THR D 20 7.71 10.08 -15.14
N SER D 21 8.86 10.08 -14.45
CA SER D 21 9.11 11.02 -13.37
C SER D 21 9.34 12.42 -13.85
N TYR D 22 10.47 12.67 -14.49
CA TYR D 22 10.83 14.03 -14.89
C TYR D 22 10.64 14.22 -16.37
N VAL D 23 9.99 15.30 -16.75
CA VAL D 23 9.92 15.73 -18.13
C VAL D 23 11.06 16.65 -18.39
N LYS D 24 12.02 16.17 -19.20
CA LYS D 24 13.26 16.90 -19.46
C LYS D 24 13.05 17.64 -20.77
N TYR D 25 13.43 18.91 -20.81
CA TYR D 25 13.03 19.75 -21.94
C TYR D 25 14.00 20.89 -22.08
N GLY D 26 14.02 21.46 -23.28
CA GLY D 26 14.77 22.68 -23.55
C GLY D 26 15.12 22.79 -25.00
N PRO D 27 15.59 23.95 -25.42
CA PRO D 27 16.09 24.08 -26.79
C PRO D 27 17.48 23.46 -26.89
N ILE D 28 17.88 23.17 -28.13
CA ILE D 28 19.16 22.55 -28.36
C ILE D 28 20.32 23.41 -27.80
N THR D 29 20.07 24.69 -27.57
CA THR D 29 21.13 25.58 -27.16
C THR D 29 21.62 25.26 -25.75
N LEU D 30 20.76 24.69 -24.91
CA LEU D 30 21.13 24.45 -23.52
C LEU D 30 22.27 23.45 -23.40
N ASN D 31 23.01 23.57 -22.31
CA ASN D 31 24.04 22.58 -21.99
C ASN D 31 23.43 21.28 -21.45
N GLU D 32 22.53 21.43 -20.47
CA GLU D 32 21.72 20.31 -19.96
C GLU D 32 20.29 20.83 -19.82
N PRO D 33 19.31 19.93 -20.01
CA PRO D 33 17.91 20.37 -20.13
C PRO D 33 17.35 20.74 -18.76
N LYS D 34 16.37 21.65 -18.78
CA LYS D 34 15.58 21.93 -17.60
C LYS D 34 14.58 20.82 -17.33
N MET D 35 14.22 20.65 -16.07
CA MET D 35 13.35 19.54 -15.67
C MET D 35 12.02 20.04 -15.13
N VAL D 36 11.00 19.22 -15.32
CA VAL D 36 9.71 19.41 -14.71
C VAL D 36 9.27 18.06 -14.21
N GLN D 37 9.02 17.96 -12.91
CA GLN D 37 8.45 16.73 -12.39
C GLN D 37 7.07 16.56 -12.98
N THR D 38 6.81 15.38 -13.55
CA THR D 38 5.68 15.18 -14.44
C THR D 38 4.33 15.45 -13.75
N ARG D 39 4.32 15.49 -12.43
CA ARG D 39 3.11 15.63 -11.66
C ARG D 39 2.40 16.92 -12.15
N GLY D 40 1.13 16.76 -12.50
CA GLY D 40 0.22 17.86 -12.60
C GLY D 40 -0.54 17.93 -11.26
N LEU D 41 -0.95 19.12 -10.86
CA LEU D 41 -1.77 19.33 -9.70
C LEU D 41 -3.12 19.90 -10.09
N PHE D 42 -4.17 19.13 -9.92
CA PHE D 42 -5.49 19.64 -10.15
C PHE D 42 -5.91 20.58 -9.04
N LEU D 43 -6.65 21.61 -9.43
CA LEU D 43 -7.42 22.38 -8.50
C LEU D 43 -8.87 22.10 -8.91
N ARG D 44 -9.57 21.26 -8.14
CA ARG D 44 -10.84 20.77 -8.59
C ARG D 44 -11.94 20.99 -7.55
N ASP D 45 -11.82 20.39 -6.38
CA ASP D 45 -12.77 20.68 -5.30
C ASP D 45 -12.12 21.77 -4.45
N LEU D 46 -12.59 23.00 -4.61
CA LEU D 46 -12.04 24.12 -3.88
C LEU D 46 -13.16 24.79 -3.09
N PRO D 47 -13.03 24.80 -1.75
CA PRO D 47 -13.90 25.67 -0.97
C PRO D 47 -13.70 27.11 -1.40
N GLU D 48 -14.82 27.82 -1.64
CA GLU D 48 -14.73 29.18 -2.15
C GLU D 48 -13.77 30.05 -1.32
N SER D 49 -13.54 29.67 -0.08
CA SER D 49 -12.48 30.26 0.72
C SER D 49 -11.15 30.26 0.02
N VAL D 50 -10.74 29.11 -0.52
CA VAL D 50 -9.45 29.00 -1.21
C VAL D 50 -9.45 29.61 -2.62
N LYS D 51 -10.57 29.51 -3.34
CA LYS D 51 -10.64 30.14 -4.64
C LYS D 51 -10.38 31.65 -4.52
N MET D 52 -10.76 32.24 -3.39
CA MET D 52 -10.45 33.63 -3.18
C MET D 52 -8.94 33.84 -3.16
N ARG D 53 -8.19 32.84 -2.69
CA ARG D 53 -6.74 32.94 -2.55
C ARG D 53 -6.00 32.52 -3.81
N ILE D 54 -6.68 31.94 -4.78
CA ILE D 54 -6.05 31.51 -6.02
C ILE D 54 -6.22 32.63 -7.07
N PRO D 55 -5.15 33.00 -7.78
CA PRO D 55 -5.31 33.91 -8.90
C PRO D 55 -6.26 33.32 -9.93
N PRO D 56 -7.20 34.12 -10.45
CA PRO D 56 -8.21 33.53 -11.34
C PRO D 56 -7.59 33.07 -12.67
N ASP D 57 -6.39 33.51 -13.02
CA ASP D 57 -5.70 33.01 -14.19
C ASP D 57 -5.32 31.53 -14.02
N VAL D 58 -4.69 31.21 -12.90
CA VAL D 58 -4.24 29.84 -12.65
C VAL D 58 -5.43 28.90 -12.55
N LEU D 59 -6.43 29.27 -11.74
CA LEU D 59 -7.58 28.39 -11.58
C LEU D 59 -8.37 28.27 -12.87
N ALA D 60 -8.21 29.22 -13.79
CA ALA D 60 -8.96 29.18 -15.05
C ALA D 60 -8.66 27.89 -15.80
N ARG D 61 -7.38 27.64 -16.09
CA ARG D 61 -7.01 26.43 -16.83
C ARG D 61 -7.19 25.16 -16.02
N GLY D 62 -7.45 25.28 -14.73
CA GLY D 62 -7.84 24.13 -13.91
C GLY D 62 -6.73 23.23 -13.40
N LEU D 63 -5.52 23.53 -13.82
CA LEU D 63 -4.36 22.76 -13.34
C LEU D 63 -3.23 23.72 -12.98
N VAL D 64 -2.16 23.12 -12.49
CA VAL D 64 -0.90 23.80 -12.38
C VAL D 64 0.12 22.70 -12.50
N VAL D 65 1.29 23.04 -13.05
CA VAL D 65 2.33 22.03 -13.31
C VAL D 65 3.68 22.73 -13.23
N GLY D 66 4.71 21.96 -12.96
CA GLY D 66 6.05 22.49 -12.74
C GLY D 66 6.46 22.40 -11.31
N ASP D 67 7.75 22.40 -11.06
CA ASP D 67 8.26 22.19 -9.70
C ASP D 67 7.78 23.31 -8.77
N GLU D 68 8.14 24.54 -9.09
CA GLU D 68 7.83 25.67 -8.22
C GLU D 68 6.35 26.04 -8.29
N GLU D 69 5.75 25.94 -9.46
CA GLU D 69 4.36 26.35 -9.62
C GLU D 69 3.41 25.50 -8.80
N VAL D 70 3.73 24.22 -8.63
CA VAL D 70 2.85 23.32 -7.87
C VAL D 70 3.12 23.47 -6.38
N ARG D 71 4.39 23.57 -5.97
CA ARG D 71 4.70 23.61 -4.56
C ARG D 71 3.85 24.65 -3.86
N LYS D 72 3.66 25.81 -4.46
CA LYS D 72 2.91 26.88 -3.84
C LYS D 72 1.47 26.54 -3.68
N TYR D 73 0.90 25.72 -4.55
CA TYR D 73 -0.54 25.39 -4.50
C TYR D 73 -0.83 24.07 -3.79
N LEU D 74 0.17 23.46 -3.18
CA LEU D 74 -0.05 22.20 -2.46
C LEU D 74 -0.63 22.43 -1.08
N SER D 75 -1.75 21.82 -0.83
CA SER D 75 -2.40 21.70 0.49
C SER D 75 -1.94 20.39 1.15
N SER D 76 -2.74 19.82 2.02
CA SER D 76 -2.39 18.67 2.79
C SER D 76 -2.32 17.41 2.00
N VAL D 77 -1.95 16.32 2.69
CA VAL D 77 -1.65 15.07 2.02
C VAL D 77 -2.91 14.57 1.35
N ARG D 78 -4.07 14.72 2.00
CA ARG D 78 -5.29 14.32 1.35
C ARG D 78 -5.43 15.02 -0.05
N ASP D 79 -5.06 16.28 -0.17
CA ASP D 79 -5.06 16.94 -1.43
C ASP D 79 -4.04 16.29 -2.40
N VAL D 80 -2.88 15.94 -1.88
CA VAL D 80 -1.85 15.38 -2.70
C VAL D 80 -2.27 14.07 -3.28
N GLN D 81 -2.79 13.14 -2.48
CA GLN D 81 -3.16 11.85 -3.04
C GLN D 81 -4.39 11.96 -3.96
N ARG D 82 -5.10 13.09 -3.91
CA ARG D 82 -6.18 13.30 -4.85
C ARG D 82 -5.75 14.10 -6.06
N ASN D 83 -5.53 15.40 -5.85
CA ASN D 83 -5.48 16.31 -6.96
C ASN D 83 -4.10 16.40 -7.59
N LEU D 84 -3.14 15.66 -7.07
CA LEU D 84 -1.80 15.60 -7.68
C LEU D 84 -1.74 14.37 -8.52
N LYS D 85 -1.79 14.56 -9.83
CA LYS D 85 -1.92 13.46 -10.79
C LYS D 85 -0.58 13.20 -11.43
N TYR D 86 -0.06 11.98 -11.25
CA TYR D 86 1.12 11.60 -12.02
C TYR D 86 0.59 10.87 -13.25
N PRO D 87 0.62 11.52 -14.41
CA PRO D 87 0.18 10.82 -15.64
C PRO D 87 1.35 9.94 -16.04
N LEU D 88 1.24 9.31 -17.19
CA LEU D 88 2.33 8.45 -17.68
C LEU D 88 2.69 7.41 -16.60
N LYS D 89 1.69 6.67 -16.13
CA LYS D 89 1.86 5.78 -15.00
C LYS D 89 3.05 4.88 -15.18
N ASP D 90 3.13 4.13 -16.27
CA ASP D 90 4.43 3.68 -16.74
C ASP D 90 4.60 3.99 -18.22
N GLY D 91 5.38 5.00 -18.53
CA GLY D 91 5.73 5.32 -19.91
C GLY D 91 4.56 5.75 -20.79
N VAL D 92 3.33 5.59 -20.29
CA VAL D 92 2.13 5.55 -21.09
C VAL D 92 0.95 6.13 -20.32
N ALA D 93 0.09 6.88 -20.99
CA ALA D 93 -1.17 7.32 -20.40
C ALA D 93 -2.31 6.50 -20.97
N ARG D 94 -3.09 5.86 -20.11
CA ARG D 94 -4.23 5.10 -20.62
C ARG D 94 -5.19 5.99 -21.41
N ARG D 95 -5.66 5.51 -22.54
CA ARG D 95 -6.49 6.31 -23.41
C ARG D 95 -7.70 6.90 -22.66
N ASP D 96 -8.39 6.05 -21.93
CA ASP D 96 -9.65 6.42 -21.28
C ASP D 96 -9.49 7.58 -20.28
N ASP D 97 -8.26 7.94 -19.91
CA ASP D 97 -8.05 8.92 -18.85
C ASP D 97 -7.96 10.31 -19.46
N GLU D 98 -8.99 11.12 -19.23
CA GLU D 98 -8.97 12.49 -19.69
C GLU D 98 -8.02 13.32 -18.85
N GLU D 99 -7.94 13.02 -17.56
CA GLU D 99 -7.01 13.73 -16.69
C GLU D 99 -5.57 13.46 -17.10
N ALA D 100 -5.34 12.36 -17.81
CA ALA D 100 -3.97 11.98 -18.15
C ALA D 100 -3.37 12.95 -19.13
N TRP D 101 -4.04 13.25 -20.24
CA TRP D 101 -3.47 14.21 -21.18
C TRP D 101 -3.75 15.63 -20.78
N ARG D 102 -4.84 15.87 -20.03
CA ARG D 102 -5.15 17.24 -19.63
C ARG D 102 -3.96 17.84 -18.93
N VAL D 103 -3.23 17.06 -18.18
CA VAL D 103 -1.98 17.52 -17.59
C VAL D 103 -0.88 17.59 -18.64
N LEU D 104 -0.71 16.54 -19.42
CA LEU D 104 0.31 16.55 -20.46
C LEU D 104 0.16 17.77 -21.37
N LYS D 105 -1.08 18.14 -21.70
CA LYS D 105 -1.29 19.34 -22.48
C LYS D 105 -0.66 20.53 -21.79
N GLU D 106 -1.06 20.81 -20.56
CA GLU D 106 -0.55 21.98 -19.88
C GLU D 106 0.83 21.73 -19.32
N LEU D 107 1.25 20.49 -19.26
CA LEU D 107 2.66 20.24 -18.97
C LEU D 107 3.52 20.57 -20.17
N ALA D 108 3.11 20.11 -21.34
CA ALA D 108 3.79 20.54 -22.56
C ALA D 108 3.63 22.03 -22.79
N ARG D 109 2.45 22.58 -22.47
CA ARG D 109 2.25 24.02 -22.58
C ARG D 109 3.19 24.76 -21.66
N TYR D 110 3.34 24.29 -20.42
CA TYR D 110 4.30 24.88 -19.51
C TYR D 110 5.71 24.83 -20.10
N THR D 111 6.02 23.75 -20.82
CA THR D 111 7.37 23.56 -21.31
C THR D 111 7.74 24.69 -22.29
N LEU D 112 6.94 24.89 -23.34
CA LEU D 112 7.27 25.90 -24.33
C LEU D 112 7.18 27.32 -23.75
N ALA D 113 6.13 27.60 -22.98
CA ALA D 113 5.98 28.92 -22.38
C ALA D 113 7.20 29.33 -21.57
N GLN D 114 7.91 28.37 -20.98
CA GLN D 114 9.12 28.66 -20.23
C GLN D 114 10.19 29.35 -21.10
N PHE D 115 10.15 29.16 -22.42
CA PHE D 115 11.20 29.66 -23.32
C PHE D 115 10.60 30.55 -24.39
N PRO D 116 10.47 31.86 -24.10
CA PRO D 116 10.01 32.78 -25.14
C PRO D 116 11.17 33.09 -26.09
N VAL D 117 10.80 33.53 -27.30
CA VAL D 117 11.80 33.89 -28.28
C VAL D 117 11.55 35.31 -28.76
N SER D 118 12.54 36.18 -28.58
CA SER D 118 12.45 37.57 -28.96
C SER D 118 12.69 37.79 -30.46
N ASP D 119 13.59 37.01 -31.06
CA ASP D 119 14.00 37.19 -32.44
C ASP D 119 12.81 37.15 -33.40
N PRO D 120 12.63 38.21 -34.20
CA PRO D 120 11.61 38.16 -35.26
C PRO D 120 11.92 37.17 -36.38
N GLU D 121 13.16 36.69 -36.47
CA GLU D 121 13.49 35.64 -37.44
C GLU D 121 12.91 34.30 -37.04
N PHE D 122 12.29 34.22 -35.86
CA PHE D 122 11.78 32.97 -35.33
C PHE D 122 10.48 32.59 -36.02
N ALA D 123 10.49 31.47 -36.71
CA ALA D 123 9.36 30.99 -37.49
C ALA D 123 8.53 29.97 -36.73
N GLY D 124 8.85 29.75 -35.47
CA GLY D 124 8.29 28.66 -34.70
C GLY D 124 9.32 27.60 -34.38
N TRP D 125 9.06 26.85 -33.33
CA TRP D 125 10.01 25.90 -32.82
C TRP D 125 10.08 24.67 -33.71
N LEU D 126 11.03 23.82 -33.38
CA LEU D 126 11.11 22.46 -33.89
C LEU D 126 11.09 21.56 -32.66
N VAL D 127 9.99 20.85 -32.45
CA VAL D 127 9.72 20.14 -31.21
C VAL D 127 10.03 18.67 -31.42
N ALA D 128 11.13 18.21 -30.83
CA ALA D 128 11.48 16.82 -30.84
C ALA D 128 11.02 16.20 -29.52
N VAL D 129 10.04 15.34 -29.59
CA VAL D 129 9.53 14.65 -28.43
C VAL D 129 10.16 13.27 -28.33
N ALA D 130 10.57 12.89 -27.14
CA ALA D 130 11.03 11.53 -26.89
C ALA D 130 10.06 10.85 -25.99
N LEU D 131 9.28 9.92 -26.52
CA LEU D 131 8.40 9.11 -25.70
C LEU D 131 9.04 7.82 -25.35
N SER D 132 8.38 7.05 -24.51
CA SER D 132 8.90 5.73 -24.16
C SER D 132 8.65 4.75 -25.31
N ALA D 133 9.45 3.72 -25.39
CA ALA D 133 9.30 2.69 -26.40
C ALA D 133 7.94 2.03 -26.31
N LEU D 134 7.39 1.99 -25.10
CA LEU D 134 6.10 1.34 -24.89
C LEU D 134 4.96 2.20 -25.42
N ALA D 135 5.23 3.43 -25.83
CA ALA D 135 4.17 4.35 -26.22
C ALA D 135 3.42 3.74 -27.40
N PRO D 136 2.11 3.48 -27.20
CA PRO D 136 1.33 2.90 -28.27
C PRO D 136 1.07 3.89 -29.39
N ASP D 137 0.21 3.48 -30.33
CA ASP D 137 -0.12 4.34 -31.45
C ASP D 137 -0.86 5.56 -30.95
N TYR D 138 -1.87 5.37 -30.09
CA TYR D 138 -2.70 6.50 -29.67
C TYR D 138 -1.89 7.54 -28.95
N MET D 139 -0.91 7.10 -28.16
CA MET D 139 -0.11 8.06 -27.42
C MET D 139 0.70 8.96 -28.34
N TYR D 140 1.09 8.45 -29.48
CA TYR D 140 1.61 9.32 -30.54
C TYR D 140 0.54 10.27 -31.05
N LYS D 141 -0.58 9.74 -31.50
CA LYS D 141 -1.63 10.58 -32.05
C LYS D 141 -2.08 11.58 -31.02
N ALA D 142 -2.15 11.19 -29.75
CA ALA D 142 -2.64 12.11 -28.72
C ALA D 142 -1.70 13.27 -28.57
N ILE D 143 -0.41 13.02 -28.58
CA ILE D 143 0.51 14.10 -28.29
C ILE D 143 0.70 15.03 -29.50
N PHE D 144 0.61 14.51 -30.70
CA PHE D 144 0.56 15.42 -31.84
C PHE D 144 -0.68 16.32 -31.75
N ASP D 145 -1.80 15.76 -31.28
CA ASP D 145 -2.97 16.58 -31.05
C ASP D 145 -2.65 17.67 -30.04
N ILE D 146 -1.87 17.35 -29.03
CA ILE D 146 -1.45 18.34 -28.04
C ILE D 146 -0.72 19.48 -28.71
N TYR D 147 0.33 19.18 -29.45
CA TYR D 147 1.11 20.21 -30.08
C TYR D 147 0.38 20.91 -31.21
N ASP D 148 -0.63 20.27 -31.79
CA ASP D 148 -1.48 20.98 -32.75
C ASP D 148 -2.26 22.08 -32.07
N GLU D 149 -2.62 21.88 -30.81
CA GLU D 149 -3.36 22.92 -30.08
C GLU D 149 -2.45 24.02 -29.62
N LEU D 150 -1.22 23.68 -29.23
CA LEU D 150 -0.26 24.71 -28.84
C LEU D 150 0.21 25.53 -30.04
N ALA D 151 0.01 25.02 -31.25
CA ALA D 151 0.34 25.79 -32.45
C ALA D 151 -0.45 27.09 -32.52
N SER D 152 -1.71 27.07 -32.05
CA SER D 152 -2.50 28.29 -32.04
C SER D 152 -1.96 29.29 -31.00
N GLU D 153 -1.45 28.80 -29.87
CA GLU D 153 -0.91 29.68 -28.85
C GLU D 153 0.52 30.11 -29.18
N PHE D 154 1.42 29.15 -29.23
CA PHE D 154 2.85 29.41 -29.44
C PHE D 154 3.17 29.23 -30.91
N LYS D 155 4.41 29.52 -31.25
CA LYS D 155 4.90 29.29 -32.62
C LYS D 155 5.66 27.97 -32.65
N ILE D 156 5.09 26.99 -33.32
CA ILE D 156 5.70 25.67 -33.51
C ILE D 156 5.72 25.43 -35.01
N TYR D 157 6.91 25.33 -35.58
CA TYR D 157 6.98 25.10 -37.02
C TYR D 157 6.75 23.62 -37.32
N ALA D 158 7.36 22.75 -36.55
CA ALA D 158 7.32 21.31 -36.81
C ALA D 158 7.45 20.51 -35.54
N VAL D 159 6.84 19.33 -35.53
CA VAL D 159 6.83 18.44 -34.35
C VAL D 159 7.22 17.06 -34.83
N THR D 160 8.09 16.41 -34.08
CA THR D 160 8.45 15.02 -34.33
C THR D 160 8.44 14.26 -33.05
N ILE D 161 8.49 12.95 -33.19
CA ILE D 161 8.54 12.05 -32.03
C ILE D 161 9.48 10.90 -32.30
N LEU D 162 10.30 10.62 -31.31
CA LEU D 162 11.27 9.54 -31.41
C LEU D 162 11.09 8.62 -30.24
N PRO D 163 11.27 7.33 -30.42
CA PRO D 163 11.27 6.42 -29.27
C PRO D 163 12.48 6.70 -28.41
N GLN D 164 12.26 6.70 -27.08
CA GLN D 164 13.28 7.09 -26.13
C GLN D 164 14.62 6.37 -26.32
N PRO D 165 14.66 5.04 -26.53
CA PRO D 165 16.00 4.43 -26.72
C PRO D 165 16.71 4.94 -27.95
N LEU D 166 15.97 5.34 -28.97
CA LEU D 166 16.60 5.91 -30.17
C LEU D 166 17.40 7.16 -29.80
N ALA D 167 16.88 7.94 -28.85
CA ALA D 167 17.56 9.15 -28.45
C ALA D 167 18.89 8.80 -27.82
N VAL D 168 18.91 7.87 -26.85
CA VAL D 168 20.09 7.62 -26.10
C VAL D 168 21.24 7.16 -27.02
N ALA D 169 20.95 6.24 -27.92
CA ALA D 169 21.95 5.77 -28.83
C ALA D 169 22.50 6.95 -29.68
N ILE D 170 21.62 7.88 -30.05
CA ILE D 170 22.05 9.08 -30.74
C ILE D 170 22.83 9.99 -29.78
N ALA D 171 22.34 10.10 -28.55
CA ALA D 171 23.04 10.92 -27.56
C ALA D 171 24.44 10.41 -27.30
N GLU D 172 24.58 9.10 -27.09
CA GLU D 172 25.90 8.53 -26.91
C GLU D 172 26.68 8.49 -28.22
N ASN D 173 25.99 8.41 -29.34
CA ASN D 173 26.61 8.21 -30.66
C ASN D 173 27.53 6.99 -30.59
N ALA D 174 27.10 5.99 -29.80
CA ALA D 174 27.87 4.76 -29.58
C ALA D 174 27.68 3.85 -30.77
N VAL D 175 28.74 3.25 -31.26
CA VAL D 175 28.61 2.41 -32.44
C VAL D 175 28.14 1.00 -32.09
N ASN D 176 28.75 0.33 -31.14
CA ASN D 176 28.39 -1.07 -30.81
C ASN D 176 28.22 -1.21 -29.32
N CYS D 177 26.98 -1.48 -28.89
CA CYS D 177 26.63 -1.66 -27.49
C CYS D 177 25.17 -1.96 -27.33
N VAL D 178 24.76 -2.27 -26.11
CA VAL D 178 23.34 -2.36 -25.76
C VAL D 178 23.02 -1.25 -24.79
N ILE D 179 22.23 -0.32 -25.24
CA ILE D 179 21.73 0.76 -24.38
C ILE D 179 20.81 0.14 -23.36
N VAL D 180 20.87 0.62 -22.14
CA VAL D 180 19.90 0.26 -21.10
C VAL D 180 19.45 1.54 -20.44
N GLU D 181 18.16 1.87 -20.57
CA GLU D 181 17.63 3.07 -19.93
C GLU D 181 17.02 2.68 -18.57
N GLY D 182 17.36 3.46 -17.56
CA GLY D 182 16.82 3.29 -16.22
C GLY D 182 15.59 4.08 -15.99
N GLY D 183 14.85 4.32 -17.05
CA GLY D 183 13.69 5.20 -17.00
C GLY D 183 12.85 4.91 -15.79
N HIS D 184 12.38 5.97 -15.15
CA HIS D 184 11.69 5.85 -13.87
C HIS D 184 10.62 4.80 -13.94
N GLY D 185 9.77 4.89 -14.99
CA GLY D 185 8.72 3.92 -15.16
C GLY D 185 9.21 2.62 -15.72
N ASN D 186 9.99 2.68 -16.79
CA ASN D 186 10.30 1.45 -17.54
C ASN D 186 11.76 1.37 -17.87
N ILE D 187 12.27 0.14 -17.95
CA ILE D 187 13.65 -0.12 -18.33
C ILE D 187 13.64 -0.54 -19.78
N GLN D 188 14.32 0.22 -20.63
CA GLN D 188 14.27 -0.06 -22.07
C GLN D 188 15.69 -0.41 -22.46
N VAL D 189 15.92 -1.66 -22.79
CA VAL D 189 17.21 -2.09 -23.26
C VAL D 189 17.15 -2.31 -24.78
N ALA D 190 18.02 -1.63 -25.53
CA ALA D 190 18.10 -1.85 -26.95
C ALA D 190 19.52 -2.11 -27.38
N PRO D 191 19.74 -3.10 -28.24
CA PRO D 191 21.05 -3.23 -28.85
C PRO D 191 21.18 -2.31 -30.02
N ILE D 192 22.41 -1.87 -30.29
CA ILE D 192 22.69 -0.98 -31.42
C ILE D 192 23.93 -1.47 -32.13
N SER D 193 23.85 -1.67 -33.43
CA SER D 193 24.95 -2.23 -34.20
C SER D 193 25.65 -1.14 -35.00
N PHE D 194 25.02 -0.64 -36.05
CA PHE D 194 25.32 0.69 -36.53
C PHE D 194 24.28 1.69 -36.08
N ALA D 195 23.17 1.20 -35.48
CA ALA D 195 22.07 2.03 -35.02
C ALA D 195 21.14 1.15 -34.24
N LEU D 196 20.00 1.67 -33.77
CA LEU D 196 19.04 0.83 -33.07
C LEU D 196 18.68 -0.38 -33.89
N ILE D 197 18.45 -1.49 -33.18
CA ILE D 197 17.81 -2.64 -33.73
C ILE D 197 16.39 -2.60 -33.15
N ARG D 198 15.44 -2.25 -33.99
CA ARG D 198 14.07 -2.16 -33.56
C ARG D 198 13.53 -3.50 -33.17
N GLU D 199 14.04 -4.59 -33.75
CA GLU D 199 13.55 -5.92 -33.41
C GLU D 199 14.13 -6.38 -32.07
N GLY D 200 15.36 -5.99 -31.81
CA GLY D 200 16.04 -6.32 -30.57
C GLY D 200 15.71 -5.44 -29.42
N LEU D 201 15.04 -4.34 -29.67
CA LEU D 201 14.64 -3.41 -28.59
C LEU D 201 13.67 -4.15 -27.64
N VAL D 202 14.05 -4.14 -26.36
CA VAL D 202 13.30 -4.78 -25.34
C VAL D 202 13.11 -3.83 -24.20
N ALA D 203 11.83 -3.68 -23.83
CA ALA D 203 11.52 -2.68 -22.83
C ALA D 203 10.72 -3.31 -21.74
N LEU D 204 11.29 -3.38 -20.56
CA LEU D 204 10.61 -3.96 -19.40
C LEU D 204 9.55 -2.99 -18.89
N ASN D 205 8.60 -3.55 -18.15
CA ASN D 205 7.49 -2.74 -17.62
C ASN D 205 7.87 -2.26 -16.22
N ARG D 206 9.10 -2.49 -15.82
CA ARG D 206 9.59 -2.17 -14.48
C ARG D 206 10.58 -1.00 -14.57
N GLY D 207 10.66 -0.25 -13.50
CA GLY D 207 11.57 0.87 -13.48
C GLY D 207 11.83 1.40 -12.08
N GLY D 208 12.36 2.61 -12.02
CA GLY D 208 12.56 3.26 -10.72
C GLY D 208 11.28 3.36 -9.92
N ALA D 209 10.17 3.51 -10.59
CA ALA D 209 8.88 3.62 -9.91
C ALA D 209 8.55 2.35 -9.15
N GLU D 210 9.22 1.25 -9.48
CA GLU D 210 9.06 0.03 -8.70
C GLU D 210 9.94 0.03 -7.51
N ALA D 211 10.93 0.91 -7.49
CA ALA D 211 11.74 1.09 -6.28
C ALA D 211 11.05 2.02 -5.33
N ASN D 212 10.25 2.96 -5.82
CA ASN D 212 9.40 3.72 -4.93
C ASN D 212 8.44 2.76 -4.25
N ALA D 213 7.68 1.99 -5.03
CA ALA D 213 6.65 1.19 -4.45
C ALA D 213 7.19 0.17 -3.45
N ILE D 214 8.43 -0.22 -3.57
CA ILE D 214 9.02 -1.08 -2.57
C ILE D 214 9.52 -0.26 -1.38
N THR D 215 9.82 1.02 -1.58
CA THR D 215 10.02 1.93 -0.45
C THR D 215 8.70 2.32 0.15
N ARG D 216 7.75 2.68 -0.68
CA ARG D 216 6.43 3.08 -0.22
C ARG D 216 5.81 2.01 0.66
N GLU D 217 6.26 0.76 0.52
CA GLU D 217 5.86 -0.30 1.42
C GLU D 217 6.64 -0.21 2.71
N ILE D 218 7.93 0.04 2.63
CA ILE D 218 8.74 0.11 3.83
C ILE D 218 8.24 1.21 4.74
N LEU D 219 7.97 2.39 4.19
CA LEU D 219 7.54 3.50 5.00
C LEU D 219 6.17 3.24 5.60
N LYS D 220 5.41 2.28 5.06
CA LYS D 220 4.17 1.85 5.72
C LYS D 220 4.48 0.89 6.83
N ASP D 221 5.53 0.10 6.71
CA ASP D 221 5.84 -0.88 7.74
C ASP D 221 6.55 -0.25 8.92
N ILE D 222 7.09 0.95 8.74
CA ILE D 222 7.76 1.62 9.85
C ILE D 222 6.75 2.49 10.59
N GLY D 223 5.58 2.70 10.04
CA GLY D 223 4.55 3.48 10.72
C GLY D 223 4.53 4.93 10.28
N TYR D 224 5.18 5.20 9.15
CA TYR D 224 5.23 6.55 8.60
C TYR D 224 4.11 6.77 7.59
N SER D 225 3.12 5.89 7.57
CA SER D 225 2.19 5.77 6.46
C SER D 225 1.67 7.12 5.96
N ASP D 226 1.54 8.10 6.83
CA ASP D 226 1.25 9.47 6.37
C ASP D 226 2.27 9.94 5.34
N ILE D 227 3.51 9.47 5.45
CA ILE D 227 4.58 9.89 4.54
C ILE D 227 4.48 9.14 3.23
N ALA D 228 4.02 7.87 3.29
CA ALA D 228 3.99 7.06 2.10
C ALA D 228 3.05 7.70 1.03
N ARG D 229 1.88 8.18 1.43
CA ARG D 229 0.93 8.69 0.50
C ARG D 229 1.50 9.76 -0.44
N GLU D 230 2.50 10.50 0.02
CA GLU D 230 3.05 11.62 -0.73
C GLU D 230 4.21 11.11 -1.57
N GLU D 231 4.04 11.12 -2.89
CA GLU D 231 5.02 10.48 -3.76
C GLU D 231 6.36 11.19 -3.68
N TYR D 232 6.35 12.51 -3.51
CA TYR D 232 7.62 13.23 -3.33
C TYR D 232 8.37 12.72 -2.11
N ALA D 233 7.64 12.28 -1.09
CA ALA D 233 8.30 11.86 0.13
C ALA D 233 9.08 10.58 -0.08
N VAL D 234 8.44 9.56 -0.65
CA VAL D 234 9.15 8.30 -0.88
C VAL D 234 10.27 8.52 -1.89
N GLU D 235 10.10 9.44 -2.82
CA GLU D 235 11.17 9.81 -3.73
C GLU D 235 12.42 10.17 -2.93
N VAL D 236 12.35 11.21 -2.09
CA VAL D 236 13.48 11.64 -1.30
C VAL D 236 14.00 10.53 -0.43
N VAL D 237 13.08 9.74 0.11
CA VAL D 237 13.51 8.61 0.96
C VAL D 237 14.24 7.57 0.11
N LYS D 238 13.63 7.13 -0.97
CA LYS D 238 14.25 6.14 -1.84
C LYS D 238 15.63 6.58 -2.28
N ARG D 239 15.72 7.78 -2.85
CA ARG D 239 16.98 8.26 -3.34
C ARG D 239 18.02 8.28 -2.23
N ALA D 240 17.65 8.72 -1.04
CA ALA D 240 18.58 8.78 0.07
C ALA D 240 18.87 7.43 0.73
N VAL D 241 17.84 6.70 1.11
CA VAL D 241 18.04 5.45 1.86
C VAL D 241 18.14 4.23 1.00
N GLY D 242 17.83 4.36 -0.28
CA GLY D 242 17.86 3.22 -1.17
C GLY D 242 19.27 2.75 -1.40
N LEU D 243 19.43 1.46 -1.66
CA LEU D 243 20.79 0.93 -1.75
C LEU D 243 20.74 -0.32 -2.63
N VAL D 244 21.85 -0.63 -3.29
CA VAL D 244 21.90 -1.71 -4.29
C VAL D 244 22.86 -2.78 -3.82
N PRO D 245 22.39 -4.01 -3.61
CA PRO D 245 23.27 -5.04 -3.04
C PRO D 245 24.26 -5.58 -4.07
N ARG D 246 25.40 -6.04 -3.57
CA ARG D 246 26.29 -6.84 -4.38
C ARG D 246 25.59 -8.16 -4.74
N ARG D 247 25.18 -8.91 -3.72
CA ARG D 247 24.33 -10.07 -3.89
C ARG D 247 23.28 -10.00 -2.80
N LEU D 248 22.00 -9.97 -3.22
CA LEU D 248 20.92 -9.63 -2.28
C LEU D 248 20.94 -10.53 -1.04
N LYS D 249 21.03 -11.83 -1.25
CA LYS D 249 21.00 -12.76 -0.13
C LYS D 249 22.18 -12.53 0.80
N GLU D 250 23.38 -12.38 0.23
CA GLU D 250 24.58 -12.12 1.04
C GLU D 250 24.46 -10.78 1.76
N ALA D 251 23.82 -9.81 1.11
CA ALA D 251 23.71 -8.48 1.70
C ALA D 251 22.73 -8.45 2.88
N ILE D 252 21.54 -8.99 2.69
CA ILE D 252 20.56 -9.04 3.76
C ILE D 252 21.15 -9.77 4.98
N ARG D 253 21.88 -10.86 4.74
CA ARG D 253 22.57 -11.54 5.83
C ARG D 253 23.50 -10.57 6.55
N ALA D 254 24.24 -9.75 5.78
CA ALA D 254 25.17 -8.81 6.39
C ALA D 254 24.42 -7.78 7.21
N ALA D 255 23.39 -7.18 6.64
CA ALA D 255 22.64 -6.12 7.31
C ALA D 255 21.85 -6.59 8.52
N LYS D 256 21.52 -7.88 8.59
CA LYS D 256 20.92 -8.40 9.81
C LYS D 256 21.97 -8.77 10.86
N SER D 257 23.23 -8.91 10.46
CA SER D 257 24.29 -9.17 11.44
C SER D 257 24.77 -7.88 12.10
N ASP D 258 24.96 -6.81 11.30
CA ASP D 258 25.51 -5.56 11.80
C ASP D 258 24.64 -4.39 11.31
N PRO D 259 23.43 -4.26 11.85
CA PRO D 259 22.52 -3.25 11.34
C PRO D 259 23.03 -1.83 11.51
N ASP D 260 23.88 -1.60 12.50
CA ASP D 260 24.32 -0.25 12.82
C ASP D 260 25.05 0.40 11.64
N ARG D 261 25.61 -0.43 10.75
CA ARG D 261 26.14 0.11 9.49
C ARG D 261 25.04 0.80 8.69
N PHE D 262 23.88 0.16 8.60
CA PHE D 262 22.84 0.55 7.64
C PHE D 262 21.74 1.42 8.21
N VAL D 263 21.76 1.70 9.51
CA VAL D 263 20.68 2.52 10.07
C VAL D 263 20.92 3.94 9.58
N THR D 264 19.88 4.53 9.00
CA THR D 264 20.01 5.85 8.42
C THR D 264 18.85 6.73 8.87
N LYS D 265 19.10 8.03 8.85
CA LYS D 265 18.14 9.02 9.27
C LYS D 265 18.05 10.09 8.19
N VAL D 266 16.87 10.19 7.58
CA VAL D 266 16.68 11.15 6.50
C VAL D 266 15.73 12.27 6.93
N ARG D 267 16.13 13.51 6.76
CA ARG D 267 15.32 14.64 7.11
C ARG D 267 14.55 15.09 5.87
N LEU D 268 13.25 14.81 5.86
CA LEU D 268 12.39 15.25 4.77
C LEU D 268 11.96 16.69 4.96
N SER D 269 11.46 17.00 6.15
CA SER D 269 11.01 18.34 6.53
C SER D 269 11.31 18.45 8.01
N PRO D 270 11.42 19.67 8.55
CA PRO D 270 11.81 19.79 9.96
C PRO D 270 10.90 18.99 10.90
N VAL D 271 9.61 18.88 10.59
CA VAL D 271 8.70 18.10 11.41
C VAL D 271 8.99 16.58 11.29
N VAL D 272 9.01 16.08 10.05
CA VAL D 272 9.05 14.65 9.77
C VAL D 272 10.48 14.27 9.38
N GLU D 273 11.10 13.43 10.21
CA GLU D 273 12.44 12.92 9.87
C GLU D 273 12.38 11.40 9.96
N VAL D 274 12.55 10.74 8.84
CA VAL D 274 12.39 9.29 8.74
C VAL D 274 13.62 8.60 9.29
N GLU D 275 13.44 7.78 10.32
CA GLU D 275 14.45 6.91 10.88
C GLU D 275 14.18 5.47 10.44
N ILE D 276 14.99 4.97 9.54
CA ILE D 276 14.94 3.54 9.20
C ILE D 276 15.43 2.80 10.46
N PRO D 277 14.55 2.04 11.11
CA PRO D 277 14.94 1.44 12.40
C PRO D 277 16.06 0.44 12.24
N ARG D 278 16.51 -0.10 13.35
CA ARG D 278 17.63 -1.04 13.32
C ARG D 278 17.26 -2.30 12.57
N GLU D 279 16.07 -2.84 12.83
CA GLU D 279 15.63 -4.07 12.20
C GLU D 279 15.56 -3.97 10.68
N TYR D 280 14.72 -3.08 10.16
CA TYR D 280 14.48 -3.04 8.72
C TYR D 280 15.69 -2.57 7.91
N ALA D 281 16.79 -2.25 8.57
CA ALA D 281 17.98 -1.74 7.88
C ALA D 281 18.35 -2.59 6.68
N TRP D 282 18.04 -3.88 6.74
CA TRP D 282 18.33 -4.72 5.58
C TRP D 282 17.36 -4.46 4.44
N THR D 283 16.19 -3.91 4.72
CA THR D 283 15.26 -3.63 3.65
C THR D 283 15.73 -2.49 2.79
N ARG D 284 16.80 -1.81 3.16
CA ARG D 284 17.35 -0.80 2.28
C ARG D 284 17.77 -1.42 0.94
N PHE D 285 18.24 -2.66 0.98
CA PHE D 285 18.66 -3.34 -0.22
C PHE D 285 17.52 -3.59 -1.19
N LEU D 286 16.38 -4.03 -0.70
CA LEU D 286 15.25 -4.28 -1.57
C LEU D 286 14.84 -3.03 -2.32
N ILE D 287 15.13 -1.87 -1.78
CA ILE D 287 14.75 -0.62 -2.43
C ILE D 287 15.43 -0.50 -3.78
N GLY D 288 16.75 -0.58 -3.78
CA GLY D 288 17.49 -0.35 -4.99
C GLY D 288 17.61 -1.58 -5.84
N GLU D 289 17.43 -2.76 -5.26
CA GLU D 289 17.64 -3.97 -6.01
C GLU D 289 16.48 -4.29 -6.91
N ILE D 290 15.25 -3.99 -6.47
CA ILE D 290 14.07 -4.44 -7.16
C ILE D 290 14.06 -3.85 -8.59
N VAL D 291 14.84 -2.82 -8.88
CA VAL D 291 14.95 -2.34 -10.23
C VAL D 291 15.63 -3.37 -11.10
N PHE D 292 16.65 -4.04 -10.57
CA PHE D 292 17.44 -4.96 -11.39
C PHE D 292 16.78 -6.32 -11.50
N ASP D 293 16.78 -7.10 -10.44
CA ASP D 293 16.35 -8.50 -10.49
C ASP D 293 15.22 -8.74 -9.49
N PRO D 294 14.01 -8.38 -9.86
CA PRO D 294 12.93 -8.56 -8.90
C PRO D 294 12.41 -9.98 -8.89
N ASN D 295 13.30 -10.93 -8.90
CA ASN D 295 12.91 -12.30 -8.60
C ASN D 295 13.82 -12.83 -7.49
N HIS D 296 13.27 -12.89 -6.28
CA HIS D 296 13.95 -13.50 -5.14
C HIS D 296 12.88 -13.91 -4.16
N GLU D 297 13.14 -15.01 -3.45
CA GLU D 297 12.22 -15.44 -2.41
C GLU D 297 12.18 -14.41 -1.30
N GLU D 298 13.20 -13.56 -1.20
CA GLU D 298 13.23 -12.52 -0.18
C GLU D 298 12.43 -11.29 -0.57
N ILE D 299 12.55 -10.85 -1.81
CA ILE D 299 11.71 -9.72 -2.24
C ILE D 299 10.29 -10.20 -2.50
N LYS D 300 10.16 -11.24 -3.30
CA LYS D 300 8.85 -11.65 -3.76
C LYS D 300 7.97 -12.09 -2.61
N SER D 301 8.56 -12.39 -1.46
CA SER D 301 7.74 -12.52 -0.24
C SER D 301 7.41 -11.15 0.31
N TYR D 302 8.40 -10.27 0.41
CA TYR D 302 8.16 -8.98 1.01
C TYR D 302 7.18 -8.14 0.19
N ILE D 303 7.21 -8.28 -1.11
CA ILE D 303 6.26 -7.54 -1.93
C ILE D 303 4.87 -8.16 -1.82
N GLU D 304 4.79 -9.46 -1.64
CA GLU D 304 3.49 -10.13 -1.55
C GLU D 304 2.78 -9.72 -0.27
N GLN D 305 3.43 -9.89 0.89
CA GLN D 305 2.78 -9.50 2.15
C GLN D 305 2.59 -7.98 2.23
N SER D 306 3.24 -7.19 1.36
CA SER D 306 2.99 -5.77 1.30
C SER D 306 1.90 -5.43 0.32
N ARG D 307 1.49 -6.37 -0.51
CA ARG D 307 0.35 -6.16 -1.40
C ARG D 307 -0.98 -6.36 -0.63
N LEU D 308 -0.95 -7.04 0.51
CA LEU D 308 -2.16 -7.30 1.22
C LEU D 308 -2.76 -6.00 1.67
N ARG D 309 -2.04 -5.16 2.44
CA ARG D 309 -2.65 -3.98 2.97
C ARG D 309 -3.06 -3.06 1.85
N ILE D 310 -4.35 -2.70 1.79
CA ILE D 310 -4.80 -1.74 0.79
C ILE D 310 -5.39 -0.55 1.49
N GLU D 311 -4.73 0.60 1.38
CA GLU D 311 -5.06 1.74 2.23
C GLU D 311 -6.19 2.54 1.65
N ASN D 312 -5.93 3.32 0.61
CA ASN D 312 -6.95 4.19 0.02
C ASN D 312 -7.81 3.37 -0.94
N ALA D 313 -7.28 3.15 -2.13
CA ALA D 313 -7.98 2.42 -3.15
C ALA D 313 -7.00 1.44 -3.76
N VAL D 314 -5.94 1.97 -4.38
CA VAL D 314 -4.98 1.16 -5.08
C VAL D 314 -4.48 0.04 -4.19
N ILE D 315 -4.18 -1.09 -4.83
CA ILE D 315 -3.61 -2.23 -4.15
C ILE D 315 -2.08 -2.01 -4.08
N GLY D 316 -1.63 -0.88 -4.63
CA GLY D 316 -0.18 -0.71 -4.78
C GLY D 316 0.22 -0.86 -6.23
N ASP D 317 1.16 -0.04 -6.72
CA ASP D 317 1.58 -0.09 -8.12
C ASP D 317 2.88 -0.89 -8.25
N VAL D 318 2.75 -2.13 -8.67
CA VAL D 318 3.84 -3.09 -8.70
C VAL D 318 3.18 -4.43 -9.13
N THR D 319 4.02 -5.32 -9.64
CA THR D 319 3.53 -6.57 -10.19
C THR D 319 4.04 -7.71 -9.35
N LEU D 320 3.11 -8.52 -8.85
CA LEU D 320 3.43 -9.69 -8.03
C LEU D 320 3.88 -10.86 -8.88
N TYR D 321 3.55 -10.85 -10.17
CA TYR D 321 3.79 -12.00 -11.04
C TYR D 321 5.25 -12.16 -11.39
N GLY D 322 6.06 -11.15 -11.10
CA GLY D 322 7.52 -11.32 -11.35
C GLY D 322 7.89 -10.86 -12.74
N GLU D 323 9.05 -10.23 -12.89
CA GLU D 323 9.52 -9.76 -14.16
C GLU D 323 10.84 -10.35 -14.52
N MET D 324 11.36 -9.90 -15.66
CA MET D 324 12.67 -10.33 -16.13
C MET D 324 13.75 -9.49 -15.52
N ASP D 325 14.85 -10.16 -15.15
CA ASP D 325 16.02 -9.44 -14.64
C ASP D 325 16.69 -8.69 -15.78
N VAL D 326 17.24 -7.52 -15.48
CA VAL D 326 17.92 -6.72 -16.52
C VAL D 326 19.13 -7.49 -17.07
N ALA D 327 19.66 -8.39 -16.27
CA ALA D 327 20.62 -9.34 -16.82
C ALA D 327 19.95 -10.16 -17.92
N SER D 328 18.84 -10.79 -17.63
CA SER D 328 18.12 -11.57 -18.63
C SER D 328 17.53 -10.71 -19.69
N ALA D 329 17.32 -9.43 -19.40
CA ALA D 329 16.77 -8.50 -20.42
C ALA D 329 17.81 -8.25 -21.48
N ILE D 330 19.03 -7.91 -21.09
CA ILE D 330 20.10 -7.67 -22.05
C ILE D 330 20.31 -8.92 -22.92
N ILE D 331 20.34 -10.08 -22.29
CA ILE D 331 20.54 -11.29 -23.04
C ILE D 331 19.42 -11.45 -24.06
N THR D 332 18.17 -11.27 -23.63
CA THR D 332 17.05 -11.43 -24.55
C THR D 332 17.10 -10.42 -25.66
N SER D 333 17.66 -9.25 -25.38
CA SER D 333 17.78 -8.22 -26.42
C SER D 333 18.85 -8.58 -27.40
N LEU D 334 19.83 -9.36 -26.96
CA LEU D 334 20.91 -9.74 -27.87
C LEU D 334 20.48 -10.92 -28.76
N ARG D 335 19.67 -11.82 -28.26
CA ARG D 335 19.29 -12.95 -29.10
C ARG D 335 18.53 -12.52 -30.32
N ASN D 336 18.06 -11.25 -30.33
CA ASN D 336 17.38 -10.71 -31.52
C ASN D 336 18.32 -10.14 -32.54
N VAL D 337 19.59 -9.85 -32.21
CA VAL D 337 20.53 -9.39 -33.25
C VAL D 337 21.19 -10.59 -33.86
N SER D 338 21.98 -10.38 -34.90
CA SER D 338 22.51 -11.51 -35.68
C SER D 338 23.75 -12.10 -35.02
N VAL D 339 23.84 -13.43 -34.99
CA VAL D 339 24.95 -14.12 -34.43
C VAL D 339 26.27 -13.63 -35.01
N GLU D 340 26.27 -13.19 -36.26
CA GLU D 340 27.45 -12.57 -36.84
C GLU D 340 27.97 -11.43 -35.91
N ILE D 341 27.08 -10.51 -35.57
CA ILE D 341 27.48 -9.28 -34.95
C ILE D 341 27.44 -9.34 -33.40
N GLN D 342 26.86 -10.39 -32.82
CA GLN D 342 26.63 -10.40 -31.39
C GLN D 342 27.92 -10.24 -30.58
N GLU D 343 29.02 -10.77 -31.09
CA GLU D 343 30.27 -10.58 -30.39
C GLU D 343 30.57 -9.09 -30.25
N ARG D 344 30.31 -8.30 -31.31
CA ARG D 344 30.63 -6.89 -31.26
C ARG D 344 29.62 -6.12 -30.46
N VAL D 345 28.34 -6.36 -30.67
CA VAL D 345 27.31 -5.51 -30.06
C VAL D 345 27.20 -5.78 -28.56
N ALA D 346 27.60 -6.95 -28.12
CA ALA D 346 27.53 -7.25 -26.69
C ALA D 346 28.76 -6.76 -25.93
N SER D 347 29.72 -6.10 -26.59
CA SER D 347 30.91 -5.63 -25.91
C SER D 347 30.55 -4.60 -24.84
N GLN D 348 30.05 -3.43 -25.25
CA GLN D 348 29.76 -2.35 -24.30
C GLN D 348 28.29 -2.47 -23.86
N ILE D 349 28.03 -2.10 -22.63
CA ILE D 349 26.67 -1.90 -22.16
C ILE D 349 26.60 -0.52 -21.54
N ILE D 350 25.80 0.35 -22.16
CA ILE D 350 25.57 1.68 -21.66
C ILE D 350 24.35 1.67 -20.78
N LEU D 351 24.55 1.91 -19.50
CA LEU D 351 23.45 2.15 -18.57
C LEU D 351 23.13 3.61 -18.63
N SER D 352 21.84 3.92 -18.56
CA SER D 352 21.40 5.28 -18.71
C SER D 352 20.07 5.44 -18.03
N GLY D 353 19.66 6.69 -17.89
CA GLY D 353 18.36 6.94 -17.29
C GLY D 353 18.49 6.94 -15.76
N GLY D 354 17.39 7.24 -15.13
CA GLY D 354 17.41 7.47 -13.71
C GLY D 354 17.72 6.25 -12.89
N ALA D 355 16.92 5.21 -13.02
CA ALA D 355 17.00 4.07 -12.10
C ALA D 355 18.37 3.41 -12.07
N PHE D 356 19.24 3.70 -13.02
CA PHE D 356 20.63 3.38 -12.80
C PHE D 356 21.34 4.66 -12.41
N SER D 357 21.51 4.81 -11.10
CA SER D 357 22.06 6.00 -10.51
C SER D 357 22.93 5.61 -9.36
N TRP D 358 22.45 4.69 -8.53
CA TRP D 358 22.79 4.56 -7.14
C TRP D 358 24.25 4.66 -6.84
N ARG D 359 24.58 5.50 -5.86
CA ARG D 359 25.97 5.61 -5.42
C ARG D 359 26.12 4.91 -4.07
N VAL D 360 27.09 4.02 -3.97
CA VAL D 360 27.37 3.39 -2.70
C VAL D 360 27.76 4.47 -1.69
N PRO D 361 27.04 4.59 -0.56
CA PRO D 361 27.49 5.51 0.48
C PRO D 361 28.88 5.08 0.97
N PRO D 362 29.75 6.05 1.27
CA PRO D 362 31.16 5.72 1.49
C PRO D 362 31.36 4.68 2.58
N GLY D 363 32.41 3.88 2.42
CA GLY D 363 32.77 2.87 3.39
C GLY D 363 31.93 1.60 3.35
N MET D 364 30.83 1.62 2.60
CA MET D 364 29.90 0.50 2.53
C MET D 364 30.13 -0.38 1.30
N GLU D 365 31.19 -0.10 0.53
CA GLU D 365 31.43 -0.79 -0.74
C GLU D 365 31.54 -2.32 -0.59
N ASP D 366 31.83 -2.81 0.59
CA ASP D 366 32.01 -4.26 0.78
C ASP D 366 30.71 -5.01 0.59
N VAL D 367 29.58 -4.31 0.60
CA VAL D 367 28.26 -4.97 0.50
C VAL D 367 27.46 -4.34 -0.61
N ALA D 368 27.28 -3.02 -0.59
CA ALA D 368 26.50 -2.35 -1.63
C ALA D 368 27.25 -2.37 -2.94
N ALA D 369 26.64 -1.88 -4.01
CA ALA D 369 27.32 -1.83 -5.30
C ALA D 369 26.70 -0.74 -6.14
N ASP D 370 27.53 -0.09 -6.95
CA ASP D 370 27.03 0.88 -7.90
C ASP D 370 26.23 0.15 -8.96
N SER D 371 25.36 0.87 -9.66
CA SER D 371 24.55 0.27 -10.72
C SER D 371 25.45 -0.42 -11.74
N VAL D 372 26.58 0.23 -12.07
CA VAL D 372 27.54 -0.38 -12.97
C VAL D 372 27.94 -1.75 -12.44
N THR D 373 28.57 -1.79 -11.27
CA THR D 373 29.04 -3.04 -10.71
C THR D 373 27.89 -4.05 -10.57
N ARG D 374 26.67 -3.57 -10.37
CA ARG D 374 25.55 -4.48 -10.24
C ARG D 374 25.27 -5.20 -11.55
N VAL D 375 25.15 -4.48 -12.65
CA VAL D 375 24.87 -5.11 -13.95
C VAL D 375 25.97 -6.08 -14.29
N LYS D 376 27.23 -5.67 -14.08
CA LYS D 376 28.35 -6.53 -14.43
C LYS D 376 28.29 -7.82 -13.66
N ILE D 377 27.93 -7.76 -12.38
CA ILE D 377 27.85 -8.98 -11.58
C ILE D 377 26.53 -9.71 -11.87
N ALA D 378 25.57 -9.00 -12.40
CA ALA D 378 24.31 -9.65 -12.80
C ALA D 378 24.56 -10.59 -13.98
N LEU D 379 25.38 -10.14 -14.94
CA LEU D 379 25.65 -10.97 -16.10
C LEU D 379 26.46 -12.21 -15.73
N GLU D 380 27.39 -12.07 -14.80
CA GLU D 380 28.21 -13.19 -14.37
C GLU D 380 27.33 -14.34 -13.87
N GLU D 381 26.20 -14.02 -13.25
CA GLU D 381 25.34 -15.08 -12.73
C GLU D 381 24.62 -15.82 -13.85
N LYS D 382 24.13 -15.09 -14.86
CA LYS D 382 23.35 -15.71 -15.91
C LYS D 382 24.23 -16.24 -17.04
N SER D 383 24.91 -15.34 -17.74
CA SER D 383 25.69 -15.69 -18.94
C SER D 383 27.17 -15.43 -18.68
N PRO D 384 27.86 -16.40 -18.05
CA PRO D 384 29.25 -16.18 -17.65
C PRO D 384 30.15 -15.81 -18.80
N ALA D 385 30.02 -16.53 -19.91
CA ALA D 385 30.87 -16.29 -21.06
C ALA D 385 30.70 -14.88 -21.61
N LEU D 386 29.55 -14.28 -21.39
CA LEU D 386 29.34 -12.90 -21.81
C LEU D 386 30.08 -11.94 -20.90
N ALA D 387 29.99 -12.16 -19.59
CA ALA D 387 30.49 -11.16 -18.64
C ALA D 387 32.00 -11.03 -18.72
N SER D 388 32.66 -11.96 -19.39
CA SER D 388 34.12 -11.87 -19.54
C SER D 388 34.50 -10.64 -20.36
N LYS D 389 33.89 -10.49 -21.53
CA LYS D 389 34.27 -9.44 -22.47
C LYS D 389 33.49 -8.14 -22.26
N VAL D 390 32.45 -8.19 -21.43
CA VAL D 390 31.58 -7.04 -21.24
C VAL D 390 32.31 -5.94 -20.52
N GLU D 391 32.30 -4.76 -21.13
CA GLU D 391 32.70 -3.52 -20.47
C GLU D 391 31.47 -2.65 -20.35
N VAL D 392 30.97 -2.52 -19.13
CA VAL D 392 29.68 -1.86 -18.87
C VAL D 392 29.99 -0.45 -18.35
N ARG D 393 29.24 0.52 -18.82
CA ARG D 393 29.52 1.92 -18.53
C ARG D 393 28.20 2.63 -18.23
N LEU D 394 28.29 3.59 -17.33
CA LEU D 394 27.18 4.46 -17.00
C LEU D 394 27.38 5.83 -17.66
N VAL D 395 26.33 6.38 -18.23
CA VAL D 395 26.43 7.67 -18.89
C VAL D 395 26.70 8.75 -17.81
N SER D 396 27.58 9.68 -18.15
CA SER D 396 27.69 10.89 -17.34
C SER D 396 26.39 11.70 -17.45
N GLU D 397 25.87 12.11 -16.30
CA GLU D 397 24.54 12.74 -16.19
C GLU D 397 23.48 11.79 -16.75
N PRO D 398 23.19 10.70 -16.02
CA PRO D 398 22.39 9.61 -16.60
C PRO D 398 21.04 10.03 -17.15
N GLN D 399 20.30 10.81 -16.36
CA GLN D 399 18.97 11.15 -16.77
C GLN D 399 18.89 12.27 -17.79
N TYR D 400 19.83 13.16 -17.81
CA TYR D 400 19.86 14.20 -18.86
C TYR D 400 20.01 13.59 -20.25
N SER D 401 20.43 12.33 -20.36
CA SER D 401 20.81 11.71 -21.62
C SER D 401 19.78 11.81 -22.71
N VAL D 402 18.60 11.27 -22.42
CA VAL D 402 17.58 11.10 -23.47
C VAL D 402 17.30 12.42 -24.15
N TRP D 403 17.27 13.53 -23.42
CA TRP D 403 17.04 14.80 -24.05
C TRP D 403 18.18 15.17 -24.98
N ARG D 404 19.43 14.96 -24.54
CA ARG D 404 20.57 15.26 -25.41
C ARG D 404 20.43 14.53 -26.73
N GLY D 405 19.87 13.33 -26.70
CA GLY D 405 19.62 12.61 -27.93
C GLY D 405 18.42 13.16 -28.66
N ALA D 406 17.48 13.71 -27.95
CA ALA D 406 16.25 14.19 -28.58
C ALA D 406 16.52 15.36 -29.47
N VAL D 407 17.44 16.23 -29.08
CA VAL D 407 17.72 17.41 -29.89
C VAL D 407 18.57 17.00 -31.08
N ILE D 408 19.61 16.18 -30.88
CA ILE D 408 20.46 15.80 -31.99
C ILE D 408 19.66 15.10 -33.05
N TYR D 409 18.82 14.17 -32.66
CA TYR D 409 17.84 13.59 -33.58
C TYR D 409 16.98 14.67 -34.18
N GLY D 410 16.44 15.51 -33.35
CA GLY D 410 15.61 16.59 -33.85
C GLY D 410 16.40 17.56 -34.73
N TYR D 411 17.71 17.65 -34.50
CA TYR D 411 18.52 18.55 -35.29
C TYR D 411 18.62 18.07 -36.72
N ALA D 412 19.09 16.85 -36.94
CA ALA D 412 19.12 16.28 -38.28
C ALA D 412 18.02 15.24 -38.42
N LEU D 413 16.89 15.68 -38.98
CA LEU D 413 15.83 14.80 -39.43
C LEU D 413 15.22 15.50 -40.61
N PRO D 414 15.76 15.28 -41.83
CA PRO D 414 15.49 16.20 -42.92
C PRO D 414 14.05 16.63 -43.05
N LEU D 415 13.83 17.95 -43.12
CA LEU D 415 12.52 18.49 -42.82
C LEU D 415 11.50 18.23 -43.92
N SER D 416 11.97 17.77 -45.07
CA SER D 416 11.07 17.40 -46.17
C SER D 416 10.48 16.01 -45.95
N LEU D 417 10.84 15.35 -44.86
CA LEU D 417 10.36 14.03 -44.53
C LEU D 417 9.10 14.19 -43.70
N GLU D 418 7.96 13.82 -44.25
CA GLU D 418 6.71 13.93 -43.52
C GLU D 418 6.56 12.76 -42.55
N TRP D 419 5.83 13.01 -41.47
CA TRP D 419 5.40 11.94 -40.57
C TRP D 419 4.39 11.11 -41.33
N SER D 420 4.64 9.80 -41.42
CA SER D 420 3.71 8.89 -42.02
C SER D 420 3.41 7.80 -41.00
N ASP D 421 2.12 7.59 -40.76
CA ASP D 421 1.66 6.73 -39.68
C ASP D 421 2.33 5.36 -39.73
N THR D 422 2.47 4.81 -40.91
CA THR D 422 3.05 3.47 -41.09
C THR D 422 4.48 3.38 -40.56
N THR D 423 5.36 4.30 -40.95
CA THR D 423 6.75 4.19 -40.52
C THR D 423 6.97 4.72 -39.10
N ARG D 424 6.03 5.51 -38.57
CA ARG D 424 6.15 6.06 -37.23
C ARG D 424 7.44 6.85 -37.07
N GLU D 425 7.73 7.70 -38.05
CA GLU D 425 8.95 8.50 -38.03
C GLU D 425 8.72 9.77 -38.82
N GLY D 426 9.42 10.82 -38.43
CA GLY D 426 9.39 12.05 -39.24
C GLY D 426 8.56 13.16 -38.69
N TRP D 427 8.71 14.32 -39.29
CA TRP D 427 8.06 15.53 -38.81
C TRP D 427 6.60 15.59 -39.20
N ARG D 428 5.81 16.23 -38.36
CA ARG D 428 4.45 16.63 -38.69
C ARG D 428 4.32 18.13 -38.52
N PHE D 429 3.51 18.75 -39.36
CA PHE D 429 3.40 20.20 -39.35
C PHE D 429 1.99 20.60 -38.94
N PRO D 430 1.88 21.68 -38.14
CA PRO D 430 0.56 22.28 -37.82
C PRO D 430 0.25 23.48 -38.76
N SER E 5 51.18 -7.12 -73.15
CA SER E 5 52.59 -7.47 -72.99
C SER E 5 52.77 -8.83 -72.30
N ASP E 6 53.92 -9.03 -71.65
CA ASP E 6 54.26 -10.33 -71.11
C ASP E 6 54.52 -10.26 -69.61
N ALA E 7 55.66 -9.70 -69.22
CA ALA E 7 55.93 -9.55 -67.77
C ALA E 7 54.85 -8.73 -67.11
N TYR E 8 54.17 -7.90 -67.89
CA TYR E 8 52.96 -7.18 -67.47
C TYR E 8 51.91 -8.15 -66.93
N ARG E 9 51.89 -9.37 -67.44
CA ARG E 9 50.96 -10.36 -66.94
C ARG E 9 51.38 -10.85 -65.56
N LEU E 10 52.66 -11.14 -65.35
CA LEU E 10 53.10 -11.71 -64.09
C LEU E 10 52.77 -10.80 -62.90
N LYS E 11 52.39 -9.52 -63.16
CA LYS E 11 51.91 -8.63 -62.13
C LYS E 11 50.41 -8.48 -62.17
N TYR E 12 49.89 -7.98 -63.27
CA TYR E 12 48.50 -7.48 -63.34
C TYR E 12 47.50 -8.51 -63.85
N THR E 13 47.91 -9.74 -64.07
CA THR E 13 46.94 -10.81 -64.28
C THR E 13 46.18 -11.02 -63.01
N PHE E 14 44.85 -10.94 -63.10
CA PHE E 14 43.99 -10.85 -61.92
C PHE E 14 42.92 -11.90 -61.98
N GLY E 15 43.03 -12.89 -61.07
CA GLY E 15 42.09 -13.97 -60.99
C GLY E 15 40.92 -13.60 -60.12
N VAL E 16 39.74 -14.11 -60.50
CA VAL E 16 38.50 -13.95 -59.73
C VAL E 16 37.78 -15.29 -59.84
N ASP E 17 37.42 -15.84 -58.70
CA ASP E 17 36.51 -16.96 -58.65
C ASP E 17 35.20 -16.44 -58.04
N PHE E 18 34.09 -17.05 -58.43
CA PHE E 18 32.85 -16.76 -57.74
C PHE E 18 32.39 -17.91 -56.88
N GLY E 19 31.91 -18.97 -57.50
CA GLY E 19 31.34 -20.06 -56.73
C GLY E 19 30.18 -19.53 -55.87
N THR E 20 29.72 -20.31 -54.90
CA THR E 20 28.60 -19.88 -54.15
C THR E 20 29.01 -19.14 -52.92
N SER E 21 29.71 -19.79 -52.00
CA SER E 21 30.00 -19.20 -50.70
C SER E 21 31.01 -18.09 -50.76
N TYR E 22 32.28 -18.41 -51.05
CA TYR E 22 33.34 -17.41 -51.01
C TYR E 22 33.73 -17.03 -52.43
N VAL E 23 33.85 -15.73 -52.67
CA VAL E 23 34.44 -15.22 -53.90
C VAL E 23 35.89 -15.01 -53.66
N LYS E 24 36.71 -15.87 -54.31
CA LYS E 24 38.15 -15.89 -54.10
C LYS E 24 38.76 -15.04 -55.21
N TYR E 25 39.67 -14.14 -54.88
CA TYR E 25 40.10 -13.13 -55.84
C TYR E 25 41.50 -12.67 -55.47
N GLY E 26 42.18 -12.09 -56.45
CA GLY E 26 43.45 -11.44 -56.22
C GLY E 26 44.26 -11.39 -57.50
N PRO E 27 45.34 -10.61 -57.51
CA PRO E 27 46.25 -10.65 -58.64
C PRO E 27 47.11 -11.90 -58.55
N ILE E 28 47.71 -12.26 -59.69
CA ILE E 28 48.53 -13.44 -59.76
C ILE E 28 49.70 -13.39 -58.77
N THR E 29 50.04 -12.17 -58.31
CA THR E 29 51.20 -12.01 -57.46
C THR E 29 51.01 -12.66 -56.09
N LEU E 30 49.75 -12.77 -55.64
CA LEU E 30 49.50 -13.27 -54.29
C LEU E 30 49.92 -14.73 -54.16
N ASN E 31 50.23 -15.12 -52.93
CA ASN E 31 50.50 -16.53 -52.63
C ASN E 31 49.20 -17.34 -52.57
N GLU E 32 48.21 -16.83 -51.82
CA GLU E 32 46.87 -17.38 -51.80
C GLU E 32 45.89 -16.21 -51.88
N PRO E 33 44.72 -16.45 -52.51
CA PRO E 33 43.82 -15.33 -52.85
C PRO E 33 43.09 -14.83 -51.59
N LYS E 34 42.73 -13.56 -51.62
CA LYS E 34 41.84 -13.00 -50.61
C LYS E 34 40.43 -13.44 -50.86
N MET E 35 39.64 -13.50 -49.79
CA MET E 35 38.26 -14.00 -49.88
C MET E 35 37.24 -12.92 -49.56
N VAL E 36 36.08 -13.07 -50.16
CA VAL E 36 34.92 -12.28 -49.81
C VAL E 36 33.75 -13.24 -49.78
N GLN E 37 33.09 -13.29 -48.65
CA GLN E 37 31.87 -14.09 -48.59
C GLN E 37 30.85 -13.46 -49.50
N THR E 38 30.26 -14.28 -50.37
CA THR E 38 29.52 -13.79 -51.55
C THR E 38 28.32 -12.91 -51.12
N ARG E 39 27.92 -12.99 -49.88
CA ARG E 39 26.75 -12.29 -49.42
C ARG E 39 26.91 -10.81 -49.72
N GLY E 40 25.91 -10.26 -50.36
CA GLY E 40 25.73 -8.81 -50.43
C GLY E 40 24.70 -8.46 -49.34
N LEU E 41 24.80 -7.26 -48.81
CA LEU E 41 23.86 -6.78 -47.82
C LEU E 41 23.16 -5.55 -48.36
N PHE E 42 21.87 -5.67 -48.62
CA PHE E 42 21.09 -4.53 -49.04
C PHE E 42 20.85 -3.61 -47.85
N LEU E 43 20.86 -2.31 -48.13
CA LEU E 43 20.29 -1.34 -47.24
C LEU E 43 19.10 -0.78 -48.01
N ARG E 44 17.88 -1.18 -47.64
CA ARG E 44 16.75 -0.90 -48.48
C ARG E 44 15.63 -0.21 -47.72
N ASP E 45 15.06 -0.86 -46.73
CA ASP E 45 14.08 -0.21 -45.87
C ASP E 45 14.84 0.30 -44.67
N LEU E 46 15.08 1.60 -44.63
CA LEU E 46 15.83 2.20 -43.55
C LEU E 46 15.00 3.29 -42.90
N PRO E 47 14.67 3.12 -41.60
CA PRO E 47 14.13 4.24 -40.85
C PRO E 47 15.10 5.39 -40.88
N GLU E 48 14.61 6.60 -41.20
CA GLU E 48 15.50 7.75 -41.32
C GLU E 48 16.44 7.91 -40.11
N SER E 49 16.05 7.35 -38.98
CA SER E 49 16.96 7.24 -37.84
C SER E 49 18.26 6.59 -38.21
N VAL E 50 18.20 5.44 -38.90
CA VAL E 50 19.42 4.72 -39.29
C VAL E 50 20.16 5.36 -40.48
N LYS E 51 19.44 5.92 -41.43
CA LYS E 51 20.10 6.60 -42.52
C LYS E 51 21.00 7.72 -41.99
N MET E 52 20.61 8.34 -40.88
CA MET E 52 21.46 9.33 -40.26
C MET E 52 22.78 8.70 -39.82
N ARG E 53 22.76 7.41 -39.46
CA ARG E 53 23.94 6.71 -38.97
C ARG E 53 24.76 6.10 -40.09
N ILE E 54 24.24 6.05 -41.29
CA ILE E 54 24.96 5.46 -42.43
C ILE E 54 25.69 6.59 -43.19
N PRO E 55 26.97 6.39 -43.51
CA PRO E 55 27.65 7.35 -44.39
C PRO E 55 26.92 7.44 -45.72
N PRO E 56 26.70 8.66 -46.23
CA PRO E 56 25.91 8.79 -47.46
C PRO E 56 26.60 8.17 -48.68
N ASP E 57 27.91 7.94 -48.61
CA ASP E 57 28.61 7.24 -49.69
C ASP E 57 28.15 5.78 -49.78
N VAL E 58 28.15 5.08 -48.66
CA VAL E 58 27.77 3.67 -48.65
C VAL E 58 26.31 3.49 -49.04
N LEU E 59 25.42 4.26 -48.44
CA LEU E 59 24.01 4.13 -48.76
C LEU E 59 23.72 4.55 -50.20
N ALA E 60 24.61 5.34 -50.80
CA ALA E 60 24.39 5.80 -52.16
C ALA E 60 24.26 4.62 -53.13
N ARG E 61 25.28 3.77 -53.16
CA ARG E 61 25.24 2.61 -54.06
C ARG E 61 24.23 1.56 -53.63
N GLY E 62 23.66 1.68 -52.44
CA GLY E 62 22.52 0.85 -52.04
C GLY E 62 22.85 -0.54 -51.51
N LEU E 63 24.11 -0.89 -51.54
CA LEU E 63 24.56 -2.18 -51.02
C LEU E 63 25.82 -1.99 -50.20
N VAL E 64 26.25 -3.10 -49.61
CA VAL E 64 27.55 -3.19 -49.04
C VAL E 64 27.91 -4.66 -49.20
N VAL E 65 29.20 -4.94 -49.38
CA VAL E 65 29.66 -6.30 -49.62
C VAL E 65 31.08 -6.43 -49.06
N GLY E 66 31.45 -7.64 -48.74
CA GLY E 66 32.73 -7.90 -48.09
C GLY E 66 32.58 -8.33 -46.67
N ASP E 67 33.56 -9.04 -46.15
CA ASP E 67 33.44 -9.60 -44.80
C ASP E 67 33.28 -8.48 -43.76
N GLU E 68 34.27 -7.58 -43.70
CA GLU E 68 34.27 -6.55 -42.67
C GLU E 68 33.26 -5.46 -42.99
N GLU E 69 33.09 -5.13 -44.24
CA GLU E 69 32.21 -4.02 -44.62
C GLU E 69 30.76 -4.32 -44.28
N VAL E 70 30.36 -5.59 -44.35
CA VAL E 70 28.96 -5.96 -44.05
C VAL E 70 28.78 -6.11 -42.54
N ARG E 71 29.74 -6.72 -41.85
CA ARG E 71 29.56 -6.98 -40.43
C ARG E 71 29.13 -5.71 -39.72
N LYS E 72 29.71 -4.58 -40.04
CA LYS E 72 29.41 -3.34 -39.36
C LYS E 72 28.00 -2.88 -39.65
N TYR E 73 27.43 -3.20 -40.79
CA TYR E 73 26.09 -2.74 -41.15
C TYR E 73 24.99 -3.76 -40.88
N LEU E 74 25.31 -4.86 -40.23
CA LEU E 74 24.31 -5.88 -39.92
C LEU E 74 23.50 -5.52 -38.70
N SER E 75 22.20 -5.45 -38.88
CA SER E 75 21.19 -5.32 -37.80
C SER E 75 20.73 -6.73 -37.36
N SER E 76 19.53 -6.85 -36.86
CA SER E 76 19.04 -8.08 -36.33
C SER E 76 18.76 -9.13 -37.33
N VAL E 77 18.34 -10.31 -36.85
CA VAL E 77 18.19 -11.46 -37.72
C VAL E 77 17.12 -11.19 -38.77
N ARG E 78 16.05 -10.49 -38.40
CA ARG E 78 15.08 -10.12 -39.37
C ARG E 78 15.73 -9.34 -40.55
N ASP E 79 16.66 -8.45 -40.28
CA ASP E 79 17.37 -7.77 -41.31
C ASP E 79 18.22 -8.77 -42.16
N VAL E 80 18.86 -9.72 -41.47
CA VAL E 80 19.71 -10.63 -42.17
C VAL E 80 18.91 -11.50 -43.12
N GLN E 81 17.78 -12.08 -42.70
CA GLN E 81 17.07 -12.94 -43.61
C GLN E 81 16.40 -12.13 -44.73
N ARG E 82 16.33 -10.82 -44.59
CA ARG E 82 15.83 -10.00 -45.67
C ARG E 82 16.95 -9.43 -46.53
N ASN E 83 17.67 -8.46 -45.97
CA ASN E 83 18.49 -7.62 -46.78
C ASN E 83 19.88 -8.22 -47.04
N LEU E 84 20.15 -9.39 -46.53
CA LEU E 84 21.41 -10.09 -46.82
C LEU E 84 21.13 -11.09 -47.89
N LYS E 85 21.60 -10.79 -49.09
CA LYS E 85 21.29 -11.57 -50.29
C LYS E 85 22.48 -12.46 -50.62
N TYR E 86 22.25 -13.78 -50.62
CA TYR E 86 23.29 -14.66 -51.16
C TYR E 86 22.95 -14.90 -52.60
N PRO E 87 23.67 -14.26 -53.53
CA PRO E 87 23.36 -14.51 -54.97
C PRO E 87 24.04 -15.82 -55.28
N LEU E 88 24.01 -16.21 -56.55
CA LEU E 88 24.64 -17.47 -56.95
C LEU E 88 24.11 -18.62 -56.09
N LYS E 89 22.81 -18.76 -56.03
CA LYS E 89 22.18 -19.70 -55.11
C LYS E 89 22.76 -21.06 -55.27
N ASP E 90 22.80 -21.65 -56.47
CA ASP E 90 23.80 -22.67 -56.73
C ASP E 90 24.54 -22.37 -58.01
N GLY E 91 25.77 -21.90 -57.89
CA GLY E 91 26.65 -21.70 -59.03
C GLY E 91 26.17 -20.67 -60.04
N VAL E 92 24.94 -20.18 -59.88
CA VAL E 92 24.20 -19.51 -60.92
C VAL E 92 23.28 -18.48 -60.32
N ALA E 93 23.13 -17.33 -60.97
CA ALA E 93 22.12 -16.37 -60.59
C ALA E 93 20.97 -16.42 -61.61
N ARG E 94 19.75 -16.62 -61.13
CA ARG E 94 18.62 -16.62 -62.05
C ARG E 94 18.52 -15.29 -62.80
N ARG E 95 18.26 -15.37 -64.11
CA ARG E 95 18.25 -14.17 -64.94
C ARG E 95 17.30 -13.10 -64.36
N ASP E 96 16.09 -13.52 -64.05
CA ASP E 96 15.04 -12.61 -63.62
C ASP E 96 15.39 -11.77 -62.38
N ASP E 97 16.44 -12.15 -61.67
CA ASP E 97 16.75 -11.51 -60.39
C ASP E 97 17.68 -10.33 -60.62
N GLU E 98 17.14 -9.13 -60.44
CA GLU E 98 17.96 -7.92 -60.53
C GLU E 98 18.86 -7.80 -59.32
N GLU E 99 18.36 -8.20 -58.16
CA GLU E 99 19.18 -8.16 -56.94
C GLU E 99 20.36 -9.12 -57.05
N ALA E 100 20.25 -10.12 -57.93
CA ALA E 100 21.29 -11.13 -58.03
C ALA E 100 22.58 -10.54 -58.57
N TRP E 101 22.53 -9.85 -59.71
CA TRP E 101 23.74 -9.27 -60.22
C TRP E 101 24.05 -7.94 -59.58
N ARG E 102 23.05 -7.22 -59.07
CA ARG E 102 23.32 -5.94 -58.45
C ARG E 102 24.33 -6.10 -57.36
N VAL E 103 24.33 -7.22 -56.66
CA VAL E 103 25.37 -7.54 -55.71
C VAL E 103 26.65 -7.95 -56.44
N LEU E 104 26.54 -8.87 -57.38
CA LEU E 104 27.72 -9.28 -58.12
C LEU E 104 28.46 -8.11 -58.72
N LYS E 105 27.73 -7.12 -59.22
CA LYS E 105 28.38 -5.93 -59.74
C LYS E 105 29.23 -5.32 -58.66
N GLU E 106 28.64 -4.98 -57.52
CA GLU E 106 29.40 -4.30 -56.49
C GLU E 106 30.24 -5.27 -55.69
N LEU E 107 29.97 -6.56 -55.83
CA LEU E 107 30.91 -7.52 -55.29
C LEU E 107 32.15 -7.59 -56.14
N ALA E 108 31.99 -7.68 -57.46
CA ALA E 108 33.14 -7.58 -58.33
C ALA E 108 33.78 -6.21 -58.23
N ARG E 109 32.98 -5.15 -58.09
CA ARG E 109 33.55 -3.82 -57.90
C ARG E 109 34.37 -3.77 -56.65
N TYR E 110 33.86 -4.34 -55.55
CA TYR E 110 34.63 -4.40 -54.32
C TYR E 110 35.95 -5.14 -54.55
N THR E 111 35.92 -6.16 -55.40
CA THR E 111 37.10 -7.00 -55.59
C THR E 111 38.25 -6.14 -56.16
N LEU E 112 38.04 -5.47 -57.30
CA LEU E 112 39.09 -4.72 -57.93
C LEU E 112 39.52 -3.51 -57.07
N ALA E 113 38.53 -2.79 -56.51
CA ALA E 113 38.85 -1.63 -55.68
C ALA E 113 39.79 -1.99 -54.53
N GLN E 114 39.71 -3.22 -54.02
CA GLN E 114 40.61 -3.67 -52.99
C GLN E 114 42.09 -3.57 -53.38
N PHE E 115 42.40 -3.61 -54.68
CA PHE E 115 43.79 -3.65 -55.16
C PHE E 115 44.06 -2.50 -56.11
N PRO E 116 44.49 -1.35 -55.55
CA PRO E 116 44.87 -0.23 -56.43
C PRO E 116 46.26 -0.48 -56.99
N VAL E 117 46.57 0.17 -58.11
CA VAL E 117 47.88 0.03 -58.72
C VAL E 117 48.49 1.42 -58.90
N SER E 118 49.67 1.62 -58.28
CA SER E 118 50.39 2.87 -58.33
C SER E 118 51.15 3.07 -59.64
N ASP E 119 51.71 1.98 -60.19
CA ASP E 119 52.59 2.02 -61.35
C ASP E 119 51.90 2.69 -62.55
N PRO E 120 52.50 3.76 -63.10
CA PRO E 120 51.97 4.34 -64.34
C PRO E 120 52.12 3.43 -65.56
N GLU E 121 52.93 2.37 -65.47
CA GLU E 121 53.00 1.41 -66.56
C GLU E 121 51.76 0.54 -66.63
N PHE E 122 50.85 0.70 -65.67
CA PHE E 122 49.67 -0.15 -65.58
C PHE E 122 48.65 0.28 -66.62
N ALA E 123 48.33 -0.62 -67.54
CA ALA E 123 47.44 -0.36 -68.66
C ALA E 123 46.02 -0.84 -68.37
N GLY E 124 45.79 -1.32 -67.16
CA GLY E 124 44.56 -2.02 -66.82
C GLY E 124 44.81 -3.48 -66.55
N TRP E 125 43.90 -4.07 -65.78
CA TRP E 125 44.06 -5.42 -65.31
C TRP E 125 43.84 -6.41 -66.43
N LEU E 126 44.10 -7.67 -66.09
CA LEU E 126 43.67 -8.82 -66.88
C LEU E 126 42.84 -9.67 -65.94
N VAL E 127 41.54 -9.71 -66.18
CA VAL E 127 40.59 -10.29 -65.24
C VAL E 127 40.22 -11.67 -65.73
N ALA E 128 40.70 -12.68 -65.02
CA ALA E 128 40.34 -14.06 -65.28
C ALA E 128 39.25 -14.47 -64.29
N VAL E 129 38.05 -14.66 -64.80
CA VAL E 129 36.92 -15.03 -63.96
C VAL E 129 36.76 -16.55 -64.08
N ALA E 130 36.52 -17.19 -62.94
CA ALA E 130 36.18 -18.60 -62.92
C ALA E 130 34.78 -18.74 -62.46
N LEU E 131 33.87 -19.08 -63.38
CA LEU E 131 32.51 -19.37 -63.00
C LEU E 131 32.31 -20.85 -62.81
N SER E 132 31.13 -21.22 -62.35
CA SER E 132 30.82 -22.63 -62.22
C SER E 132 30.53 -23.25 -63.59
N ALA E 133 30.73 -24.53 -63.73
CA ALA E 133 30.45 -25.22 -64.96
C ALA E 133 28.98 -25.08 -65.34
N LEU E 134 28.12 -24.94 -64.33
CA LEU E 134 26.69 -24.84 -64.57
C LEU E 134 26.33 -23.47 -65.14
N ALA E 135 27.27 -22.53 -65.17
CA ALA E 135 26.95 -21.17 -65.56
C ALA E 135 26.43 -21.20 -67.00
N PRO E 136 25.16 -20.76 -67.18
CA PRO E 136 24.62 -20.76 -68.51
C PRO E 136 25.21 -19.68 -69.39
N ASP E 137 24.61 -19.49 -70.56
CA ASP E 137 25.09 -18.49 -71.49
C ASP E 137 24.91 -17.11 -70.90
N TYR E 138 23.72 -16.81 -70.37
CA TYR E 138 23.45 -15.47 -69.89
C TYR E 138 24.38 -15.07 -68.77
N MET E 139 24.72 -16.01 -67.91
CA MET E 139 25.60 -15.69 -66.80
C MET E 139 26.98 -15.28 -67.29
N TYR E 140 27.43 -15.82 -68.40
CA TYR E 140 28.60 -15.26 -69.08
C TYR E 140 28.33 -13.83 -69.58
N LYS E 141 27.30 -13.66 -70.37
CA LYS E 141 27.00 -12.35 -70.94
C LYS E 141 26.78 -11.35 -69.82
N ALA E 142 26.14 -11.75 -68.73
CA ALA E 142 25.86 -10.82 -67.64
C ALA E 142 27.12 -10.34 -67.03
N ILE E 143 28.08 -11.22 -66.79
CA ILE E 143 29.25 -10.81 -66.05
C ILE E 143 30.22 -10.01 -66.94
N PHE E 144 30.29 -10.31 -68.23
CA PHE E 144 31.04 -9.40 -69.09
C PHE E 144 30.41 -8.01 -69.06
N ASP E 145 29.09 -7.94 -69.01
CA ASP E 145 28.43 -6.65 -68.86
C ASP E 145 28.90 -5.98 -67.57
N ILE E 146 29.06 -6.75 -66.52
CA ILE E 146 29.56 -6.22 -65.25
C ILE E 146 30.92 -5.57 -65.45
N TYR E 147 31.87 -6.32 -65.98
CA TYR E 147 33.22 -5.79 -66.16
C TYR E 147 33.29 -4.72 -67.21
N ASP E 148 32.35 -4.68 -68.15
CA ASP E 148 32.29 -3.54 -69.08
C ASP E 148 31.95 -2.26 -68.35
N GLU E 149 31.16 -2.36 -67.28
CA GLU E 149 30.81 -1.17 -66.51
C GLU E 149 31.94 -0.75 -65.61
N LEU E 150 32.65 -1.70 -65.04
CA LEU E 150 33.81 -1.37 -64.20
C LEU E 150 34.96 -0.82 -65.04
N ALA E 151 34.95 -1.05 -66.35
CA ALA E 151 35.97 -0.46 -67.22
C ALA E 151 35.95 1.06 -67.16
N SER E 152 34.77 1.67 -67.02
CA SER E 152 34.69 3.11 -66.88
C SER E 152 35.27 3.59 -65.54
N GLU E 153 35.10 2.81 -64.48
CA GLU E 153 35.64 3.17 -63.17
C GLU E 153 37.12 2.82 -63.06
N PHE E 154 37.42 1.54 -63.13
CA PHE E 154 38.79 1.03 -62.95
C PHE E 154 39.43 0.83 -64.31
N LYS E 155 40.70 0.46 -64.29
CA LYS E 155 41.41 0.13 -65.53
C LYS E 155 41.42 -1.39 -65.67
N ILE E 156 40.71 -1.86 -66.68
CA ILE E 156 40.65 -3.29 -67.01
C ILE E 156 41.03 -3.38 -68.48
N TYR E 157 42.14 -4.04 -68.77
CA TYR E 157 42.56 -4.15 -70.16
C TYR E 157 41.76 -5.25 -70.86
N ALA E 158 41.59 -6.38 -70.19
CA ALA E 158 40.94 -7.52 -70.79
C ALA E 158 40.28 -8.39 -69.76
N VAL E 159 39.21 -9.07 -70.18
CA VAL E 159 38.41 -9.92 -69.28
C VAL E 159 38.24 -11.27 -69.98
N THR E 160 38.39 -12.34 -69.22
CA THR E 160 38.10 -13.67 -69.71
C THR E 160 37.33 -14.42 -68.69
N ILE E 161 36.77 -15.54 -69.16
CA ILE E 161 36.03 -16.43 -68.24
C ILE E 161 36.34 -17.87 -68.54
N LEU E 162 36.58 -18.63 -67.49
CA LEU E 162 36.89 -20.04 -67.63
C LEU E 162 35.93 -20.83 -66.77
N PRO E 163 35.52 -22.01 -67.22
CA PRO E 163 34.73 -22.86 -66.33
C PRO E 163 35.57 -23.35 -65.17
N GLN E 164 34.98 -23.34 -63.97
CA GLN E 164 35.69 -23.64 -62.74
C GLN E 164 36.51 -24.93 -62.79
N PRO E 165 35.97 -26.06 -63.31
CA PRO E 165 36.82 -27.28 -63.32
C PRO E 165 38.04 -27.12 -64.19
N LEU E 166 37.95 -26.29 -65.24
CA LEU E 166 39.12 -26.03 -66.08
C LEU E 166 40.26 -25.43 -65.24
N ALA E 167 39.90 -24.59 -64.28
CA ALA E 167 40.90 -23.96 -63.46
C ALA E 167 41.63 -24.99 -62.63
N VAL E 168 40.89 -25.89 -61.95
CA VAL E 168 41.50 -26.77 -61.02
C VAL E 168 42.53 -27.66 -61.74
N ALA E 169 42.14 -28.23 -62.87
CA ALA E 169 43.05 -29.06 -63.62
C ALA E 169 44.30 -28.28 -64.01
N ILE E 170 44.14 -26.99 -64.34
CA ILE E 170 45.28 -26.13 -64.60
C ILE E 170 46.04 -25.85 -63.29
N ALA E 171 45.31 -25.61 -62.22
CA ALA E 171 45.95 -25.37 -60.93
C ALA E 171 46.78 -26.56 -60.49
N GLU E 172 46.20 -27.76 -60.57
CA GLU E 172 46.96 -28.95 -60.23
C GLU E 172 48.00 -29.28 -61.29
N ASN E 173 47.75 -28.88 -62.54
CA ASN E 173 48.59 -29.27 -63.68
C ASN E 173 48.75 -30.79 -63.71
N ALA E 174 47.67 -31.47 -63.30
CA ALA E 174 47.64 -32.92 -63.21
C ALA E 174 47.44 -33.48 -64.60
N VAL E 175 48.18 -34.51 -64.97
CA VAL E 175 48.04 -35.09 -66.30
C VAL E 175 46.88 -36.06 -66.37
N ASN E 176 46.76 -37.02 -65.49
CA ASN E 176 45.70 -38.06 -65.61
C ASN E 176 45.01 -38.22 -64.28
N CYS E 177 43.75 -37.84 -64.23
CA CYS E 177 42.92 -37.91 -63.02
C CYS E 177 41.52 -37.43 -63.29
N VAL E 178 40.65 -37.58 -62.29
CA VAL E 178 39.34 -36.97 -62.30
C VAL E 178 39.28 -35.94 -61.21
N ILE E 179 39.23 -34.69 -61.58
CA ILE E 179 39.09 -33.60 -60.64
C ILE E 179 37.69 -33.72 -60.04
N VAL E 180 37.57 -33.43 -58.77
CA VAL E 180 36.30 -33.30 -58.08
C VAL E 180 36.34 -32.02 -57.29
N GLU E 181 35.49 -31.05 -57.62
CA GLU E 181 35.39 -29.82 -56.84
C GLU E 181 34.26 -29.96 -55.79
N GLY E 182 34.57 -29.57 -54.58
CA GLY E 182 33.63 -29.56 -53.48
C GLY E 182 32.90 -28.27 -53.35
N GLY E 183 32.75 -27.59 -54.46
CA GLY E 183 32.20 -26.25 -54.46
C GLY E 183 30.98 -26.15 -53.56
N HIS E 184 30.90 -25.06 -52.81
CA HIS E 184 29.87 -24.92 -51.82
C HIS E 184 28.51 -25.23 -52.39
N GLY E 185 28.19 -24.62 -53.54
CA GLY E 185 26.92 -24.87 -54.18
C GLY E 185 26.88 -26.18 -54.92
N ASN E 186 27.90 -26.44 -55.73
CA ASN E 186 27.84 -27.57 -56.67
C ASN E 186 29.11 -28.37 -56.67
N ILE E 187 28.99 -29.66 -56.91
CA ILE E 187 30.13 -30.56 -57.00
C ILE E 187 30.38 -30.83 -58.46
N GLN E 188 31.56 -30.45 -58.94
CA GLN E 188 31.85 -30.54 -60.38
C GLN E 188 32.97 -31.54 -60.53
N VAL E 189 32.67 -32.69 -61.07
CA VAL E 189 33.66 -33.69 -61.30
C VAL E 189 33.98 -33.74 -62.80
N ALA E 190 35.25 -33.56 -63.15
CA ALA E 190 35.66 -33.67 -64.53
C ALA E 190 36.83 -34.62 -64.65
N PRO E 191 36.81 -35.52 -65.62
CA PRO E 191 38.01 -36.24 -65.93
C PRO E 191 38.92 -35.42 -66.82
N ILE E 192 40.23 -35.65 -66.69
CA ILE E 192 41.23 -34.94 -67.47
C ILE E 192 42.28 -35.95 -67.97
N SER E 193 42.53 -35.96 -69.26
CA SER E 193 43.41 -36.96 -69.87
C SER E 193 44.75 -36.33 -70.20
N PHE E 194 44.81 -35.47 -71.21
CA PHE E 194 45.83 -34.45 -71.27
C PHE E 194 45.31 -33.10 -70.84
N ALA E 195 44.00 -32.99 -70.63
CA ALA E 195 43.35 -31.73 -70.21
C ALA E 195 41.90 -32.07 -69.95
N LEU E 196 41.05 -31.09 -69.68
CA LEU E 196 39.64 -31.39 -69.45
C LEU E 196 39.04 -32.17 -70.60
N ILE E 197 38.10 -33.04 -70.25
CA ILE E 197 37.21 -33.65 -71.18
C ILE E 197 35.88 -32.94 -70.98
N ARG E 198 35.54 -32.06 -71.92
CA ARG E 198 34.34 -31.30 -71.80
C ARG E 198 33.12 -32.18 -71.88
N GLU E 199 33.20 -33.31 -72.55
CA GLU E 199 32.05 -34.21 -72.65
C GLU E 199 31.88 -35.01 -71.35
N GLY E 200 32.99 -35.33 -70.73
CA GLY E 200 32.99 -36.08 -69.48
C GLY E 200 32.78 -35.25 -68.27
N LEU E 201 32.85 -33.94 -68.39
CA LEU E 201 32.62 -33.06 -67.25
C LEU E 201 31.18 -33.28 -66.75
N VAL E 202 31.06 -33.57 -65.46
CA VAL E 202 29.82 -33.78 -64.81
C VAL E 202 29.76 -32.97 -63.56
N ALA E 203 28.68 -32.20 -63.46
CA ALA E 203 28.58 -31.28 -62.35
C ALA E 203 27.28 -31.45 -61.66
N LEU E 204 27.34 -31.91 -60.42
CA LEU E 204 26.14 -32.13 -59.64
C LEU E 204 25.57 -30.79 -59.18
N ASN E 205 24.28 -30.82 -58.85
CA ASN E 205 23.57 -29.63 -58.40
C ASN E 205 23.66 -29.55 -56.87
N ARG E 206 24.45 -30.43 -56.26
CA ARG E 206 24.57 -30.56 -54.83
C ARG E 206 25.96 -30.09 -54.41
N GLY E 207 26.03 -29.58 -53.19
CA GLY E 207 27.29 -29.11 -52.68
C GLY E 207 27.28 -28.89 -51.19
N GLY E 208 28.27 -28.19 -50.71
CA GLY E 208 28.31 -27.85 -49.28
C GLY E 208 27.05 -27.16 -48.81
N ALA E 209 26.43 -26.38 -49.67
CA ALA E 209 25.21 -25.69 -49.29
C ALA E 209 24.09 -26.65 -48.95
N GLU E 210 24.23 -27.90 -49.37
CA GLU E 210 23.25 -28.90 -48.96
C GLU E 210 23.61 -29.48 -47.63
N ALA E 211 24.83 -29.25 -47.17
CA ALA E 211 25.21 -29.63 -45.80
C ALA E 211 24.78 -28.56 -44.83
N ASN E 212 24.74 -27.30 -45.27
CA ASN E 212 24.11 -26.28 -44.44
C ASN E 212 22.66 -26.66 -44.25
N ALA E 213 21.91 -26.85 -45.34
CA ALA E 213 20.51 -27.04 -45.22
C ALA E 213 20.15 -28.27 -44.39
N ILE E 214 21.03 -29.23 -44.31
CA ILE E 214 20.78 -30.36 -43.42
C ILE E 214 21.19 -30.03 -41.99
N THR E 215 22.10 -29.09 -41.82
CA THR E 215 22.33 -28.53 -40.49
C THR E 215 21.24 -27.55 -40.15
N ARG E 216 20.89 -26.68 -41.06
CA ARG E 216 19.85 -25.68 -40.83
C ARG E 216 18.58 -26.34 -40.42
N GLU E 217 18.39 -27.63 -40.75
CA GLU E 217 17.26 -28.37 -40.24
C GLU E 217 17.53 -28.83 -38.82
N ILE E 218 18.72 -29.29 -38.53
CA ILE E 218 19.04 -29.76 -37.19
C ILE E 218 18.86 -28.62 -36.19
N LEU E 219 19.37 -27.45 -36.48
CA LEU E 219 19.29 -26.33 -35.57
C LEU E 219 17.84 -25.90 -35.38
N LYS E 220 16.94 -26.27 -36.29
CA LYS E 220 15.52 -26.04 -36.06
C LYS E 220 14.95 -27.10 -35.17
N ASP E 221 15.49 -28.31 -35.23
CA ASP E 221 14.95 -29.40 -34.42
C ASP E 221 15.43 -29.33 -32.99
N ILE E 222 16.50 -28.58 -32.75
CA ILE E 222 17.02 -28.46 -31.39
C ILE E 222 16.37 -27.25 -30.71
N GLY E 223 15.68 -26.41 -31.45
CA GLY E 223 14.99 -25.27 -30.87
C GLY E 223 15.80 -23.99 -30.95
N TYR E 224 16.84 -24.00 -31.79
CA TYR E 224 17.70 -22.84 -31.98
C TYR E 224 17.21 -21.99 -33.14
N SER E 225 15.98 -22.22 -33.61
CA SER E 225 15.52 -21.73 -34.90
C SER E 225 15.89 -20.28 -35.17
N ASP E 226 15.98 -19.46 -34.13
CA ASP E 226 16.54 -18.10 -34.30
C ASP E 226 17.92 -18.16 -34.93
N ILE E 227 18.67 -19.22 -34.66
CA ILE E 227 20.05 -19.34 -35.17
C ILE E 227 20.02 -19.82 -36.60
N ALA E 228 19.03 -20.64 -36.96
CA ALA E 228 18.99 -21.20 -38.28
C ALA E 228 18.88 -20.08 -39.35
N ARG E 229 18.03 -19.10 -39.13
CA ARG E 229 17.79 -18.08 -40.11
C ARG E 229 19.06 -17.37 -40.59
N GLU E 230 20.08 -17.33 -39.76
CA GLU E 230 21.30 -16.61 -40.06
C GLU E 230 22.28 -17.56 -40.71
N GLU E 231 22.57 -17.35 -41.99
CA GLU E 231 23.35 -18.34 -42.74
C GLU E 231 24.76 -18.45 -42.19
N TYR E 232 25.32 -17.34 -41.71
CA TYR E 232 26.65 -17.41 -41.08
C TYR E 232 26.63 -18.36 -39.87
N ALA E 233 25.50 -18.43 -39.18
CA ALA E 233 25.46 -19.23 -37.98
C ALA E 233 25.54 -20.70 -38.31
N VAL E 234 24.72 -21.19 -39.23
CA VAL E 234 24.78 -22.60 -39.59
C VAL E 234 26.13 -22.92 -40.22
N GLU E 235 26.72 -21.97 -40.94
CA GLU E 235 28.07 -22.15 -41.43
C GLU E 235 29.00 -22.57 -40.32
N VAL E 236 29.17 -21.72 -39.31
CA VAL E 236 30.06 -22.00 -38.19
C VAL E 236 29.66 -23.30 -37.52
N VAL E 237 28.37 -23.55 -37.41
CA VAL E 237 27.90 -24.80 -36.79
C VAL E 237 28.29 -25.98 -37.66
N LYS E 238 27.92 -25.94 -38.92
CA LYS E 238 28.25 -27.04 -39.83
C LYS E 238 29.71 -27.34 -39.83
N ARG E 239 30.55 -26.32 -40.05
CA ARG E 239 31.99 -26.53 -40.10
C ARG E 239 32.49 -27.15 -38.82
N ALA E 240 32.00 -26.70 -37.67
CA ALA E 240 32.43 -27.23 -36.39
C ALA E 240 31.81 -28.58 -36.03
N VAL E 241 30.50 -28.70 -36.09
CA VAL E 241 29.82 -29.91 -35.63
C VAL E 241 29.60 -30.93 -36.71
N GLY E 242 29.82 -30.56 -37.96
CA GLY E 242 29.61 -31.47 -39.05
C GLY E 242 30.63 -32.58 -39.05
N LEU E 243 30.24 -33.75 -39.57
CA LEU E 243 31.13 -34.89 -39.46
C LEU E 243 30.77 -35.85 -40.61
N VAL E 244 31.74 -36.64 -41.05
CA VAL E 244 31.56 -37.50 -42.24
C VAL E 244 31.70 -38.95 -41.83
N PRO E 245 30.65 -39.77 -42.03
CA PRO E 245 30.70 -41.14 -41.56
C PRO E 245 31.58 -42.02 -42.43
N ARG E 246 32.11 -43.07 -41.79
CA ARG E 246 32.72 -44.14 -42.55
C ARG E 246 31.65 -44.86 -43.37
N ARG E 247 30.63 -45.36 -42.71
CA ARG E 247 29.43 -45.88 -43.36
C ARG E 247 28.26 -45.38 -42.53
N LEU E 248 27.36 -44.65 -43.19
CA LEU E 248 26.34 -43.88 -42.46
C LEU E 248 25.55 -44.77 -41.51
N LYS E 249 25.07 -45.90 -42.00
CA LYS E 249 24.25 -46.78 -41.16
C LYS E 249 25.04 -47.27 -39.96
N GLU E 250 26.27 -47.71 -40.19
CA GLU E 250 27.12 -48.19 -39.09
C GLU E 250 27.43 -47.05 -38.12
N ALA E 251 27.57 -45.84 -38.64
CA ALA E 251 27.92 -44.71 -37.80
C ALA E 251 26.74 -44.27 -36.90
N ILE E 252 25.56 -44.09 -37.50
CA ILE E 252 24.40 -43.71 -36.73
C ILE E 252 24.13 -44.75 -35.61
N ARG E 253 24.30 -46.04 -35.93
CA ARG E 253 24.20 -47.05 -34.89
C ARG E 253 25.20 -46.78 -33.77
N ALA E 254 26.43 -46.39 -34.12
CA ALA E 254 27.44 -46.12 -33.11
C ALA E 254 27.04 -44.93 -32.26
N ALA E 255 26.66 -43.83 -32.90
CA ALA E 255 26.34 -42.59 -32.20
C ALA E 255 25.07 -42.69 -31.35
N LYS E 256 24.17 -43.63 -31.68
CA LYS E 256 23.04 -43.86 -30.79
C LYS E 256 23.39 -44.80 -29.64
N SER E 257 24.49 -45.55 -29.75
CA SER E 257 24.92 -46.40 -28.64
C SER E 257 25.71 -45.60 -27.60
N ASP E 258 26.63 -44.73 -28.05
CA ASP E 258 27.52 -44.01 -27.15
C ASP E 258 27.52 -42.52 -27.55
N PRO E 259 26.41 -41.82 -27.30
CA PRO E 259 26.33 -40.43 -27.76
C PRO E 259 27.36 -39.51 -27.11
N ASP E 260 27.84 -39.85 -25.93
CA ASP E 260 28.75 -38.96 -25.21
C ASP E 260 30.01 -38.70 -26.00
N ARG E 261 30.38 -39.62 -26.91
CA ARG E 261 31.47 -39.33 -27.84
C ARG E 261 31.15 -38.10 -28.68
N PHE E 262 29.93 -38.03 -29.20
CA PHE E 262 29.59 -37.07 -30.25
C PHE E 262 28.91 -35.81 -29.75
N VAL E 263 28.64 -35.70 -28.45
CA VAL E 263 27.98 -34.48 -27.97
C VAL E 263 28.99 -33.35 -28.04
N THR E 264 28.62 -32.26 -28.69
CA THR E 264 29.53 -31.16 -28.90
C THR E 264 28.85 -29.84 -28.54
N LYS E 265 29.68 -28.88 -28.20
CA LYS E 265 29.24 -27.57 -27.78
C LYS E 265 30.03 -26.53 -28.57
N VAL E 266 29.31 -25.77 -29.37
CA VAL E 266 29.96 -24.77 -30.21
C VAL E 266 29.57 -23.36 -29.76
N ARG E 267 30.54 -22.49 -29.54
CA ARG E 267 30.28 -21.13 -29.13
C ARG E 267 30.24 -20.26 -30.36
N LEU E 268 29.05 -19.81 -30.73
CA LEU E 268 28.87 -18.90 -31.87
C LEU E 268 29.15 -17.46 -31.46
N SER E 269 28.51 -17.05 -30.38
CA SER E 269 28.65 -15.71 -29.82
C SER E 269 28.47 -15.90 -28.32
N PRO E 270 28.97 -14.96 -27.50
CA PRO E 270 28.90 -15.18 -26.05
C PRO E 270 27.48 -15.47 -25.57
N VAL E 271 26.46 -14.87 -26.19
CA VAL E 271 25.09 -15.14 -25.79
C VAL E 271 24.65 -16.56 -26.19
N VAL E 272 24.82 -16.88 -27.48
CA VAL E 272 24.28 -18.12 -28.05
C VAL E 272 25.39 -19.13 -28.18
N GLU E 273 25.26 -20.25 -27.46
CA GLU E 273 26.23 -21.34 -27.59
C GLU E 273 25.44 -22.60 -27.88
N VAL E 274 25.63 -23.16 -29.07
CA VAL E 274 24.85 -24.29 -29.55
C VAL E 274 25.35 -25.57 -28.90
N GLU E 275 24.47 -26.25 -28.18
CA GLU E 275 24.71 -27.57 -27.63
C GLU E 275 23.92 -28.59 -28.45
N ILE E 276 24.64 -29.38 -29.23
CA ILE E 276 24.01 -30.53 -29.90
C ILE E 276 23.66 -31.53 -28.80
N PRO E 277 22.38 -31.77 -28.55
CA PRO E 277 22.00 -32.57 -27.40
C PRO E 277 22.49 -33.99 -27.52
N ARG E 278 22.24 -34.79 -26.50
CA ARG E 278 22.74 -36.15 -26.48
C ARG E 278 22.07 -36.98 -27.57
N GLU E 279 20.75 -36.84 -27.72
CA GLU E 279 20.01 -37.62 -28.69
C GLU E 279 20.49 -37.37 -30.14
N TYR E 280 20.38 -36.13 -30.61
CA TYR E 280 20.65 -35.87 -32.02
C TYR E 280 22.12 -36.05 -32.38
N ALA E 281 22.97 -36.39 -31.44
CA ALA E 281 24.41 -36.50 -31.70
C ALA E 281 24.71 -37.33 -32.93
N TRP E 282 23.82 -38.27 -33.26
CA TRP E 282 24.02 -39.04 -34.49
C TRP E 282 23.73 -38.21 -35.71
N THR E 283 22.93 -37.15 -35.60
CA THR E 283 22.65 -36.32 -36.76
C THR E 283 23.86 -35.53 -37.18
N ARG E 284 24.95 -35.55 -36.42
CA ARG E 284 26.16 -34.92 -36.88
C ARG E 284 26.65 -35.55 -38.17
N PHE E 285 26.43 -36.85 -38.34
CA PHE E 285 26.86 -37.53 -39.53
C PHE E 285 26.10 -37.06 -40.76
N LEU E 286 24.81 -36.88 -40.67
CA LEU E 286 24.06 -36.43 -41.81
C LEU E 286 24.55 -35.10 -42.33
N ILE E 287 25.18 -34.31 -41.46
CA ILE E 287 25.66 -33.00 -41.86
C ILE E 287 26.71 -33.15 -42.93
N GLY E 288 27.74 -33.89 -42.66
CA GLY E 288 28.82 -33.98 -43.59
C GLY E 288 28.61 -35.03 -44.65
N GLU E 289 27.73 -35.98 -44.42
CA GLU E 289 27.57 -37.04 -45.37
C GLU E 289 26.74 -36.62 -46.58
N ILE E 290 25.75 -35.75 -46.36
CA ILE E 290 24.81 -35.43 -47.40
C ILE E 290 25.52 -34.80 -48.60
N VAL E 291 26.74 -34.34 -48.46
CA VAL E 291 27.51 -33.88 -49.59
C VAL E 291 27.85 -35.04 -50.51
N PHE E 292 28.18 -36.18 -49.94
CA PHE E 292 28.65 -37.30 -50.73
C PHE E 292 27.50 -38.10 -51.33
N ASP E 293 26.78 -38.85 -50.50
CA ASP E 293 25.79 -39.81 -50.99
C ASP E 293 24.44 -39.50 -50.36
N PRO E 294 23.74 -38.52 -50.88
CA PRO E 294 22.45 -38.20 -50.28
C PRO E 294 21.35 -39.12 -50.73
N ASN E 295 21.63 -40.41 -50.79
CA ASN E 295 20.56 -41.38 -50.93
C ASN E 295 20.70 -42.41 -49.80
N HIS E 296 19.85 -42.29 -48.78
CA HIS E 296 19.75 -43.24 -47.71
C HIS E 296 18.34 -43.12 -47.12
N GLU E 297 17.81 -44.26 -46.66
CA GLU E 297 16.53 -44.22 -45.99
C GLU E 297 16.63 -43.41 -44.72
N GLU E 298 17.84 -43.23 -44.20
CA GLU E 298 18.05 -42.44 -42.97
C GLU E 298 18.09 -40.97 -43.23
N ILE E 299 18.79 -40.55 -44.27
CA ILE E 299 18.77 -39.12 -44.62
C ILE E 299 17.46 -38.75 -45.29
N LYS E 300 17.11 -39.50 -46.32
CA LYS E 300 15.99 -39.12 -47.16
C LYS E 300 14.68 -39.13 -46.37
N SER E 301 14.66 -39.79 -45.21
CA SER E 301 13.55 -39.58 -44.28
C SER E 301 13.75 -38.30 -43.51
N TYR E 302 14.96 -38.09 -42.98
CA TYR E 302 15.18 -36.91 -42.15
C TYR E 302 15.03 -35.62 -42.96
N ILE E 303 15.40 -35.65 -44.21
CA ILE E 303 15.25 -34.45 -45.03
C ILE E 303 13.78 -34.24 -45.37
N GLU E 304 13.03 -35.33 -45.55
CA GLU E 304 11.62 -35.21 -45.92
C GLU E 304 10.84 -34.60 -44.78
N GLN E 305 10.91 -35.19 -43.58
CA GLN E 305 10.17 -34.63 -42.45
C GLN E 305 10.69 -33.23 -42.07
N SER E 306 11.86 -32.84 -42.53
CA SER E 306 12.36 -31.49 -42.32
C SER E 306 11.95 -30.55 -43.41
N ARG E 307 11.43 -31.07 -44.50
CA ARG E 307 10.86 -30.22 -45.56
C ARG E 307 9.45 -29.76 -45.20
N LEU E 308 8.78 -30.44 -44.29
CA LEU E 308 7.42 -30.09 -43.95
C LEU E 308 7.40 -28.71 -43.35
N ARG E 309 8.15 -28.44 -42.26
CA ARG E 309 8.05 -27.16 -41.63
C ARG E 309 8.54 -26.08 -42.57
N ILE E 310 7.68 -25.08 -42.86
CA ILE E 310 8.08 -23.96 -43.65
C ILE E 310 7.91 -22.70 -42.83
N GLU E 311 9.02 -22.06 -42.48
CA GLU E 311 9.02 -20.99 -41.49
C GLU E 311 8.64 -19.67 -42.11
N ASN E 312 9.56 -19.05 -42.84
CA ASN E 312 9.33 -17.72 -43.39
C ASN E 312 8.54 -17.88 -44.71
N ALA E 313 9.25 -18.25 -45.76
CA ALA E 313 8.66 -18.42 -47.06
C ALA E 313 9.18 -19.72 -47.63
N VAL E 314 10.49 -19.76 -47.86
CA VAL E 314 11.13 -20.87 -48.54
C VAL E 314 10.74 -22.17 -47.86
N ILE E 315 10.65 -23.22 -48.69
CA ILE E 315 10.36 -24.55 -48.19
C ILE E 315 11.71 -25.18 -47.74
N GLY E 316 12.78 -24.40 -47.87
CA GLY E 316 14.09 -24.99 -47.65
C GLY E 316 14.83 -25.17 -48.96
N ASP E 317 16.15 -24.94 -48.98
CA ASP E 317 16.92 -25.11 -50.21
C ASP E 317 17.64 -26.46 -50.19
N VAL E 318 17.08 -27.42 -50.91
CA VAL E 318 17.53 -28.79 -50.88
C VAL E 318 16.50 -29.56 -51.76
N THR E 319 16.92 -30.72 -52.23
CA THR E 319 16.13 -31.47 -53.19
C THR E 319 15.71 -32.77 -52.57
N LEU E 320 14.40 -33.00 -52.53
CA LEU E 320 13.82 -34.24 -51.99
C LEU E 320 13.91 -35.38 -52.98
N TYR E 321 14.07 -35.07 -54.25
CA TYR E 321 14.05 -36.09 -55.30
C TYR E 321 15.28 -36.98 -55.30
N GLY E 322 16.31 -36.57 -54.59
CA GLY E 322 17.51 -37.42 -54.52
C GLY E 322 18.47 -37.10 -55.67
N GLU E 323 19.75 -37.19 -55.41
CA GLU E 323 20.74 -36.93 -56.42
C GLU E 323 21.69 -38.11 -56.57
N MET E 324 22.70 -37.90 -57.39
CA MET E 324 23.72 -38.90 -57.62
C MET E 324 24.81 -38.84 -56.57
N ASP E 325 25.28 -39.99 -56.14
CA ASP E 325 26.42 -40.06 -55.24
C ASP E 325 27.70 -39.66 -55.95
N VAL E 326 28.60 -38.98 -55.27
CA VAL E 326 29.87 -38.57 -55.90
C VAL E 326 30.70 -39.81 -56.31
N ALA E 327 30.45 -40.93 -55.65
CA ALA E 327 30.99 -42.15 -56.19
C ALA E 327 30.40 -42.42 -57.57
N SER E 328 29.07 -42.41 -57.69
CA SER E 328 28.43 -42.62 -58.99
C SER E 328 28.69 -41.50 -59.91
N ALA E 329 29.02 -40.32 -59.39
CA ALA E 329 29.35 -39.16 -60.26
C ALA E 329 30.62 -39.39 -60.98
N ILE E 330 31.66 -39.76 -60.25
CA ILE E 330 32.97 -40.03 -60.87
C ILE E 330 32.82 -41.14 -61.93
N ILE E 331 32.11 -42.19 -61.59
CA ILE E 331 31.94 -43.27 -62.53
C ILE E 331 31.25 -42.75 -63.78
N THR E 332 30.17 -42.00 -63.64
CA THR E 332 29.47 -41.49 -64.78
C THR E 332 30.33 -40.55 -65.58
N SER E 333 31.24 -39.85 -64.94
CA SER E 333 32.15 -38.95 -65.65
C SER E 333 33.19 -39.73 -66.41
N LEU E 334 33.50 -40.94 -65.96
CA LEU E 334 34.48 -41.74 -66.65
C LEU E 334 33.87 -42.46 -67.86
N ARG E 335 32.60 -42.85 -67.80
CA ARG E 335 32.02 -43.54 -68.95
C ARG E 335 32.00 -42.65 -70.17
N ASN E 336 32.23 -41.34 -69.99
CA ASN E 336 32.32 -40.42 -71.13
C ASN E 336 33.68 -40.34 -71.72
N VAL E 337 34.75 -40.80 -71.06
CA VAL E 337 36.08 -40.82 -71.70
C VAL E 337 36.24 -42.12 -72.42
N SER E 338 37.34 -42.25 -73.17
CA SER E 338 37.51 -43.40 -74.07
C SER E 338 38.03 -44.61 -73.32
N VAL E 339 37.46 -45.78 -73.63
CA VAL E 339 37.86 -47.01 -73.00
C VAL E 339 39.36 -47.22 -73.10
N GLU E 340 39.97 -46.73 -74.16
CA GLU E 340 41.43 -46.76 -74.30
C GLU E 340 42.11 -46.15 -73.03
N ILE E 341 41.71 -44.96 -72.68
CA ILE E 341 42.42 -44.20 -71.66
C ILE E 341 41.84 -44.35 -70.25
N GLN E 342 40.67 -45.00 -70.10
CA GLN E 342 40.00 -44.99 -68.80
C GLN E 342 40.89 -45.60 -67.71
N GLU E 343 41.71 -46.58 -68.06
CA GLU E 343 42.61 -47.14 -67.09
C GLU E 343 43.52 -46.04 -66.51
N ARG E 344 44.01 -45.16 -67.37
CA ARG E 344 44.93 -44.12 -66.91
C ARG E 344 44.19 -43.01 -66.18
N VAL E 345 43.10 -42.52 -66.75
CA VAL E 345 42.46 -41.32 -66.23
C VAL E 345 41.75 -41.61 -64.89
N ALA E 346 41.39 -42.85 -64.65
CA ALA E 346 40.73 -43.18 -63.41
C ALA E 346 41.71 -43.46 -62.28
N SER E 347 43.01 -43.39 -62.52
CA SER E 347 43.99 -43.70 -61.49
C SER E 347 43.86 -42.72 -60.32
N GLN E 348 44.16 -41.44 -60.54
CA GLN E 348 44.13 -40.45 -59.48
C GLN E 348 42.76 -39.78 -59.43
N ILE E 349 42.31 -39.44 -58.24
CA ILE E 349 41.16 -38.60 -58.05
C ILE E 349 41.53 -37.46 -57.15
N ILE E 350 41.51 -36.25 -57.71
CA ILE E 350 41.78 -35.03 -56.97
C ILE E 350 40.49 -34.47 -56.42
N LEU E 351 40.34 -34.49 -55.13
CA LEU E 351 39.26 -33.77 -54.43
C LEU E 351 39.71 -32.37 -54.21
N SER E 352 38.81 -31.44 -54.37
CA SER E 352 39.12 -30.02 -54.27
C SER E 352 37.89 -29.26 -53.92
N GLY E 353 38.07 -28.00 -53.59
CA GLY E 353 36.93 -27.17 -53.26
C GLY E 353 36.54 -27.36 -51.80
N GLY E 354 35.58 -26.58 -51.37
CA GLY E 354 35.26 -26.52 -49.97
C GLY E 354 34.68 -27.79 -49.41
N ALA E 355 33.57 -28.25 -49.97
CA ALA E 355 32.79 -29.35 -49.35
C ALA E 355 33.60 -30.62 -49.20
N PHE E 356 34.75 -30.75 -49.81
CA PHE E 356 35.68 -31.76 -49.36
C PHE E 356 36.76 -31.07 -48.52
N SER E 357 36.55 -31.15 -47.22
CA SER E 357 37.37 -30.50 -46.24
C SER E 357 37.53 -31.39 -45.06
N TRP E 358 36.42 -31.99 -44.60
CA TRP E 358 36.18 -32.40 -43.25
C TRP E 358 37.34 -33.10 -42.59
N ARG E 359 37.70 -32.64 -41.38
CA ARG E 359 38.74 -33.31 -40.62
C ARG E 359 38.13 -34.10 -39.49
N VAL E 360 38.47 -35.37 -39.38
CA VAL E 360 37.97 -36.15 -38.27
C VAL E 360 38.48 -35.53 -36.97
N PRO E 361 37.58 -35.14 -36.04
CA PRO E 361 38.04 -34.68 -34.74
C PRO E 361 38.81 -35.82 -34.06
N PRO E 362 39.88 -35.49 -33.33
CA PRO E 362 40.81 -36.52 -32.86
C PRO E 362 40.12 -37.61 -32.05
N GLY E 363 40.67 -38.83 -32.17
CA GLY E 363 40.18 -39.96 -31.42
C GLY E 363 38.89 -40.58 -31.96
N MET E 364 38.24 -39.91 -32.91
CA MET E 364 36.98 -40.38 -33.46
C MET E 364 37.14 -41.14 -34.78
N GLU E 365 38.39 -41.39 -35.19
CA GLU E 365 38.65 -42.00 -36.49
C GLU E 365 37.98 -43.37 -36.68
N ASP E 366 37.60 -44.04 -35.62
CA ASP E 366 37.02 -45.37 -35.74
C ASP E 366 35.65 -45.33 -36.41
N VAL E 367 35.04 -44.14 -36.49
CA VAL E 367 33.69 -44.01 -37.03
C VAL E 367 33.68 -42.95 -38.12
N ALA E 368 34.16 -41.74 -37.83
CA ALA E 368 34.17 -40.69 -38.83
C ALA E 368 35.20 -40.99 -39.91
N ALA E 369 35.28 -40.17 -40.93
CA ALA E 369 36.27 -40.36 -41.97
C ALA E 369 36.55 -39.02 -42.64
N ASP E 370 37.79 -38.85 -43.06
CA ASP E 370 38.15 -37.67 -43.83
C ASP E 370 37.50 -37.80 -45.21
N SER E 371 37.36 -36.65 -45.89
CA SER E 371 36.75 -36.63 -47.21
C SER E 371 37.49 -37.60 -48.14
N VAL E 372 38.82 -37.62 -48.04
CA VAL E 372 39.61 -38.56 -48.82
C VAL E 372 39.11 -39.97 -48.55
N THR E 373 39.23 -40.45 -47.31
CA THR E 373 38.85 -41.80 -46.98
C THR E 373 37.40 -42.06 -47.36
N ARG E 374 36.55 -41.04 -47.34
CA ARG E 374 35.15 -41.23 -47.70
C ARG E 374 35.00 -41.58 -49.17
N VAL E 375 35.61 -40.82 -50.05
CA VAL E 375 35.52 -41.10 -51.49
C VAL E 375 36.07 -42.48 -51.79
N LYS E 376 37.22 -42.81 -51.19
CA LYS E 376 37.85 -44.09 -51.48
C LYS E 376 36.93 -45.23 -51.07
N ILE E 377 36.24 -45.09 -49.93
CA ILE E 377 35.35 -46.15 -49.48
C ILE E 377 34.02 -46.05 -50.23
N ALA E 378 33.73 -44.89 -50.80
CA ALA E 378 32.53 -44.75 -51.61
C ALA E 378 32.66 -45.56 -52.88
N LEU E 379 33.85 -45.54 -53.50
CA LEU E 379 34.05 -46.29 -54.74
C LEU E 379 33.99 -47.78 -54.50
N GLU E 380 34.51 -48.24 -53.37
CA GLU E 380 34.49 -49.67 -53.07
C GLU E 380 33.07 -50.22 -53.07
N GLU E 381 32.09 -49.39 -52.65
CA GLU E 381 30.72 -49.86 -52.61
C GLU E 381 30.14 -50.00 -54.02
N LYS E 382 30.42 -49.05 -54.90
CA LYS E 382 29.82 -49.07 -56.23
C LYS E 382 30.65 -49.89 -57.23
N SER E 383 31.87 -49.45 -57.50
CA SER E 383 32.72 -50.03 -58.53
C SER E 383 33.96 -50.63 -57.87
N PRO E 384 33.86 -51.86 -57.35
CA PRO E 384 34.97 -52.46 -56.61
C PRO E 384 36.26 -52.52 -57.40
N ALA E 385 36.15 -52.97 -58.65
CA ALA E 385 37.34 -53.12 -59.49
C ALA E 385 38.07 -51.79 -59.70
N LEU E 386 37.34 -50.69 -59.63
CA LEU E 386 37.96 -49.39 -59.75
C LEU E 386 38.74 -49.04 -58.48
N ALA E 387 38.13 -49.29 -57.31
CA ALA E 387 38.70 -48.78 -56.07
C ALA E 387 40.02 -49.47 -55.75
N SER E 388 40.33 -50.55 -56.45
CA SER E 388 41.62 -51.21 -56.23
C SER E 388 42.80 -50.29 -56.60
N LYS E 389 42.75 -49.76 -57.81
CA LYS E 389 43.86 -48.98 -58.35
C LYS E 389 43.76 -47.50 -58.04
N VAL E 390 42.61 -47.06 -57.51
CA VAL E 390 42.38 -45.64 -57.28
C VAL E 390 43.28 -45.14 -56.15
N GLU E 391 44.02 -44.09 -56.46
CA GLU E 391 44.75 -43.32 -55.46
C GLU E 391 44.10 -41.94 -55.43
N VAL E 392 43.36 -41.66 -54.36
CA VAL E 392 42.56 -40.44 -54.25
C VAL E 392 43.33 -39.46 -53.36
N ARG E 393 43.33 -38.19 -53.76
CA ARG E 393 44.10 -37.19 -53.08
C ARG E 393 43.27 -35.91 -52.91
N LEU E 394 43.51 -35.23 -51.82
CA LEU E 394 42.91 -33.94 -51.55
C LEU E 394 43.92 -32.82 -51.81
N VAL E 395 43.51 -31.76 -52.45
CA VAL E 395 44.39 -30.64 -52.73
C VAL E 395 44.77 -29.97 -51.40
N SER E 396 46.04 -29.60 -51.28
CA SER E 396 46.45 -28.70 -50.22
C SER E 396 45.81 -27.33 -50.43
N GLU E 397 45.20 -26.81 -49.37
CA GLU E 397 44.38 -25.59 -49.42
C GLU E 397 43.25 -25.78 -50.42
N PRO E 398 42.25 -26.62 -50.06
CA PRO E 398 41.28 -27.08 -51.04
C PRO E 398 40.55 -25.94 -51.75
N GLN E 399 40.06 -24.96 -50.98
CA GLN E 399 39.26 -23.95 -51.59
C GLN E 399 40.02 -22.87 -52.33
N TYR E 400 41.22 -22.61 -51.93
CA TYR E 400 42.05 -21.64 -52.67
C TYR E 400 42.34 -22.12 -54.09
N SER E 401 42.12 -23.41 -54.39
CA SER E 401 42.56 -24.01 -55.64
C SER E 401 42.12 -23.33 -56.90
N VAL E 402 40.81 -23.19 -57.02
CA VAL E 402 40.22 -22.70 -58.30
C VAL E 402 40.83 -21.39 -58.68
N TRP E 403 41.09 -20.50 -57.74
CA TRP E 403 41.73 -19.24 -58.07
C TRP E 403 43.15 -19.45 -58.60
N ARG E 404 43.92 -20.32 -57.94
CA ARG E 404 45.26 -20.60 -58.42
C ARG E 404 45.23 -21.04 -59.88
N GLY E 405 44.19 -21.76 -60.26
CA GLY E 405 44.05 -22.14 -61.66
C GLY E 405 43.56 -20.97 -62.50
N ALA E 406 42.83 -20.07 -61.89
CA ALA E 406 42.24 -18.97 -62.66
C ALA E 406 43.31 -18.04 -63.16
N VAL E 407 44.35 -17.83 -62.37
CA VAL E 407 45.39 -16.91 -62.79
C VAL E 407 46.28 -17.60 -63.83
N ILE E 408 46.68 -18.85 -63.60
CA ILE E 408 47.55 -19.52 -64.52
C ILE E 408 46.91 -19.59 -65.88
N TYR E 409 45.65 -19.98 -65.93
CA TYR E 409 44.89 -19.89 -67.18
C TYR E 409 44.86 -18.46 -67.68
N GLY E 410 44.57 -17.53 -66.80
CA GLY E 410 44.56 -16.13 -67.20
C GLY E 410 45.95 -15.64 -67.61
N TYR E 411 46.98 -16.29 -67.07
CA TYR E 411 48.34 -15.89 -67.42
C TYR E 411 48.66 -16.21 -68.86
N ALA E 412 48.53 -17.47 -69.26
CA ALA E 412 48.72 -17.84 -70.65
C ALA E 412 47.37 -18.12 -71.29
N LEU E 413 46.84 -17.12 -71.97
CA LEU E 413 45.70 -17.26 -72.86
C LEU E 413 45.92 -16.24 -73.95
N PRO E 414 46.65 -16.61 -75.02
CA PRO E 414 47.25 -15.60 -75.89
C PRO E 414 46.30 -14.48 -76.26
N LEU E 415 46.77 -13.24 -76.06
CA LEU E 415 45.85 -12.12 -75.96
C LEU E 415 45.23 -11.73 -77.29
N SER E 416 45.77 -12.26 -78.37
CA SER E 416 45.20 -12.00 -79.71
C SER E 416 43.97 -12.88 -79.96
N LEU E 417 43.62 -13.74 -79.00
CA LEU E 417 42.48 -14.64 -79.13
C LEU E 417 41.27 -13.94 -78.58
N GLU E 418 40.34 -13.59 -79.46
CA GLU E 418 39.11 -12.92 -79.03
C GLU E 418 38.13 -13.91 -78.44
N TRP E 419 37.30 -13.42 -77.53
CA TRP E 419 36.16 -14.18 -77.03
C TRP E 419 35.18 -14.29 -78.18
N SER E 420 34.79 -15.51 -78.50
CA SER E 420 33.77 -15.75 -79.51
C SER E 420 32.68 -16.59 -78.86
N ASP E 421 31.44 -16.12 -78.96
CA ASP E 421 30.32 -16.70 -78.25
C ASP E 421 30.23 -18.21 -78.47
N THR E 422 30.45 -18.64 -79.69
CA THR E 422 30.35 -20.06 -80.04
C THR E 422 31.31 -20.95 -79.25
N THR E 423 32.58 -20.59 -79.20
CA THR E 423 33.55 -21.45 -78.51
C THR E 423 33.53 -21.25 -76.99
N ARG E 424 32.97 -20.14 -76.52
CA ARG E 424 32.92 -19.85 -75.08
C ARG E 424 34.31 -19.87 -74.46
N GLU E 425 35.26 -19.22 -75.12
CA GLU E 425 36.64 -19.18 -74.64
C GLU E 425 37.29 -17.91 -75.14
N GLY E 426 38.25 -17.41 -74.37
CA GLY E 426 39.06 -16.28 -74.83
C GLY E 426 38.72 -14.95 -74.25
N TRP E 427 39.59 -13.98 -74.50
CA TRP E 427 39.48 -12.64 -73.91
C TRP E 427 38.44 -11.82 -74.61
N ARG E 428 37.81 -10.93 -73.83
CA ARG E 428 36.98 -9.86 -74.39
C ARG E 428 37.55 -8.53 -73.87
N PHE E 429 37.42 -7.50 -74.69
CA PHE E 429 38.03 -6.23 -74.36
C PHE E 429 36.93 -5.18 -74.20
N PRO E 430 37.09 -4.26 -73.22
CA PRO E 430 36.21 -3.10 -73.09
C PRO E 430 36.81 -1.84 -73.77
N SER F 5 12.07 -0.48 63.13
CA SER F 5 11.81 -1.91 63.34
C SER F 5 10.38 -2.30 62.97
N ASP F 6 9.88 -3.38 63.57
CA ASP F 6 8.60 -3.94 63.18
C ASP F 6 7.64 -4.02 64.34
N ALA F 7 7.85 -4.94 65.27
CA ALA F 7 6.97 -5.01 66.45
C ALA F 7 7.01 -3.70 67.21
N TYR F 8 8.09 -2.94 67.05
CA TYR F 8 8.21 -1.56 67.53
C TYR F 8 7.04 -0.72 67.01
N ARG F 9 6.53 -1.03 65.84
CA ARG F 9 5.38 -0.31 65.32
C ARG F 9 4.11 -0.68 66.08
N LEU F 10 3.88 -1.96 66.34
CA LEU F 10 2.65 -2.38 66.99
C LEU F 10 2.44 -1.72 68.35
N LYS F 11 3.48 -1.08 68.90
CA LYS F 11 3.35 -0.29 70.11
C LYS F 11 3.34 1.20 69.80
N TYR F 12 4.42 1.69 69.22
CA TYR F 12 4.70 3.13 69.16
C TYR F 12 4.22 3.80 67.88
N THR F 13 3.53 3.10 67.00
CA THR F 13 2.83 3.74 65.91
C THR F 13 1.73 4.58 66.49
N PHE F 14 1.72 5.86 66.16
CA PHE F 14 0.87 6.84 66.85
C PHE F 14 0.05 7.60 65.83
N GLY F 15 -1.26 7.37 65.85
CA GLY F 15 -2.17 8.03 64.96
C GLY F 15 -2.63 9.37 65.53
N VAL F 16 -2.82 10.34 64.65
CA VAL F 16 -3.37 11.65 64.96
C VAL F 16 -4.33 12.00 63.84
N ASP F 17 -5.55 12.35 64.20
CA ASP F 17 -6.47 12.97 63.27
C ASP F 17 -6.63 14.43 63.71
N PHE F 18 -6.87 15.33 62.77
CA PHE F 18 -7.25 16.66 63.14
C PHE F 18 -8.74 16.93 62.89
N GLY F 19 -9.10 17.09 61.63
CA GLY F 19 -10.46 17.48 61.33
C GLY F 19 -10.79 18.81 62.01
N THR F 20 -12.07 19.18 62.06
CA THR F 20 -12.38 20.48 62.58
C THR F 20 -12.65 20.42 64.05
N SER F 21 -13.69 19.68 64.45
CA SER F 21 -14.14 19.67 65.82
C SER F 21 -13.21 18.95 66.77
N TYR F 22 -13.12 17.63 66.66
CA TYR F 22 -12.34 16.84 67.62
C TYR F 22 -11.06 16.37 66.97
N VAL F 23 -9.96 16.54 67.67
CA VAL F 23 -8.69 15.92 67.30
C VAL F 23 -8.58 14.62 67.93
N LYS F 24 -8.66 13.56 67.13
CA LYS F 24 -8.68 12.18 67.62
C LYS F 24 -7.26 11.67 67.54
N TYR F 25 -6.78 11.02 68.60
CA TYR F 25 -5.36 10.73 68.70
C TYR F 25 -5.16 9.53 69.60
N GLY F 26 -4.00 8.92 69.44
CA GLY F 26 -3.57 7.87 70.34
C GLY F 26 -2.58 6.96 69.67
N PRO F 27 -1.92 6.10 70.45
CA PRO F 27 -1.07 5.08 69.86
C PRO F 27 -1.93 3.96 69.30
N ILE F 28 -1.32 3.17 68.41
CA ILE F 28 -2.04 2.08 67.77
C ILE F 28 -2.57 1.08 68.80
N THR F 29 -2.02 1.09 70.01
CA THR F 29 -2.38 0.10 71.01
C THR F 29 -3.81 0.31 71.50
N LEU F 30 -4.33 1.54 71.44
CA LEU F 30 -5.66 1.82 71.98
C LEU F 30 -6.74 1.10 71.19
N ASN F 31 -7.84 0.83 71.89
CA ASN F 31 -9.03 0.28 71.22
C ASN F 31 -9.77 1.35 70.43
N GLU F 32 -10.03 2.49 71.07
CA GLU F 32 -10.56 3.68 70.40
C GLU F 32 -9.76 4.89 70.87
N PRO F 33 -9.59 5.88 69.99
CA PRO F 33 -8.67 6.98 70.30
C PRO F 33 -9.25 7.93 71.34
N LYS F 34 -8.35 8.58 72.07
CA LYS F 34 -8.74 9.68 72.93
C LYS F 34 -9.01 10.93 72.09
N MET F 35 -9.87 11.81 72.62
CA MET F 35 -10.28 13.00 71.88
C MET F 35 -9.82 14.27 72.56
N VAL F 36 -9.60 15.30 71.76
CA VAL F 36 -9.38 16.63 72.25
C VAL F 36 -10.20 17.56 71.35
N GLN F 37 -11.10 18.31 71.96
CA GLN F 37 -11.81 19.30 71.18
C GLN F 37 -10.80 20.33 70.70
N THR F 38 -10.82 20.60 69.39
CA THR F 38 -9.73 21.30 68.72
C THR F 38 -9.50 22.71 69.32
N ARG F 39 -10.47 23.21 70.05
CA ARG F 39 -10.42 24.56 70.59
C ARG F 39 -9.16 24.72 71.43
N GLY F 40 -8.38 25.73 71.05
CA GLY F 40 -7.35 26.25 71.90
C GLY F 40 -7.93 27.45 72.63
N LEU F 41 -7.44 27.71 73.81
CA LEU F 41 -7.84 28.87 74.60
C LEU F 41 -6.64 29.78 74.82
N PHE F 42 -6.67 30.96 74.21
CA PHE F 42 -5.65 31.93 74.47
C PHE F 42 -5.85 32.54 75.85
N LEU F 43 -4.73 32.83 76.50
CA LEU F 43 -4.71 33.74 77.63
C LEU F 43 -3.88 34.93 77.12
N ARG F 44 -4.53 36.03 76.81
CA ARG F 44 -3.85 37.11 76.13
C ARG F 44 -4.05 38.44 76.85
N ASP F 45 -5.29 38.92 76.96
CA ASP F 45 -5.53 40.13 77.74
C ASP F 45 -5.93 39.68 79.13
N LEU F 46 -5.01 39.77 80.08
CA LEU F 46 -5.26 39.31 81.42
C LEU F 46 -5.01 40.44 82.40
N PRO F 47 -6.06 40.87 83.11
CA PRO F 47 -5.82 41.76 84.25
C PRO F 47 -4.89 41.07 85.24
N GLU F 48 -3.88 41.81 85.70
CA GLU F 48 -2.88 41.23 86.59
C GLU F 48 -3.51 40.50 87.78
N SER F 49 -4.74 40.87 88.12
CA SER F 49 -5.52 40.10 89.08
C SER F 49 -5.59 38.63 88.71
N VAL F 50 -5.92 38.32 87.46
CA VAL F 50 -6.06 36.93 87.04
C VAL F 50 -4.72 36.24 86.79
N LYS F 51 -3.72 36.97 86.31
CA LYS F 51 -2.39 36.37 86.14
C LYS F 51 -1.87 35.84 87.48
N MET F 52 -2.26 36.49 88.57
CA MET F 52 -1.91 35.98 89.88
C MET F 52 -2.52 34.60 90.11
N ARG F 53 -3.69 34.36 89.51
CA ARG F 53 -4.41 33.10 89.71
C ARG F 53 -4.00 32.03 88.72
N ILE F 54 -3.25 32.39 87.68
CA ILE F 54 -2.82 31.41 86.67
C ILE F 54 -1.42 30.90 87.06
N PRO F 55 -1.21 29.57 87.02
CA PRO F 55 0.14 29.05 87.21
C PRO F 55 1.08 29.60 86.15
N PRO F 56 2.27 30.03 86.54
CA PRO F 56 3.17 30.67 85.57
C PRO F 56 3.64 29.72 84.47
N ASP F 57 3.54 28.41 84.69
CA ASP F 57 3.85 27.45 83.65
C ASP F 57 2.85 27.54 82.49
N VAL F 58 1.56 27.52 82.81
CA VAL F 58 0.53 27.54 81.79
C VAL F 58 0.55 28.86 81.04
N LEU F 59 0.59 29.98 81.76
CA LEU F 59 0.60 31.28 81.12
C LEU F 59 1.87 31.49 80.28
N ALA F 60 2.93 30.75 80.59
CA ALA F 60 4.18 30.89 79.88
C ALA F 60 4.01 30.63 78.39
N ARG F 61 3.49 29.44 78.05
CA ARG F 61 3.29 29.09 76.65
C ARG F 61 2.16 29.87 76.00
N GLY F 62 1.38 30.59 76.78
CA GLY F 62 0.38 31.52 76.25
C GLY F 62 -0.94 30.92 75.85
N LEU F 63 -1.03 29.60 75.88
CA LEU F 63 -2.25 28.91 75.50
C LEU F 63 -2.57 27.81 76.50
N VAL F 64 -3.72 27.21 76.28
CA VAL F 64 -4.08 25.98 76.96
C VAL F 64 -5.00 25.29 76.01
N VAL F 65 -4.96 23.95 76.01
CA VAL F 65 -5.73 23.14 75.07
C VAL F 65 -6.07 21.81 75.72
N GLY F 66 -7.11 21.18 75.26
CA GLY F 66 -7.62 19.96 75.88
C GLY F 66 -8.95 20.18 76.50
N ASP F 67 -9.72 19.11 76.64
CA ASP F 67 -11.08 19.26 77.21
C ASP F 67 -11.01 19.80 78.63
N GLU F 68 -10.32 19.08 79.51
CA GLU F 68 -10.29 19.45 80.92
C GLU F 68 -9.40 20.66 81.17
N GLU F 69 -8.32 20.78 80.45
CA GLU F 69 -7.36 21.87 80.69
C GLU F 69 -7.96 23.21 80.38
N VAL F 70 -8.85 23.28 79.39
CA VAL F 70 -9.49 24.55 79.00
C VAL F 70 -10.65 24.86 79.94
N ARG F 71 -11.46 23.86 80.27
CA ARG F 71 -12.63 24.10 81.10
C ARG F 71 -12.28 24.92 82.32
N LYS F 72 -11.17 24.61 82.98
CA LYS F 72 -10.79 25.27 84.20
C LYS F 72 -10.43 26.71 83.97
N TYR F 73 -9.91 27.07 82.79
CA TYR F 73 -9.46 28.44 82.53
C TYR F 73 -10.48 29.29 81.77
N LEU F 74 -11.70 28.78 81.59
CA LEU F 74 -12.73 29.53 80.89
C LEU F 74 -13.37 30.59 81.78
N SER F 75 -13.30 31.83 81.32
CA SER F 75 -14.01 32.99 81.89
C SER F 75 -15.33 33.16 81.15
N SER F 76 -15.88 34.36 81.15
CA SER F 76 -17.22 34.62 80.62
C SER F 76 -17.27 34.53 79.13
N VAL F 77 -18.47 34.69 78.59
CA VAL F 77 -18.70 34.45 77.17
C VAL F 77 -17.85 35.40 76.38
N ARG F 78 -17.73 36.66 76.82
CA ARG F 78 -16.86 37.60 76.13
C ARG F 78 -15.46 36.99 75.95
N ASP F 79 -14.94 36.32 76.96
CA ASP F 79 -13.67 35.68 76.82
C ASP F 79 -13.74 34.55 75.78
N VAL F 80 -14.83 33.77 75.83
CA VAL F 80 -14.92 32.65 74.94
C VAL F 80 -14.95 33.10 73.49
N GLN F 81 -15.76 34.10 73.11
CA GLN F 81 -15.82 34.48 71.74
C GLN F 81 -14.51 35.17 71.30
N ARG F 82 -13.68 35.56 72.26
CA ARG F 82 -12.37 36.10 71.91
C ARG F 82 -11.29 35.02 71.96
N ASN F 83 -10.92 34.64 73.17
CA ASN F 83 -9.67 33.94 73.37
C ASN F 83 -9.80 32.44 73.18
N LEU F 84 -10.97 31.95 72.83
CA LEU F 84 -11.15 30.53 72.53
C LEU F 84 -11.13 30.42 71.01
N LYS F 85 -10.04 29.90 70.48
CA LYS F 85 -9.80 29.86 69.06
C LYS F 85 -10.09 28.46 68.53
N TYR F 86 -11.04 28.35 67.61
CA TYR F 86 -11.19 27.09 66.91
C TYR F 86 -10.41 27.24 65.61
N PRO F 87 -9.23 26.58 65.54
CA PRO F 87 -8.46 26.66 64.28
C PRO F 87 -9.11 25.68 63.34
N LEU F 88 -8.51 25.49 62.18
CA LEU F 88 -9.07 24.54 61.21
C LEU F 88 -10.51 24.89 60.91
N LYS F 89 -10.77 26.14 60.55
CA LYS F 89 -12.13 26.63 60.40
C LYS F 89 -12.98 25.71 59.58
N ASP F 90 -12.57 25.38 58.35
CA ASP F 90 -13.03 24.16 57.73
C ASP F 90 -11.85 23.36 57.22
N GLY F 91 -11.48 22.31 57.90
CA GLY F 91 -10.46 21.37 57.44
C GLY F 91 -9.07 21.95 57.29
N VAL F 92 -8.95 23.27 57.42
CA VAL F 92 -7.80 24.03 56.95
C VAL F 92 -7.57 25.23 57.81
N ALA F 93 -6.32 25.57 58.09
CA ALA F 93 -5.98 26.83 58.75
C ALA F 93 -5.41 27.80 57.71
N ARG F 94 -5.98 28.98 57.63
CA ARG F 94 -5.46 29.96 56.68
C ARG F 94 -4.00 30.30 56.97
N ARG F 95 -3.18 30.36 55.93
CA ARG F 95 -1.75 30.58 56.13
C ARG F 95 -1.47 31.82 56.99
N ASP F 96 -2.11 32.93 56.64
CA ASP F 96 -1.85 34.21 57.28
C ASP F 96 -2.10 34.21 58.79
N ASP F 97 -2.77 33.19 59.32
CA ASP F 97 -3.19 33.19 60.71
C ASP F 97 -2.11 32.54 61.56
N GLU F 98 -1.42 33.36 62.34
CA GLU F 98 -0.41 32.84 63.27
C GLU F 98 -1.08 32.14 64.44
N GLU F 99 -2.22 32.67 64.88
CA GLU F 99 -2.94 32.04 65.97
C GLU F 99 -3.44 30.64 65.56
N ALA F 100 -3.56 30.41 64.25
CA ALA F 100 -4.13 29.16 63.80
C ALA F 100 -3.21 28.00 64.11
N TRP F 101 -1.93 28.07 63.74
CA TRP F 101 -1.04 26.97 64.07
C TRP F 101 -0.52 27.06 65.47
N ARG F 102 -0.45 28.27 66.05
CA ARG F 102 0.07 28.38 67.41
C ARG F 102 -0.71 27.49 68.33
N VAL F 103 -1.98 27.32 68.10
CA VAL F 103 -2.76 26.34 68.85
C VAL F 103 -2.47 24.92 68.37
N LEU F 104 -2.49 24.70 67.07
CA LEU F 104 -2.18 23.38 66.55
C LEU F 104 -0.84 22.87 67.06
N LYS F 105 0.15 23.76 67.16
CA LYS F 105 1.42 23.35 67.74
C LYS F 105 1.20 22.79 69.12
N GLU F 106 0.61 23.57 70.01
CA GLU F 106 0.44 23.11 71.38
C GLU F 106 -0.73 22.18 71.52
N LEU F 107 -1.58 22.11 70.52
CA LEU F 107 -2.55 21.04 70.50
C LEU F 107 -1.90 19.72 70.14
N ALA F 108 -1.08 19.71 69.11
CA ALA F 108 -0.29 18.53 68.82
C ALA F 108 0.69 18.24 69.96
N ARG F 109 1.27 19.28 70.57
CA ARG F 109 2.14 19.06 71.72
C ARG F 109 1.38 18.43 72.84
N TYR F 110 0.17 18.91 73.12
CA TYR F 110 -0.67 18.29 74.14
C TYR F 110 -0.91 16.83 73.80
N THR F 111 -1.04 16.52 72.53
CA THR F 111 -1.38 15.16 72.13
C THR F 111 -0.29 14.18 72.58
N LEU F 112 0.94 14.41 72.17
CA LEU F 112 2.03 13.49 72.52
C LEU F 112 2.33 13.48 74.01
N ALA F 113 2.35 14.67 74.63
CA ALA F 113 2.61 14.74 76.07
C ALA F 113 1.65 13.89 76.88
N GLN F 114 0.42 13.71 76.39
CA GLN F 114 -0.56 12.86 77.04
C GLN F 114 -0.08 11.42 77.19
N PHE F 115 0.84 10.97 76.34
CA PHE F 115 1.27 9.56 76.31
C PHE F 115 2.77 9.47 76.48
N PRO F 116 3.24 9.40 77.74
CA PRO F 116 4.66 9.15 77.97
C PRO F 116 4.97 7.68 77.73
N VAL F 117 6.26 7.41 77.46
CA VAL F 117 6.71 6.05 77.26
C VAL F 117 7.87 5.79 78.21
N SER F 118 7.70 4.77 79.06
CA SER F 118 8.70 4.39 80.03
C SER F 118 9.84 3.57 79.42
N ASP F 119 9.50 2.71 78.46
CA ASP F 119 10.44 1.74 77.89
C ASP F 119 11.69 2.43 77.31
N PRO F 120 12.87 2.03 77.77
CA PRO F 120 14.10 2.52 77.15
C PRO F 120 14.33 2.03 75.72
N GLU F 121 13.58 1.00 75.30
CA GLU F 121 13.66 0.56 73.90
C GLU F 121 12.98 1.54 72.96
N PHE F 122 12.34 2.57 73.51
CA PHE F 122 11.57 3.51 72.70
C PHE F 122 12.51 4.49 72.01
N ALA F 123 12.47 4.46 70.67
CA ALA F 123 13.36 5.26 69.83
C ALA F 123 12.67 6.54 69.36
N GLY F 124 11.48 6.80 69.86
CA GLY F 124 10.64 7.86 69.34
C GLY F 124 9.43 7.31 68.63
N TRP F 125 8.38 8.14 68.57
CA TRP F 125 7.11 7.70 68.06
C TRP F 125 7.16 7.54 66.54
N LEU F 126 6.07 7.02 66.01
CA LEU F 126 5.73 7.08 64.60
C LEU F 126 4.40 7.78 64.50
N VAL F 127 4.42 9.00 63.98
CA VAL F 127 3.25 9.88 64.04
C VAL F 127 2.59 9.84 62.67
N ALA F 128 1.42 9.21 62.61
CA ALA F 128 0.59 9.22 61.45
C ALA F 128 -0.47 10.30 61.62
N VAL F 129 -0.39 11.35 60.83
CA VAL F 129 -1.33 12.45 60.89
C VAL F 129 -2.36 12.21 59.74
N ALA F 130 -3.63 12.42 60.06
CA ALA F 130 -4.67 12.40 59.07
C ALA F 130 -5.22 13.81 58.96
N LEU F 131 -4.93 14.49 57.87
CA LEU F 131 -5.52 15.79 57.63
C LEU F 131 -6.73 15.66 56.74
N SER F 132 -7.42 16.76 56.53
CA SER F 132 -8.54 16.74 55.59
C SER F 132 -8.05 16.74 54.15
N ALA F 133 -8.83 16.22 53.23
CA ALA F 133 -8.48 16.19 51.84
C ALA F 133 -8.25 17.59 51.31
N LEU F 134 -8.93 18.57 51.91
CA LEU F 134 -8.82 19.96 51.47
C LEU F 134 -7.48 20.56 51.88
N ALA F 135 -6.71 19.87 52.71
CA ALA F 135 -5.48 20.44 53.24
C ALA F 135 -4.53 20.78 52.12
N PRO F 136 -4.22 22.09 51.93
CA PRO F 136 -3.35 22.49 50.87
C PRO F 136 -1.93 22.05 51.06
N ASP F 137 -1.05 22.52 50.18
CA ASP F 137 0.37 22.18 50.30
C ASP F 137 0.93 22.77 51.59
N TYR F 138 0.66 24.05 51.87
CA TYR F 138 1.26 24.68 53.03
C TYR F 138 0.86 24.01 54.31
N MET F 139 -0.38 23.57 54.39
CA MET F 139 -0.85 22.92 55.62
C MET F 139 -0.11 21.62 55.87
N TYR F 140 0.33 20.93 54.85
CA TYR F 140 1.28 19.85 55.05
C TYR F 140 2.63 20.39 55.56
N LYS F 141 3.22 21.33 54.83
CA LYS F 141 4.52 21.85 55.24
C LYS F 141 4.44 22.45 56.63
N ALA F 142 3.34 23.10 56.97
CA ALA F 142 3.22 23.74 58.27
C ALA F 142 3.23 22.70 59.36
N ILE F 143 2.52 21.60 59.18
CA ILE F 143 2.39 20.65 60.25
C ILE F 143 3.67 19.79 60.40
N PHE F 144 4.36 19.51 59.32
CA PHE F 144 5.68 18.90 59.49
C PHE F 144 6.60 19.83 60.27
N ASP F 145 6.50 21.14 60.02
CA ASP F 145 7.25 22.10 60.83
C ASP F 145 6.87 21.96 62.29
N ILE F 146 5.60 21.73 62.57
CA ILE F 146 5.14 21.52 63.94
C ILE F 146 5.86 20.34 64.56
N TYR F 147 5.79 19.19 63.93
CA TYR F 147 6.41 18.00 64.48
C TYR F 147 7.93 18.04 64.45
N ASP F 148 8.52 18.86 63.59
CA ASP F 148 9.96 19.07 63.66
C ASP F 148 10.34 19.79 64.94
N GLU F 149 9.47 20.65 65.44
CA GLU F 149 9.75 21.37 66.67
C GLU F 149 9.53 20.47 67.88
N LEU F 150 8.52 19.63 67.83
CA LEU F 150 8.28 18.70 68.93
C LEU F 150 9.35 17.62 68.99
N ALA F 151 10.09 17.43 67.90
CA ALA F 151 11.21 16.48 67.93
C ALA F 151 12.25 16.87 68.98
N SER F 152 12.48 18.17 69.19
CA SER F 152 13.40 18.60 70.22
C SER F 152 12.87 18.31 71.62
N GLU F 153 11.57 18.42 71.82
CA GLU F 153 10.97 18.14 73.13
C GLU F 153 10.78 16.65 73.34
N PHE F 154 9.94 16.03 72.53
CA PHE F 154 9.59 14.61 72.68
C PHE F 154 10.43 13.79 71.73
N LYS F 155 10.25 12.48 71.82
CA LYS F 155 10.93 11.56 70.90
C LYS F 155 9.97 11.18 69.80
N ILE F 156 10.26 11.64 68.59
CA ILE F 156 9.47 11.31 67.39
C ILE F 156 10.46 10.75 66.39
N TYR F 157 10.31 9.50 66.02
CA TYR F 157 11.23 8.91 65.08
C TYR F 157 10.87 9.34 63.66
N ALA F 158 9.58 9.30 63.34
CA ALA F 158 9.12 9.57 61.99
C ALA F 158 7.72 10.13 61.99
N VAL F 159 7.44 10.96 60.98
CA VAL F 159 6.14 11.62 60.85
C VAL F 159 5.65 11.39 59.44
N THR F 160 4.37 11.05 59.32
CA THR F 160 3.74 10.93 58.02
C THR F 160 2.40 11.63 58.06
N ILE F 161 1.86 11.84 56.86
CA ILE F 161 0.55 12.47 56.73
C ILE F 161 -0.23 11.78 55.64
N LEU F 162 -1.47 11.49 55.92
CA LEU F 162 -2.34 10.86 54.96
C LEU F 162 -3.60 11.73 54.81
N PRO F 163 -4.16 11.80 53.63
CA PRO F 163 -5.46 12.46 53.50
C PRO F 163 -6.54 11.66 54.19
N GLN F 164 -7.42 12.36 54.91
CA GLN F 164 -8.42 11.73 55.78
C GLN F 164 -9.24 10.64 55.07
N PRO F 165 -9.74 10.85 53.83
CA PRO F 165 -10.52 9.73 53.23
C PRO F 165 -9.68 8.49 53.01
N LEU F 166 -8.38 8.65 52.80
CA LEU F 166 -7.50 7.50 52.65
C LEU F 166 -7.54 6.63 53.92
N ALA F 167 -7.63 7.29 55.06
CA ALA F 167 -7.68 6.57 56.32
C ALA F 167 -8.92 5.70 56.39
N VAL F 168 -10.09 6.28 56.11
CA VAL F 168 -11.31 5.59 56.34
C VAL F 168 -11.36 4.32 55.49
N ALA F 169 -11.01 4.43 54.21
CA ALA F 169 -11.02 3.27 53.35
C ALA F 169 -10.07 2.20 53.90
N ILE F 170 -8.93 2.62 54.46
CA ILE F 170 -8.04 1.67 55.12
C ILE F 170 -8.68 1.15 56.42
N ALA F 171 -9.31 2.03 57.16
CA ALA F 171 -9.98 1.62 58.39
C ALA F 171 -11.07 0.60 58.13
N GLU F 172 -11.91 0.87 57.14
CA GLU F 172 -12.93 -0.09 56.78
C GLU F 172 -12.34 -1.30 56.08
N ASN F 173 -11.22 -1.10 55.37
CA ASN F 173 -10.64 -2.14 54.52
C ASN F 173 -11.70 -2.64 53.53
N ALA F 174 -12.57 -1.72 53.11
CA ALA F 174 -13.69 -2.02 52.22
C ALA F 174 -13.16 -2.10 50.81
N VAL F 175 -13.56 -3.10 50.06
CA VAL F 175 -13.01 -3.26 48.71
C VAL F 175 -13.74 -2.40 47.69
N ASN F 176 -15.05 -2.41 47.66
CA ASN F 176 -15.81 -1.64 46.62
C ASN F 176 -16.92 -0.87 47.29
N CYS F 177 -16.81 0.46 47.27
CA CYS F 177 -17.78 1.35 47.86
C CYS F 177 -17.36 2.79 47.66
N VAL F 178 -18.23 3.73 48.04
CA VAL F 178 -17.89 5.14 48.12
C VAL F 178 -17.92 5.58 49.57
N ILE F 179 -16.77 5.87 50.10
CA ILE F 179 -16.67 6.40 51.45
C ILE F 179 -17.29 7.78 51.47
N VAL F 180 -17.97 8.10 52.54
CA VAL F 180 -18.47 9.45 52.78
C VAL F 180 -18.15 9.81 54.19
N GLU F 181 -17.31 10.84 54.38
CA GLU F 181 -16.96 11.28 55.72
C GLU F 181 -17.88 12.47 56.12
N GLY F 182 -18.41 12.38 57.31
CA GLY F 182 -19.25 13.41 57.88
C GLY F 182 -18.47 14.41 58.65
N GLY F 183 -17.25 14.61 58.28
CA GLY F 183 -16.31 15.45 59.03
C GLY F 183 -16.98 16.74 59.43
N HIS F 184 -16.75 17.16 60.65
CA HIS F 184 -17.44 18.31 61.20
C HIS F 184 -17.40 19.48 60.26
N GLY F 185 -16.18 19.82 59.77
CA GLY F 185 -16.03 20.90 58.84
C GLY F 185 -16.48 20.56 57.45
N ASN F 186 -16.00 19.43 56.94
CA ASN F 186 -16.17 19.12 55.51
C ASN F 186 -16.63 17.69 55.30
N ILE F 187 -17.38 17.48 54.24
CA ILE F 187 -17.83 16.18 53.84
C ILE F 187 -16.97 15.72 52.71
N GLN F 188 -16.27 14.61 52.90
CA GLN F 188 -15.32 14.12 51.91
C GLN F 188 -15.82 12.78 51.41
N VAL F 189 -16.30 12.75 50.18
CA VAL F 189 -16.74 11.53 49.59
C VAL F 189 -15.69 11.04 48.57
N ALA F 190 -15.21 9.81 48.76
CA ALA F 190 -14.31 9.23 47.79
C ALA F 190 -14.81 7.85 47.38
N PRO F 191 -14.78 7.54 46.09
CA PRO F 191 -14.97 6.15 45.68
C PRO F 191 -13.71 5.36 45.83
N ILE F 192 -13.86 4.07 46.08
CA ILE F 192 -12.73 3.17 46.23
C ILE F 192 -13.00 1.88 45.47
N SER F 193 -12.09 1.50 44.61
CA SER F 193 -12.30 0.33 43.74
C SER F 193 -11.49 -0.87 44.25
N PHE F 194 -10.17 -0.83 44.11
CA PHE F 194 -9.31 -1.59 45.00
C PHE F 194 -8.70 -0.71 46.06
N ALA F 195 -8.89 0.62 45.96
CA ALA F 195 -8.35 1.60 46.90
C ALA F 195 -8.88 2.93 46.53
N LEU F 196 -8.45 4.01 47.20
CA LEU F 196 -8.96 5.34 46.83
C LEU F 196 -8.73 5.61 45.36
N ILE F 197 -9.70 6.34 44.80
CA ILE F 197 -9.56 6.95 43.51
C ILE F 197 -9.30 8.43 43.80
N ARG F 198 -8.05 8.85 43.63
CA ARG F 198 -7.71 10.21 43.91
C ARG F 198 -8.39 11.17 42.98
N GLU F 199 -8.72 10.73 41.77
CA GLU F 199 -9.39 11.62 40.82
C GLU F 199 -10.86 11.76 41.16
N GLY F 200 -11.44 10.68 41.67
CA GLY F 200 -12.84 10.66 42.08
C GLY F 200 -13.12 11.20 43.44
N LEU F 201 -12.08 11.43 44.21
CA LEU F 201 -12.23 12.03 45.55
C LEU F 201 -12.86 13.44 45.41
N VAL F 202 -13.96 13.62 46.11
CA VAL F 202 -14.67 14.85 46.13
C VAL F 202 -14.96 15.21 47.54
N ALA F 203 -14.56 16.44 47.88
CA ALA F 203 -14.71 16.88 49.26
C ALA F 203 -15.48 18.17 49.27
N LEU F 204 -16.66 18.15 49.85
CA LEU F 204 -17.47 19.34 49.95
C LEU F 204 -16.90 20.26 51.03
N ASN F 205 -17.25 21.53 50.93
CA ASN F 205 -16.79 22.54 51.88
C ASN F 205 -17.81 22.65 53.01
N ARG F 206 -18.78 21.76 53.06
CA ARG F 206 -19.87 21.77 54.01
C ARG F 206 -19.69 20.60 54.98
N GLY F 207 -20.17 20.76 56.20
CA GLY F 207 -20.08 19.71 57.18
C GLY F 207 -20.97 19.91 58.37
N GLY F 208 -20.70 19.19 59.44
CA GLY F 208 -21.44 19.38 60.69
C GLY F 208 -21.40 20.82 61.19
N ALA F 209 -20.31 21.50 60.92
CA ALA F 209 -20.20 22.91 61.36
C ALA F 209 -21.20 23.79 60.66
N GLU F 210 -21.79 23.31 59.57
CA GLU F 210 -22.86 24.06 58.96
C GLU F 210 -24.17 23.73 59.62
N ALA F 211 -24.22 22.66 60.38
CA ALA F 211 -25.39 22.37 61.21
C ALA F 211 -25.34 23.17 62.49
N ASN F 212 -24.17 23.46 63.00
CA ASN F 212 -24.08 24.42 64.08
C ASN F 212 -24.59 25.77 63.61
N ALA F 213 -24.05 26.30 62.54
CA ALA F 213 -24.38 27.64 62.13
C ALA F 213 -25.88 27.76 61.83
N ILE F 214 -26.55 26.69 61.46
CA ILE F 214 -27.98 26.76 61.29
C ILE F 214 -28.69 26.61 62.62
N THR F 215 -28.07 25.97 63.60
CA THR F 215 -28.56 26.04 64.96
C THR F 215 -28.21 27.37 65.60
N ARG F 216 -26.97 27.80 65.43
CA ARG F 216 -26.53 29.07 66.00
C ARG F 216 -27.42 30.21 65.55
N GLU F 217 -28.13 30.03 64.42
CA GLU F 217 -29.13 31.00 64.00
C GLU F 217 -30.41 30.79 64.77
N ILE F 218 -30.82 29.54 64.97
CA ILE F 218 -32.04 29.26 65.72
C ILE F 218 -31.97 29.83 67.11
N LEU F 219 -30.86 29.60 67.80
CA LEU F 219 -30.73 30.06 69.17
C LEU F 219 -30.70 31.58 69.24
N LYS F 220 -30.41 32.24 68.12
CA LYS F 220 -30.54 33.70 68.10
C LYS F 220 -31.98 34.10 67.87
N ASP F 221 -32.73 33.28 67.15
CA ASP F 221 -34.12 33.65 66.87
C ASP F 221 -35.02 33.34 68.04
N ILE F 222 -34.55 32.52 68.98
CA ILE F 222 -35.34 32.22 70.16
C ILE F 222 -35.04 33.19 71.26
N GLY F 223 -34.00 33.99 71.12
CA GLY F 223 -33.67 35.00 72.13
C GLY F 223 -32.63 34.50 73.13
N TYR F 224 -31.94 33.42 72.78
CA TYR F 224 -30.90 32.85 73.60
C TYR F 224 -29.53 33.40 73.22
N SER F 225 -29.51 34.47 72.44
CA SER F 225 -28.31 34.90 71.73
C SER F 225 -27.04 34.84 72.58
N ASP F 226 -27.17 35.09 73.87
CA ASP F 226 -26.04 34.87 74.79
C ASP F 226 -25.50 33.45 74.66
N ILE F 227 -26.36 32.49 74.35
CA ILE F 227 -25.93 31.09 74.27
C ILE F 227 -25.28 30.81 72.96
N ALA F 228 -25.70 31.52 71.90
CA ALA F 228 -25.16 31.25 70.57
C ALA F 228 -23.67 31.50 70.55
N ARG F 229 -23.20 32.61 71.12
CA ARG F 229 -21.79 32.99 71.10
C ARG F 229 -20.86 31.88 71.54
N GLU F 230 -21.33 30.98 72.39
CA GLU F 230 -20.48 29.93 72.95
C GLU F 230 -20.62 28.68 72.09
N GLU F 231 -19.55 28.31 71.38
CA GLU F 231 -19.67 27.26 70.39
C GLU F 231 -20.02 25.93 71.03
N TYR F 232 -19.52 25.68 72.24
CA TYR F 232 -19.87 24.45 72.95
C TYR F 232 -21.37 24.40 73.21
N ALA F 233 -22.01 25.54 73.37
CA ALA F 233 -23.42 25.52 73.70
C ALA F 233 -24.23 25.03 72.50
N VAL F 234 -24.02 25.61 71.33
CA VAL F 234 -24.77 25.17 70.16
C VAL F 234 -24.44 23.75 69.85
N GLU F 235 -23.21 23.33 70.09
CA GLU F 235 -22.83 21.92 69.95
C GLU F 235 -23.83 21.03 70.70
N VAL F 236 -23.91 21.17 72.00
CA VAL F 236 -24.78 20.35 72.81
C VAL F 236 -26.25 20.53 72.37
N VAL F 237 -26.63 21.74 71.97
CA VAL F 237 -27.98 21.94 71.51
C VAL F 237 -28.18 21.19 70.19
N LYS F 238 -27.31 21.43 69.22
CA LYS F 238 -27.41 20.76 67.93
C LYS F 238 -27.51 19.27 68.09
N ARG F 239 -26.55 18.68 68.79
CA ARG F 239 -26.54 17.26 68.97
C ARG F 239 -27.83 16.75 69.61
N ALA F 240 -28.35 17.45 70.60
CA ALA F 240 -29.57 17.05 71.27
C ALA F 240 -30.85 17.37 70.47
N VAL F 241 -31.03 18.61 70.02
CA VAL F 241 -32.27 19.01 69.39
C VAL F 241 -32.27 18.86 67.89
N GLY F 242 -31.10 18.59 67.30
CA GLY F 242 -31.01 18.48 65.87
C GLY F 242 -31.70 17.22 65.37
N LEU F 243 -32.21 17.27 64.15
CA LEU F 243 -33.00 16.15 63.67
C LEU F 243 -32.93 16.15 62.13
N VAL F 244 -33.13 14.98 61.54
CA VAL F 244 -32.94 14.81 60.08
C VAL F 244 -34.25 14.39 59.45
N PRO F 245 -34.78 15.18 58.53
CA PRO F 245 -36.10 14.85 57.96
C PRO F 245 -36.04 13.69 56.97
N ARG F 246 -37.16 12.99 56.87
CA ARG F 246 -37.34 12.07 55.78
C ARG F 246 -37.40 12.85 54.44
N ARG F 247 -38.32 13.79 54.34
CA ARG F 247 -38.35 14.74 53.26
C ARG F 247 -38.66 16.09 53.88
N LEU F 248 -37.76 17.06 53.65
CA LEU F 248 -37.78 18.31 54.40
C LEU F 248 -39.15 18.99 54.32
N LYS F 249 -39.66 19.13 53.12
CA LYS F 249 -40.94 19.82 52.94
C LYS F 249 -42.06 19.09 53.65
N GLU F 250 -42.11 17.77 53.49
CA GLU F 250 -43.15 16.97 54.16
C GLU F 250 -42.98 17.04 55.66
N ALA F 251 -41.74 17.13 56.14
CA ALA F 251 -41.48 17.15 57.57
C ALA F 251 -41.91 18.47 58.21
N ILE F 252 -41.46 19.58 57.63
CA ILE F 252 -41.83 20.88 58.17
C ILE F 252 -43.37 21.02 58.19
N ARG F 253 -44.06 20.54 57.15
CA ARG F 253 -45.50 20.52 57.17
C ARG F 253 -46.02 19.76 58.38
N ALA F 254 -45.40 18.61 58.68
CA ALA F 254 -45.82 17.81 59.83
C ALA F 254 -45.59 18.55 61.13
N ALA F 255 -44.40 19.10 61.31
CA ALA F 255 -44.05 19.78 62.55
C ALA F 255 -44.83 21.08 62.77
N LYS F 256 -45.33 21.70 61.70
CA LYS F 256 -46.21 22.85 61.90
C LYS F 256 -47.65 22.43 62.16
N SER F 257 -48.01 21.18 61.85
CA SER F 257 -49.35 20.69 62.18
C SER F 257 -49.44 20.25 63.64
N ASP F 258 -48.44 19.50 64.12
CA ASP F 258 -48.47 18.93 65.46
C ASP F 258 -47.13 19.22 66.17
N PRO F 259 -46.90 20.49 66.54
CA PRO F 259 -45.60 20.84 67.12
C PRO F 259 -45.31 20.14 68.42
N ASP F 260 -46.33 19.74 69.15
CA ASP F 260 -46.13 19.15 70.48
C ASP F 260 -45.28 17.88 70.41
N ARG F 261 -45.28 17.22 69.26
CA ARG F 261 -44.33 16.12 69.05
C ARG F 261 -42.89 16.60 69.19
N PHE F 262 -42.57 17.74 68.58
CA PHE F 262 -41.18 18.15 68.41
C PHE F 262 -40.69 19.16 69.42
N VAL F 263 -41.55 19.62 70.35
CA VAL F 263 -41.08 20.60 71.33
C VAL F 263 -40.12 19.90 72.28
N THR F 264 -38.93 20.45 72.42
CA THR F 264 -37.91 19.83 73.23
C THR F 264 -37.29 20.83 74.19
N LYS F 265 -36.76 20.30 75.29
CA LYS F 265 -36.17 21.09 76.34
C LYS F 265 -34.82 20.50 76.69
N VAL F 266 -33.77 21.26 76.44
CA VAL F 266 -32.42 20.76 76.66
C VAL F 266 -31.74 21.52 77.79
N ARG F 267 -31.20 20.80 78.77
CA ARG F 267 -30.52 21.41 79.88
C ARG F 267 -29.04 21.51 79.59
N LEU F 268 -28.57 22.72 79.31
CA LEU F 268 -27.15 22.94 79.07
C LEU F 268 -26.40 23.09 80.39
N SER F 269 -26.91 23.95 81.26
CA SER F 269 -26.34 24.19 82.58
C SER F 269 -27.55 24.49 83.46
N PRO F 270 -27.42 24.32 84.78
CA PRO F 270 -28.59 24.52 85.64
C PRO F 270 -29.26 25.89 85.44
N VAL F 271 -28.51 26.93 85.13
CA VAL F 271 -29.09 28.24 84.89
C VAL F 271 -29.83 28.27 83.56
N VAL F 272 -29.15 27.89 82.48
CA VAL F 272 -29.64 28.05 81.12
C VAL F 272 -30.18 26.72 80.63
N GLU F 273 -31.48 26.66 80.37
CA GLU F 273 -32.11 25.47 79.82
C GLU F 273 -32.87 25.91 78.59
N VAL F 274 -32.44 25.45 77.41
CA VAL F 274 -32.98 25.91 76.15
C VAL F 274 -34.31 25.18 75.89
N GLU F 275 -35.37 25.97 75.73
CA GLU F 275 -36.68 25.49 75.32
C GLU F 275 -36.91 25.88 73.87
N ILE F 276 -36.86 24.92 72.98
CA ILE F 276 -37.26 25.16 71.60
C ILE F 276 -38.79 25.40 71.66
N PRO F 277 -39.24 26.60 71.33
CA PRO F 277 -40.66 26.91 71.52
C PRO F 277 -41.54 26.07 70.61
N ARG F 278 -42.84 26.25 70.74
CA ARG F 278 -43.77 25.46 69.95
C ARG F 278 -43.64 25.78 68.46
N GLU F 279 -43.55 27.07 68.14
CA GLU F 279 -43.45 27.50 66.76
C GLU F 279 -42.22 26.92 66.03
N TYR F 280 -41.03 27.25 66.51
CA TYR F 280 -39.81 26.87 65.80
C TYR F 280 -39.56 25.36 65.78
N ALA F 281 -40.41 24.58 66.41
CA ALA F 281 -40.20 23.14 66.48
C ALA F 281 -39.88 22.53 65.14
N TRP F 282 -40.41 23.12 64.06
CA TRP F 282 -40.08 22.61 62.73
C TRP F 282 -38.65 22.94 62.34
N THR F 283 -38.06 23.96 62.94
CA THR F 283 -36.70 24.29 62.58
C THR F 283 -35.72 23.28 63.10
N ARG F 284 -36.17 22.31 63.88
CA ARG F 284 -35.27 21.23 64.29
C ARG F 284 -34.77 20.47 63.07
N PHE F 285 -35.61 20.35 62.04
CA PHE F 285 -35.23 19.62 60.85
C PHE F 285 -34.11 20.33 60.10
N LEU F 286 -34.18 21.64 59.96
CA LEU F 286 -33.14 22.37 59.26
C LEU F 286 -31.77 22.12 59.88
N ILE F 287 -31.75 21.82 61.17
CA ILE F 287 -30.48 21.61 61.87
C ILE F 287 -29.74 20.44 61.27
N GLY F 288 -30.37 19.29 61.24
CA GLY F 288 -29.68 18.11 60.77
C GLY F 288 -29.70 17.95 59.28
N GLU F 289 -30.64 18.61 58.60
CA GLU F 289 -30.75 18.39 57.19
C GLU F 289 -29.68 19.15 56.41
N ILE F 290 -29.31 20.34 56.88
CA ILE F 290 -28.45 21.21 56.12
C ILE F 290 -27.11 20.54 55.85
N VAL F 291 -26.77 19.48 56.56
CA VAL F 291 -25.56 18.73 56.23
C VAL F 291 -25.73 18.04 54.91
N PHE F 292 -26.94 17.50 54.64
CA PHE F 292 -27.13 16.69 53.46
C PHE F 292 -27.40 17.54 52.23
N ASP F 293 -28.57 18.16 52.15
CA ASP F 293 -29.03 18.83 50.92
C ASP F 293 -29.35 20.27 51.24
N PRO F 294 -28.36 21.12 51.32
CA PRO F 294 -28.66 22.51 51.65
C PRO F 294 -29.10 23.30 50.43
N ASN F 295 -29.97 22.71 49.64
CA ASN F 295 -30.67 23.49 48.64
C ASN F 295 -32.17 23.25 48.83
N HIS F 296 -32.85 24.23 49.44
CA HIS F 296 -34.28 24.22 49.55
C HIS F 296 -34.74 25.67 49.66
N GLU F 297 -35.92 25.95 49.11
CA GLU F 297 -36.48 27.28 49.27
C GLU F 297 -36.80 27.52 50.73
N GLU F 298 -36.92 26.47 51.53
CA GLU F 298 -37.19 26.60 52.97
C GLU F 298 -35.95 26.87 53.78
N ILE F 299 -34.86 26.18 53.50
CA ILE F 299 -33.61 26.51 54.21
C ILE F 299 -32.98 27.77 53.62
N LYS F 300 -32.84 27.81 52.32
CA LYS F 300 -32.09 28.87 51.68
C LYS F 300 -32.77 30.22 51.90
N SER F 301 -34.05 30.21 52.27
CA SER F 301 -34.66 31.44 52.81
C SER F 301 -34.25 31.65 54.25
N TYR F 302 -34.34 30.62 55.06
CA TYR F 302 -34.04 30.76 56.48
C TYR F 302 -32.60 31.11 56.72
N ILE F 303 -31.71 30.61 55.91
CA ILE F 303 -30.29 30.96 56.09
C ILE F 303 -30.04 32.38 55.60
N GLU F 304 -30.78 32.83 54.57
CA GLU F 304 -30.59 34.17 54.05
C GLU F 304 -30.99 35.19 55.09
N GLN F 305 -32.24 35.12 55.55
CA GLN F 305 -32.71 36.08 56.55
C GLN F 305 -31.95 35.96 57.87
N SER F 306 -31.22 34.86 58.08
CA SER F 306 -30.37 34.72 59.26
C SER F 306 -28.98 35.22 59.02
N ARG F 307 -28.63 35.46 57.78
CA ARG F 307 -27.31 36.07 57.50
C ARG F 307 -27.38 37.60 57.69
N LEU F 308 -28.58 38.19 57.69
CA LEU F 308 -28.73 39.60 57.87
C LEU F 308 -28.14 40.04 59.18
N ARG F 309 -28.61 39.49 60.31
CA ARG F 309 -28.11 39.97 61.60
C ARG F 309 -26.67 39.65 61.74
N ILE F 310 -25.84 40.66 61.97
CA ILE F 310 -24.41 40.47 62.23
C ILE F 310 -24.12 41.04 63.59
N GLU F 311 -23.82 40.16 64.56
CA GLU F 311 -23.76 40.56 65.95
C GLU F 311 -22.42 41.18 66.28
N ASN F 312 -21.38 40.34 66.40
CA ASN F 312 -20.06 40.83 66.77
C ASN F 312 -19.35 41.37 65.54
N ALA F 313 -18.82 40.45 64.75
CA ALA F 313 -18.05 40.82 63.57
C ALA F 313 -18.51 39.96 62.42
N VAL F 314 -18.29 38.65 62.56
CA VAL F 314 -18.56 37.70 61.50
C VAL F 314 -20.01 37.86 61.04
N ILE F 315 -20.20 37.60 59.75
CA ILE F 315 -21.54 37.60 59.18
C ILE F 315 -22.18 36.23 59.45
N GLY F 316 -21.42 35.37 60.13
CA GLY F 316 -21.84 33.99 60.30
C GLY F 316 -21.04 33.07 59.37
N ASP F 317 -20.75 31.86 59.81
CA ASP F 317 -19.95 30.93 59.02
C ASP F 317 -20.84 29.92 58.30
N VAL F 318 -21.07 30.17 57.03
CA VAL F 318 -22.02 29.41 56.22
C VAL F 318 -22.04 30.11 54.85
N THR F 319 -22.50 29.38 53.84
CA THR F 319 -22.43 29.87 52.49
C THR F 319 -23.85 30.03 51.97
N LEU F 320 -24.15 31.25 51.51
CA LEU F 320 -25.47 31.58 50.95
C LEU F 320 -25.62 31.07 49.53
N TYR F 321 -24.49 30.84 48.86
CA TYR F 321 -24.48 30.53 47.43
C TYR F 321 -24.99 29.15 47.13
N GLY F 322 -25.11 28.33 48.17
CA GLY F 322 -25.69 26.97 47.92
C GLY F 322 -24.58 25.99 47.56
N GLU F 323 -24.70 24.75 48.02
CA GLU F 323 -23.72 23.74 47.72
C GLU F 323 -24.36 22.54 47.08
N MET F 324 -23.53 21.53 46.86
CA MET F 324 -23.97 20.27 46.31
C MET F 324 -24.55 19.35 47.35
N ASP F 325 -25.63 18.68 47.02
CA ASP F 325 -26.21 17.67 47.91
C ASP F 325 -25.31 16.46 47.95
N VAL F 326 -25.22 15.82 49.11
CA VAL F 326 -24.37 14.62 49.26
C VAL F 326 -24.89 13.50 48.36
N ALA F 327 -26.17 13.54 48.02
CA ALA F 327 -26.65 12.69 46.95
C ALA F 327 -25.91 13.03 45.65
N SER F 328 -25.93 14.29 45.25
CA SER F 328 -25.23 14.70 44.04
C SER F 328 -23.76 14.61 44.18
N ALA F 329 -23.27 14.63 45.41
CA ALA F 329 -21.80 14.50 45.65
C ALA F 329 -21.35 13.13 45.31
N ILE F 330 -22.02 12.11 45.84
CA ILE F 330 -21.66 10.72 45.57
C ILE F 330 -21.73 10.48 44.03
N ILE F 331 -22.78 10.94 43.40
CA ILE F 331 -22.89 10.76 41.97
C ILE F 331 -21.72 11.39 41.27
N THR F 332 -21.39 12.63 41.60
CA THR F 332 -20.27 13.31 40.95
C THR F 332 -18.95 12.62 41.23
N SER F 333 -18.85 11.96 42.38
CA SER F 333 -17.62 11.24 42.68
C SER F 333 -17.56 9.96 41.88
N LEU F 334 -18.71 9.41 41.49
CA LEU F 334 -18.71 8.19 40.70
C LEU F 334 -18.41 8.47 39.23
N ARG F 335 -18.86 9.61 38.70
CA ARG F 335 -18.60 9.88 37.29
C ARG F 335 -17.12 9.96 37.00
N ASN F 336 -16.29 10.09 38.05
CA ASN F 336 -14.83 10.10 37.87
C ASN F 336 -14.22 8.74 37.84
N VAL F 337 -14.89 7.68 38.28
CA VAL F 337 -14.30 6.32 38.14
C VAL F 337 -14.74 5.77 36.79
N SER F 338 -14.23 4.60 36.43
CA SER F 338 -14.45 4.08 35.08
C SER F 338 -15.79 3.36 34.96
N VAL F 339 -16.49 3.61 33.85
CA VAL F 339 -17.76 3.00 33.60
C VAL F 339 -17.68 1.46 33.71
N GLU F 340 -16.52 0.88 33.42
CA GLU F 340 -16.32 -0.53 33.66
C GLU F 340 -16.68 -0.89 35.14
N ILE F 341 -16.11 -0.17 36.08
CA ILE F 341 -16.19 -0.57 37.45
C ILE F 341 -17.36 0.09 38.22
N GLN F 342 -18.04 1.06 37.62
CA GLN F 342 -19.03 1.83 38.36
C GLN F 342 -20.16 0.96 38.95
N GLU F 343 -20.51 -0.10 38.25
CA GLU F 343 -21.51 -1.00 38.79
C GLU F 343 -21.02 -1.57 40.14
N ARG F 344 -19.74 -1.91 40.24
CA ARG F 344 -19.22 -2.48 41.46
C ARG F 344 -19.03 -1.42 42.55
N VAL F 345 -18.41 -0.30 42.20
CA VAL F 345 -18.00 0.66 43.22
C VAL F 345 -19.20 1.43 43.78
N ALA F 346 -20.29 1.49 43.03
CA ALA F 346 -21.47 2.17 43.52
C ALA F 346 -22.35 1.27 44.41
N SER F 347 -21.97 0.01 44.62
CA SER F 347 -22.78 -0.89 45.41
C SER F 347 -22.93 -0.38 46.85
N GLN F 348 -21.84 -0.37 47.61
CA GLN F 348 -21.90 0.01 49.02
C GLN F 348 -21.61 1.52 49.14
N ILE F 349 -22.24 2.17 50.09
CA ILE F 349 -21.87 3.51 50.49
C ILE F 349 -21.64 3.52 51.98
N ILE F 350 -20.39 3.77 52.37
CA ILE F 350 -19.99 3.88 53.77
C ILE F 350 -20.11 5.32 54.20
N LEU F 351 -21.03 5.59 55.09
CA LEU F 351 -21.11 6.89 55.77
C LEU F 351 -20.21 6.81 56.98
N SER F 352 -19.52 7.90 57.25
CA SER F 352 -18.52 7.90 58.33
C SER F 352 -18.33 9.31 58.80
N GLY F 353 -17.69 9.45 59.91
CA GLY F 353 -17.41 10.79 60.43
C GLY F 353 -18.59 11.28 61.24
N GLY F 354 -18.41 12.45 61.83
CA GLY F 354 -19.38 12.95 62.77
C GLY F 354 -20.73 13.27 62.19
N ALA F 355 -20.77 14.15 61.21
CA ALA F 355 -22.05 14.70 60.73
C ALA F 355 -22.99 13.65 60.21
N PHE F 356 -22.54 12.44 59.97
CA PHE F 356 -23.50 11.35 59.85
C PHE F 356 -23.51 10.59 61.16
N SER F 357 -24.48 10.92 61.98
CA SER F 357 -24.61 10.36 63.33
C SER F 357 -26.07 10.15 63.62
N TRP F 358 -26.92 11.13 63.26
CA TRP F 358 -28.16 11.42 63.89
C TRP F 358 -29.03 10.22 64.16
N ARG F 359 -29.51 10.11 65.41
CA ARG F 359 -30.43 9.03 65.74
C ARG F 359 -31.84 9.58 65.89
N VAL F 360 -32.79 8.97 65.21
CA VAL F 360 -34.17 9.41 65.35
C VAL F 360 -34.59 9.21 66.82
N PRO F 361 -35.03 10.28 67.50
CA PRO F 361 -35.58 10.10 68.84
C PRO F 361 -36.80 9.17 68.75
N PRO F 362 -36.97 8.29 69.76
CA PRO F 362 -37.93 7.21 69.63
C PRO F 362 -39.34 7.71 69.34
N GLY F 363 -40.08 6.89 68.58
CA GLY F 363 -41.46 7.20 68.25
C GLY F 363 -41.64 8.21 67.14
N MET F 364 -40.56 8.88 66.73
CA MET F 364 -40.62 9.93 65.72
C MET F 364 -40.24 9.44 64.33
N GLU F 365 -40.01 8.13 64.18
CA GLU F 365 -39.51 7.57 62.93
C GLU F 365 -40.40 7.87 61.73
N ASP F 366 -41.67 8.20 61.94
CA ASP F 366 -42.59 8.43 60.84
C ASP F 366 -42.21 9.69 60.04
N VAL F 367 -41.37 10.54 60.63
CA VAL F 367 -41.01 11.81 59.98
C VAL F 367 -39.50 11.94 59.91
N ALA F 368 -38.80 11.80 61.03
CA ALA F 368 -37.34 11.94 61.03
C ALA F 368 -36.72 10.74 60.34
N ALA F 369 -35.41 10.76 60.17
CA ALA F 369 -34.73 9.62 59.56
C ALA F 369 -33.30 9.59 60.02
N ASP F 370 -32.76 8.39 60.14
CA ASP F 370 -31.34 8.22 60.46
C ASP F 370 -30.53 8.69 59.23
N SER F 371 -29.26 9.01 59.47
CA SER F 371 -28.40 9.45 58.39
C SER F 371 -28.37 8.41 57.28
N VAL F 372 -28.33 7.13 57.67
CA VAL F 372 -28.39 6.05 56.68
C VAL F 372 -29.63 6.23 55.80
N THR F 373 -30.81 6.14 56.40
CA THR F 373 -32.03 6.22 55.65
C THR F 373 -32.10 7.52 54.86
N ARG F 374 -31.47 8.59 55.35
CA ARG F 374 -31.50 9.85 54.63
C ARG F 374 -30.74 9.75 53.31
N VAL F 375 -29.51 9.26 53.33
CA VAL F 375 -28.73 9.16 52.12
C VAL F 375 -29.45 8.23 51.13
N LYS F 376 -29.98 7.10 51.61
CA LYS F 376 -30.63 6.16 50.72
C LYS F 376 -31.81 6.81 50.04
N ILE F 377 -32.58 7.63 50.76
CA ILE F 377 -33.73 8.29 50.14
C ILE F 377 -33.26 9.51 49.35
N ALA F 378 -32.08 10.01 49.65
CA ALA F 378 -31.52 11.10 48.87
C ALA F 378 -31.19 10.63 47.45
N LEU F 379 -30.64 9.42 47.33
CA LEU F 379 -30.27 8.92 46.02
C LEU F 379 -31.52 8.62 45.18
N GLU F 380 -32.58 8.13 45.82
CA GLU F 380 -33.81 7.82 45.09
C GLU F 380 -34.34 9.06 44.37
N GLU F 381 -34.14 10.24 44.95
CA GLU F 381 -34.64 11.46 44.31
C GLU F 381 -33.82 11.81 43.08
N LYS F 382 -32.49 11.68 43.15
CA LYS F 382 -31.65 12.10 42.06
C LYS F 382 -31.45 10.99 41.01
N SER F 383 -30.82 9.90 41.42
CA SER F 383 -30.43 8.81 40.51
C SER F 383 -31.20 7.54 40.90
N PRO F 384 -32.44 7.40 40.43
CA PRO F 384 -33.27 6.28 40.86
C PRO F 384 -32.66 4.93 40.59
N ALA F 385 -32.12 4.76 39.39
CA ALA F 385 -31.54 3.49 38.99
C ALA F 385 -30.38 3.10 39.89
N LEU F 386 -29.70 4.08 40.48
CA LEU F 386 -28.64 3.79 41.41
C LEU F 386 -29.19 3.27 42.74
N ALA F 387 -30.23 3.93 43.25
CA ALA F 387 -30.69 3.63 44.60
C ALA F 387 -31.27 2.25 44.71
N SER F 388 -31.53 1.60 43.58
CA SER F 388 -32.04 0.22 43.61
C SER F 388 -31.01 -0.72 44.23
N LYS F 389 -29.78 -0.69 43.72
CA LYS F 389 -28.75 -1.63 44.10
C LYS F 389 -27.92 -1.15 45.29
N VAL F 390 -28.09 0.11 45.68
CA VAL F 390 -27.27 0.70 46.73
C VAL F 390 -27.62 0.09 48.07
N GLU F 391 -26.59 -0.42 48.74
CA GLU F 391 -26.66 -0.81 50.14
C GLU F 391 -25.77 0.14 50.92
N VAL F 392 -26.38 1.04 51.66
CA VAL F 392 -25.67 2.13 52.33
C VAL F 392 -25.53 1.74 53.81
N ARG F 393 -24.36 2.00 54.37
CA ARG F 393 -24.03 1.57 55.71
C ARG F 393 -23.30 2.66 56.45
N LEU F 394 -23.55 2.73 57.74
CA LEU F 394 -22.86 3.66 58.63
C LEU F 394 -21.81 2.90 59.43
N VAL F 395 -20.64 3.49 59.58
CA VAL F 395 -19.58 2.84 60.34
C VAL F 395 -19.99 2.79 61.83
N SER F 396 -19.71 1.66 62.46
CA SER F 396 -19.79 1.60 63.91
C SER F 396 -18.72 2.51 64.53
N GLU F 397 -19.14 3.35 65.46
CA GLU F 397 -18.31 4.42 66.04
C GLU F 397 -17.85 5.35 64.92
N PRO F 398 -18.78 6.15 64.37
CA PRO F 398 -18.50 6.88 63.13
C PRO F 398 -17.25 7.75 63.18
N GLN F 399 -17.13 8.55 64.24
CA GLN F 399 -16.05 9.48 64.32
C GLN F 399 -14.72 8.90 64.70
N TYR F 400 -14.71 7.84 65.45
CA TYR F 400 -13.44 7.16 65.76
C TYR F 400 -12.77 6.62 64.52
N SER F 401 -13.49 6.50 63.40
CA SER F 401 -13.03 5.78 62.21
C SER F 401 -11.70 6.24 61.68
N VAL F 402 -11.63 7.54 61.37
CA VAL F 402 -10.46 8.07 60.66
C VAL F 402 -9.21 7.72 61.38
N TRP F 403 -9.20 7.79 62.69
CA TRP F 403 -8.00 7.44 63.45
C TRP F 403 -7.66 5.98 63.28
N ARG F 404 -8.66 5.11 63.36
CA ARG F 404 -8.39 3.67 63.18
C ARG F 404 -7.70 3.44 61.84
N GLY F 405 -8.03 4.23 60.84
CA GLY F 405 -7.33 4.12 59.56
C GLY F 405 -5.97 4.78 59.61
N ALA F 406 -5.82 5.77 60.45
CA ALA F 406 -4.56 6.50 60.49
C ALA F 406 -3.46 5.64 61.00
N VAL F 407 -3.75 4.78 61.97
CA VAL F 407 -2.72 3.94 62.53
C VAL F 407 -2.39 2.80 61.57
N ILE F 408 -3.41 2.15 61.01
CA ILE F 408 -3.15 1.03 60.13
C ILE F 408 -2.30 1.48 58.94
N TYR F 409 -2.67 2.60 58.34
CA TYR F 409 -1.82 3.21 57.33
C TYR F 409 -0.43 3.52 57.92
N GLY F 410 -0.42 4.13 59.07
CA GLY F 410 0.85 4.44 59.71
C GLY F 410 1.60 3.18 60.10
N TYR F 411 0.87 2.09 60.31
CA TYR F 411 1.53 0.84 60.68
C TYR F 411 2.35 0.30 59.53
N ALA F 412 1.72 0.07 58.38
CA ALA F 412 2.46 -0.36 57.20
C ALA F 412 2.55 0.79 56.22
N LEU F 413 3.70 1.47 56.27
CA LEU F 413 4.10 2.43 55.26
C LEU F 413 5.59 2.35 55.21
N PRO F 414 6.15 1.43 54.38
CA PRO F 414 7.54 1.01 54.57
C PRO F 414 8.50 2.14 54.82
N LEU F 415 9.28 2.01 55.89
CA LEU F 415 9.93 3.18 56.48
C LEU F 415 11.07 3.73 55.64
N SER F 416 11.49 2.96 54.64
CA SER F 416 12.54 3.43 53.72
C SER F 416 11.96 4.36 52.65
N LEU F 417 10.65 4.61 52.69
CA LEU F 417 9.97 5.46 51.72
C LEU F 417 9.99 6.86 52.26
N GLU F 418 10.76 7.76 51.63
CA GLU F 418 10.83 9.14 52.10
C GLU F 418 9.61 9.91 51.64
N TRP F 419 9.26 10.94 52.41
CA TRP F 419 8.26 11.92 51.99
C TRP F 419 8.90 12.70 50.84
N SER F 420 8.21 12.75 49.71
CA SER F 420 8.66 13.56 48.60
C SER F 420 7.50 14.48 48.22
N ASP F 421 7.80 15.77 48.15
CA ASP F 421 6.78 16.80 47.98
C ASP F 421 5.86 16.51 46.79
N THR F 422 6.42 16.02 45.70
CA THR F 422 5.65 15.74 44.50
C THR F 422 4.55 14.70 44.73
N THR F 423 4.88 13.57 45.32
CA THR F 423 3.87 12.52 45.49
C THR F 423 2.97 12.76 46.70
N ARG F 424 3.38 13.63 47.62
CA ARG F 424 2.59 13.93 48.82
C ARG F 424 2.27 12.67 49.61
N GLU F 425 3.27 11.82 49.80
CA GLU F 425 3.07 10.57 50.53
C GLU F 425 4.39 10.16 51.17
N GLY F 426 4.30 9.44 52.29
CA GLY F 426 5.49 8.85 52.89
C GLY F 426 6.02 9.57 54.09
N TRP F 427 6.97 8.92 54.75
CA TRP F 427 7.51 9.41 56.03
C TRP F 427 8.50 10.56 55.82
N ARG F 428 8.53 11.45 56.81
CA ARG F 428 9.60 12.42 56.92
C ARG F 428 10.24 12.25 58.30
N PHE F 429 11.53 12.52 58.38
CA PHE F 429 12.27 12.28 59.61
C PHE F 429 12.80 13.60 60.15
N PRO F 430 12.77 13.77 61.48
CA PRO F 430 13.41 14.92 62.13
C PRO F 430 14.83 14.53 62.65
PB ADP G . -10.15 -9.69 15.57
O1B ADP G . -9.93 -10.33 14.28
O2B ADP G . -10.08 -10.64 16.75
O3B ADP G . -9.46 -8.38 15.77
PA ADP G . -12.69 -9.70 16.84
O1A ADP G . -12.95 -11.13 16.75
O2A ADP G . -11.92 -9.10 18.10
O3A ADP G . -11.74 -9.33 15.62
O5' ADP G . -13.97 -8.85 16.66
C5' ADP G . -14.75 -8.44 17.77
C4' ADP G . -15.41 -7.07 17.52
O4' ADP G . -16.71 -7.23 17.03
C3' ADP G . -15.52 -6.20 18.75
O3' ADP G . -14.47 -5.23 18.80
C2' ADP G . -16.84 -5.46 18.57
O2' ADP G . -16.59 -4.10 18.25
C1' ADP G . -17.52 -6.12 17.40
N9 ADP G . -18.84 -6.61 17.83
C8 ADP G . -19.09 -7.65 18.69
N7 ADP G . -20.40 -7.84 18.88
C5 ADP G . -21.01 -6.92 18.13
C6 ADP G . -22.42 -6.53 17.85
N6 ADP G . -23.44 -7.23 18.41
N1 ADP G . -22.66 -5.52 17.00
C2 ADP G . -21.64 -4.84 16.42
N3 ADP G . -20.36 -5.11 16.65
C4 ADP G . -20.00 -6.11 17.46
PB ADP H . -12.41 33.63 21.25
O1B ADP H . -11.81 32.99 20.07
O2B ADP H . -13.16 34.92 20.92
O3B ADP H . -13.06 32.75 22.21
PA ADP H . -11.12 35.83 22.55
O1A ADP H . -10.89 36.66 21.36
O2A ADP H . -12.49 35.98 23.35
O3A ADP H . -11.17 34.30 22.05
O5' ADP H . -9.99 35.90 23.58
C5' ADP H . -10.02 36.85 24.63
C4' ADP H . -9.32 36.30 25.90
O4' ADP H . -7.98 36.72 25.95
C3' ADP H . -9.96 36.74 27.21
O3' ADP H . -10.82 35.73 27.72
C2' ADP H . -8.78 36.89 28.16
O2' ADP H . -8.77 35.83 29.10
C1' ADP H . -7.55 36.80 27.31
N9 ADP H . -6.75 38.03 27.48
C8 ADP H . -7.08 39.27 27.04
N7 ADP H . -6.15 40.17 27.36
C5 ADP H . -5.19 39.48 28.01
C6 ADP H . -3.88 39.82 28.64
N6 ADP H . -3.42 41.10 28.60
N1 ADP H . -3.18 38.85 29.22
C2 ADP H . -3.64 37.57 29.23
N3 ADP H . -4.81 37.20 28.70
C4 ADP H . -5.59 38.09 28.10
PB ADP I . -4.79 -29.18 -32.88
O1B ADP I . -4.51 -29.73 -34.20
O2B ADP I . -5.57 -30.13 -31.98
O3B ADP I . -3.69 -28.46 -32.23
PA ADP I . -7.32 -27.99 -32.27
O1A ADP I . -8.16 -29.05 -32.77
O2A ADP I . -6.81 -27.98 -30.78
O3A ADP I . -5.94 -28.06 -33.14
O5' ADP I . -7.89 -26.58 -32.54
C5' ADP I . -8.69 -25.92 -31.59
C4' ADP I . -8.49 -24.38 -31.65
O4' ADP I . -9.47 -23.79 -32.46
C3' ADP I . -8.57 -23.68 -30.30
O3' ADP I . -7.27 -23.42 -29.78
C2' ADP I . -9.25 -22.36 -30.60
O2' ADP I . -8.30 -21.30 -30.52
C1' ADP I . -9.73 -22.47 -32.03
N9 ADP I . -11.19 -22.23 -32.03
C8 ADP I . -12.15 -23.04 -31.52
N7 ADP I . -13.35 -22.53 -31.70
C5 ADP I . -13.18 -21.36 -32.35
C6 ADP I . -14.07 -20.28 -32.85
N6 ADP I . -15.42 -20.39 -32.71
N1 ADP I . -13.54 -19.25 -33.46
C2 ADP I . -12.18 -19.15 -33.62
N3 ADP I . -11.32 -20.09 -33.20
C4 ADP I . -11.76 -21.16 -32.56
PB ADP J . 11.99 8.29 -17.65
O1B ADP J . 12.55 7.51 -18.79
O2B ADP J . 12.07 9.77 -17.82
O3B ADP J . 10.70 7.75 -17.11
PA ADP J . 13.68 9.30 -15.62
O1A ADP J . 14.63 10.00 -16.47
O2A ADP J . 12.35 10.07 -15.16
O3A ADP J . 13.07 8.08 -16.46
O5' ADP J . 14.30 8.68 -14.35
C5' ADP J . 14.39 9.41 -13.15
C4' ADP J . 14.27 8.48 -11.93
O4' ADP J . 15.55 8.12 -11.46
C3' ADP J . 13.54 9.07 -10.73
O3' ADP J . 12.19 8.62 -10.68
C2' ADP J . 14.27 8.52 -9.52
O2' ADP J . 13.47 7.53 -8.88
C1' ADP J . 15.51 7.83 -10.06
N9 ADP J . 16.69 8.45 -9.41
C8 ADP J . 17.15 9.73 -9.61
N7 ADP J . 18.23 9.97 -8.88
C5 ADP J . 18.48 8.82 -8.20
C6 ADP J . 19.51 8.37 -7.23
N6 ADP J . 20.49 9.23 -6.86
N1 ADP J . 19.46 7.14 -6.76
C2 ADP J . 18.45 6.29 -7.17
N3 ADP J . 17.49 6.63 -8.04
C4 ADP J . 17.46 7.84 -8.55
PB ADP K . 32.41 -22.70 -54.78
O1B ADP K . 32.88 -23.52 -55.88
O2B ADP K . 33.27 -21.44 -54.55
O3B ADP K . 30.99 -22.49 -54.65
PA ADP K . 33.70 -22.82 -52.16
O1A ADP K . 35.05 -22.70 -52.63
O2A ADP K . 32.81 -21.53 -51.83
O3A ADP K . 32.85 -23.48 -53.43
O5' ADP K . 33.51 -23.79 -51.01
C5' ADP K . 33.52 -23.33 -49.68
C4' ADP K . 32.60 -24.18 -48.76
O4' ADP K . 33.33 -25.19 -48.13
C3' ADP K . 31.89 -23.41 -47.67
O3' ADP K . 30.55 -23.09 -48.04
C2' ADP K . 31.84 -24.36 -46.50
O2' ADP K . 30.52 -24.84 -46.32
C1' ADP K . 32.72 -25.53 -46.89
N9 ADP K . 33.79 -25.68 -45.86
C8 ADP K . 34.82 -24.85 -45.63
N7 ADP K . 35.57 -25.28 -44.63
C5 ADP K . 35.02 -26.43 -44.21
C6 ADP K . 35.33 -27.44 -43.16
N6 ADP K . 36.43 -27.29 -42.37
N1 ADP K . 34.54 -28.49 -43.05
C2 ADP K . 33.46 -28.66 -43.86
N3 ADP K . 33.12 -27.80 -44.81
C4 ADP K . 33.85 -26.69 -45.01
PB ADP L . -13.56 15.98 61.27
O1B ADP L . -13.34 15.20 60.05
O2B ADP L . -12.78 15.51 62.43
O3B ADP L . -13.65 17.48 61.11
PA ADP L . -15.34 15.06 63.28
O1A ADP L . -14.85 13.72 63.43
O2A ADP L . -14.75 16.28 64.15
O3A ADP L . -15.04 15.55 61.77
O5' ADP L . -16.90 15.16 63.42
C5' ADP L . -17.50 15.41 64.68
C4' ADP L . -18.81 16.19 64.51
O4' ADP L . -19.91 15.32 64.49
C3' ADP L . -19.09 17.19 65.64
O3' ADP L . -18.72 18.51 65.25
C2' ADP L . -20.59 17.15 65.84
O2' ADP L . -21.18 18.32 65.31
C1' ADP L . -21.07 15.96 65.01
N9 ADP L . -21.79 15.03 65.89
C8 ADP L . -21.24 14.25 66.85
N7 ADP L . -22.19 13.53 67.48
C5 ADP L . -23.33 13.81 66.88
C6 ADP L . -24.76 13.39 67.02
N6 ADP L . -25.11 12.47 67.94
N1 ADP L . -25.67 13.92 66.20
C2 ADP L . -25.32 14.84 65.26
N3 ADP L . -24.07 15.27 65.06
C4 ADP L . -23.09 14.81 65.85
#